data_2VZ9
#
_entry.id   2VZ9
#
_cell.length_a   96.150
_cell.length_b   244.890
_cell.length_c   135.370
_cell.angle_alpha   90.00
_cell.angle_beta   101.84
_cell.angle_gamma   90.00
#
_symmetry.space_group_name_H-M   'P 1 21 1'
#
loop_
_entity.id
_entity.type
_entity.pdbx_description
1 polymer 'FATTY ACID SYNTHASE'
2 non-polymer 'NADP NICOTINAMIDE-ADENINE-DINUCLEOTIDE PHOSPHATE'
#
_entity_poly.entity_id   1
_entity_poly.type   'polypeptide(L)'
_entity_poly.pdbx_seq_one_letter_code
;MEEVVIAGMSGKLPESENLEEFWANLIGGVDMVTADDRRWKAGLYGLPRRMGKLKDLSRFDASFFGVHSKQANTMDPQLR
MLLEVTYEAIVDGGINPASLRGTSTGVWVGVSSSDASEALSRDPETLVGYSMIGCQRAMMANRLSFFFDFKGPSITIDTA
CSSSLLALQSAYQAIRGGECSAAVVGGLNVLLKPNSSLQFMKLGMLSQDGTCRSFDAEGTGYCRAEAVVAVLLTKKSLAR
RVYATILNAGTNTDGSKEQGVTFPSGDVQEQLIRSLYAPAGPDPESLEYIEAHGTGTKVGDPQELNGIVNALCATRREPL
LIGSTKSNMGHPEPASGVAALIKVLLSLEHGVWAPNLHYHTPNPEIPALQDGRLQVVDRPLPIRGGNVGINSFGFGGSNV
HVILQPNSRPAPPPAQHAALPRLLQASGRTLEAVQTLLEQGLRHSRDLAFVGMLNEIAAVSPVAMPFRGYAVLGGEAGSQ
EVQQVPGSKRPVWFICSGMGAQWQGMGLSLMRLDRFRDSILRSDQALKPLGLRVSDLLLSTDEAVLDDIVSSFVSLTSIQ
IALIDLLTSLGLQPDGIIGHSLGEVACGYADGCLTQEEAVLSSYWRGYCIKEANVLPGAMAAVGLSWEECKQRCPPGIVP
ACHNSKDTVTISGPQAAMSEFLQQLKREDVFVKEVRTGGIAFHSYFMESIAPTLLRQLRKVILDPKPRSKRWLSTSIPEA
QWQGSLARTFSAEYSVNNLVSPVLFQEALQHVPAHAVVVEIAPHALLQAVLKRSLESSCTIIPLMKKDHRDNLEFFLSNV
GRLHLAGVSVNPNGLFPPVEFPAPRGTPLISPHIKWDHSQAWDVPSAADFPSGSSCSSVAVYKFDVSPESPDHYLVDHCI
DGRVLFPGTGYLWLTWKTLARALSQNLEETPVVFEDVTLHQATILPKTGTVSLEVRLLEASHAFEVSDSNGSLIASGKVY
QWESPDPKLFDTRAAVDPADSTAEFRLSQGDVYKDLRLRGYDYGPFFQLVLESDLEGNRGRLQWNDSWVSFLDAMLHMSI
LAPGQLGLYLPTRFTSIRIDPVTHRQKLYTLQDTTQAADVVVDRNLNTVVAGGALFLGAHSSVAPRRPQEHLKPILEKFC
FTPHVESGCLAGNTALQEELQLCRGLAQALQTKVAQQGLKMVVPGLDGAQAPREAPQQSLPRLLAAACQLQLNGNLQLEL
GQVLAQERPLLCDDPLLSGLLDAPALKACVDTALENMASPKMKVVEVLAGDGQLYSRIPALLNTQPVMDLDYTATDRNPQ
ALEAAQAKLEQLHVTQGQWDPANPAPGSLGKADLLVCNCALATLGDPAVAVGNMAATLKEGGFLLLHTLLAGHPLGEMVG
FLTSPEQGGRHLLSQDQWESLFAGASLHLVALKRSFYGSVLFLCRQQTPQDSPVFLSVEDTSFRWVDSLKDILADASSRP
VWLMAVGCSTSGVVGMVNCLRKEPGGHRIRCVLVSNLSSTSPAPEMHPSSSELQKVLQGDLVMNVYRDGAWGAFRHFPLE
QDRPEKQTEHAFVNVLSRGDLSSIRWVCSPLHYALPASCQDRLCSVYYTSLNFRDVMLATGKLSPDSIPGKWLTRDCMLG
MEFSGRDASGRRVMGMVPAEGLATSVLLLQHATWEVPSTWTLEEAASVPIVYTTAYYSLVVRGRMQPGESVLIHSGSGGV
GQAAIAIALSRGCRVFTTVGSAEKRAYLQARFPQLDETCFANSRDTSFEQHVLRHTAGKGVDLVLNSLAEEKLQASVRCL
AQHGRFLEIGKFDLSNNHALGMAVFLKNVTFHGILLDSLFEEGGATWQEVSELLKAGIQEGVVQPLKCTVFPRTKVEAAF
RYMAQGKHIGKVVIQVREEEQGPAPRGLPPIALTGLSKTFCPPHKSYVITGGLGGFGLQLAQWLRLRGAQKLVLTSRSGI
RTGYQARQVREWRRQGVQVLVSTSNASSLDGARSLITEATQLGPVGGVFNLAMVLRDAVLENQTPEFFQDVSKPKYSGTA
NLDRVTREACPELDYFVIFSSVSCGRGNAGQANYGFANSAMERICEKRRHDGLPGLAVQWGAIGDVGVVLETMGTNDTVI
GGTLPQRIASCLEVLDLFLSQPHPVLSSFVLAEKKAAAPRDGSSQKDLVKAVAHILGIRDVASINPDSTLVDLGLDSLMG
VEVRQILEREHDLVLSMREVRQLSLRKLQELSSKTSTDADPATPTSHEDSPVRQQATLNLSTLLVNPEGPTLTRLNSVQS
AERPLFLVHPIEGSITVFHGLAAKLSIPTYGLQCTGAAPLDSIQSLASYYIECIRQVQPEGPYRIAGYSYGACVAFEMCS
QLQAQQSATPGNHSLFLFDGSHTFVLAYTQSVRAKMTPGCEAEAEAKAMYFFVQQFTDMEQGKVLEALIPLQGLEARVAA
TVDLITQSHAGLDRHALSFAARSFYQKLRAAENYWPQATYHGNVTLLRAKTGGAYGEDLGADYNLSQVCDGKVSVHVIEG
DHRTLLEGSGLESILSIIHSCLAEPRVSVREG
;
_entity_poly.pdbx_strand_id   A,B
#
# COMPACT_ATOMS: atom_id res chain seq x y z
N MET A 1 -7.57 -10.65 55.41
CA MET A 1 -6.96 -10.60 56.74
C MET A 1 -6.17 -9.31 57.02
N GLU A 2 -5.51 -8.76 56.00
CA GLU A 2 -4.63 -7.59 56.16
C GLU A 2 -5.23 -6.28 55.61
N GLU A 3 -4.75 -5.13 56.09
CA GLU A 3 -5.26 -3.82 55.65
C GLU A 3 -4.51 -3.32 54.43
N VAL A 4 -5.23 -2.87 53.40
CA VAL A 4 -4.58 -2.47 52.13
C VAL A 4 -4.71 -0.99 51.82
N VAL A 5 -3.60 -0.33 51.47
CA VAL A 5 -3.65 1.12 51.27
C VAL A 5 -2.94 1.71 50.05
N ILE A 6 -3.61 2.65 49.41
CA ILE A 6 -3.06 3.39 48.28
C ILE A 6 -1.99 4.36 48.74
N ALA A 7 -0.73 3.96 48.57
CA ALA A 7 0.43 4.63 49.17
C ALA A 7 1.33 5.32 48.16
N GLY A 8 0.99 5.21 46.88
CA GLY A 8 1.76 5.86 45.84
C GLY A 8 0.90 6.15 44.64
N MET A 9 1.12 7.29 44.00
CA MET A 9 0.38 7.61 42.79
C MET A 9 1.14 8.57 41.90
N SER A 10 1.02 8.33 40.60
CA SER A 10 1.52 9.27 39.61
C SER A 10 0.94 8.96 38.24
N GLY A 11 1.10 9.90 37.33
CA GLY A 11 0.70 9.66 35.96
C GLY A 11 0.78 10.89 35.06
N LYS A 12 0.63 10.66 33.77
CA LYS A 12 0.52 11.74 32.80
C LYS A 12 -0.88 11.71 32.24
N LEU A 13 -1.50 12.88 32.15
CA LEU A 13 -2.85 13.01 31.64
C LEU A 13 -2.97 14.23 30.73
N PRO A 14 -4.05 14.28 29.95
CA PRO A 14 -4.29 15.35 28.99
C PRO A 14 -3.84 16.72 29.44
N GLU A 15 -2.94 17.31 28.66
CA GLU A 15 -2.36 18.62 28.93
C GLU A 15 -1.75 18.66 30.32
N SER A 16 -1.26 17.52 30.78
CA SER A 16 -0.65 17.40 32.11
C SER A 16 0.51 16.43 32.08
N GLU A 17 1.70 16.92 32.43
CA GLU A 17 2.94 16.16 32.38
C GLU A 17 3.15 15.37 33.67
N ASN A 18 2.77 15.99 34.77
CA ASN A 18 2.86 15.36 36.06
C ASN A 18 1.61 15.69 36.85
N LEU A 19 1.29 14.85 37.83
CA LEU A 19 0.04 14.97 38.58
C LEU A 19 -0.21 16.31 39.26
N GLU A 20 0.80 17.18 39.31
CA GLU A 20 0.54 18.51 39.84
C GLU A 20 -0.04 19.40 38.77
N GLU A 21 0.44 19.24 37.53
CA GLU A 21 -0.19 19.88 36.38
C GLU A 21 -1.67 19.44 36.28
N PHE A 22 -1.91 18.15 36.47
CA PHE A 22 -3.25 17.56 36.39
C PHE A 22 -4.14 18.07 37.51
N TRP A 23 -3.56 18.65 38.54
CA TRP A 23 -4.39 19.23 39.59
C TRP A 23 -4.80 20.65 39.20
N ALA A 24 -3.83 21.45 38.79
CA ALA A 24 -4.15 22.80 38.35
C ALA A 24 -5.42 22.72 37.51
N ASN A 25 -5.35 21.92 36.46
CA ASN A 25 -6.45 21.77 35.53
C ASN A 25 -7.77 21.45 36.22
N LEU A 26 -7.77 20.43 37.06
CA LEU A 26 -8.99 20.03 37.73
C LEU A 26 -9.65 21.19 38.48
N ILE A 27 -8.91 21.78 39.43
CA ILE A 27 -9.42 22.87 40.24
C ILE A 27 -9.75 24.09 39.40
N GLY A 28 -8.81 24.50 38.56
CA GLY A 28 -9.01 25.66 37.71
C GLY A 28 -10.08 25.47 36.64
N GLY A 29 -10.66 24.28 36.60
CA GLY A 29 -11.64 23.95 35.58
C GLY A 29 -11.09 24.31 34.22
N VAL A 30 -10.25 23.43 33.68
CA VAL A 30 -9.65 23.65 32.37
C VAL A 30 -9.80 22.40 31.52
N ASP A 31 -10.71 22.46 30.54
CA ASP A 31 -10.95 21.32 29.67
C ASP A 31 -9.63 20.88 29.05
N MET A 32 -9.12 19.76 29.55
CA MET A 32 -7.83 19.24 29.12
C MET A 32 -7.97 18.62 27.72
N VAL A 33 -9.21 18.54 27.26
CA VAL A 33 -9.49 18.11 25.90
C VAL A 33 -9.29 19.29 24.97
N THR A 34 -8.63 19.06 23.84
CA THR A 34 -8.36 20.14 22.90
C THR A 34 -8.48 19.70 21.44
N ALA A 35 -8.28 20.65 20.54
CA ALA A 35 -8.42 20.38 19.13
C ALA A 35 -7.08 20.48 18.38
N ASP A 36 -6.34 19.39 18.35
CA ASP A 36 -4.99 19.45 17.81
C ASP A 36 -4.75 18.43 16.71
N ASP A 37 -3.86 18.80 15.80
CA ASP A 37 -3.36 17.87 14.81
C ASP A 37 -2.29 17.01 15.46
N ARG A 38 -2.45 16.73 16.75
CA ARG A 38 -1.42 16.05 17.51
C ARG A 38 -1.33 14.56 17.24
N ARG A 39 -2.44 13.85 17.38
CA ARG A 39 -2.40 12.41 17.18
C ARG A 39 -2.51 12.13 15.70
N TRP A 40 -3.59 12.63 15.10
CA TRP A 40 -3.71 12.65 13.64
C TRP A 40 -4.17 14.02 13.19
N LYS A 41 -5.00 14.03 12.15
CA LYS A 41 -5.28 15.26 11.43
C LYS A 41 -6.55 15.98 11.91
N ALA A 42 -6.69 17.24 11.54
CA ALA A 42 -7.70 18.17 12.09
C ALA A 42 -9.15 17.66 12.25
N GLY A 43 -9.46 16.52 11.65
CA GLY A 43 -10.82 15.99 11.72
C GLY A 43 -11.01 14.93 10.65
N LEU A 44 -10.09 13.98 10.63
CA LEU A 44 -10.05 12.95 9.61
C LEU A 44 -11.30 12.08 9.62
N TYR A 45 -11.71 11.63 8.44
CA TYR A 45 -12.83 10.70 8.31
C TYR A 45 -14.13 11.12 9.00
N GLY A 46 -14.20 12.35 9.51
CA GLY A 46 -15.40 12.81 10.19
C GLY A 46 -15.30 12.79 11.70
N LEU A 47 -14.30 12.08 12.21
CA LEU A 47 -14.01 12.07 13.63
C LEU A 47 -14.02 13.48 14.19
N PRO A 48 -14.33 13.61 15.49
CA PRO A 48 -14.50 14.89 16.17
C PRO A 48 -13.15 15.58 16.38
N ARG A 49 -13.15 16.91 16.39
CA ARG A 49 -11.92 17.69 16.48
C ARG A 49 -11.27 17.60 17.88
N ARG A 50 -12.03 17.15 18.87
CA ARG A 50 -11.52 17.12 20.25
C ARG A 50 -11.05 15.74 20.69
N MET A 51 -9.95 15.71 21.45
CA MET A 51 -9.50 14.53 22.17
C MET A 51 -8.70 14.96 23.41
N GLY A 52 -8.73 14.16 24.46
CA GLY A 52 -7.81 14.38 25.56
C GLY A 52 -6.45 13.80 25.19
N LYS A 53 -5.49 14.68 24.88
CA LYS A 53 -4.18 14.26 24.37
C LYS A 53 -3.02 14.54 25.33
N LEU A 54 -2.13 13.56 25.53
CA LEU A 54 -0.94 13.75 26.38
C LEU A 54 -0.05 14.82 25.80
N LYS A 55 0.58 15.63 26.65
CA LYS A 55 1.42 16.72 26.15
C LYS A 55 2.46 16.21 25.17
N ASP A 56 3.40 15.41 25.68
CA ASP A 56 4.40 14.75 24.84
C ASP A 56 4.19 13.24 24.95
N LEU A 57 4.73 12.51 23.98
CA LEU A 57 4.51 11.08 23.90
C LEU A 57 5.84 10.41 23.56
N SER A 58 6.81 11.25 23.22
CA SER A 58 8.06 10.82 22.62
C SER A 58 9.21 10.90 23.58
N ARG A 59 8.96 11.37 24.79
CA ARG A 59 10.02 11.48 25.78
C ARG A 59 10.19 10.16 26.56
N PHE A 60 11.36 9.98 27.16
CA PHE A 60 11.72 8.75 27.88
C PHE A 60 13.20 8.83 28.31
N ASP A 61 13.54 8.30 29.48
CA ASP A 61 14.95 8.27 29.93
C ASP A 61 15.56 6.86 29.74
N ALA A 62 16.19 6.64 28.58
CA ALA A 62 16.50 5.29 28.08
C ALA A 62 17.64 4.52 28.72
N SER A 63 18.62 5.23 29.25
CA SER A 63 19.77 4.58 29.87
C SER A 63 19.39 4.11 31.26
N PHE A 64 18.77 5.00 32.03
CA PHE A 64 18.44 4.69 33.41
C PHE A 64 17.71 3.35 33.45
N PHE A 65 16.96 3.07 32.40
CA PHE A 65 16.17 1.85 32.35
C PHE A 65 16.91 0.74 31.61
N GLY A 66 18.11 1.08 31.14
CA GLY A 66 19.05 0.11 30.58
C GLY A 66 18.61 -0.53 29.29
N VAL A 67 18.36 0.29 28.27
CA VAL A 67 17.85 -0.25 27.03
C VAL A 67 18.57 0.33 25.82
N HIS A 68 19.44 -0.47 25.19
CA HIS A 68 20.26 -0.05 24.06
C HIS A 68 19.33 0.80 23.19
N SER A 69 19.83 1.93 22.73
CA SER A 69 19.03 2.93 22.03
C SER A 69 18.07 2.38 20.97
N LYS A 70 18.54 1.46 20.14
CA LYS A 70 17.68 0.85 19.13
C LYS A 70 16.45 0.21 19.80
N GLN A 71 16.67 -0.61 20.82
CA GLN A 71 15.59 -1.39 21.43
C GLN A 71 14.53 -0.51 22.11
N ALA A 72 14.81 0.79 22.12
CA ALA A 72 13.93 1.79 22.73
C ALA A 72 13.02 2.51 21.73
N ASN A 73 13.48 2.60 20.48
CA ASN A 73 12.69 3.15 19.39
C ASN A 73 11.69 2.12 18.92
N THR A 74 11.83 0.90 19.43
CA THR A 74 10.83 -0.13 19.25
C THR A 74 10.12 -0.42 20.57
N MET A 75 9.87 0.62 21.37
CA MET A 75 9.09 0.47 22.61
C MET A 75 7.77 1.25 22.56
N ASP A 76 6.66 0.54 22.75
CA ASP A 76 5.34 1.15 22.80
C ASP A 76 5.33 2.29 23.80
N PRO A 77 5.09 3.53 23.35
CA PRO A 77 5.23 4.72 24.21
C PRO A 77 4.49 4.60 25.54
N GLN A 78 3.45 3.78 25.58
CA GLN A 78 2.82 3.44 26.84
C GLN A 78 3.89 2.92 27.78
N LEU A 79 4.42 1.74 27.45
CA LEU A 79 5.45 1.07 28.22
C LEU A 79 6.60 1.97 28.62
N ARG A 80 7.00 2.87 27.72
CA ARG A 80 8.01 3.85 28.06
C ARG A 80 7.57 4.60 29.29
N MET A 81 6.53 5.42 29.15
CA MET A 81 6.09 6.28 30.23
C MET A 81 5.38 5.56 31.38
N LEU A 82 5.14 4.27 31.23
CA LEU A 82 4.73 3.46 32.37
C LEU A 82 5.97 3.26 33.26
N LEU A 83 7.05 2.77 32.66
CA LEU A 83 8.33 2.63 33.38
C LEU A 83 8.65 3.87 34.21
N GLU A 84 8.24 5.05 33.75
CA GLU A 84 8.52 6.26 34.51
C GLU A 84 7.46 6.54 35.56
N VAL A 85 6.19 6.54 35.17
CA VAL A 85 5.16 6.92 36.13
C VAL A 85 5.12 5.99 37.32
N THR A 86 5.54 4.74 37.15
CA THR A 86 5.48 3.82 38.28
C THR A 86 6.70 3.96 39.19
N TYR A 87 7.83 4.37 38.61
CA TYR A 87 8.95 4.80 39.46
C TYR A 87 8.49 6.06 40.21
N GLU A 88 8.04 7.07 39.47
CA GLU A 88 7.49 8.31 40.05
C GLU A 88 6.45 8.04 41.12
N ALA A 89 5.85 6.87 41.10
CA ALA A 89 4.79 6.56 42.03
C ALA A 89 5.31 5.85 43.25
N ILE A 90 6.22 4.92 43.03
CA ILE A 90 6.84 4.22 44.14
C ILE A 90 7.60 5.18 45.04
N VAL A 91 8.32 6.11 44.46
CA VAL A 91 9.03 7.11 45.24
C VAL A 91 8.09 8.19 45.70
N ASP A 92 6.94 8.29 45.07
CA ASP A 92 5.96 9.28 45.49
C ASP A 92 5.58 9.07 46.94
N GLY A 93 5.50 7.81 47.36
CA GLY A 93 5.09 7.46 48.70
C GLY A 93 6.22 7.10 49.66
N GLY A 94 7.35 7.80 49.56
CA GLY A 94 8.42 7.70 50.55
C GLY A 94 9.25 6.43 50.55
N ILE A 95 9.05 5.59 49.55
CA ILE A 95 9.82 4.35 49.44
C ILE A 95 10.95 4.45 48.43
N ASN A 96 12.04 3.77 48.71
CA ASN A 96 13.09 3.64 47.73
C ASN A 96 12.84 2.37 46.94
N PRO A 97 12.63 2.51 45.62
CA PRO A 97 12.22 1.40 44.76
C PRO A 97 13.10 0.20 45.04
N ALA A 98 14.34 0.48 45.40
CA ALA A 98 15.33 -0.56 45.59
C ALA A 98 14.97 -1.42 46.79
N SER A 99 14.32 -0.80 47.78
CA SER A 99 13.94 -1.50 49.00
C SER A 99 12.95 -2.60 48.68
N LEU A 100 12.44 -2.55 47.45
CA LEU A 100 11.53 -3.57 46.96
C LEU A 100 12.26 -4.67 46.18
N ARG A 101 13.39 -4.33 45.55
CA ARG A 101 14.10 -5.28 44.70
C ARG A 101 14.02 -6.69 45.27
N GLY A 102 13.28 -7.56 44.59
CA GLY A 102 13.24 -8.97 44.95
C GLY A 102 12.10 -9.36 45.87
N THR A 103 11.09 -8.51 45.95
CA THR A 103 9.95 -8.81 46.82
C THR A 103 9.12 -9.96 46.28
N SER A 104 8.05 -10.26 47.00
CA SER A 104 6.90 -10.93 46.43
C SER A 104 5.93 -9.81 46.10
N THR A 105 6.37 -8.88 45.24
CA THR A 105 5.56 -7.74 44.81
C THR A 105 5.09 -7.93 43.38
N GLY A 106 3.82 -7.63 43.12
CA GLY A 106 3.24 -7.87 41.80
C GLY A 106 2.98 -6.61 40.99
N VAL A 107 2.56 -6.81 39.76
CA VAL A 107 2.30 -5.71 38.86
C VAL A 107 1.04 -6.00 38.07
N TRP A 108 0.09 -5.08 38.08
CA TRP A 108 -1.19 -5.28 37.43
C TRP A 108 -1.52 -4.10 36.55
N VAL A 109 -1.56 -4.36 35.25
CA VAL A 109 -1.72 -3.33 34.25
C VAL A 109 -3.06 -3.49 33.52
N GLY A 110 -3.83 -2.41 33.48
CA GLY A 110 -5.04 -2.39 32.68
C GLY A 110 -4.76 -1.76 31.32
N VAL A 111 -4.74 -2.59 30.30
CA VAL A 111 -4.44 -2.08 28.98
C VAL A 111 -5.50 -2.55 27.99
N SER A 112 -6.01 -1.66 27.15
CA SER A 112 -6.93 -2.08 26.11
C SER A 112 -6.28 -2.10 24.72
N SER A 113 -5.59 -1.02 24.39
CA SER A 113 -5.05 -0.83 23.04
C SER A 113 -3.53 -0.78 23.01
N SER A 114 -2.90 -1.65 22.24
CA SER A 114 -1.46 -1.59 22.03
C SER A 114 -1.12 -1.18 20.59
N ASP A 115 -1.68 -0.04 20.16
CA ASP A 115 -1.55 0.48 18.79
C ASP A 115 -0.12 0.46 18.29
N ALA A 116 0.81 0.78 19.18
CA ALA A 116 2.20 0.88 18.77
C ALA A 116 2.73 -0.43 18.16
N SER A 117 2.21 -1.55 18.64
CA SER A 117 2.69 -2.89 18.24
C SER A 117 2.44 -3.18 16.77
N GLU A 118 1.24 -2.89 16.29
CA GLU A 118 0.97 -3.06 14.88
C GLU A 118 1.88 -2.14 14.09
N ALA A 119 1.96 -0.88 14.52
CA ALA A 119 2.77 0.11 13.83
C ALA A 119 4.14 -0.44 13.41
N LEU A 120 4.85 -1.06 14.35
CA LEU A 120 6.19 -1.60 14.08
C LEU A 120 6.13 -3.07 13.72
N SER A 121 5.14 -3.46 12.93
CA SER A 121 4.95 -4.86 12.58
C SER A 121 4.32 -5.01 11.18
N ARG A 122 4.62 -4.07 10.29
CA ARG A 122 4.09 -4.09 8.92
C ARG A 122 5.14 -4.24 7.80
N ASP A 123 6.31 -3.62 7.97
CA ASP A 123 7.40 -3.61 6.96
C ASP A 123 8.39 -4.78 7.09
N PRO A 124 8.13 -5.88 6.38
CA PRO A 124 8.82 -7.14 6.69
C PRO A 124 10.28 -7.22 6.23
N GLU A 125 10.87 -6.08 5.87
CA GLU A 125 12.32 -6.02 5.71
C GLU A 125 12.80 -4.98 6.72
N THR A 126 11.89 -4.04 6.98
CA THR A 126 12.16 -2.84 7.74
C THR A 126 12.06 -3.08 9.23
N LEU A 127 11.05 -3.84 9.63
CA LEU A 127 10.74 -3.89 11.04
C LEU A 127 11.32 -5.10 11.78
N VAL A 128 12.02 -4.74 12.87
CA VAL A 128 12.96 -5.58 13.63
C VAL A 128 12.31 -6.57 14.60
N GLY A 129 13.07 -7.56 15.06
CA GLY A 129 12.53 -8.63 15.88
C GLY A 129 12.29 -8.35 17.36
N TYR A 130 13.01 -7.39 17.91
CA TYR A 130 12.88 -7.06 19.32
C TYR A 130 11.88 -5.93 19.55
N SER A 131 10.96 -5.75 18.62
CA SER A 131 9.88 -4.80 18.83
C SER A 131 8.92 -5.47 19.77
N MET A 132 8.83 -6.79 19.66
CA MET A 132 7.81 -7.51 20.38
C MET A 132 8.13 -7.64 21.86
N ILE A 133 9.41 -7.59 22.21
CA ILE A 133 9.84 -7.49 23.60
C ILE A 133 9.54 -6.09 24.12
N GLY A 134 9.10 -5.21 23.23
CA GLY A 134 8.72 -3.86 23.62
C GLY A 134 7.31 -3.44 23.22
N CYS A 135 6.47 -4.42 22.85
CA CYS A 135 5.10 -4.11 22.41
C CYS A 135 4.04 -5.15 22.71
N GLN A 136 4.39 -6.43 22.64
CA GLN A 136 3.46 -7.47 23.05
C GLN A 136 2.80 -7.02 24.36
N ARG A 137 1.48 -7.18 24.49
CA ARG A 137 0.79 -6.64 25.68
C ARG A 137 1.41 -7.03 27.02
N ALA A 138 1.53 -8.33 27.26
CA ALA A 138 2.08 -8.81 28.52
C ALA A 138 3.33 -8.01 28.92
N MET A 139 4.19 -7.68 27.95
CA MET A 139 5.37 -6.83 28.21
C MET A 139 5.03 -5.52 28.91
N MET A 140 3.75 -5.13 28.92
CA MET A 140 3.33 -3.92 29.62
C MET A 140 3.46 -4.10 31.12
N ALA A 141 3.31 -5.33 31.57
CA ALA A 141 3.48 -5.63 32.97
C ALA A 141 4.82 -6.33 33.17
N ASN A 142 5.02 -7.42 32.44
CA ASN A 142 6.26 -8.18 32.49
C ASN A 142 7.53 -7.31 32.49
N ARG A 143 7.57 -6.30 31.64
CA ARG A 143 8.81 -5.54 31.47
C ARG A 143 8.91 -4.46 32.51
N LEU A 144 7.81 -4.28 33.23
CA LEU A 144 7.79 -3.41 34.38
C LEU A 144 8.26 -4.18 35.62
N SER A 145 7.86 -5.45 35.70
CA SER A 145 8.40 -6.37 36.71
C SER A 145 9.88 -6.60 36.45
N PHE A 146 10.25 -6.72 35.18
CA PHE A 146 11.61 -7.07 34.86
C PHE A 146 12.59 -6.04 35.43
N PHE A 147 12.23 -4.76 35.35
CA PHE A 147 13.19 -3.70 35.66
C PHE A 147 13.33 -3.42 37.14
N PHE A 148 12.22 -3.52 37.88
CA PHE A 148 12.20 -3.22 39.32
C PHE A 148 12.56 -4.44 40.16
N ASP A 149 12.61 -5.61 39.50
CA ASP A 149 12.94 -6.86 40.15
C ASP A 149 11.79 -7.39 41.03
N PHE A 150 10.56 -7.14 40.57
CA PHE A 150 9.36 -7.56 41.30
C PHE A 150 8.97 -9.01 40.97
N LYS A 151 9.36 -9.93 41.85
CA LYS A 151 9.23 -11.36 41.57
C LYS A 151 7.80 -11.96 41.77
N GLY A 152 6.86 -11.15 42.26
CA GLY A 152 5.47 -11.57 42.35
C GLY A 152 4.72 -11.36 41.04
N PRO A 153 3.44 -11.78 41.01
CA PRO A 153 2.55 -11.78 39.84
C PRO A 153 2.82 -10.64 38.88
N SER A 154 2.87 -10.93 37.58
CA SER A 154 2.95 -9.89 36.56
C SER A 154 1.88 -10.15 35.53
N ILE A 155 0.96 -9.19 35.41
CA ILE A 155 -0.30 -9.46 34.71
C ILE A 155 -0.94 -8.22 34.06
N THR A 156 -1.42 -8.40 32.83
CA THR A 156 -2.15 -7.37 32.15
C THR A 156 -3.53 -7.89 31.91
N ILE A 157 -4.52 -7.07 32.26
CA ILE A 157 -5.92 -7.43 32.04
C ILE A 157 -6.61 -6.49 31.05
N ASP A 158 -7.50 -7.07 30.23
CA ASP A 158 -8.32 -6.31 29.29
C ASP A 158 -9.79 -6.60 29.51
N THR A 159 -10.50 -5.61 30.04
CA THR A 159 -11.94 -5.71 30.28
C THR A 159 -12.61 -4.50 29.63
N ALA A 160 -11.85 -3.81 28.77
CA ALA A 160 -12.30 -2.57 28.17
C ALA A 160 -12.25 -1.43 29.18
N CYS A 161 -13.18 -0.48 29.06
CA CYS A 161 -13.16 0.73 29.87
C CYS A 161 -12.84 0.54 31.37
N SER A 162 -13.05 -0.64 31.93
CA SER A 162 -12.89 -0.87 33.37
C SER A 162 -11.45 -1.15 33.73
N SER A 163 -11.02 -2.37 33.39
CA SER A 163 -9.61 -2.79 33.40
C SER A 163 -8.82 -2.24 34.56
N SER A 164 -8.14 -1.12 34.35
CA SER A 164 -7.30 -0.54 35.38
C SER A 164 -7.94 -0.59 36.77
N LEU A 165 -9.25 -0.31 36.87
CA LEU A 165 -9.95 -0.39 38.16
C LEU A 165 -10.10 -1.84 38.62
N LEU A 166 -10.44 -2.74 37.71
CA LEU A 166 -10.41 -4.16 38.05
C LEU A 166 -8.99 -4.72 38.25
N ALA A 167 -7.98 -4.01 37.74
CA ALA A 167 -6.61 -4.37 38.04
C ALA A 167 -6.36 -3.96 39.45
N LEU A 168 -6.64 -2.69 39.76
CA LEU A 168 -6.52 -2.20 41.14
C LEU A 168 -7.38 -2.98 42.15
N GLN A 169 -8.39 -3.68 41.67
CA GLN A 169 -9.13 -4.60 42.51
C GLN A 169 -8.34 -5.90 42.64
N SER A 170 -8.08 -6.55 41.51
CA SER A 170 -7.36 -7.80 41.49
C SER A 170 -6.10 -7.71 42.37
N ALA A 171 -5.53 -6.51 42.46
CA ALA A 171 -4.28 -6.28 43.21
C ALA A 171 -4.57 -6.27 44.70
N TYR A 172 -5.44 -5.34 45.10
CA TYR A 172 -5.93 -5.24 46.49
C TYR A 172 -6.22 -6.63 47.08
N GLN A 173 -6.96 -7.46 46.36
CA GLN A 173 -7.24 -8.81 46.85
C GLN A 173 -5.97 -9.62 47.11
N ALA A 174 -5.01 -9.54 46.19
CA ALA A 174 -3.79 -10.32 46.30
C ALA A 174 -2.91 -9.92 47.50
N ILE A 175 -2.97 -8.64 47.89
CA ILE A 175 -2.29 -8.18 49.10
C ILE A 175 -3.08 -8.64 50.31
N ARG A 176 -4.33 -8.20 50.38
CA ARG A 176 -5.28 -8.60 51.41
C ARG A 176 -5.10 -10.05 51.83
N GLY A 177 -4.86 -10.93 50.86
CA GLY A 177 -4.89 -12.36 51.10
C GLY A 177 -3.59 -13.06 51.45
N GLY A 178 -2.52 -12.30 51.62
CA GLY A 178 -1.24 -12.88 52.00
C GLY A 178 -0.22 -12.91 50.88
N GLU A 179 -0.68 -13.23 49.66
CA GLU A 179 0.17 -13.33 48.48
C GLU A 179 1.30 -12.30 48.38
N CYS A 180 0.96 -11.02 48.45
CA CYS A 180 1.97 -9.95 48.28
C CYS A 180 2.01 -8.95 49.42
N SER A 181 2.97 -8.04 49.34
CA SER A 181 3.12 -6.98 50.33
C SER A 181 2.96 -5.61 49.69
N ALA A 182 2.96 -5.58 48.36
CA ALA A 182 2.87 -4.34 47.60
C ALA A 182 2.50 -4.61 46.15
N ALA A 183 1.92 -3.62 45.48
CA ALA A 183 1.51 -3.77 44.08
C ALA A 183 1.73 -2.53 43.22
N VAL A 184 2.01 -2.77 41.95
CA VAL A 184 2.00 -1.69 40.99
C VAL A 184 0.73 -1.86 40.17
N VAL A 185 -0.17 -0.90 40.27
CA VAL A 185 -1.37 -0.94 39.49
C VAL A 185 -1.29 0.16 38.46
N GLY A 186 -1.38 -0.24 37.18
CA GLY A 186 -1.24 0.66 36.06
C GLY A 186 -2.44 0.71 35.15
N GLY A 187 -2.69 1.90 34.61
CA GLY A 187 -3.68 2.08 33.55
C GLY A 187 -3.05 2.70 32.32
N LEU A 188 -3.21 2.06 31.16
CA LEU A 188 -2.58 2.52 29.92
C LEU A 188 -3.57 2.63 28.78
N ASN A 189 -3.50 3.75 28.07
CA ASN A 189 -4.27 3.89 26.85
C ASN A 189 -3.82 5.10 26.05
N VAL A 190 -3.22 4.84 24.89
CA VAL A 190 -2.73 5.88 24.00
C VAL A 190 -3.34 5.76 22.62
N LEU A 191 -3.76 6.91 22.10
CA LEU A 191 -4.47 6.98 20.83
C LEU A 191 -3.52 7.23 19.71
N LEU A 192 -3.38 6.25 18.84
CA LEU A 192 -2.49 6.40 17.71
C LEU A 192 -3.23 6.14 16.41
N LYS A 193 -3.94 5.01 16.32
CA LYS A 193 -4.56 4.69 15.04
C LYS A 193 -5.97 5.26 14.89
N PRO A 194 -6.19 6.08 13.86
CA PRO A 194 -7.48 6.76 13.70
C PRO A 194 -8.58 5.76 13.43
N ASN A 195 -8.27 4.65 12.78
CA ASN A 195 -9.26 3.60 12.58
C ASN A 195 -10.06 3.31 13.85
N SER A 196 -9.37 2.90 14.93
CA SER A 196 -9.98 2.68 16.23
C SER A 196 -11.16 3.61 16.46
N SER A 197 -10.88 4.91 16.54
CA SER A 197 -11.90 5.93 16.77
C SER A 197 -13.02 5.81 15.74
N LEU A 198 -12.68 5.70 14.46
CA LEU A 198 -13.68 5.57 13.41
C LEU A 198 -14.68 4.45 13.70
N GLN A 199 -14.19 3.29 14.13
CA GLN A 199 -15.06 2.21 14.57
C GLN A 199 -16.02 2.71 15.65
N PHE A 200 -15.46 3.29 16.71
CA PHE A 200 -16.23 3.80 17.86
C PHE A 200 -17.31 4.79 17.46
N MET A 201 -17.10 5.50 16.35
CA MET A 201 -18.09 6.45 15.88
C MET A 201 -19.18 5.69 15.13
N LYS A 202 -18.78 4.68 14.38
CA LYS A 202 -19.72 3.85 13.62
C LYS A 202 -20.56 3.00 14.56
N LEU A 203 -20.38 3.20 15.86
CA LEU A 203 -21.20 2.57 16.88
C LEU A 203 -21.96 3.64 17.63
N GLY A 204 -21.68 4.89 17.28
CA GLY A 204 -22.35 6.03 17.87
C GLY A 204 -22.11 6.20 19.34
N MET A 205 -21.02 5.65 19.84
CA MET A 205 -20.66 5.90 21.23
C MET A 205 -19.67 7.04 21.33
N LEU A 206 -19.41 7.67 20.19
CA LEU A 206 -18.57 8.85 20.16
C LEU A 206 -19.35 10.13 19.91
N SER A 207 -18.92 11.15 20.65
CA SER A 207 -19.57 12.44 20.66
C SER A 207 -18.99 13.28 19.55
N GLN A 208 -19.79 13.58 18.54
CA GLN A 208 -19.35 14.50 17.50
C GLN A 208 -18.92 15.81 18.17
N ASP A 209 -19.79 16.30 19.05
CA ASP A 209 -19.46 17.38 20.00
C ASP A 209 -17.99 17.32 20.38
N GLY A 210 -17.56 16.13 20.83
CA GLY A 210 -16.20 15.93 21.26
C GLY A 210 -16.05 16.31 22.71
N THR A 211 -17.03 15.90 23.52
CA THR A 211 -17.00 16.22 24.94
C THR A 211 -17.73 15.15 25.74
N CYS A 212 -17.43 15.09 27.04
CA CYS A 212 -18.04 14.11 27.91
C CYS A 212 -19.04 14.72 28.86
N ARG A 213 -19.97 15.53 28.33
CA ARG A 213 -21.02 16.11 29.16
C ARG A 213 -21.56 15.00 30.07
N SER A 214 -21.13 15.04 31.33
CA SER A 214 -21.52 14.05 32.32
C SER A 214 -22.87 14.41 32.85
N PHE A 215 -23.77 13.44 32.89
CA PHE A 215 -25.10 13.62 33.49
C PHE A 215 -26.00 14.46 32.59
N ASP A 216 -25.53 15.64 32.22
CA ASP A 216 -26.27 16.60 31.38
C ASP A 216 -27.11 15.95 30.26
N ALA A 217 -28.19 16.61 29.85
CA ALA A 217 -29.07 16.06 28.83
C ALA A 217 -28.44 16.16 27.45
N GLU A 218 -27.41 16.99 27.36
CA GLU A 218 -26.72 17.25 26.11
C GLU A 218 -25.61 16.23 25.88
N GLY A 219 -25.95 14.97 26.16
CA GLY A 219 -25.01 13.87 25.99
C GLY A 219 -25.28 13.02 24.76
N THR A 220 -24.30 12.98 23.87
CA THR A 220 -24.33 12.15 22.68
C THR A 220 -23.54 10.88 22.98
N GLY A 221 -22.23 11.05 23.06
CA GLY A 221 -21.32 9.97 23.38
C GLY A 221 -20.14 10.54 24.13
N TYR A 222 -19.10 9.72 24.33
CA TYR A 222 -17.94 10.21 25.08
C TYR A 222 -16.86 10.71 24.15
N CYS A 223 -15.75 11.14 24.75
CA CYS A 223 -14.67 11.78 24.02
C CYS A 223 -13.36 11.14 24.42
N ARG A 224 -12.88 10.17 23.62
CA ARG A 224 -11.71 9.38 24.01
C ARG A 224 -10.45 10.21 24.32
N ALA A 225 -9.80 9.87 25.44
CA ALA A 225 -8.58 10.51 25.87
C ALA A 225 -7.57 9.45 26.29
N GLU A 226 -6.30 9.82 26.33
CA GLU A 226 -5.26 8.90 26.76
C GLU A 226 -4.80 9.17 28.19
N ALA A 227 -3.96 8.27 28.70
CA ALA A 227 -3.39 8.44 30.02
C ALA A 227 -2.54 7.22 30.39
N VAL A 228 -1.38 7.46 30.99
CA VAL A 228 -0.61 6.43 31.67
C VAL A 228 -0.68 6.85 33.10
N VAL A 229 -1.10 5.93 33.96
CA VAL A 229 -1.29 6.23 35.37
C VAL A 229 -0.98 5.01 36.19
N ALA A 230 -0.42 5.23 37.38
CA ALA A 230 -0.09 4.12 38.27
C ALA A 230 -0.23 4.51 39.74
N VAL A 231 -0.80 3.61 40.52
CA VAL A 231 -0.80 3.78 41.96
C VAL A 231 -0.06 2.61 42.59
N LEU A 232 0.54 2.82 43.76
CA LEU A 232 1.21 1.75 44.47
C LEU A 232 0.38 1.35 45.68
N LEU A 233 -0.11 0.11 45.68
CA LEU A 233 -0.78 -0.47 46.84
C LEU A 233 0.23 -1.19 47.74
N THR A 234 -0.06 -1.19 49.05
CA THR A 234 0.82 -1.71 50.10
C THR A 234 0.02 -2.04 51.35
N LYS A 235 0.47 -3.02 52.12
CA LYS A 235 -0.10 -3.26 53.44
C LYS A 235 0.28 -2.09 54.38
N LYS A 236 -0.63 -1.64 55.25
CA LYS A 236 -0.34 -0.46 56.05
C LYS A 236 0.99 -0.58 56.78
N SER A 237 1.23 -1.74 57.39
CA SER A 237 2.47 -1.98 58.10
C SER A 237 3.68 -1.96 57.17
N LEU A 238 3.67 -1.03 56.21
CA LEU A 238 4.75 -0.93 55.24
C LEU A 238 4.63 0.36 54.41
N ALA A 239 3.58 1.13 54.66
CA ALA A 239 3.33 2.36 53.89
C ALA A 239 3.80 3.60 54.64
N ARG A 240 4.67 4.40 54.01
CA ARG A 240 5.15 5.62 54.66
C ARG A 240 4.19 6.77 54.39
N ARG A 241 3.28 6.55 53.47
CA ARG A 241 2.27 7.56 53.18
C ARG A 241 0.94 6.87 52.87
N VAL A 242 -0.18 7.49 53.26
CA VAL A 242 -1.49 6.92 53.00
C VAL A 242 -2.45 7.98 52.49
N TYR A 243 -2.82 7.81 51.22
CA TYR A 243 -3.78 8.66 50.53
C TYR A 243 -5.15 8.24 50.95
N ALA A 244 -5.41 6.94 50.92
CA ALA A 244 -6.65 6.37 51.40
C ALA A 244 -6.47 4.91 51.71
N THR A 245 -7.50 4.26 52.24
CA THR A 245 -7.49 2.82 52.51
C THR A 245 -8.61 2.14 51.73
N ILE A 246 -8.34 0.94 51.19
CA ILE A 246 -9.34 0.25 50.40
C ILE A 246 -10.26 -0.61 51.26
N LEU A 247 -11.53 -0.23 51.33
CA LEU A 247 -12.50 -0.91 52.19
C LEU A 247 -13.08 -2.14 51.52
N ASN A 248 -13.25 -2.09 50.20
CA ASN A 248 -13.86 -3.22 49.51
C ASN A 248 -13.91 -3.00 48.01
N ALA A 249 -14.02 -4.12 47.29
CA ALA A 249 -14.15 -4.09 45.84
C ALA A 249 -14.60 -5.45 45.35
N GLY A 250 -15.17 -5.47 44.16
CA GLY A 250 -15.66 -6.69 43.57
C GLY A 250 -16.10 -6.32 42.17
N THR A 251 -16.15 -7.30 41.28
CA THR A 251 -16.66 -7.05 39.95
C THR A 251 -17.70 -8.09 39.60
N ASN A 252 -18.71 -7.67 38.83
CA ASN A 252 -19.61 -8.61 38.17
C ASN A 252 -19.71 -8.24 36.70
N THR A 253 -20.69 -8.81 36.00
CA THR A 253 -20.78 -8.68 34.55
C THR A 253 -22.23 -8.77 34.06
N ASP A 254 -22.71 -7.69 33.46
CA ASP A 254 -24.06 -7.64 32.88
C ASP A 254 -24.34 -8.96 32.17
N GLY A 255 -25.40 -9.65 32.57
CA GLY A 255 -25.71 -10.93 31.95
C GLY A 255 -25.93 -10.90 30.44
N SER A 256 -27.02 -11.54 30.01
CA SER A 256 -27.42 -11.46 28.62
C SER A 256 -28.56 -10.48 28.49
N LYS A 257 -28.21 -9.21 28.27
CA LYS A 257 -29.20 -8.16 28.11
C LYS A 257 -29.90 -8.32 26.74
N GLU A 258 -31.22 -8.12 26.70
CA GLU A 258 -31.97 -8.30 25.45
C GLU A 258 -31.75 -7.19 24.43
N GLN A 259 -31.05 -6.14 24.85
CA GLN A 259 -30.91 -4.94 24.05
C GLN A 259 -29.47 -4.75 23.60
N GLY A 260 -28.78 -5.85 23.33
CA GLY A 260 -27.41 -5.79 22.81
C GLY A 260 -26.32 -5.87 23.85
N VAL A 261 -25.07 -6.00 23.41
CA VAL A 261 -23.97 -6.14 24.36
C VAL A 261 -23.42 -4.80 24.84
N THR A 262 -23.58 -3.77 24.03
CA THR A 262 -23.11 -2.44 24.41
C THR A 262 -23.94 -1.80 25.50
N PHE A 263 -25.18 -2.26 25.63
CA PHE A 263 -26.15 -1.66 26.54
C PHE A 263 -25.77 -1.82 28.00
N PRO A 264 -25.53 -0.70 28.70
CA PRO A 264 -25.16 -0.80 30.13
C PRO A 264 -26.34 -1.19 30.99
N SER A 265 -26.35 -2.42 31.52
CA SER A 265 -27.45 -2.91 32.35
C SER A 265 -27.37 -2.42 33.80
N GLY A 266 -28.16 -1.41 34.13
CA GLY A 266 -28.17 -0.86 35.47
C GLY A 266 -28.69 -1.86 36.48
N ASP A 267 -29.67 -2.66 36.08
CA ASP A 267 -30.26 -3.64 36.99
C ASP A 267 -29.21 -4.63 37.48
N VAL A 268 -28.05 -4.65 36.83
CA VAL A 268 -26.95 -5.51 37.24
C VAL A 268 -25.85 -4.72 37.96
N GLN A 269 -25.66 -3.46 37.59
CA GLN A 269 -24.69 -2.61 38.29
C GLN A 269 -25.14 -2.34 39.74
N GLU A 270 -26.45 -2.21 39.94
CA GLU A 270 -27.00 -2.09 41.27
C GLU A 270 -26.48 -3.22 42.13
N GLN A 271 -26.69 -4.44 41.64
CA GLN A 271 -26.30 -5.64 42.35
C GLN A 271 -24.85 -5.51 42.82
N LEU A 272 -23.94 -5.23 41.88
CA LEU A 272 -22.54 -5.07 42.22
C LEU A 272 -22.39 -4.10 43.39
N ILE A 273 -22.97 -2.92 43.26
CA ILE A 273 -22.85 -1.91 44.31
C ILE A 273 -23.36 -2.43 45.65
N ARG A 274 -24.40 -3.27 45.63
CA ARG A 274 -24.86 -3.91 46.88
C ARG A 274 -23.87 -4.89 47.52
N SER A 275 -23.38 -5.86 46.74
CA SER A 275 -22.45 -6.89 47.22
C SER A 275 -21.39 -6.32 48.14
N LEU A 276 -21.15 -5.02 48.01
CA LEU A 276 -19.99 -4.41 48.63
C LEU A 276 -20.36 -3.58 49.84
N TYR A 277 -21.66 -3.27 49.99
CA TYR A 277 -22.13 -2.39 51.06
C TYR A 277 -23.02 -3.06 52.11
N ALA A 278 -24.04 -2.34 52.55
CA ALA A 278 -24.92 -2.76 53.64
C ALA A 278 -24.51 -4.04 54.37
N PRO A 279 -25.10 -5.21 54.03
CA PRO A 279 -24.83 -6.37 54.90
C PRO A 279 -23.43 -6.95 54.79
N ALA A 280 -22.76 -6.80 53.65
CA ALA A 280 -21.41 -7.34 53.50
C ALA A 280 -20.40 -6.26 53.22
N GLY A 281 -20.60 -5.10 53.83
CA GLY A 281 -19.72 -3.96 53.63
C GLY A 281 -20.09 -2.78 54.48
N PRO A 282 -19.45 -1.63 54.22
CA PRO A 282 -19.65 -0.37 54.92
C PRO A 282 -21.10 0.12 54.84
N ASP A 283 -21.35 1.28 55.42
CA ASP A 283 -22.69 1.83 55.50
C ASP A 283 -22.93 2.75 54.31
N PRO A 284 -24.02 2.51 53.56
CA PRO A 284 -24.34 3.36 52.41
C PRO A 284 -24.49 4.82 52.83
N GLU A 285 -24.54 5.01 54.14
CA GLU A 285 -24.80 6.32 54.73
C GLU A 285 -23.50 7.08 54.94
N SER A 286 -22.39 6.36 54.95
CA SER A 286 -21.06 6.95 55.13
C SER A 286 -20.52 7.58 53.85
N LEU A 287 -21.09 7.18 52.72
CA LEU A 287 -20.60 7.69 51.46
C LEU A 287 -20.80 9.19 51.41
N GLU A 288 -19.69 9.92 51.22
CA GLU A 288 -19.71 11.34 50.93
C GLU A 288 -19.75 11.65 49.40
N TYR A 289 -18.87 10.98 48.67
CA TYR A 289 -18.71 11.18 47.25
C TYR A 289 -18.64 9.83 46.56
N ILE A 290 -19.48 9.64 45.54
CA ILE A 290 -19.32 8.52 44.62
C ILE A 290 -18.85 9.13 43.31
N GLU A 291 -17.71 8.65 42.79
CA GLU A 291 -17.24 9.09 41.48
C GLU A 291 -17.80 8.14 40.46
N ALA A 292 -18.72 8.66 39.63
CA ALA A 292 -19.39 7.85 38.63
C ALA A 292 -18.44 7.45 37.50
N HIS A 293 -19.00 6.72 36.54
CA HIS A 293 -18.31 6.52 35.28
C HIS A 293 -18.50 7.82 34.51
N GLY A 294 -19.75 8.25 34.44
CA GLY A 294 -20.12 9.49 33.79
C GLY A 294 -19.55 9.65 32.40
N THR A 295 -19.86 8.70 31.51
CA THR A 295 -19.38 8.75 30.12
C THR A 295 -19.96 9.94 29.38
N GLY A 296 -21.29 10.00 29.33
CA GLY A 296 -22.00 11.00 28.55
C GLY A 296 -22.81 10.37 27.42
N THR A 297 -23.15 9.10 27.61
CA THR A 297 -24.03 8.38 26.69
C THR A 297 -25.48 8.79 26.97
N LYS A 298 -26.31 8.89 25.94
CA LYS A 298 -27.70 9.23 26.22
C LYS A 298 -28.41 8.04 26.87
N VAL A 299 -27.77 6.88 26.81
CA VAL A 299 -28.27 5.67 27.45
C VAL A 299 -27.48 5.31 28.69
N GLY A 300 -26.17 5.28 28.54
CA GLY A 300 -25.29 4.95 29.66
C GLY A 300 -25.54 5.74 30.92
N ASP A 301 -25.58 7.06 30.81
CA ASP A 301 -25.64 7.92 31.99
C ASP A 301 -26.83 7.62 32.90
N PRO A 302 -28.05 7.63 32.34
CA PRO A 302 -29.22 7.35 33.20
C PRO A 302 -29.10 5.96 33.83
N GLN A 303 -29.04 4.93 33.00
CA GLN A 303 -28.95 3.54 33.47
C GLN A 303 -28.02 3.36 34.68
N GLU A 304 -26.91 4.11 34.70
CA GLU A 304 -25.95 3.99 35.78
C GLU A 304 -26.45 4.76 36.99
N LEU A 305 -26.54 6.08 36.85
CA LEU A 305 -26.95 6.93 37.96
C LEU A 305 -28.24 6.44 38.62
N ASN A 306 -29.16 5.86 37.85
CA ASN A 306 -30.39 5.30 38.40
C ASN A 306 -30.10 4.16 39.37
N GLY A 307 -29.43 3.13 38.86
CA GLY A 307 -28.99 2.02 39.69
C GLY A 307 -28.19 2.46 40.91
N ILE A 308 -27.42 3.55 40.79
CA ILE A 308 -26.66 4.07 41.91
C ILE A 308 -27.55 4.42 43.10
N VAL A 309 -28.51 5.31 42.86
CA VAL A 309 -29.41 5.75 43.92
C VAL A 309 -30.28 4.59 44.42
N ASN A 310 -30.68 3.72 43.50
CA ASN A 310 -31.47 2.55 43.82
C ASN A 310 -30.69 1.52 44.65
N ALA A 311 -29.49 1.88 45.07
CA ALA A 311 -28.69 0.99 45.90
C ALA A 311 -28.05 1.68 47.09
N LEU A 312 -27.84 2.99 47.00
CA LEU A 312 -27.17 3.71 48.10
C LEU A 312 -28.04 4.71 48.88
N CYS A 313 -29.35 4.70 48.64
CA CYS A 313 -30.15 5.83 49.11
C CYS A 313 -31.46 5.52 49.83
N ALA A 314 -31.32 4.95 51.02
CA ALA A 314 -32.29 5.05 52.11
C ALA A 314 -31.51 5.73 53.23
N THR A 315 -31.36 7.04 53.08
CA THR A 315 -30.48 7.85 53.92
C THR A 315 -30.67 9.36 53.70
N ARG A 316 -30.70 10.11 54.80
CA ARG A 316 -30.96 11.55 54.75
C ARG A 316 -29.72 12.38 54.36
N ARG A 317 -29.79 13.70 54.55
CA ARG A 317 -28.78 14.62 53.99
C ARG A 317 -28.53 14.33 52.51
N GLU A 318 -28.00 15.31 51.79
CA GLU A 318 -27.66 15.12 50.39
C GLU A 318 -26.61 14.03 50.32
N PRO A 319 -27.05 12.76 50.17
CA PRO A 319 -26.24 11.58 50.48
C PRO A 319 -24.84 11.65 49.89
N LEU A 320 -24.75 11.49 48.58
CA LEU A 320 -23.47 11.52 47.87
C LEU A 320 -23.48 12.65 46.87
N LEU A 321 -22.55 13.59 47.06
CA LEU A 321 -22.20 14.53 46.03
C LEU A 321 -21.62 13.61 44.96
N ILE A 322 -21.82 13.93 43.68
CA ILE A 322 -21.38 13.07 42.60
C ILE A 322 -20.58 13.91 41.62
N GLY A 323 -19.64 13.26 40.92
CA GLY A 323 -18.87 13.93 39.87
C GLY A 323 -18.32 12.91 38.89
N SER A 324 -17.49 13.38 37.97
CA SER A 324 -16.78 12.47 37.06
C SER A 324 -15.60 13.13 36.33
N THR A 325 -14.39 12.78 36.76
CA THR A 325 -13.18 13.24 36.10
C THR A 325 -13.37 13.23 34.58
N LYS A 326 -14.09 12.22 34.08
CA LYS A 326 -14.24 12.03 32.63
C LYS A 326 -14.80 13.25 31.92
N SER A 327 -15.42 14.16 32.67
CA SER A 327 -15.99 15.38 32.11
C SER A 327 -14.93 16.45 32.07
N ASN A 328 -13.96 16.33 32.96
CA ASN A 328 -12.81 17.22 32.95
C ASN A 328 -11.87 16.91 31.78
N MET A 329 -11.63 15.62 31.52
CA MET A 329 -10.50 15.18 30.71
C MET A 329 -10.80 14.26 29.51
N GLY A 330 -11.92 13.56 29.56
CA GLY A 330 -12.21 12.58 28.52
C GLY A 330 -12.25 11.19 29.08
N HIS A 331 -12.47 10.20 28.23
CA HIS A 331 -12.65 8.83 28.69
C HIS A 331 -11.40 8.00 28.37
N PRO A 332 -10.50 7.87 29.34
CA PRO A 332 -9.24 7.16 29.14
C PRO A 332 -9.45 5.66 28.95
N GLU A 333 -10.69 5.28 28.65
CA GLU A 333 -11.06 3.88 28.52
C GLU A 333 -10.44 3.02 29.63
N PRO A 334 -9.53 2.08 29.30
CA PRO A 334 -9.20 1.13 30.37
C PRO A 334 -8.50 1.83 31.52
N ALA A 335 -7.91 2.99 31.23
CA ALA A 335 -7.24 3.77 32.24
C ALA A 335 -8.23 4.50 33.14
N SER A 336 -9.47 4.59 32.66
CA SER A 336 -10.52 5.36 33.36
C SER A 336 -10.54 5.15 34.87
N GLY A 337 -10.77 3.91 35.28
CA GLY A 337 -10.84 3.57 36.69
C GLY A 337 -9.73 4.15 37.54
N VAL A 338 -8.48 3.86 37.19
CA VAL A 338 -7.35 4.34 37.96
C VAL A 338 -7.11 5.82 37.76
N ALA A 339 -7.29 6.29 36.53
CA ALA A 339 -7.18 7.71 36.26
C ALA A 339 -8.26 8.43 37.06
N ALA A 340 -9.38 7.75 37.26
CA ALA A 340 -10.47 8.30 38.06
C ALA A 340 -10.03 8.38 39.51
N LEU A 341 -9.57 7.25 40.04
CA LEU A 341 -9.09 7.15 41.43
C LEU A 341 -8.14 8.28 41.75
N ILE A 342 -7.28 8.61 40.79
CA ILE A 342 -6.29 9.67 40.96
C ILE A 342 -6.98 11.02 41.16
N LYS A 343 -8.00 11.31 40.36
CA LYS A 343 -8.78 12.50 40.61
C LYS A 343 -9.27 12.49 42.06
N VAL A 344 -9.74 11.34 42.53
CA VAL A 344 -10.29 11.22 43.87
C VAL A 344 -9.25 11.49 44.96
N LEU A 345 -8.16 10.74 44.92
CA LEU A 345 -7.07 10.91 45.88
C LEU A 345 -6.57 12.36 45.91
N LEU A 346 -6.30 12.93 44.73
CA LEU A 346 -5.86 14.32 44.61
C LEU A 346 -6.76 15.29 45.35
N SER A 347 -8.05 15.20 45.08
CA SER A 347 -9.00 16.10 45.71
C SER A 347 -9.12 15.86 47.21
N LEU A 348 -8.87 14.64 47.66
CA LEU A 348 -8.87 14.38 49.09
C LEU A 348 -7.75 15.16 49.76
N GLU A 349 -6.54 15.03 49.22
CA GLU A 349 -5.35 15.67 49.78
C GLU A 349 -5.48 17.19 49.90
N HIS A 350 -6.33 17.78 49.08
CA HIS A 350 -6.50 19.21 49.12
C HIS A 350 -7.79 19.58 49.82
N GLY A 351 -8.54 18.55 50.25
CA GLY A 351 -9.76 18.75 51.00
C GLY A 351 -10.83 19.51 50.26
N VAL A 352 -10.76 19.46 48.94
CA VAL A 352 -11.75 20.13 48.12
C VAL A 352 -11.97 19.40 46.82
N TRP A 353 -13.24 19.28 46.43
CA TRP A 353 -13.61 18.43 45.32
C TRP A 353 -13.27 19.06 43.98
N ALA A 354 -12.95 18.21 43.00
CA ALA A 354 -12.77 18.67 41.63
C ALA A 354 -14.11 19.01 41.00
N PRO A 355 -14.35 20.31 40.77
CA PRO A 355 -15.61 20.71 40.13
C PRO A 355 -15.73 20.00 38.80
N ASN A 356 -16.74 19.15 38.70
CA ASN A 356 -17.09 18.55 37.44
C ASN A 356 -17.34 19.64 36.41
N LEU A 357 -17.18 19.33 35.12
CA LEU A 357 -17.38 20.34 34.07
C LEU A 357 -18.59 20.02 33.20
N HIS A 358 -18.95 20.98 32.35
CA HIS A 358 -20.01 20.78 31.35
C HIS A 358 -21.37 20.40 31.92
N TYR A 359 -21.64 20.80 33.16
CA TYR A 359 -22.95 20.56 33.79
C TYR A 359 -23.84 21.80 33.75
N HIS A 360 -24.64 21.92 32.70
CA HIS A 360 -25.58 23.01 32.56
C HIS A 360 -26.97 22.57 32.98
N THR A 361 -27.63 21.78 32.13
CA THR A 361 -29.01 21.33 32.35
C THR A 361 -29.13 19.84 32.69
N PRO A 362 -29.50 19.51 33.95
CA PRO A 362 -29.64 18.13 34.43
C PRO A 362 -30.48 17.20 33.52
N ASN A 363 -30.06 15.94 33.38
CA ASN A 363 -30.74 14.97 32.53
C ASN A 363 -32.19 14.82 32.93
N PRO A 364 -33.11 14.88 31.96
CA PRO A 364 -34.54 14.76 32.26
C PRO A 364 -35.03 13.31 32.19
N GLU A 365 -34.12 12.36 32.33
CA GLU A 365 -34.49 10.95 32.25
C GLU A 365 -34.17 10.27 33.58
N ILE A 366 -33.55 11.02 34.50
CA ILE A 366 -33.25 10.55 35.86
C ILE A 366 -33.51 11.64 36.89
N PRO A 367 -34.30 11.33 37.93
CA PRO A 367 -34.51 12.36 38.94
C PRO A 367 -33.23 12.51 39.74
N ALA A 368 -33.35 12.85 41.02
CA ALA A 368 -32.21 12.91 41.92
C ALA A 368 -31.24 14.06 41.65
N LEU A 369 -31.11 14.51 40.40
CA LEU A 369 -30.11 15.53 40.09
C LEU A 369 -30.43 16.92 40.68
N GLN A 370 -31.66 17.07 41.17
CA GLN A 370 -32.13 18.29 41.81
C GLN A 370 -33.24 17.85 42.74
N ASP A 371 -33.50 16.56 42.67
CA ASP A 371 -34.44 15.86 43.53
C ASP A 371 -33.76 15.47 44.86
N GLY A 372 -32.91 16.36 45.35
CA GLY A 372 -32.33 16.24 46.68
C GLY A 372 -31.26 15.16 46.88
N ARG A 373 -31.40 14.05 46.18
CA ARG A 373 -30.53 12.89 46.42
C ARG A 373 -29.06 13.18 46.10
N LEU A 374 -28.72 13.12 44.80
CA LEU A 374 -27.35 13.34 44.30
C LEU A 374 -27.07 14.81 44.02
N GLN A 375 -25.87 15.26 44.37
CA GLN A 375 -25.49 16.64 44.10
C GLN A 375 -24.30 16.74 43.14
N VAL A 376 -24.55 16.79 41.84
CA VAL A 376 -23.43 16.96 40.92
C VAL A 376 -22.55 18.07 41.44
N VAL A 377 -21.24 17.91 41.28
CA VAL A 377 -20.29 18.88 41.80
C VAL A 377 -19.90 19.93 40.75
N ASP A 378 -20.76 20.93 40.57
CA ASP A 378 -20.50 22.05 39.66
C ASP A 378 -19.52 23.08 40.25
N ARG A 379 -19.33 23.05 41.57
CA ARG A 379 -18.51 24.04 42.26
C ARG A 379 -17.50 23.36 43.19
N PRO A 380 -16.37 24.02 43.43
CA PRO A 380 -15.33 23.58 44.37
C PRO A 380 -15.81 23.51 45.82
N LEU A 381 -16.38 22.37 46.22
CA LEU A 381 -16.94 22.20 47.55
C LEU A 381 -15.92 21.60 48.51
N PRO A 382 -15.75 22.22 49.69
CA PRO A 382 -14.94 21.63 50.76
C PRO A 382 -15.50 20.28 51.19
N ILE A 383 -14.64 19.29 51.38
CA ILE A 383 -15.10 18.00 51.83
C ILE A 383 -15.18 17.97 53.35
N ARG A 384 -16.19 17.29 53.87
CA ARG A 384 -16.42 17.26 55.31
C ARG A 384 -15.95 15.96 55.96
N GLY A 385 -16.56 14.84 55.59
CA GLY A 385 -16.16 13.55 56.15
C GLY A 385 -16.10 12.43 55.14
N GLY A 386 -15.01 12.38 54.37
CA GLY A 386 -14.92 11.46 53.25
C GLY A 386 -15.20 9.99 53.51
N ASN A 387 -15.91 9.38 52.57
CA ASN A 387 -15.96 7.92 52.47
C ASN A 387 -16.46 7.58 51.06
N VAL A 388 -15.53 7.33 50.15
CA VAL A 388 -15.81 7.43 48.72
C VAL A 388 -15.93 6.11 47.96
N GLY A 389 -16.81 6.08 46.97
CA GLY A 389 -16.92 4.97 46.05
C GLY A 389 -16.40 5.35 44.66
N ILE A 390 -16.24 4.36 43.78
CA ILE A 390 -15.68 4.59 42.45
C ILE A 390 -16.18 3.53 41.48
N ASN A 391 -16.73 3.97 40.35
CA ASN A 391 -17.25 3.07 39.34
C ASN A 391 -16.36 2.93 38.11
N SER A 392 -16.44 1.79 37.43
CA SER A 392 -15.80 1.63 36.14
C SER A 392 -16.49 0.49 35.40
N PHE A 393 -17.14 0.79 34.27
CA PHE A 393 -17.87 -0.22 33.52
C PHE A 393 -17.41 -0.28 32.07
N GLY A 394 -16.78 -1.40 31.68
CA GLY A 394 -16.31 -1.57 30.31
C GLY A 394 -17.46 -1.83 29.35
N PHE A 395 -17.37 -1.31 28.13
CA PHE A 395 -18.52 -1.36 27.23
C PHE A 395 -19.08 -2.78 27.03
N GLY A 396 -18.25 -3.79 27.23
CA GLY A 396 -18.66 -5.18 27.09
C GLY A 396 -19.49 -5.75 28.23
N GLY A 397 -19.84 -4.89 29.17
CA GLY A 397 -20.67 -5.31 30.27
C GLY A 397 -19.89 -5.82 31.48
N SER A 398 -18.72 -5.24 31.73
CA SER A 398 -17.88 -5.72 32.84
C SER A 398 -17.58 -4.64 33.86
N ASN A 399 -18.28 -4.75 34.99
CA ASN A 399 -18.28 -3.72 36.02
C ASN A 399 -17.39 -4.01 37.23
N VAL A 400 -16.92 -2.95 37.88
CA VAL A 400 -16.13 -3.05 39.09
C VAL A 400 -16.36 -1.80 39.94
N HIS A 401 -16.72 -2.00 41.20
CA HIS A 401 -16.81 -0.90 42.16
C HIS A 401 -15.72 -1.06 43.20
N VAL A 402 -15.34 0.03 43.85
CA VAL A 402 -14.40 -0.07 44.96
C VAL A 402 -14.60 1.06 45.96
N ILE A 403 -14.66 0.70 47.22
CA ILE A 403 -15.01 1.61 48.28
C ILE A 403 -13.75 2.08 48.98
N LEU A 404 -13.62 3.38 49.20
CA LEU A 404 -12.41 3.93 49.82
C LEU A 404 -12.70 4.62 51.13
N GLN A 405 -11.79 4.46 52.09
CA GLN A 405 -11.84 5.23 53.32
C GLN A 405 -10.58 6.09 53.42
N PRO A 406 -10.74 7.41 53.27
CA PRO A 406 -9.59 8.32 53.34
C PRO A 406 -8.98 8.28 54.72
N ASN A 407 -7.72 8.64 54.85
CA ASN A 407 -7.14 8.72 56.18
C ASN A 407 -7.29 10.15 56.70
N SER A 408 -7.84 10.27 57.91
CA SER A 408 -8.00 11.57 58.55
C SER A 408 -7.00 11.66 59.69
N ARG A 409 -6.14 12.67 59.64
CA ARG A 409 -5.10 12.83 60.64
C ARG A 409 -4.17 13.99 60.31
N PRO A 410 -3.99 14.92 61.27
CA PRO A 410 -3.17 16.14 61.15
C PRO A 410 -1.77 16.03 61.77
N ALA A 411 -1.00 17.10 61.63
CA ALA A 411 0.38 17.12 62.10
C ALA A 411 0.48 17.51 63.56
N PRO A 412 1.13 16.65 64.36
CA PRO A 412 1.31 16.86 65.81
C PRO A 412 2.16 18.09 66.11
N PRO A 413 2.41 18.37 67.40
CA PRO A 413 3.27 19.46 67.87
C PRO A 413 4.57 18.98 68.53
N PRO A 414 5.64 18.76 67.74
CA PRO A 414 6.92 18.22 68.26
C PRO A 414 7.73 19.17 69.20
N ALA A 415 9.00 18.82 69.43
CA ALA A 415 9.92 19.69 70.18
C ALA A 415 11.33 19.63 69.58
N GLN A 416 11.43 19.00 68.41
CA GLN A 416 12.71 18.73 67.75
C GLN A 416 13.11 19.79 66.71
N HIS A 417 12.26 20.02 65.70
CA HIS A 417 12.54 21.07 64.74
C HIS A 417 12.47 22.44 65.41
N ALA A 418 12.21 22.44 66.71
CA ALA A 418 12.14 23.67 67.50
C ALA A 418 13.34 24.54 67.21
N ALA A 419 14.52 24.07 67.60
CA ALA A 419 15.78 24.74 67.32
C ALA A 419 16.79 23.75 66.75
N LEU A 420 16.30 22.72 66.06
CA LEU A 420 17.16 21.69 65.47
C LEU A 420 17.00 21.63 63.96
N PRO A 421 17.99 22.17 63.23
CA PRO A 421 18.03 22.14 61.77
C PRO A 421 18.14 20.70 61.27
N ARG A 422 17.39 20.34 60.22
CA ARG A 422 17.47 19.01 59.66
C ARG A 422 18.33 19.04 58.42
N LEU A 423 18.69 17.85 57.95
CA LEU A 423 19.44 17.73 56.72
C LEU A 423 18.57 17.17 55.60
N LEU A 424 18.32 17.96 54.55
CA LEU A 424 17.61 17.43 53.38
C LEU A 424 18.60 17.06 52.29
N GLN A 425 18.55 15.82 51.82
CA GLN A 425 19.38 15.39 50.70
C GLN A 425 18.51 14.79 49.60
N ALA A 426 19.06 14.68 48.40
CA ALA A 426 18.31 14.07 47.32
C ALA A 426 19.19 13.67 46.13
N SER A 427 18.57 13.03 45.15
CA SER A 427 19.24 12.60 43.92
C SER A 427 18.29 12.63 42.73
N GLY A 428 18.86 12.81 41.54
CA GLY A 428 18.09 12.79 40.31
C GLY A 428 18.93 12.35 39.13
N ARG A 429 18.54 12.79 37.94
CA ARG A 429 19.26 12.46 36.72
C ARG A 429 20.10 13.64 36.22
N THR A 430 19.78 14.85 36.68
CA THR A 430 20.53 16.03 36.27
C THR A 430 20.51 17.11 37.31
N LEU A 431 21.31 18.14 37.07
CA LEU A 431 21.35 19.27 37.98
C LEU A 431 19.93 19.78 38.24
N GLU A 432 19.07 19.68 37.23
CA GLU A 432 17.70 20.10 37.44
C GLU A 432 16.96 19.21 38.45
N ALA A 433 16.99 17.90 38.24
CA ALA A 433 16.21 16.96 39.09
C ALA A 433 16.49 17.14 40.58
N VAL A 434 17.69 17.64 40.87
CA VAL A 434 18.15 17.92 42.23
C VAL A 434 17.73 19.32 42.65
N GLN A 435 18.04 20.29 41.82
CA GLN A 435 17.61 21.65 42.07
C GLN A 435 16.13 21.70 42.43
N THR A 436 15.33 20.83 41.81
CA THR A 436 13.90 20.86 42.04
C THR A 436 13.55 20.33 43.42
N LEU A 437 14.05 19.15 43.74
CA LEU A 437 13.76 18.52 45.04
C LEU A 437 14.12 19.43 46.21
N LEU A 438 15.32 20.00 46.18
CA LEU A 438 15.76 20.93 47.22
C LEU A 438 14.88 22.18 47.28
N GLU A 439 14.37 22.62 46.14
CA GLU A 439 13.43 23.73 46.12
C GLU A 439 12.18 23.34 46.89
N GLN A 440 11.69 22.13 46.63
CA GLN A 440 10.51 21.62 47.32
C GLN A 440 10.80 21.37 48.79
N GLY A 441 12.08 21.24 49.11
CA GLY A 441 12.46 21.02 50.48
C GLY A 441 12.26 22.30 51.27
N LEU A 442 12.91 23.36 50.80
CA LEU A 442 12.93 24.63 51.52
C LEU A 442 11.55 25.29 51.62
N ARG A 443 10.68 24.98 50.68
CA ARG A 443 9.33 25.55 50.71
C ARG A 443 8.53 24.93 51.86
N HIS A 444 8.93 23.73 52.27
CA HIS A 444 8.30 23.06 53.39
C HIS A 444 9.31 22.65 54.46
N SER A 445 10.11 23.62 54.90
CA SER A 445 11.24 23.37 55.80
C SER A 445 10.84 22.72 57.12
N ARG A 446 9.56 22.80 57.47
CA ARG A 446 9.16 22.31 58.77
C ARG A 446 8.29 21.06 58.68
N ASP A 447 8.04 20.60 57.46
CA ASP A 447 7.21 19.41 57.30
C ASP A 447 8.05 18.15 57.39
N LEU A 448 8.03 17.53 58.57
CA LEU A 448 8.98 16.45 58.86
C LEU A 448 8.61 15.13 58.20
N ALA A 449 7.34 14.91 57.96
CA ALA A 449 6.93 13.72 57.23
C ALA A 449 7.54 13.75 55.84
N PHE A 450 7.33 14.88 55.18
CA PHE A 450 7.80 15.14 53.82
C PHE A 450 9.31 14.95 53.72
N VAL A 451 10.06 15.64 54.57
CA VAL A 451 11.52 15.65 54.46
C VAL A 451 12.13 14.27 54.72
N GLY A 452 11.58 13.56 55.71
CA GLY A 452 12.03 12.21 55.95
C GLY A 452 11.88 11.40 54.68
N MET A 453 10.69 11.48 54.08
CA MET A 453 10.41 10.75 52.85
C MET A 453 11.39 11.10 51.73
N LEU A 454 11.59 12.38 51.48
CA LEU A 454 12.59 12.83 50.53
C LEU A 454 13.92 12.10 50.73
N ASN A 455 14.35 12.02 51.99
CA ASN A 455 15.64 11.43 52.33
C ASN A 455 15.70 9.96 51.97
N GLU A 456 14.63 9.24 52.26
CA GLU A 456 14.58 7.82 51.95
C GLU A 456 14.80 7.57 50.46
N ILE A 457 14.12 8.38 49.63
CA ILE A 457 14.28 8.34 48.19
C ILE A 457 15.72 8.58 47.74
N ALA A 458 16.31 9.65 48.30
CA ALA A 458 17.66 10.07 47.94
C ALA A 458 18.66 8.91 47.88
N ALA A 459 18.44 7.87 48.67
CA ALA A 459 19.32 6.72 48.70
C ALA A 459 19.23 5.86 47.43
N VAL A 460 19.95 6.25 46.39
CA VAL A 460 20.03 5.48 45.15
C VAL A 460 21.42 5.56 44.54
N SER A 461 22.04 4.40 44.33
CA SER A 461 23.36 4.33 43.69
C SER A 461 23.53 5.40 42.59
N PRO A 462 24.66 6.12 42.61
CA PRO A 462 25.03 7.13 41.61
C PRO A 462 25.41 6.49 40.27
N VAL A 463 25.20 5.18 40.20
CA VAL A 463 25.25 4.47 38.94
C VAL A 463 24.00 4.83 38.17
N ALA A 464 22.87 4.92 38.89
CA ALA A 464 21.57 5.23 38.31
C ALA A 464 21.25 6.72 38.42
N MET A 465 21.50 7.30 39.57
CA MET A 465 21.26 8.71 39.77
C MET A 465 22.56 9.43 40.04
N PRO A 466 23.27 9.81 38.97
CA PRO A 466 24.63 10.36 39.03
C PRO A 466 24.65 11.82 39.48
N PHE A 467 23.50 12.31 39.92
CA PHE A 467 23.44 13.68 40.42
C PHE A 467 22.88 13.76 41.83
N ARG A 468 23.63 14.41 42.72
CA ARG A 468 23.22 14.57 44.12
C ARG A 468 23.34 16.00 44.65
N GLY A 469 22.62 16.27 45.72
CA GLY A 469 22.61 17.58 46.34
C GLY A 469 22.02 17.53 47.74
N TYR A 470 22.50 18.43 48.61
CA TYR A 470 22.03 18.52 49.99
C TYR A 470 21.61 19.94 50.34
N ALA A 471 20.96 20.08 51.50
CA ALA A 471 20.51 21.39 51.98
C ALA A 471 20.23 21.31 53.48
N VAL A 472 20.55 22.38 54.19
CA VAL A 472 20.37 22.41 55.63
C VAL A 472 19.17 23.28 56.01
N LEU A 473 18.01 22.64 56.20
CA LEU A 473 16.78 23.37 56.49
C LEU A 473 16.76 23.93 57.90
N GLY A 474 16.12 25.10 58.07
CA GLY A 474 16.20 25.82 59.33
C GLY A 474 17.64 26.24 59.53
N GLY A 475 17.92 26.91 60.65
CA GLY A 475 19.28 27.36 60.93
C GLY A 475 19.79 28.37 59.91
N GLU A 476 20.49 29.39 60.40
CA GLU A 476 20.98 30.48 59.54
C GLU A 476 22.04 30.03 58.54
N ALA A 477 21.93 28.77 58.13
CA ALA A 477 22.81 28.21 57.12
C ALA A 477 22.38 28.72 55.76
N GLY A 478 21.17 28.35 55.34
CA GLY A 478 20.76 28.57 53.96
C GLY A 478 21.80 27.94 53.05
N SER A 479 22.40 26.85 53.53
CA SER A 479 23.58 26.23 52.94
C SER A 479 23.24 25.10 51.97
N GLN A 480 23.39 25.41 50.69
CA GLN A 480 23.04 24.49 49.61
C GLN A 480 24.30 23.86 49.02
N GLU A 481 24.12 22.77 48.29
CA GLU A 481 25.18 22.23 47.44
C GLU A 481 24.64 21.23 46.44
N VAL A 482 25.01 21.41 45.18
CA VAL A 482 24.57 20.50 44.13
C VAL A 482 25.77 20.03 43.32
N GLN A 483 25.81 18.75 42.96
CA GLN A 483 26.98 18.28 42.23
C GLN A 483 26.82 17.00 41.41
N GLN A 484 27.84 16.70 40.61
CA GLN A 484 27.90 15.43 39.92
C GLN A 484 28.61 14.46 40.83
N VAL A 485 28.34 13.17 40.65
CA VAL A 485 28.87 12.16 41.57
C VAL A 485 29.65 11.06 40.90
N PRO A 486 30.95 10.97 41.21
CA PRO A 486 31.83 9.91 40.69
C PRO A 486 31.15 8.54 40.76
N GLY A 487 31.10 7.83 39.64
CA GLY A 487 30.47 6.52 39.61
C GLY A 487 31.21 5.55 40.51
N SER A 488 31.25 4.29 40.08
CA SER A 488 31.96 3.24 40.82
C SER A 488 31.57 3.22 42.29
N LYS A 489 32.22 2.35 43.06
CA LYS A 489 32.06 2.32 44.51
C LYS A 489 33.22 3.06 45.12
N ARG A 490 33.08 3.47 46.37
CA ARG A 490 34.18 4.14 47.09
C ARG A 490 34.33 3.51 48.46
N PRO A 491 35.58 3.41 48.96
CA PRO A 491 35.74 2.94 50.34
C PRO A 491 35.63 4.13 51.28
N VAL A 492 35.22 3.87 52.51
CA VAL A 492 35.17 4.91 53.52
C VAL A 492 36.32 4.74 54.51
N TRP A 493 37.04 5.82 54.75
CA TRP A 493 38.15 5.74 55.65
C TRP A 493 37.98 6.71 56.81
N PHE A 494 37.93 6.16 58.02
CA PHE A 494 37.86 6.94 59.25
C PHE A 494 39.25 7.36 59.67
N ILE A 495 39.46 8.67 59.79
CA ILE A 495 40.74 9.21 60.27
C ILE A 495 40.50 9.96 61.58
N CYS A 496 41.26 9.60 62.63
CA CYS A 496 41.03 10.19 63.96
C CYS A 496 42.11 11.14 64.47
N SER A 497 41.90 12.44 64.26
CA SER A 497 42.90 13.45 64.63
C SER A 497 43.16 13.52 66.14
N GLY A 498 44.41 13.78 66.45
CA GLY A 498 44.86 13.74 67.83
C GLY A 498 44.95 15.08 68.51
N MET A 499 46.07 15.29 69.19
CA MET A 499 46.25 16.41 70.12
C MET A 499 46.50 17.73 69.40
N GLY A 500 46.11 18.81 70.05
CA GLY A 500 46.21 20.13 69.47
C GLY A 500 44.88 20.44 68.86
N ALA A 501 43.99 19.45 68.91
CA ALA A 501 42.74 19.52 68.17
C ALA A 501 41.61 20.05 69.03
N GLN A 502 41.94 20.74 70.10
CA GLN A 502 40.93 21.15 71.07
C GLN A 502 40.65 22.63 70.95
N TRP A 503 39.67 23.08 71.73
CA TRP A 503 39.21 24.47 71.72
C TRP A 503 37.98 24.64 72.59
N GLN A 504 37.93 25.77 73.30
CA GLN A 504 36.78 26.13 74.15
C GLN A 504 35.40 26.04 73.49
N GLY A 505 34.57 25.12 73.96
CA GLY A 505 33.23 25.03 73.38
C GLY A 505 33.08 23.86 72.45
N MET A 506 33.82 22.79 72.74
CA MET A 506 33.84 21.60 71.90
C MET A 506 32.49 20.87 71.86
N GLY A 507 31.83 20.92 70.71
CA GLY A 507 30.56 20.24 70.53
C GLY A 507 29.57 20.60 71.63
N LEU A 508 29.49 21.87 71.94
CA LEU A 508 28.42 22.34 72.79
C LEU A 508 27.19 22.48 71.91
N SER A 509 27.41 22.70 70.62
CA SER A 509 26.27 22.81 69.73
C SER A 509 25.64 21.45 69.54
N LEU A 510 26.48 20.43 69.41
CA LEU A 510 26.01 19.07 69.11
C LEU A 510 25.36 18.38 70.30
N MET A 511 25.46 19.00 71.46
CA MET A 511 24.88 18.37 72.64
C MET A 511 23.39 18.20 72.40
N ARG A 512 22.80 19.09 71.60
CA ARG A 512 21.38 19.05 71.29
C ARG A 512 20.99 17.68 70.73
N LEU A 513 21.66 17.28 69.66
CA LEU A 513 21.42 15.97 69.04
C LEU A 513 21.43 14.82 70.03
N ASP A 514 20.30 14.10 70.13
CA ASP A 514 20.17 13.04 71.13
C ASP A 514 21.24 11.94 71.01
N ARG A 515 21.48 11.47 69.80
CA ARG A 515 22.45 10.39 69.62
C ARG A 515 23.83 10.76 70.19
N PHE A 516 24.18 12.04 70.08
CA PHE A 516 25.44 12.58 70.57
C PHE A 516 25.49 12.64 72.08
N ARG A 517 24.65 13.50 72.65
CA ARG A 517 24.55 13.67 74.10
C ARG A 517 24.53 12.30 74.75
N ASP A 518 23.58 11.46 74.34
CA ASP A 518 23.40 10.17 74.97
C ASP A 518 24.68 9.34 75.05
N SER A 519 25.62 9.61 74.15
CA SER A 519 26.88 8.88 74.13
C SER A 519 27.87 9.56 75.06
N ILE A 520 27.86 10.88 75.06
CA ILE A 520 28.70 11.63 75.97
C ILE A 520 28.30 11.34 77.42
N LEU A 521 27.04 11.00 77.66
CA LEU A 521 26.60 10.65 79.01
C LEU A 521 27.15 9.29 79.41
N ARG A 522 27.20 8.36 78.45
CA ARG A 522 27.69 7.01 78.74
C ARG A 522 29.17 7.06 79.04
N SER A 523 29.81 8.13 78.57
CA SER A 523 31.21 8.39 78.85
C SER A 523 31.37 8.89 80.29
N ASP A 524 30.37 9.60 80.78
CA ASP A 524 30.33 9.96 82.19
C ASP A 524 30.21 8.71 83.04
N GLN A 525 29.42 7.76 82.56
CA GLN A 525 29.14 6.58 83.35
C GLN A 525 30.41 5.78 83.65
N ALA A 526 31.40 5.90 82.77
CA ALA A 526 32.67 5.24 83.00
C ALA A 526 33.59 6.13 83.84
N LEU A 527 33.42 7.44 83.68
CA LEU A 527 34.25 8.39 84.41
C LEU A 527 33.73 8.74 85.81
N LYS A 528 32.58 8.23 86.19
CA LYS A 528 32.01 8.58 87.49
C LYS A 528 32.80 7.98 88.69
N PRO A 529 33.26 6.72 88.60
CA PRO A 529 33.95 6.18 89.78
C PRO A 529 35.27 6.91 90.05
N LEU A 530 35.71 7.72 89.08
CA LEU A 530 36.95 8.48 89.25
C LEU A 530 36.64 9.91 89.63
N GLY A 531 35.35 10.21 89.80
CA GLY A 531 34.88 11.54 90.19
C GLY A 531 35.14 12.62 89.15
N LEU A 532 34.55 12.46 87.97
CA LEU A 532 34.84 13.34 86.84
C LEU A 532 33.67 13.30 85.88
N ARG A 533 33.31 14.45 85.32
CA ARG A 533 32.19 14.46 84.41
C ARG A 533 32.57 15.15 83.11
N VAL A 534 32.66 14.39 82.03
CA VAL A 534 33.16 14.91 80.77
C VAL A 534 32.28 16.01 80.29
N SER A 535 31.00 15.87 80.54
CA SER A 535 30.07 16.88 80.07
C SER A 535 30.32 18.22 80.75
N ASP A 536 30.92 18.21 81.93
CA ASP A 536 31.29 19.47 82.57
C ASP A 536 32.57 20.02 81.93
N LEU A 537 33.54 19.14 81.72
CA LEU A 537 34.80 19.49 81.09
C LEU A 537 34.55 20.22 79.76
N LEU A 538 33.41 19.91 79.13
CA LEU A 538 33.07 20.43 77.81
C LEU A 538 32.43 21.76 77.97
N LEU A 539 31.83 21.98 79.13
CA LEU A 539 30.98 23.13 79.34
C LEU A 539 31.46 24.08 80.43
N SER A 540 32.31 23.62 81.34
CA SER A 540 32.99 24.56 82.23
C SER A 540 34.35 24.97 81.64
N THR A 541 34.65 24.38 80.48
CA THR A 541 35.79 24.71 79.65
C THR A 541 36.33 26.09 79.87
N ASP A 542 37.64 26.18 79.98
CA ASP A 542 38.34 27.45 79.89
C ASP A 542 39.76 27.21 79.37
N GLU A 543 40.61 28.23 79.39
CA GLU A 543 41.96 28.06 78.85
C GLU A 543 42.67 26.89 79.52
N ALA A 544 42.67 26.88 80.84
CA ALA A 544 43.44 25.92 81.62
C ALA A 544 43.06 24.47 81.38
N VAL A 545 41.87 24.22 80.85
CA VAL A 545 41.42 22.84 80.68
C VAL A 545 41.64 22.33 79.26
N LEU A 546 41.88 23.29 78.36
CA LEU A 546 42.41 22.99 77.07
C LEU A 546 43.89 22.64 77.25
N ASP A 547 44.50 23.20 78.30
CA ASP A 547 45.91 22.93 78.61
C ASP A 547 46.07 21.74 79.56
N ASP A 548 45.09 21.53 80.45
CA ASP A 548 45.13 20.37 81.35
C ASP A 548 45.06 19.12 80.49
N ILE A 549 46.10 18.31 80.61
CA ILE A 549 46.26 17.17 79.74
C ILE A 549 45.32 16.03 80.08
N VAL A 550 44.84 15.97 81.32
CA VAL A 550 43.91 14.93 81.71
C VAL A 550 42.50 15.26 81.29
N SER A 551 42.14 16.54 81.32
CA SER A 551 40.87 16.97 80.76
C SER A 551 40.84 16.73 79.25
N SER A 552 41.93 17.07 78.57
CA SER A 552 42.00 16.96 77.11
C SER A 552 41.88 15.53 76.60
N PHE A 553 42.76 14.64 77.02
CA PHE A 553 42.68 13.26 76.57
C PHE A 553 41.26 12.75 76.73
N VAL A 554 40.61 13.12 77.83
CA VAL A 554 39.22 12.75 78.08
C VAL A 554 38.27 13.51 77.16
N SER A 555 38.43 14.81 77.06
CA SER A 555 37.57 15.59 76.19
C SER A 555 37.60 15.09 74.75
N LEU A 556 38.79 15.05 74.16
CA LEU A 556 38.93 14.59 72.77
C LEU A 556 38.32 13.23 72.57
N THR A 557 38.86 12.26 73.29
CA THR A 557 38.40 10.89 73.15
C THR A 557 36.90 10.75 73.34
N SER A 558 36.34 11.44 74.33
CA SER A 558 34.91 11.30 74.63
C SER A 558 34.03 11.86 73.53
N ILE A 559 34.55 12.88 72.83
CA ILE A 559 33.88 13.52 71.68
C ILE A 559 34.02 12.67 70.42
N GLN A 560 35.26 12.29 70.13
CA GLN A 560 35.53 11.45 68.96
C GLN A 560 34.63 10.24 69.01
N ILE A 561 34.54 9.63 70.19
CA ILE A 561 33.71 8.46 70.39
C ILE A 561 32.24 8.76 70.13
N ALA A 562 31.83 10.00 70.36
CA ALA A 562 30.47 10.42 70.06
C ALA A 562 30.29 10.73 68.56
N LEU A 563 31.27 11.39 67.94
CA LEU A 563 31.20 11.61 66.50
C LEU A 563 31.06 10.25 65.84
N ILE A 564 31.94 9.31 66.20
CA ILE A 564 31.87 7.97 65.65
C ILE A 564 30.48 7.36 65.78
N ASP A 565 29.80 7.67 66.88
CA ASP A 565 28.47 7.14 67.10
C ASP A 565 27.44 7.71 66.11
N LEU A 566 27.49 9.03 65.89
CA LEU A 566 26.64 9.67 64.88
C LEU A 566 26.88 9.01 63.51
N LEU A 567 28.14 8.79 63.17
CA LEU A 567 28.49 8.17 61.89
C LEU A 567 27.88 6.78 61.78
N THR A 568 27.73 6.10 62.91
CA THR A 568 27.14 4.77 62.86
C THR A 568 25.62 4.82 62.83
N SER A 569 25.03 5.99 63.09
CA SER A 569 23.58 6.18 62.99
C SER A 569 23.21 6.50 61.56
N LEU A 570 24.13 7.16 60.87
CA LEU A 570 23.95 7.47 59.47
C LEU A 570 23.87 6.16 58.72
N GLY A 571 24.46 5.14 59.32
CA GLY A 571 24.44 3.81 58.75
C GLY A 571 25.70 3.59 57.93
N LEU A 572 26.79 4.20 58.40
CA LEU A 572 28.04 4.27 57.68
C LEU A 572 29.14 3.62 58.47
N GLN A 573 29.40 2.34 58.22
CA GLN A 573 30.56 1.71 58.83
C GLN A 573 31.79 1.78 57.92
N PRO A 574 33.00 1.81 58.51
CA PRO A 574 34.23 2.11 57.79
C PRO A 574 34.82 0.89 57.11
N ASP A 575 35.44 1.13 55.96
CA ASP A 575 36.14 0.10 55.23
C ASP A 575 37.57 0.05 55.74
N GLY A 576 38.13 1.22 55.98
CA GLY A 576 39.46 1.35 56.56
C GLY A 576 39.49 2.27 57.77
N ILE A 577 40.44 2.02 58.68
CA ILE A 577 40.64 2.85 59.87
C ILE A 577 42.12 3.24 60.14
N ILE A 578 42.33 4.51 60.49
CA ILE A 578 43.67 5.04 60.78
C ILE A 578 43.62 6.09 61.88
N GLY A 579 44.43 5.88 62.91
CA GLY A 579 44.48 6.80 64.03
C GLY A 579 45.71 7.67 64.00
N HIS A 580 45.64 8.86 64.57
CA HIS A 580 46.83 9.69 64.62
C HIS A 580 47.16 10.18 66.04
N SER A 581 47.97 9.38 66.75
CA SER A 581 48.34 9.65 68.14
C SER A 581 47.23 9.27 69.11
N LEU A 582 46.88 10.19 69.99
CA LEU A 582 45.89 9.92 71.01
C LEU A 582 44.57 9.49 70.39
N GLY A 583 44.45 9.68 69.08
CA GLY A 583 43.25 9.28 68.36
C GLY A 583 43.07 7.78 68.36
N GLU A 584 44.15 7.05 68.16
CA GLU A 584 44.11 5.60 68.04
C GLU A 584 43.14 5.00 69.02
N VAL A 585 43.14 5.53 70.23
CA VAL A 585 42.20 5.08 71.25
C VAL A 585 40.79 5.05 70.70
N ALA A 586 40.31 6.21 70.26
CA ALA A 586 39.02 6.27 69.61
C ALA A 586 38.90 5.23 68.47
N CYS A 587 39.97 5.07 67.69
CA CYS A 587 39.96 4.10 66.58
C CYS A 587 39.64 2.70 67.06
N GLY A 588 40.35 2.27 68.09
CA GLY A 588 40.15 0.96 68.67
C GLY A 588 38.72 0.79 69.14
N TYR A 589 38.02 1.90 69.24
CA TYR A 589 36.60 1.81 69.53
C TYR A 589 35.86 1.48 68.26
N ALA A 590 36.19 2.22 67.20
CA ALA A 590 35.54 2.05 65.90
C ALA A 590 35.84 0.70 65.27
N ASP A 591 37.02 0.15 65.55
CA ASP A 591 37.30 -1.17 65.04
C ASP A 591 36.63 -2.19 65.92
N GLY A 592 36.27 -1.76 67.13
CA GLY A 592 35.62 -2.63 68.07
C GLY A 592 36.53 -3.54 68.88
N CYS A 593 37.71 -3.05 69.29
CA CYS A 593 38.58 -3.75 70.23
C CYS A 593 38.46 -3.06 71.59
N LEU A 594 37.79 -1.92 71.61
CA LEU A 594 37.71 -1.15 72.82
C LEU A 594 36.29 -0.79 73.20
N THR A 595 35.91 -1.11 74.44
CA THR A 595 34.63 -0.69 75.00
C THR A 595 34.64 0.82 75.11
N GLN A 596 33.47 1.44 75.04
CA GLN A 596 33.41 2.86 75.31
C GLN A 596 34.11 3.13 76.65
N GLU A 597 33.77 2.35 77.68
CA GLU A 597 34.44 2.53 78.98
C GLU A 597 35.95 2.35 78.91
N GLU A 598 36.39 1.17 78.48
CA GLU A 598 37.83 0.88 78.42
C GLU A 598 38.53 1.96 77.61
N ALA A 599 37.86 2.44 76.58
CA ALA A 599 38.39 3.51 75.76
C ALA A 599 38.50 4.80 76.55
N VAL A 600 37.40 5.23 77.16
CA VAL A 600 37.40 6.49 77.90
C VAL A 600 38.42 6.46 79.03
N LEU A 601 38.32 5.44 79.89
CA LEU A 601 39.23 5.37 81.02
C LEU A 601 40.68 5.26 80.58
N SER A 602 40.94 4.64 79.43
CA SER A 602 42.29 4.61 78.88
C SER A 602 42.81 6.01 78.67
N SER A 603 42.06 6.80 77.92
CA SER A 603 42.49 8.15 77.63
C SER A 603 42.76 8.85 78.94
N TYR A 604 41.82 8.72 79.85
CA TYR A 604 41.94 9.35 81.15
C TYR A 604 43.26 9.07 81.85
N TRP A 605 43.59 7.79 82.03
CA TRP A 605 44.86 7.43 82.62
C TRP A 605 46.06 7.79 81.73
N ARG A 606 46.05 7.40 80.47
CA ARG A 606 47.10 7.83 79.56
C ARG A 606 47.49 9.27 79.85
N GLY A 607 46.49 10.12 80.08
CA GLY A 607 46.72 11.53 80.35
C GLY A 607 47.16 11.83 81.78
N TYR A 608 46.62 11.09 82.73
CA TYR A 608 46.94 11.27 84.14
C TYR A 608 48.40 10.96 84.48
N CYS A 609 48.79 9.70 84.30
CA CYS A 609 50.15 9.29 84.50
C CYS A 609 51.13 10.25 83.83
N ILE A 610 50.78 10.80 82.67
CA ILE A 610 51.68 11.74 82.03
C ILE A 610 51.76 13.02 82.85
N LYS A 611 50.60 13.51 83.30
CA LYS A 611 50.61 14.76 84.03
C LYS A 611 51.37 14.55 85.31
N GLU A 612 51.14 13.44 85.99
CA GLU A 612 51.79 13.30 87.29
C GLU A 612 53.27 12.97 87.24
N ALA A 613 53.80 12.67 86.06
CA ALA A 613 55.24 12.48 85.90
C ALA A 613 56.02 13.80 85.83
N ASN A 614 55.32 14.93 86.00
CA ASN A 614 55.92 16.26 85.93
C ASN A 614 57.02 16.45 84.90
N VAL A 615 57.01 15.58 83.87
CA VAL A 615 57.98 15.53 82.77
C VAL A 615 58.47 16.94 82.39
N LEU A 616 59.69 17.07 81.84
CA LEU A 616 60.24 18.42 81.62
C LEU A 616 59.61 19.17 80.43
N PRO A 617 59.53 20.50 80.52
CA PRO A 617 58.86 21.38 79.54
C PRO A 617 59.08 21.00 78.09
N GLY A 618 58.10 20.34 77.48
CA GLY A 618 58.15 19.96 76.07
C GLY A 618 57.22 20.81 75.24
N ALA A 619 57.17 20.53 73.94
CA ALA A 619 56.34 21.30 73.03
C ALA A 619 56.50 20.80 71.62
N MET A 620 55.38 20.61 70.91
CA MET A 620 55.46 20.10 69.56
C MET A 620 55.05 21.12 68.51
N ALA A 621 55.40 20.80 67.26
CA ALA A 621 55.08 21.62 66.11
C ALA A 621 55.05 20.76 64.86
N ALA A 622 54.15 21.11 63.96
CA ALA A 622 54.14 20.51 62.66
C ALA A 622 55.04 21.39 61.82
N VAL A 623 55.98 20.74 61.15
CA VAL A 623 56.96 21.44 60.35
C VAL A 623 57.06 20.72 59.03
N GLY A 624 57.14 21.47 57.93
CA GLY A 624 57.07 20.89 56.61
C GLY A 624 58.39 20.54 55.94
N LEU A 625 58.93 19.38 56.29
CA LEU A 625 60.14 18.82 55.67
C LEU A 625 60.04 17.29 55.66
N SER A 626 60.65 16.64 54.68
CA SER A 626 60.57 15.18 54.58
C SER A 626 61.12 14.58 55.87
N TRP A 627 60.60 13.41 56.26
CA TRP A 627 61.07 12.76 57.48
C TRP A 627 62.59 12.67 57.55
N GLU A 628 63.23 12.52 56.41
CA GLU A 628 64.67 12.39 56.39
C GLU A 628 65.36 13.75 56.46
N GLU A 629 64.68 14.78 55.97
CA GLU A 629 65.19 16.15 56.08
C GLU A 629 65.24 16.59 57.54
N CYS A 630 64.32 16.06 58.34
CA CYS A 630 64.32 16.30 59.78
C CYS A 630 65.54 15.69 60.46
N LYS A 631 65.70 14.37 60.36
CA LYS A 631 66.86 13.74 60.95
C LYS A 631 68.18 14.47 60.62
N GLN A 632 68.18 15.23 59.54
CA GLN A 632 69.40 15.92 59.15
C GLN A 632 69.56 17.27 59.83
N ARG A 633 68.48 18.02 59.93
CA ARG A 633 68.56 19.45 60.25
C ARG A 633 68.02 19.85 61.63
N CYS A 634 67.79 18.88 62.50
CA CYS A 634 67.24 19.20 63.80
C CYS A 634 68.28 19.38 64.88
N PRO A 635 68.19 20.49 65.64
CA PRO A 635 69.03 20.65 66.83
C PRO A 635 69.06 19.35 67.60
N PRO A 636 70.14 19.10 68.37
CA PRO A 636 70.12 17.85 69.15
C PRO A 636 68.93 17.87 70.11
N GLY A 637 68.34 16.70 70.36
CA GLY A 637 67.33 16.62 71.39
C GLY A 637 65.95 17.03 70.90
N ILE A 638 65.87 17.36 69.62
CA ILE A 638 64.58 17.63 68.99
C ILE A 638 64.22 16.53 67.99
N VAL A 639 63.53 15.52 68.48
CA VAL A 639 63.16 14.34 67.72
C VAL A 639 62.20 14.64 66.55
N PRO A 640 62.24 13.83 65.50
CA PRO A 640 61.11 13.86 64.58
C PRO A 640 60.08 12.91 65.14
N ALA A 641 58.84 13.35 65.35
CA ALA A 641 57.86 12.50 66.05
C ALA A 641 56.68 12.00 65.23
N CYS A 642 56.16 12.86 64.35
CA CYS A 642 55.01 12.50 63.52
C CYS A 642 55.30 12.58 62.03
N HIS A 643 54.99 11.50 61.33
CA HIS A 643 55.15 11.43 59.89
C HIS A 643 53.76 11.60 59.32
N ASN A 644 53.41 12.84 58.98
CA ASN A 644 52.08 13.14 58.50
C ASN A 644 51.97 12.96 56.99
N SER A 645 52.60 13.87 56.25
CA SER A 645 52.56 13.82 54.81
C SER A 645 53.89 13.36 54.26
N LYS A 646 54.04 13.40 52.94
CA LYS A 646 55.31 13.06 52.32
C LYS A 646 56.31 14.19 52.59
N ASP A 647 55.80 15.36 52.99
CA ASP A 647 56.66 16.52 53.28
C ASP A 647 56.23 17.38 54.47
N THR A 648 55.48 16.78 55.40
CA THR A 648 55.00 17.43 56.62
C THR A 648 55.17 16.53 57.85
N VAL A 649 56.01 16.97 58.79
CA VAL A 649 56.35 16.19 60.00
C VAL A 649 56.30 17.04 61.28
N THR A 650 55.74 16.46 62.35
CA THR A 650 55.66 17.12 63.66
C THR A 650 56.86 16.79 64.56
N ILE A 651 57.82 17.72 64.69
CA ILE A 651 58.94 17.53 65.59
C ILE A 651 58.50 17.73 67.03
N SER A 652 59.03 16.90 67.94
CA SER A 652 58.69 16.97 69.36
C SER A 652 59.95 17.31 70.15
N GLY A 653 59.82 18.10 71.23
CA GLY A 653 60.97 18.30 72.10
C GLY A 653 60.94 19.43 73.12
N PRO A 654 62.12 19.79 73.64
CA PRO A 654 62.38 20.82 74.64
C PRO A 654 61.73 22.17 74.38
N GLN A 655 60.74 22.52 75.19
CA GLN A 655 59.97 23.76 75.05
C GLN A 655 60.82 24.96 74.62
N ALA A 656 61.90 25.22 75.33
CA ALA A 656 62.65 26.43 75.02
C ALA A 656 63.46 26.26 73.73
N ALA A 657 63.72 25.03 73.32
CA ALA A 657 64.53 24.77 72.11
C ALA A 657 63.65 24.76 70.87
N MET A 658 62.35 24.65 71.07
CA MET A 658 61.43 24.92 70.01
C MET A 658 61.43 26.43 69.77
N SER A 659 60.94 27.20 70.75
CA SER A 659 60.76 28.65 70.57
C SER A 659 61.87 29.31 69.72
N GLU A 660 63.14 28.99 69.99
CA GLU A 660 64.30 29.56 69.27
C GLU A 660 64.78 28.74 68.07
N PHE A 661 64.12 27.62 67.79
CA PHE A 661 64.37 26.87 66.58
C PHE A 661 63.24 27.08 65.57
N LEU A 662 62.26 27.89 65.94
CA LEU A 662 61.23 28.29 65.00
C LEU A 662 61.41 29.78 64.67
N GLN A 663 61.68 30.63 65.66
CA GLN A 663 62.14 31.98 65.35
C GLN A 663 63.11 31.83 64.19
N GLN A 664 63.83 30.70 64.19
CA GLN A 664 64.88 30.38 63.21
C GLN A 664 64.40 29.69 61.91
N LEU A 665 63.23 29.05 61.94
CA LEU A 665 62.71 28.36 60.74
C LEU A 665 61.85 29.27 59.88
N LYS A 666 61.02 30.08 60.52
CA LYS A 666 60.16 31.00 59.80
C LYS A 666 61.05 31.78 58.82
N ARG A 667 62.23 32.16 59.28
CA ARG A 667 63.14 32.96 58.49
C ARG A 667 63.77 32.21 57.31
N GLU A 668 63.12 31.13 56.88
CA GLU A 668 63.50 30.46 55.65
C GLU A 668 62.28 29.91 54.96
N ASP A 669 61.11 30.43 55.32
CA ASP A 669 59.87 30.05 54.67
C ASP A 669 59.63 28.54 54.74
N VAL A 670 59.56 27.99 55.95
CA VAL A 670 59.18 26.58 56.14
C VAL A 670 57.82 26.42 56.84
N PHE A 671 57.03 25.47 56.36
CA PHE A 671 55.73 25.22 56.94
C PHE A 671 55.91 24.97 58.44
N VAL A 672 55.27 25.80 59.26
CA VAL A 672 55.34 25.67 60.72
C VAL A 672 54.10 26.16 61.44
N LYS A 673 53.33 25.21 61.96
CA LYS A 673 52.17 25.53 62.77
C LYS A 673 52.35 24.75 64.04
N GLU A 674 52.19 25.41 65.19
CA GLU A 674 52.47 24.76 66.45
C GLU A 674 51.27 23.96 66.87
N VAL A 675 51.49 22.80 67.49
CA VAL A 675 50.38 22.05 68.05
C VAL A 675 50.31 22.26 69.56
N ARG A 676 49.09 22.49 70.05
CA ARG A 676 48.87 22.69 71.47
C ARG A 676 48.96 21.37 72.26
N THR A 677 49.96 21.28 73.11
CA THR A 677 50.28 20.04 73.78
C THR A 677 50.24 20.23 75.25
N GLY A 678 49.94 21.45 75.68
CA GLY A 678 49.89 21.70 77.10
C GLY A 678 51.26 21.37 77.65
N GLY A 679 52.26 21.65 76.81
CA GLY A 679 53.65 21.72 77.22
C GLY A 679 54.47 20.44 77.19
N ILE A 680 53.89 19.35 76.66
CA ILE A 680 54.53 18.06 76.77
C ILE A 680 54.91 17.47 75.45
N ALA A 681 56.16 17.06 75.30
CA ALA A 681 56.67 16.46 74.05
C ALA A 681 56.25 15.01 73.85
N PHE A 682 55.04 14.79 73.33
CA PHE A 682 54.54 13.44 73.09
C PHE A 682 55.29 12.75 71.94
N HIS A 683 55.32 11.42 71.98
CA HIS A 683 55.98 10.62 70.97
C HIS A 683 57.46 10.94 70.83
N SER A 684 58.13 11.17 71.95
CA SER A 684 59.57 11.29 71.92
C SER A 684 60.14 10.40 73.00
N TYR A 685 61.45 10.49 73.19
CA TYR A 685 62.12 9.81 74.30
C TYR A 685 61.64 10.32 75.64
N PHE A 686 61.04 11.51 75.65
CA PHE A 686 60.57 12.08 76.89
C PHE A 686 59.66 11.08 77.62
N MET A 687 58.94 10.27 76.84
CA MET A 687 57.90 9.41 77.39
C MET A 687 58.37 8.14 78.14
N GLU A 688 59.58 7.66 77.88
CA GLU A 688 60.06 6.43 78.50
C GLU A 688 59.92 6.45 80.03
N SER A 689 60.02 7.63 80.62
CA SER A 689 59.97 7.78 82.07
C SER A 689 58.61 7.37 82.59
N ILE A 690 57.59 7.61 81.77
CA ILE A 690 56.20 7.36 82.13
C ILE A 690 55.75 5.91 81.84
N ALA A 691 56.19 5.39 80.71
CA ALA A 691 55.91 4.00 80.30
C ALA A 691 55.73 2.99 81.45
N PRO A 692 56.68 2.94 82.39
CA PRO A 692 56.53 1.97 83.46
C PRO A 692 55.21 2.16 84.16
N THR A 693 55.02 3.31 84.80
CA THR A 693 53.87 3.47 85.67
C THR A 693 52.55 3.37 84.89
N LEU A 694 52.57 3.77 83.61
CA LEU A 694 51.37 3.70 82.77
C LEU A 694 51.04 2.26 82.47
N LEU A 695 51.93 1.58 81.76
CA LEU A 695 51.77 0.15 81.52
C LEU A 695 51.26 -0.61 82.74
N ARG A 696 51.82 -0.35 83.92
CA ARG A 696 51.48 -1.11 85.11
C ARG A 696 50.04 -0.86 85.52
N GLN A 697 49.50 0.26 85.08
CA GLN A 697 48.17 0.72 85.45
C GLN A 697 47.09 0.47 84.39
N LEU A 698 47.44 0.67 83.11
CA LEU A 698 46.53 0.41 82.02
C LEU A 698 46.26 -1.08 81.96
N ARG A 699 47.10 -1.85 82.63
CA ARG A 699 46.91 -3.29 82.69
C ARG A 699 45.68 -3.64 83.54
N LYS A 700 45.24 -2.69 84.37
CA LYS A 700 44.07 -2.90 85.19
C LYS A 700 42.82 -2.40 84.46
N VAL A 701 42.98 -1.46 83.53
CA VAL A 701 41.84 -1.03 82.72
C VAL A 701 41.58 -2.05 81.59
N ILE A 702 42.64 -2.50 80.93
CA ILE A 702 42.44 -3.45 79.85
C ILE A 702 42.85 -4.90 80.17
N LEU A 703 42.00 -5.54 80.97
CA LEU A 703 41.86 -6.98 80.97
C LEU A 703 40.42 -7.03 80.53
N ASP A 704 40.12 -7.82 79.51
CA ASP A 704 41.10 -8.54 78.75
C ASP A 704 41.24 -7.77 77.46
N PRO A 705 42.23 -8.12 76.61
CA PRO A 705 42.43 -7.36 75.38
C PRO A 705 41.71 -8.02 74.21
N LYS A 706 41.08 -7.24 73.33
CA LYS A 706 40.39 -7.82 72.20
C LYS A 706 41.25 -7.78 70.95
N PRO A 707 41.06 -8.75 70.06
CA PRO A 707 41.73 -8.80 68.75
C PRO A 707 41.45 -7.55 67.93
N ARG A 708 42.45 -7.00 67.24
CA ARG A 708 42.20 -5.92 66.29
C ARG A 708 41.86 -6.58 64.97
N SER A 709 41.15 -5.87 64.10
CA SER A 709 40.80 -6.41 62.78
C SER A 709 41.72 -5.85 61.72
N LYS A 710 41.83 -6.56 60.61
CA LYS A 710 42.72 -6.14 59.53
C LYS A 710 42.22 -4.85 58.89
N ARG A 711 41.02 -4.42 59.30
CA ARG A 711 40.41 -3.18 58.83
C ARG A 711 41.10 -1.96 59.39
N TRP A 712 41.84 -2.15 60.49
CA TRP A 712 42.48 -1.06 61.23
C TRP A 712 43.99 -1.07 61.09
N LEU A 713 44.49 -0.06 60.40
CA LEU A 713 45.92 0.07 60.18
C LEU A 713 46.57 0.80 61.35
N SER A 714 47.53 0.17 62.00
CA SER A 714 48.18 0.84 63.10
C SER A 714 49.19 1.86 62.62
N THR A 715 49.30 2.95 63.37
CA THR A 715 50.28 3.98 63.10
C THR A 715 51.26 4.06 64.26
N SER A 716 51.20 3.08 65.16
CA SER A 716 52.08 3.03 66.33
C SER A 716 53.09 1.88 66.22
N ILE A 717 52.84 1.00 65.26
CA ILE A 717 53.69 -0.16 65.03
C ILE A 717 54.06 -0.24 63.56
N PRO A 718 55.36 -0.29 63.26
CA PRO A 718 55.80 -0.39 61.87
C PRO A 718 55.02 -1.45 61.12
N GLU A 719 54.69 -1.20 59.85
CA GLU A 719 53.94 -2.15 59.05
C GLU A 719 54.61 -3.53 59.07
N ALA A 720 55.91 -3.53 59.31
CA ALA A 720 56.67 -4.77 59.41
C ALA A 720 55.97 -5.75 60.35
N GLN A 721 55.84 -5.33 61.60
CA GLN A 721 55.44 -6.20 62.69
C GLN A 721 53.94 -6.17 62.95
N TRP A 722 53.15 -6.13 61.87
CA TRP A 722 51.70 -6.09 62.01
C TRP A 722 51.10 -7.45 62.39
N GLN A 723 51.80 -8.54 62.07
CA GLN A 723 51.33 -9.89 62.40
C GLN A 723 51.98 -10.36 63.68
N GLY A 724 52.43 -9.40 64.46
CA GLY A 724 53.18 -9.71 65.66
C GLY A 724 52.31 -10.06 66.84
N SER A 725 52.92 -10.12 68.02
CA SER A 725 52.21 -10.42 69.25
C SER A 725 51.64 -9.14 69.81
N LEU A 726 52.45 -8.09 69.78
CA LEU A 726 52.04 -6.79 70.30
C LEU A 726 50.97 -6.21 69.42
N ALA A 727 51.18 -6.30 68.11
CA ALA A 727 50.26 -5.69 67.16
C ALA A 727 48.87 -6.34 67.11
N ARG A 728 48.78 -7.59 67.54
CA ARG A 728 47.58 -8.40 67.32
C ARG A 728 46.36 -7.97 68.13
N THR A 729 46.56 -7.33 69.27
CA THR A 729 45.43 -7.04 70.17
C THR A 729 45.54 -5.66 70.83
N PHE A 730 44.40 -5.04 71.10
CA PHE A 730 44.42 -3.77 71.84
C PHE A 730 44.65 -4.06 73.31
N SER A 731 45.92 -4.18 73.70
CA SER A 731 46.31 -4.46 75.07
C SER A 731 46.93 -3.23 75.71
N ALA A 732 47.14 -3.27 77.02
CA ALA A 732 47.77 -2.17 77.69
C ALA A 732 49.09 -1.90 77.00
N GLU A 733 49.89 -2.96 76.88
CA GLU A 733 51.18 -2.91 76.21
C GLU A 733 51.11 -2.10 74.91
N TYR A 734 50.04 -2.26 74.15
CA TYR A 734 49.87 -1.48 72.91
C TYR A 734 49.60 0.00 73.22
N SER A 735 48.64 0.27 74.10
CA SER A 735 48.26 1.64 74.41
C SER A 735 49.49 2.42 74.79
N VAL A 736 50.35 1.80 75.60
CA VAL A 736 51.55 2.48 76.09
C VAL A 736 52.53 2.74 74.95
N ASN A 737 52.74 1.73 74.13
CA ASN A 737 53.61 1.88 72.97
C ASN A 737 53.21 3.08 72.11
N ASN A 738 51.93 3.19 71.83
CA ASN A 738 51.42 4.32 71.07
C ASN A 738 51.90 5.67 71.61
N LEU A 739 52.03 5.79 72.92
CA LEU A 739 52.45 7.07 73.47
C LEU A 739 53.95 7.29 73.39
N VAL A 740 54.70 6.24 73.07
CA VAL A 740 56.14 6.32 73.18
C VAL A 740 56.82 6.34 71.81
N SER A 741 56.25 5.62 70.86
CA SER A 741 56.87 5.46 69.54
C SER A 741 56.40 6.51 68.57
N PRO A 742 57.09 6.62 67.43
CA PRO A 742 56.69 7.63 66.46
C PRO A 742 55.40 7.23 65.77
N VAL A 743 54.50 8.19 65.55
CA VAL A 743 53.29 7.95 64.78
C VAL A 743 53.58 7.93 63.28
N LEU A 744 53.41 6.76 62.69
CA LEU A 744 53.67 6.55 61.27
C LEU A 744 52.36 6.74 60.53
N PHE A 745 52.05 8.00 60.22
CA PHE A 745 50.80 8.38 59.58
C PHE A 745 50.88 8.20 58.08
N GLN A 746 51.78 8.94 57.44
CA GLN A 746 51.92 8.86 56.00
C GLN A 746 52.00 7.40 55.59
N GLU A 747 52.69 6.60 56.39
CA GLU A 747 52.83 5.18 56.10
C GLU A 747 51.48 4.51 55.87
N ALA A 748 50.54 4.77 56.77
CA ALA A 748 49.21 4.19 56.63
C ALA A 748 48.46 4.82 55.47
N LEU A 749 48.59 6.14 55.29
CA LEU A 749 47.91 6.80 54.19
C LEU A 749 48.26 6.14 52.86
N GLN A 750 49.46 5.56 52.81
CA GLN A 750 49.92 4.83 51.64
C GLN A 750 48.88 3.81 51.20
N HIS A 751 48.47 2.96 52.13
CA HIS A 751 47.46 1.93 51.89
C HIS A 751 46.05 2.44 51.51
N VAL A 752 45.84 3.76 51.48
CA VAL A 752 44.50 4.27 51.19
C VAL A 752 44.21 4.28 49.70
N PRO A 753 43.15 3.57 49.27
CA PRO A 753 42.81 3.38 47.85
C PRO A 753 42.63 4.72 47.15
N ALA A 754 42.20 4.67 45.89
CA ALA A 754 42.26 5.86 45.08
C ALA A 754 40.93 6.60 44.90
N HIS A 755 39.81 5.91 45.05
CA HIS A 755 38.52 6.62 45.00
C HIS A 755 37.92 6.71 46.38
N ALA A 756 38.81 6.91 47.35
CA ALA A 756 38.39 6.76 48.71
C ALA A 756 37.87 8.08 49.25
N VAL A 757 36.94 7.96 50.21
CA VAL A 757 36.40 9.10 50.93
C VAL A 757 36.93 9.07 52.34
N VAL A 758 37.67 10.10 52.71
CA VAL A 758 38.29 10.16 54.02
C VAL A 758 37.57 11.17 54.91
N VAL A 759 36.99 10.70 56.02
CA VAL A 759 36.42 11.57 57.05
C VAL A 759 37.39 11.80 58.19
N GLU A 760 37.60 13.06 58.56
CA GLU A 760 38.38 13.35 59.75
C GLU A 760 37.45 13.36 60.98
N ILE A 761 37.60 12.35 61.83
CA ILE A 761 36.77 12.22 63.01
C ILE A 761 37.46 12.92 64.16
N ALA A 762 37.15 14.21 64.37
CA ALA A 762 37.78 14.98 65.44
C ALA A 762 37.08 16.29 65.71
N PRO A 763 37.20 16.79 66.95
CA PRO A 763 36.57 18.04 67.40
C PRO A 763 37.09 19.20 66.59
N HIS A 764 38.05 18.93 65.72
CA HIS A 764 38.58 19.94 64.81
C HIS A 764 39.49 19.42 63.70
N ALA A 765 39.24 19.90 62.50
CA ALA A 765 39.86 19.40 61.28
C ALA A 765 41.33 19.78 61.12
N LEU A 766 42.17 19.24 61.98
CA LEU A 766 43.59 19.53 61.99
C LEU A 766 44.28 18.97 60.76
N LEU A 767 44.02 17.69 60.51
CA LEU A 767 44.72 16.97 59.44
C LEU A 767 44.12 17.17 58.05
N GLN A 768 43.35 18.23 57.85
CA GLN A 768 42.83 18.50 56.52
C GLN A 768 43.97 18.89 55.57
N ALA A 769 44.86 19.76 56.05
CA ALA A 769 46.04 20.15 55.28
C ALA A 769 46.74 18.88 54.80
N VAL A 770 47.14 18.07 55.78
CA VAL A 770 47.94 16.87 55.55
C VAL A 770 47.33 15.85 54.61
N LEU A 771 46.08 15.49 54.88
CA LEU A 771 45.40 14.45 54.11
C LEU A 771 45.27 14.86 52.65
N LYS A 772 44.85 16.10 52.42
CA LYS A 772 44.67 16.56 51.05
C LYS A 772 46.01 16.59 50.33
N ARG A 773 47.06 17.04 51.03
CA ARG A 773 48.41 17.09 50.46
C ARG A 773 48.90 15.68 50.13
N SER A 774 48.78 14.77 51.10
CA SER A 774 49.45 13.48 51.05
C SER A 774 48.64 12.34 50.43
N LEU A 775 47.59 12.66 49.70
CA LEU A 775 46.71 11.62 49.16
C LEU A 775 46.32 11.99 47.73
N GLU A 776 45.62 11.09 47.04
CA GLU A 776 45.23 11.35 45.65
C GLU A 776 44.31 12.54 45.55
N SER A 777 44.40 13.26 44.43
CA SER A 777 43.41 14.30 44.14
C SER A 777 42.02 13.68 43.96
N SER A 778 42.01 12.38 43.71
CA SER A 778 40.79 11.63 43.39
C SER A 778 39.97 11.27 44.61
N CYS A 779 40.51 11.61 45.77
CA CYS A 779 39.87 11.33 47.06
C CYS A 779 39.23 12.58 47.65
N THR A 780 38.00 12.44 48.14
CA THR A 780 37.33 13.56 48.77
C THR A 780 37.60 13.53 50.27
N ILE A 781 37.96 14.68 50.83
CA ILE A 781 38.24 14.78 52.26
C ILE A 781 37.29 15.72 53.02
N ILE A 782 36.75 15.18 54.09
CA ILE A 782 35.60 15.77 54.80
C ILE A 782 35.80 15.96 56.30
N PRO A 783 35.68 17.21 56.77
CA PRO A 783 35.77 17.48 58.20
C PRO A 783 34.47 17.07 58.83
N LEU A 784 34.40 17.07 60.15
CA LEU A 784 33.13 16.85 60.82
C LEU A 784 32.77 18.01 61.72
N MET A 785 33.77 18.67 62.30
CA MET A 785 33.55 19.88 63.09
C MET A 785 34.62 20.93 62.80
N LYS A 786 34.25 22.20 62.77
CA LYS A 786 35.22 23.28 62.62
C LYS A 786 35.32 24.06 63.91
N LYS A 787 36.54 24.22 64.42
CA LYS A 787 36.73 24.84 65.72
C LYS A 787 36.21 26.25 65.66
N ASP A 788 35.69 26.72 66.79
CA ASP A 788 35.18 28.08 66.89
C ASP A 788 33.98 28.40 65.97
N HIS A 789 33.42 27.37 65.32
CA HIS A 789 32.25 27.60 64.49
C HIS A 789 31.05 27.99 65.33
N ARG A 790 30.25 28.91 64.80
CA ARG A 790 29.06 29.44 65.45
C ARG A 790 28.09 28.34 65.88
N ASP A 791 28.03 27.26 65.10
CA ASP A 791 27.08 26.17 65.36
C ASP A 791 27.48 24.87 64.69
N ASN A 792 28.33 24.11 65.34
CA ASN A 792 28.83 22.85 64.80
C ASN A 792 27.72 21.94 64.26
N LEU A 793 26.54 22.05 64.85
CA LEU A 793 25.45 21.21 64.44
C LEU A 793 25.11 21.46 62.97
N GLU A 794 25.31 22.69 62.50
CA GLU A 794 25.06 22.99 61.09
C GLU A 794 26.23 22.55 60.26
N PHE A 795 27.43 22.72 60.80
CA PHE A 795 28.64 22.39 60.07
C PHE A 795 28.81 20.89 59.94
N PHE A 796 28.25 20.14 60.89
CA PHE A 796 28.28 18.69 60.80
C PHE A 796 27.26 18.18 59.81
N LEU A 797 26.07 18.77 59.80
CA LEU A 797 25.05 18.38 58.83
C LEU A 797 25.52 18.79 57.44
N SER A 798 26.16 19.95 57.36
CA SER A 798 26.77 20.40 56.11
C SER A 798 27.64 19.30 55.55
N ASN A 799 28.43 18.70 56.41
CA ASN A 799 29.36 17.67 55.98
C ASN A 799 28.73 16.30 55.88
N VAL A 800 27.67 16.07 56.65
CA VAL A 800 26.92 14.85 56.45
C VAL A 800 26.37 14.92 55.04
N GLY A 801 25.99 16.13 54.64
CA GLY A 801 25.52 16.38 53.30
C GLY A 801 26.59 16.10 52.27
N ARG A 802 27.78 16.62 52.52
CA ARG A 802 28.93 16.39 51.64
C ARG A 802 29.23 14.90 51.50
N LEU A 803 29.15 14.15 52.58
CA LEU A 803 29.42 12.70 52.52
C LEU A 803 28.46 12.01 51.54
N HIS A 804 27.37 12.71 51.24
CA HIS A 804 26.41 12.25 50.27
C HIS A 804 26.87 12.58 48.85
N LEU A 805 27.20 13.85 48.61
CA LEU A 805 27.71 14.29 47.31
C LEU A 805 28.93 13.48 46.92
N ALA A 806 29.59 12.93 47.93
CA ALA A 806 30.76 12.11 47.71
C ALA A 806 30.30 10.86 47.00
N GLY A 807 29.19 10.30 47.45
CA GLY A 807 28.65 9.12 46.82
C GLY A 807 28.36 8.03 47.84
N VAL A 808 28.73 8.31 49.09
CA VAL A 808 28.55 7.35 50.17
C VAL A 808 27.11 7.20 50.55
N SER A 809 26.79 6.09 51.21
CA SER A 809 25.41 5.88 51.57
C SER A 809 25.16 6.32 53.01
N VAL A 810 24.63 7.53 53.18
CA VAL A 810 24.28 8.05 54.51
C VAL A 810 22.84 8.57 54.56
N ASN A 811 22.18 8.39 55.71
CA ASN A 811 20.79 8.79 55.87
C ASN A 811 20.47 9.52 57.17
N PRO A 812 20.30 10.84 57.10
CA PRO A 812 20.13 11.79 58.22
C PRO A 812 18.99 11.46 59.18
N ASN A 813 17.99 10.72 58.72
CA ASN A 813 16.88 10.41 59.60
C ASN A 813 17.29 9.61 60.87
N GLY A 814 18.53 9.15 60.92
CA GLY A 814 19.02 8.40 62.06
C GLY A 814 19.61 9.30 63.14
N LEU A 815 19.70 10.59 62.84
CA LEU A 815 20.20 11.54 63.80
C LEU A 815 19.06 11.98 64.69
N PHE A 816 17.90 12.21 64.09
CA PHE A 816 16.74 12.73 64.83
C PHE A 816 15.69 11.65 65.04
N PRO A 817 14.82 11.82 66.06
CA PRO A 817 13.81 10.81 66.43
C PRO A 817 12.99 10.32 65.23
N PRO A 818 12.63 9.03 65.21
CA PRO A 818 11.88 8.44 64.09
C PRO A 818 10.59 9.19 63.79
N VAL A 819 10.16 9.17 62.54
CA VAL A 819 8.94 9.83 62.10
C VAL A 819 7.75 8.89 62.21
N GLU A 820 6.58 9.44 62.50
CA GLU A 820 5.43 8.60 62.73
C GLU A 820 4.69 8.30 61.44
N PHE A 821 5.13 7.24 60.78
CA PHE A 821 4.49 6.76 59.57
C PHE A 821 3.24 6.05 60.02
N PRO A 822 2.09 6.27 59.33
CA PRO A 822 1.86 7.03 58.09
C PRO A 822 1.97 8.55 58.20
N ALA A 823 2.38 9.15 57.09
CA ALA A 823 2.53 10.59 56.96
C ALA A 823 1.17 11.28 57.00
N PRO A 824 1.14 12.52 57.51
CA PRO A 824 -0.11 13.27 57.62
C PRO A 824 -0.76 13.42 56.26
N ARG A 825 -2.09 13.55 56.23
CA ARG A 825 -2.83 13.80 54.99
C ARG A 825 -2.65 15.25 54.58
N GLY A 826 -2.42 15.47 53.28
CA GLY A 826 -2.16 16.81 52.76
C GLY A 826 -0.69 17.14 52.88
N THR A 827 0.11 16.09 52.92
CA THR A 827 1.56 16.24 52.99
C THR A 827 2.04 16.16 51.54
N PRO A 828 2.73 17.21 51.07
CA PRO A 828 3.05 17.51 49.67
C PRO A 828 3.37 16.32 48.75
N LEU A 829 2.82 16.33 47.55
CA LEU A 829 3.08 15.29 46.57
C LEU A 829 4.56 15.23 46.28
N ILE A 830 4.99 14.11 45.70
CA ILE A 830 6.39 13.91 45.35
C ILE A 830 6.63 13.67 43.85
N SER A 831 5.84 12.78 43.26
CA SER A 831 6.07 12.41 41.85
C SER A 831 6.27 13.59 40.89
N PRO A 832 5.56 14.70 41.11
CA PRO A 832 5.65 15.83 40.18
C PRO A 832 6.99 16.57 40.25
N HIS A 833 7.85 16.16 41.16
CA HIS A 833 9.12 16.83 41.30
C HIS A 833 10.30 15.91 40.98
N ILE A 834 9.98 14.73 40.46
CA ILE A 834 11.02 13.80 40.03
C ILE A 834 11.28 13.99 38.54
N LYS A 835 12.11 14.98 38.20
CA LYS A 835 12.35 15.33 36.81
C LYS A 835 13.52 14.54 36.24
N TRP A 836 13.40 14.08 35.00
CA TRP A 836 14.42 13.24 34.38
C TRP A 836 15.19 13.93 33.26
N ASP A 837 16.01 13.13 32.57
CA ASP A 837 16.66 13.57 31.35
C ASP A 837 15.85 13.13 30.13
N HIS A 838 14.86 13.94 29.79
CA HIS A 838 14.00 13.67 28.67
C HIS A 838 14.57 14.37 27.46
N SER A 839 15.78 14.89 27.61
CA SER A 839 16.51 15.54 26.52
C SER A 839 16.24 14.92 25.15
N GLN A 840 16.46 13.62 25.05
CA GLN A 840 16.32 12.94 23.77
C GLN A 840 14.89 12.46 23.48
N ALA A 841 14.42 12.72 22.27
CA ALA A 841 13.06 12.38 21.84
C ALA A 841 13.02 11.17 20.89
N TRP A 842 11.99 10.33 21.04
CA TRP A 842 11.96 9.01 20.41
C TRP A 842 10.80 8.77 19.44
N ASP A 843 10.81 7.58 18.86
CA ASP A 843 9.87 7.24 17.81
C ASP A 843 8.47 6.98 18.31
N VAL A 844 7.61 7.91 17.92
CA VAL A 844 6.18 7.84 18.16
C VAL A 844 5.52 7.39 16.87
N PRO A 845 5.16 6.10 16.76
CA PRO A 845 4.33 5.72 15.60
C PRO A 845 3.38 6.83 15.11
N SER A 846 3.41 7.09 13.79
CA SER A 846 2.78 8.26 13.17
C SER A 846 1.43 7.96 12.53
N ALA A 847 0.54 8.95 12.57
CA ALA A 847 -0.82 8.80 12.04
C ALA A 847 -0.91 7.98 10.74
N ALA A 848 0.03 8.22 9.83
CA ALA A 848 -0.03 7.57 8.54
C ALA A 848 0.65 6.20 8.53
N ASP A 849 1.14 5.77 9.69
CA ASP A 849 1.86 4.49 9.82
C ASP A 849 0.93 3.29 9.82
N PHE A 850 -0.37 3.57 9.93
CA PHE A 850 -1.34 2.51 10.09
C PHE A 850 -2.21 2.37 8.86
N PRO A 851 -2.61 1.13 8.53
CA PRO A 851 -3.32 0.81 7.29
C PRO A 851 -4.42 1.83 6.97
N SER A 852 -4.32 2.51 5.83
CA SER A 852 -5.28 3.57 5.48
C SER A 852 -5.90 3.46 4.08
N GLY A 853 -5.99 2.26 3.52
CA GLY A 853 -6.56 2.05 2.20
C GLY A 853 -7.02 0.62 2.02
N SER A 854 -6.04 -0.28 1.95
CA SER A 854 -6.26 -1.72 2.09
C SER A 854 -5.05 -2.49 1.58
N SER A 855 -5.32 -3.75 1.21
CA SER A 855 -4.35 -4.59 0.53
C SER A 855 -3.93 -3.96 -0.81
N CYS A 856 -2.63 -3.77 -1.03
CA CYS A 856 -2.13 -3.17 -2.27
C CYS A 856 -0.71 -3.61 -2.66
N SER A 857 -0.64 -4.74 -3.36
CA SER A 857 0.63 -5.32 -3.76
C SER A 857 1.48 -4.38 -4.60
N SER A 858 0.95 -3.19 -4.92
CA SER A 858 1.57 -2.36 -5.96
C SER A 858 2.05 -0.97 -5.58
N VAL A 859 2.27 -0.69 -4.30
CA VAL A 859 2.82 0.61 -3.90
C VAL A 859 3.70 0.48 -2.68
N ALA A 860 4.75 1.30 -2.65
CA ALA A 860 5.78 1.22 -1.64
C ALA A 860 6.30 2.62 -1.36
N VAL A 861 6.33 2.97 -0.08
CA VAL A 861 7.00 4.18 0.33
C VAL A 861 8.27 3.80 1.04
N TYR A 862 9.36 4.40 0.60
CA TYR A 862 10.66 4.24 1.23
C TYR A 862 11.01 5.54 1.93
N LYS A 863 11.42 5.44 3.19
CA LYS A 863 11.83 6.62 3.95
C LYS A 863 13.32 6.56 4.21
N PHE A 864 14.04 7.46 3.55
CA PHE A 864 15.50 7.48 3.69
C PHE A 864 16.05 8.42 4.75
N ASP A 865 16.82 7.85 5.67
CA ASP A 865 17.51 8.64 6.68
C ASP A 865 19.00 8.63 6.39
N VAL A 866 19.62 9.80 6.31
CA VAL A 866 21.06 9.84 5.99
C VAL A 866 22.04 10.05 7.15
N SER A 867 21.53 10.43 8.32
CA SER A 867 22.38 10.67 9.50
C SER A 867 23.26 9.46 9.85
N PRO A 868 24.47 9.74 10.35
CA PRO A 868 25.60 8.81 10.60
C PRO A 868 25.25 7.48 11.24
N GLU A 869 24.06 7.36 11.84
CA GLU A 869 23.67 6.15 12.53
C GLU A 869 23.03 5.16 11.56
N SER A 870 22.21 5.70 10.66
CA SER A 870 21.39 4.89 9.75
C SER A 870 22.21 3.97 8.87
N PRO A 871 21.64 2.80 8.55
CA PRO A 871 22.12 1.84 7.55
C PRO A 871 22.34 2.52 6.20
N ASP A 872 21.53 3.55 5.96
CA ASP A 872 21.55 4.26 4.70
C ASP A 872 22.47 5.49 4.80
N HIS A 873 23.48 5.41 5.66
CA HIS A 873 24.52 6.46 5.72
C HIS A 873 25.44 6.37 4.51
N TYR A 874 25.63 5.16 4.00
CA TYR A 874 26.43 4.98 2.79
C TYR A 874 26.11 6.03 1.75
N LEU A 875 24.83 6.38 1.64
CA LEU A 875 24.41 7.34 0.64
C LEU A 875 25.14 8.69 0.70
N VAL A 876 25.68 9.07 1.85
CA VAL A 876 26.29 10.38 1.95
C VAL A 876 27.57 10.48 1.12
N ASP A 877 27.95 9.37 0.50
CA ASP A 877 29.14 9.36 -0.33
C ASP A 877 28.81 9.65 -1.79
N HIS A 878 27.53 9.85 -2.08
CA HIS A 878 27.14 10.28 -3.41
C HIS A 878 27.03 11.78 -3.39
N CYS A 879 28.15 12.45 -3.11
CA CYS A 879 28.16 13.90 -3.00
C CYS A 879 28.46 14.55 -4.35
N ILE A 880 27.44 14.97 -5.08
CA ILE A 880 27.62 15.72 -6.32
C ILE A 880 27.57 17.23 -6.16
N ASP A 881 28.57 17.90 -6.72
CA ASP A 881 28.79 19.34 -6.54
C ASP A 881 28.71 19.86 -5.10
N GLY A 882 28.74 18.96 -4.13
CA GLY A 882 28.69 19.37 -2.75
C GLY A 882 27.38 19.12 -2.03
N ARG A 883 26.32 18.79 -2.78
CA ARG A 883 25.07 18.32 -2.19
C ARG A 883 25.15 16.81 -2.12
N VAL A 884 24.27 16.18 -1.35
CA VAL A 884 24.22 14.74 -1.33
C VAL A 884 23.05 14.21 -2.14
N LEU A 885 23.16 14.20 -3.46
CA LEU A 885 22.03 13.71 -4.24
C LEU A 885 21.83 12.23 -4.07
N PHE A 886 20.56 11.85 -3.87
CA PHE A 886 20.18 10.46 -3.93
C PHE A 886 20.41 10.01 -5.38
N PRO A 887 21.13 8.89 -5.54
CA PRO A 887 21.76 8.29 -6.73
C PRO A 887 20.80 8.07 -7.86
N GLY A 888 21.15 8.55 -9.06
CA GLY A 888 20.31 8.28 -10.20
C GLY A 888 19.96 6.81 -10.14
N THR A 889 21.01 6.01 -10.14
CA THR A 889 20.92 4.58 -9.96
C THR A 889 19.96 4.18 -8.86
N GLY A 890 20.03 4.90 -7.76
CA GLY A 890 19.21 4.62 -6.60
C GLY A 890 17.75 4.34 -6.90
N TYR A 891 17.10 5.16 -7.74
CA TYR A 891 15.66 4.99 -8.02
C TYR A 891 15.35 3.65 -8.65
N LEU A 892 16.23 3.21 -9.54
CA LEU A 892 16.06 1.88 -10.11
C LEU A 892 16.12 0.82 -9.03
N TRP A 893 17.01 0.97 -8.06
CA TRP A 893 17.13 -0.03 -6.99
C TRP A 893 15.86 -0.14 -6.15
N LEU A 894 15.30 1.00 -5.77
CA LEU A 894 14.00 1.02 -5.15
C LEU A 894 12.97 0.36 -6.05
N THR A 895 12.78 0.92 -7.23
CA THR A 895 11.77 0.42 -8.15
C THR A 895 11.92 -1.09 -8.27
N TRP A 896 13.15 -1.54 -8.50
CA TRP A 896 13.39 -2.95 -8.60
C TRP A 896 12.84 -3.65 -7.38
N LYS A 897 13.36 -3.28 -6.22
CA LYS A 897 12.91 -3.81 -4.93
C LYS A 897 11.39 -3.88 -4.96
N THR A 898 10.77 -2.73 -5.18
CA THR A 898 9.32 -2.60 -5.22
C THR A 898 8.58 -3.61 -6.11
N LEU A 899 9.28 -4.12 -7.11
CA LEU A 899 8.65 -5.02 -8.06
C LEU A 899 8.62 -6.42 -7.49
N ALA A 900 9.73 -6.83 -6.91
CA ALA A 900 9.79 -8.14 -6.29
C ALA A 900 8.84 -8.19 -5.08
N ARG A 901 8.54 -7.04 -4.48
CA ARG A 901 7.56 -7.00 -3.40
C ARG A 901 6.28 -7.56 -4.00
N ALA A 902 5.72 -6.79 -4.93
CA ALA A 902 4.48 -7.14 -5.61
C ALA A 902 4.45 -8.59 -6.07
N LEU A 903 5.63 -9.15 -6.31
CA LEU A 903 5.75 -10.52 -6.78
C LEU A 903 5.95 -11.57 -5.68
N SER A 904 6.00 -11.14 -4.43
CA SER A 904 6.18 -12.08 -3.36
C SER A 904 7.62 -12.66 -3.33
N GLN A 905 8.40 -12.38 -4.37
CA GLN A 905 9.80 -12.88 -4.49
C GLN A 905 10.85 -11.89 -4.00
N ASN A 906 12.04 -12.38 -3.69
CA ASN A 906 13.12 -11.50 -3.25
C ASN A 906 13.93 -10.96 -4.44
N LEU A 907 14.84 -10.03 -4.16
CA LEU A 907 15.54 -9.32 -5.22
C LEU A 907 16.43 -10.25 -6.02
N GLU A 908 16.88 -11.34 -5.40
CA GLU A 908 17.84 -12.23 -6.04
C GLU A 908 17.22 -13.32 -6.92
N GLU A 909 15.93 -13.19 -7.21
CA GLU A 909 15.24 -14.21 -7.99
C GLU A 909 14.42 -13.55 -9.07
N THR A 910 14.43 -12.23 -9.08
CA THR A 910 13.59 -11.45 -10.00
C THR A 910 14.45 -10.63 -10.94
N PRO A 911 15.08 -11.29 -11.91
CA PRO A 911 15.90 -10.57 -12.87
C PRO A 911 15.00 -9.61 -13.60
N VAL A 912 15.37 -8.33 -13.65
CA VAL A 912 14.45 -7.30 -14.09
C VAL A 912 14.87 -6.69 -15.43
N VAL A 913 13.93 -6.00 -16.06
CA VAL A 913 14.16 -5.26 -17.31
C VAL A 913 13.55 -3.87 -17.16
N PHE A 914 14.32 -2.82 -17.39
CA PHE A 914 13.75 -1.48 -17.39
C PHE A 914 13.68 -1.06 -18.84
N GLU A 915 12.82 -0.10 -19.16
CA GLU A 915 12.66 0.35 -20.54
C GLU A 915 12.21 1.77 -20.52
N ASP A 916 12.90 2.61 -21.27
CA ASP A 916 12.46 3.98 -21.41
C ASP A 916 12.45 4.69 -20.07
N VAL A 917 13.27 4.24 -19.12
CA VAL A 917 13.31 4.95 -17.86
C VAL A 917 13.78 6.38 -18.07
N THR A 918 13.23 7.29 -17.27
CA THR A 918 13.47 8.72 -17.38
C THR A 918 13.49 9.36 -15.99
N LEU A 919 14.62 9.94 -15.58
CA LEU A 919 14.69 10.64 -14.29
C LEU A 919 14.47 12.15 -14.50
N HIS A 920 13.59 12.75 -13.69
CA HIS A 920 13.11 14.11 -13.94
C HIS A 920 13.77 15.19 -13.07
N GLN A 921 13.72 15.05 -11.75
CA GLN A 921 14.60 15.82 -10.87
C GLN A 921 15.35 14.80 -10.04
N ALA A 922 16.51 15.17 -9.50
CA ALA A 922 17.14 14.29 -8.52
C ALA A 922 16.79 14.80 -7.15
N THR A 923 17.08 14.01 -6.13
CA THR A 923 16.58 14.32 -4.83
C THR A 923 17.74 14.70 -3.96
N ILE A 924 17.64 15.82 -3.25
CA ILE A 924 18.74 16.26 -2.39
C ILE A 924 18.57 15.77 -0.95
N LEU A 925 19.47 14.90 -0.49
CA LEU A 925 19.42 14.45 0.90
C LEU A 925 20.03 15.49 1.82
N PRO A 926 19.23 15.97 2.79
CA PRO A 926 19.59 16.93 3.84
C PRO A 926 20.48 16.29 4.88
N LYS A 927 21.45 17.05 5.39
CA LYS A 927 22.37 16.56 6.42
C LYS A 927 21.66 15.68 7.45
N THR A 928 20.52 16.15 7.95
CA THR A 928 19.69 15.41 8.91
C THR A 928 18.25 15.30 8.42
N GLY A 929 17.46 14.50 9.12
CA GLY A 929 16.05 14.33 8.80
C GLY A 929 15.75 13.18 7.86
N THR A 930 14.48 13.01 7.50
CA THR A 930 14.07 11.91 6.64
C THR A 930 13.34 12.37 5.38
N VAL A 931 13.79 11.86 4.24
CA VAL A 931 13.08 12.03 2.97
C VAL A 931 12.36 10.77 2.52
N SER A 932 11.21 10.94 1.89
CA SER A 932 10.43 9.81 1.44
C SER A 932 10.27 9.80 -0.09
N LEU A 933 10.59 8.66 -0.69
CA LEU A 933 10.34 8.42 -2.10
C LEU A 933 9.29 7.34 -2.15
N GLU A 934 8.18 7.57 -2.86
CA GLU A 934 7.18 6.52 -3.10
C GLU A 934 7.20 5.99 -4.55
N VAL A 935 7.22 4.67 -4.65
CA VAL A 935 7.33 3.97 -5.91
C VAL A 935 5.97 3.32 -6.20
N ARG A 936 5.38 3.58 -7.36
CA ARG A 936 4.12 2.91 -7.70
C ARG A 936 4.22 2.06 -8.94
N LEU A 937 3.54 0.93 -8.94
CA LEU A 937 3.68 -0.03 -10.00
C LEU A 937 2.37 -0.20 -10.77
N LEU A 938 2.41 -0.32 -12.10
CA LEU A 938 1.20 -0.65 -12.86
C LEU A 938 1.33 -2.03 -13.48
N GLU A 939 0.83 -3.03 -12.78
CA GLU A 939 1.15 -4.43 -13.09
C GLU A 939 0.73 -4.96 -14.45
N ALA A 940 -0.21 -4.29 -15.11
CA ALA A 940 -0.63 -4.74 -16.46
C ALA A 940 0.08 -3.99 -17.59
N SER A 941 0.37 -2.72 -17.33
CA SER A 941 0.95 -1.79 -18.30
C SER A 941 2.47 -1.85 -18.15
N HIS A 942 2.92 -2.51 -17.10
CA HIS A 942 4.34 -2.65 -16.81
C HIS A 942 4.98 -1.31 -16.48
N ALA A 943 4.17 -0.26 -16.46
CA ALA A 943 4.67 1.09 -16.15
C ALA A 943 5.03 1.22 -14.68
N PHE A 944 5.76 2.28 -14.35
CA PHE A 944 6.15 2.55 -12.96
C PHE A 944 6.50 4.02 -12.82
N GLU A 945 6.44 4.50 -11.60
CA GLU A 945 6.58 5.92 -11.33
C GLU A 945 7.16 6.10 -9.94
N VAL A 946 7.92 7.17 -9.74
CA VAL A 946 8.44 7.46 -8.39
C VAL A 946 8.12 8.87 -7.92
N SER A 947 7.21 8.96 -6.95
CA SER A 947 6.79 10.24 -6.39
C SER A 947 7.70 10.64 -5.22
N ASP A 948 7.53 11.86 -4.73
CA ASP A 948 8.16 12.21 -3.46
C ASP A 948 7.10 12.72 -2.49
N SER A 949 7.51 12.98 -1.25
CA SER A 949 6.61 13.42 -0.18
C SER A 949 5.72 14.58 -0.64
N ASN A 950 6.33 15.48 -1.40
CA ASN A 950 5.70 16.70 -1.88
C ASN A 950 4.80 16.51 -3.11
N GLY A 951 4.72 15.27 -3.61
CA GLY A 951 3.88 14.96 -4.75
C GLY A 951 4.56 14.99 -6.10
N SER A 952 5.79 15.50 -6.15
CA SER A 952 6.51 15.71 -7.42
C SER A 952 6.90 14.44 -8.17
N LEU A 953 7.11 14.57 -9.48
CA LEU A 953 7.53 13.43 -10.29
C LEU A 953 9.03 13.29 -10.25
N ILE A 954 9.51 12.07 -9.99
CA ILE A 954 10.96 11.82 -9.87
C ILE A 954 11.53 10.86 -10.93
N ALA A 955 10.84 9.77 -11.22
CA ALA A 955 11.33 8.82 -12.22
C ALA A 955 10.25 7.87 -12.74
N SER A 956 10.23 7.68 -14.06
CA SER A 956 9.16 6.97 -14.74
C SER A 956 9.71 6.07 -15.83
N GLY A 957 9.14 4.87 -15.96
CA GLY A 957 9.58 3.96 -17.01
C GLY A 957 8.69 2.75 -17.11
N LYS A 958 9.28 1.63 -17.53
CA LYS A 958 8.57 0.36 -17.50
C LYS A 958 9.51 -0.70 -16.93
N VAL A 959 9.02 -1.50 -15.98
CA VAL A 959 9.80 -2.62 -15.46
C VAL A 959 9.02 -3.90 -15.50
N TYR A 960 9.74 -5.02 -15.53
CA TYR A 960 9.09 -6.31 -15.44
C TYR A 960 10.06 -7.45 -15.25
N GLN A 961 9.56 -8.57 -14.75
CA GLN A 961 10.38 -9.78 -14.66
C GLN A 961 10.89 -10.16 -16.06
N TRP A 962 12.14 -10.60 -16.12
CA TRP A 962 12.76 -10.90 -17.40
C TRP A 962 12.76 -12.41 -17.60
N GLU A 963 11.81 -12.88 -18.41
CA GLU A 963 11.55 -14.31 -18.53
C GLU A 963 12.70 -15.19 -19.04
N SER A 964 13.25 -14.84 -20.20
CA SER A 964 14.34 -15.63 -20.76
C SER A 964 15.65 -14.86 -20.64
N PRO A 965 16.27 -14.91 -19.45
CA PRO A 965 17.50 -14.21 -19.12
C PRO A 965 18.65 -14.81 -19.91
N ASP A 966 19.02 -14.15 -21.01
CA ASP A 966 20.06 -14.61 -21.93
C ASP A 966 21.45 -14.16 -21.50
N PRO A 967 22.21 -15.02 -20.79
CA PRO A 967 23.50 -14.64 -20.20
C PRO A 967 24.54 -14.26 -21.26
N LYS A 968 24.34 -14.74 -22.48
CA LYS A 968 25.24 -14.39 -23.58
C LYS A 968 25.24 -12.88 -23.82
N LEU A 969 24.27 -12.18 -23.24
CA LEU A 969 24.19 -10.73 -23.39
C LEU A 969 25.26 -10.04 -22.57
N PHE A 970 25.89 -10.80 -21.68
CA PHE A 970 26.95 -10.26 -20.86
C PHE A 970 28.29 -10.89 -21.23
N ASP A 971 28.73 -10.79 -22.47
CA ASP A 971 30.04 -11.33 -22.80
C ASP A 971 31.19 -10.41 -22.40
N THR A 972 32.34 -10.98 -22.04
CA THR A 972 33.56 -10.18 -21.93
C THR A 972 34.72 -10.73 -22.78
N ARG A 973 34.57 -10.59 -24.10
CA ARG A 973 35.58 -11.02 -25.07
C ARG A 973 36.21 -9.82 -25.82
N ALA A 974 37.54 -9.77 -25.83
CA ALA A 974 38.32 -8.62 -26.30
C ALA A 974 38.54 -8.51 -27.82
N ALA A 975 39.40 -7.54 -28.21
CA ALA A 975 39.84 -7.37 -29.59
C ALA A 975 41.00 -8.31 -29.92
N VAL A 976 41.72 -8.73 -28.87
CA VAL A 976 42.76 -9.75 -28.99
C VAL A 976 43.52 -10.06 -27.67
N ASP A 977 44.61 -10.82 -27.80
CA ASP A 977 45.52 -11.20 -26.69
C ASP A 977 46.53 -10.09 -26.39
N PRO A 978 46.27 -9.27 -25.34
CA PRO A 978 47.22 -8.20 -24.99
C PRO A 978 48.50 -8.69 -24.30
N ALA A 979 49.64 -8.68 -25.01
CA ALA A 979 50.94 -9.00 -24.40
C ALA A 979 51.54 -7.75 -23.75
N ASP A 980 50.73 -7.04 -22.97
CA ASP A 980 51.06 -5.69 -22.51
C ASP A 980 50.86 -5.49 -21.01
N SER A 981 50.95 -6.56 -20.23
CA SER A 981 50.96 -6.36 -18.79
C SER A 981 52.38 -5.91 -18.54
N THR A 982 52.57 -5.03 -17.55
CA THR A 982 53.90 -4.49 -17.22
C THR A 982 54.29 -3.24 -18.04
N ALA A 983 53.68 -3.08 -19.21
CA ALA A 983 53.82 -1.83 -19.97
C ALA A 983 52.49 -1.08 -19.90
N GLU A 984 51.86 -0.86 -21.04
CA GLU A 984 50.48 -0.39 -21.03
C GLU A 984 50.29 1.09 -20.67
N PHE A 985 49.91 1.36 -19.42
CA PHE A 985 49.40 2.65 -18.96
C PHE A 985 47.91 2.50 -18.68
N ARG A 986 47.57 2.25 -17.42
CA ARG A 986 46.17 2.18 -17.06
C ARG A 986 45.82 3.36 -16.17
N LEU A 987 44.59 3.42 -15.71
CA LEU A 987 44.15 4.45 -14.80
C LEU A 987 43.80 3.80 -13.47
N SER A 988 44.39 4.31 -12.40
CA SER A 988 44.26 3.74 -11.06
C SER A 988 43.05 4.32 -10.39
N GLN A 989 42.42 3.57 -9.49
CA GLN A 989 41.21 4.07 -8.86
C GLN A 989 41.40 5.55 -8.52
N GLY A 990 42.52 5.88 -7.88
CA GLY A 990 42.84 7.26 -7.58
C GLY A 990 42.83 8.15 -8.82
N ASP A 991 43.58 7.74 -9.85
CA ASP A 991 43.59 8.44 -11.14
C ASP A 991 42.16 8.72 -11.62
N VAL A 992 41.29 7.71 -11.59
CA VAL A 992 39.91 7.93 -12.05
C VAL A 992 39.22 9.02 -11.27
N TYR A 993 38.99 8.81 -9.97
CA TYR A 993 38.19 9.80 -9.24
C TYR A 993 38.88 11.16 -9.14
N LYS A 994 40.16 11.20 -9.48
CA LYS A 994 40.87 12.48 -9.68
C LYS A 994 40.20 13.25 -10.82
N ASP A 995 40.01 12.61 -11.97
CA ASP A 995 39.39 13.29 -13.10
C ASP A 995 37.93 13.64 -12.87
N LEU A 996 37.21 12.81 -12.13
CA LEU A 996 35.80 13.09 -11.83
C LEU A 996 35.65 14.23 -10.83
N ARG A 997 36.34 14.12 -9.69
CA ARG A 997 36.18 15.12 -8.65
C ARG A 997 36.61 16.47 -9.20
N LEU A 998 37.47 16.42 -10.21
CA LEU A 998 37.85 17.61 -10.93
C LEU A 998 36.65 18.31 -11.56
N ARG A 999 35.73 17.49 -12.07
CA ARG A 999 34.63 17.94 -12.91
C ARG A 999 33.43 18.42 -12.14
N GLY A 1000 33.36 17.98 -10.89
CA GLY A 1000 32.24 18.32 -10.04
C GLY A 1000 31.76 17.12 -9.24
N TYR A 1001 32.12 15.92 -9.67
CA TYR A 1001 31.73 14.72 -8.94
C TYR A 1001 32.59 14.50 -7.70
N ASP A 1002 32.08 14.88 -6.55
CA ASP A 1002 32.78 14.68 -5.28
C ASP A 1002 32.45 13.32 -4.66
N TYR A 1003 32.52 12.25 -5.47
CA TYR A 1003 32.24 10.90 -4.98
C TYR A 1003 33.04 10.59 -3.74
N GLY A 1004 32.43 9.86 -2.82
CA GLY A 1004 33.09 9.46 -1.58
C GLY A 1004 33.46 7.98 -1.63
N PRO A 1005 34.18 7.51 -0.60
CA PRO A 1005 34.74 6.16 -0.56
C PRO A 1005 33.76 5.07 -0.94
N PHE A 1006 32.62 4.97 -0.27
CA PHE A 1006 31.73 3.85 -0.51
C PHE A 1006 31.24 3.81 -1.96
N PHE A 1007 31.50 4.90 -2.69
CA PHE A 1007 31.11 4.97 -4.09
C PHE A 1007 32.27 4.90 -5.08
N GLN A 1008 33.50 5.10 -4.61
CA GLN A 1008 34.67 4.95 -5.48
C GLN A 1008 34.89 3.48 -5.81
N LEU A 1009 34.10 2.95 -6.75
CA LEU A 1009 34.15 1.53 -7.05
C LEU A 1009 34.87 1.19 -8.35
N VAL A 1010 35.39 2.21 -9.03
CA VAL A 1010 36.16 1.98 -10.24
C VAL A 1010 37.58 1.68 -9.80
N LEU A 1011 38.03 0.45 -10.03
CA LEU A 1011 39.35 0.02 -9.59
C LEU A 1011 40.40 0.40 -10.62
N GLU A 1012 40.17 -0.03 -11.84
CA GLU A 1012 41.14 0.12 -12.90
C GLU A 1012 40.38 0.51 -14.15
N SER A 1013 41.00 1.30 -15.01
CA SER A 1013 40.35 1.66 -16.26
C SER A 1013 41.27 1.81 -17.45
N ASP A 1014 40.91 1.19 -18.56
CA ASP A 1014 41.50 1.48 -19.84
C ASP A 1014 41.76 2.97 -19.94
N LEU A 1015 42.76 3.39 -20.71
CA LEU A 1015 43.02 4.83 -20.85
C LEU A 1015 41.84 5.61 -21.43
N GLU A 1016 41.10 4.97 -22.33
CA GLU A 1016 39.97 5.60 -23.01
C GLU A 1016 38.70 5.40 -22.22
N GLY A 1017 38.75 4.51 -21.24
CA GLY A 1017 37.58 4.27 -20.41
C GLY A 1017 36.58 3.40 -21.13
N ASN A 1018 37.09 2.47 -21.91
CA ASN A 1018 36.22 1.52 -22.54
C ASN A 1018 36.28 0.21 -21.77
N ARG A 1019 37.43 -0.06 -21.15
CA ARG A 1019 37.53 -1.23 -20.28
C ARG A 1019 37.79 -0.93 -18.80
N GLY A 1020 37.88 -1.97 -17.98
CA GLY A 1020 38.12 -1.77 -16.56
C GLY A 1020 37.50 -2.78 -15.61
N ARG A 1021 37.56 -2.44 -14.32
CA ARG A 1021 37.20 -3.36 -13.25
C ARG A 1021 36.45 -2.64 -12.15
N LEU A 1022 35.20 -3.05 -11.91
CA LEU A 1022 34.39 -2.43 -10.86
C LEU A 1022 34.34 -3.34 -9.65
N GLN A 1023 34.36 -2.72 -8.49
CA GLN A 1023 34.37 -3.44 -7.23
C GLN A 1023 32.97 -3.65 -6.66
N TRP A 1024 32.71 -4.89 -6.25
CA TRP A 1024 31.42 -5.25 -5.70
C TRP A 1024 31.32 -4.93 -4.21
N ASN A 1025 30.12 -4.51 -3.81
CA ASN A 1025 29.88 -3.94 -2.49
C ASN A 1025 28.76 -4.64 -1.79
N ASP A 1026 28.06 -5.49 -2.53
CA ASP A 1026 26.82 -6.03 -2.05
C ASP A 1026 25.80 -4.89 -2.01
N SER A 1027 25.99 -3.90 -2.88
CA SER A 1027 25.02 -2.83 -3.08
C SER A 1027 24.86 -2.51 -4.55
N TRP A 1028 23.66 -2.74 -5.05
CA TRP A 1028 23.36 -2.45 -6.43
C TRP A 1028 23.42 -0.96 -6.68
N VAL A 1029 23.01 -0.17 -5.70
CA VAL A 1029 23.00 1.26 -5.88
C VAL A 1029 24.40 1.75 -6.19
N SER A 1030 25.40 1.12 -5.57
CA SER A 1030 26.78 1.54 -5.82
C SER A 1030 27.28 1.01 -7.16
N PHE A 1031 27.39 -0.32 -7.27
CA PHE A 1031 27.76 -0.96 -8.53
C PHE A 1031 27.09 -0.27 -9.70
N LEU A 1032 25.76 -0.17 -9.67
CA LEU A 1032 25.05 0.48 -10.77
C LEU A 1032 25.61 1.87 -11.08
N ASP A 1033 25.75 2.73 -10.07
CA ASP A 1033 26.25 4.09 -10.28
C ASP A 1033 27.73 4.14 -10.69
N ALA A 1034 28.48 3.05 -10.47
CA ALA A 1034 29.87 2.99 -10.89
C ALA A 1034 29.94 2.75 -12.40
N MET A 1035 29.11 1.85 -12.90
CA MET A 1035 28.95 1.69 -14.32
C MET A 1035 28.71 3.05 -14.95
N LEU A 1036 27.81 3.84 -14.37
CA LEU A 1036 27.56 5.20 -14.86
C LEU A 1036 28.87 5.99 -14.87
N HIS A 1037 29.66 5.90 -13.81
CA HIS A 1037 30.99 6.51 -13.80
C HIS A 1037 31.69 6.29 -15.12
N MET A 1038 32.02 5.02 -15.37
CA MET A 1038 32.73 4.63 -16.58
C MET A 1038 32.11 5.23 -17.83
N SER A 1039 30.79 5.23 -17.92
CA SER A 1039 30.15 5.87 -19.06
C SER A 1039 30.64 7.30 -19.12
N ILE A 1040 30.36 8.05 -18.06
CA ILE A 1040 30.73 9.46 -17.98
C ILE A 1040 32.23 9.71 -18.23
N LEU A 1041 33.04 8.67 -18.03
CA LEU A 1041 34.51 8.82 -18.01
C LEU A 1041 35.20 8.77 -19.39
N ALA A 1042 34.84 9.67 -20.28
CA ALA A 1042 35.44 9.67 -21.60
C ALA A 1042 36.74 10.41 -21.53
N PRO A 1043 37.64 10.12 -22.48
CA PRO A 1043 38.87 10.89 -22.53
C PRO A 1043 38.48 12.24 -23.09
N GLY A 1044 39.04 13.31 -22.54
CA GLY A 1044 38.73 14.64 -23.04
C GLY A 1044 37.27 15.08 -23.00
N GLN A 1045 36.45 14.44 -22.17
CA GLN A 1045 35.09 14.95 -21.89
C GLN A 1045 35.03 15.69 -20.55
N LEU A 1046 34.74 16.98 -20.61
CA LEU A 1046 34.71 17.79 -19.41
C LEU A 1046 33.30 17.94 -18.87
N GLY A 1047 33.14 18.71 -17.81
CA GLY A 1047 31.82 19.08 -17.34
C GLY A 1047 30.99 18.03 -16.61
N LEU A 1048 29.97 18.53 -15.89
CA LEU A 1048 29.19 17.78 -14.91
C LEU A 1048 27.92 17.15 -15.48
N TYR A 1049 27.84 15.82 -15.42
CA TYR A 1049 26.80 15.07 -16.12
C TYR A 1049 26.00 14.12 -15.26
N LEU A 1050 24.71 14.41 -15.10
CA LEU A 1050 23.81 13.55 -14.36
C LEU A 1050 23.06 12.59 -15.28
N PRO A 1051 22.56 11.47 -14.73
CA PRO A 1051 21.76 10.63 -15.61
C PRO A 1051 20.37 11.21 -15.83
N THR A 1052 19.76 10.83 -16.95
CA THR A 1052 18.50 11.42 -17.40
C THR A 1052 17.61 10.42 -18.12
N ARG A 1053 18.18 9.58 -18.99
CA ARG A 1053 17.40 8.53 -19.60
C ARG A 1053 18.20 7.27 -19.64
N PHE A 1054 17.56 6.14 -19.42
CA PHE A 1054 18.13 4.91 -19.90
C PHE A 1054 17.15 4.40 -20.92
N THR A 1055 17.62 3.58 -21.82
CA THR A 1055 16.71 3.10 -22.81
C THR A 1055 16.34 1.69 -22.43
N SER A 1056 17.20 1.03 -21.67
CA SER A 1056 16.98 -0.36 -21.41
C SER A 1056 18.07 -0.89 -20.51
N ILE A 1057 17.76 -0.95 -19.23
CA ILE A 1057 18.60 -1.63 -18.27
C ILE A 1057 18.11 -3.06 -18.09
N ARG A 1058 19.03 -4.00 -17.89
CA ARG A 1058 18.69 -5.41 -17.77
C ARG A 1058 19.61 -6.13 -16.79
N ILE A 1059 19.08 -6.41 -15.61
CA ILE A 1059 19.85 -7.03 -14.55
C ILE A 1059 19.43 -8.48 -14.33
N ASP A 1060 20.39 -9.40 -14.26
CA ASP A 1060 20.07 -10.80 -13.99
C ASP A 1060 20.95 -11.41 -12.90
N PRO A 1061 20.59 -11.22 -11.62
CA PRO A 1061 21.39 -11.53 -10.43
C PRO A 1061 21.96 -12.95 -10.38
N VAL A 1062 21.39 -13.87 -11.14
CA VAL A 1062 22.01 -15.19 -11.25
C VAL A 1062 23.36 -15.09 -11.99
N THR A 1063 23.29 -14.76 -13.27
CA THR A 1063 24.49 -14.57 -14.08
C THR A 1063 25.46 -13.63 -13.38
N HIS A 1064 24.91 -12.67 -12.62
CA HIS A 1064 25.74 -11.75 -11.84
C HIS A 1064 26.60 -12.45 -10.80
N ARG A 1065 25.98 -13.21 -9.90
CA ARG A 1065 26.79 -13.94 -8.93
C ARG A 1065 27.94 -14.58 -9.71
N GLN A 1066 27.63 -15.15 -10.87
CA GLN A 1066 28.60 -15.91 -11.62
C GLN A 1066 29.71 -15.07 -12.22
N LYS A 1067 29.32 -13.92 -12.77
CA LYS A 1067 30.21 -13.07 -13.58
C LYS A 1067 31.25 -12.36 -12.67
N LEU A 1068 31.01 -12.48 -11.38
CA LEU A 1068 31.80 -11.83 -10.37
C LEU A 1068 33.07 -12.66 -10.12
N TYR A 1069 34.13 -12.01 -9.63
CA TYR A 1069 35.31 -12.72 -9.13
C TYR A 1069 35.92 -12.11 -7.85
N THR A 1070 37.02 -12.69 -7.37
CA THR A 1070 37.63 -12.27 -6.11
C THR A 1070 39.12 -11.92 -6.26
N LEU A 1071 39.47 -10.64 -6.13
CA LEU A 1071 40.86 -10.21 -6.29
C LEU A 1071 41.68 -10.88 -5.22
N GLN A 1072 42.99 -10.73 -5.28
CA GLN A 1072 43.83 -11.30 -4.24
C GLN A 1072 43.56 -10.52 -2.96
N ASP A 1073 43.23 -9.24 -3.13
CA ASP A 1073 42.83 -8.35 -2.04
C ASP A 1073 41.90 -9.04 -1.03
N THR A 1074 41.19 -10.06 -1.50
CA THR A 1074 40.07 -10.73 -0.82
C THR A 1074 38.74 -10.06 -1.09
N THR A 1075 38.80 -8.94 -1.80
CA THR A 1075 37.63 -8.18 -2.16
C THR A 1075 36.97 -8.79 -3.39
N GLN A 1076 35.87 -8.20 -3.83
CA GLN A 1076 35.10 -8.71 -4.96
C GLN A 1076 34.88 -7.67 -6.04
N ALA A 1077 35.08 -8.07 -7.30
CA ALA A 1077 34.90 -7.16 -8.44
C ALA A 1077 34.52 -7.93 -9.69
N ALA A 1078 34.14 -7.22 -10.75
CA ALA A 1078 33.83 -7.87 -12.04
C ALA A 1078 34.21 -6.90 -13.14
N ASP A 1079 34.25 -7.39 -14.37
CA ASP A 1079 34.67 -6.53 -15.48
C ASP A 1079 33.57 -5.66 -16.06
N VAL A 1080 33.88 -4.37 -16.20
CA VAL A 1080 33.01 -3.41 -16.86
C VAL A 1080 33.58 -3.13 -18.26
N VAL A 1081 32.70 -2.85 -19.21
CA VAL A 1081 33.08 -2.62 -20.61
C VAL A 1081 32.14 -1.58 -21.16
N VAL A 1082 32.65 -0.64 -21.91
CA VAL A 1082 31.79 0.41 -22.43
C VAL A 1082 31.97 0.37 -23.93
N ASP A 1083 30.88 0.36 -24.69
CA ASP A 1083 31.02 0.31 -26.13
C ASP A 1083 30.35 1.52 -26.78
N ARG A 1084 30.96 2.68 -26.63
CA ARG A 1084 30.34 3.94 -27.05
C ARG A 1084 29.76 3.98 -28.47
N ASN A 1085 30.18 3.07 -29.32
CA ASN A 1085 29.62 3.01 -30.64
C ASN A 1085 28.28 2.32 -30.58
N LEU A 1086 28.06 1.52 -29.55
CA LEU A 1086 26.75 0.89 -29.35
C LEU A 1086 25.99 1.50 -28.17
N ASN A 1087 26.65 2.37 -27.41
CA ASN A 1087 26.04 2.99 -26.24
C ASN A 1087 25.58 1.94 -25.23
N THR A 1088 26.49 1.05 -24.82
CA THR A 1088 26.13 0.01 -23.87
C THR A 1088 27.24 -0.22 -22.85
N VAL A 1089 26.89 -0.22 -21.58
CA VAL A 1089 27.83 -0.51 -20.52
C VAL A 1089 27.40 -1.84 -19.94
N VAL A 1090 28.33 -2.77 -19.75
CA VAL A 1090 28.01 -4.07 -19.14
C VAL A 1090 28.92 -4.25 -17.95
N ALA A 1091 28.43 -4.87 -16.88
CA ALA A 1091 29.31 -5.26 -15.76
C ALA A 1091 28.65 -6.34 -14.96
N GLY A 1092 29.30 -7.49 -14.85
CA GLY A 1092 28.68 -8.59 -14.16
C GLY A 1092 27.34 -8.92 -14.79
N GLY A 1093 26.25 -8.75 -14.02
CA GLY A 1093 24.92 -9.04 -14.53
C GLY A 1093 24.02 -7.84 -14.82
N ALA A 1094 24.62 -6.67 -15.00
CA ALA A 1094 23.85 -5.47 -15.30
C ALA A 1094 24.29 -4.86 -16.62
N LEU A 1095 23.33 -4.77 -17.54
CA LEU A 1095 23.60 -4.32 -18.87
C LEU A 1095 22.80 -3.07 -19.18
N PHE A 1096 23.49 -1.97 -19.37
CA PHE A 1096 22.83 -0.74 -19.76
C PHE A 1096 22.69 -0.66 -21.26
N LEU A 1097 21.75 0.15 -21.73
CA LEU A 1097 21.62 0.44 -23.15
C LEU A 1097 21.01 1.82 -23.37
N GLY A 1098 21.79 2.69 -23.96
CA GLY A 1098 21.32 4.01 -24.29
C GLY A 1098 21.19 4.78 -23.02
N ALA A 1099 22.18 4.63 -22.16
CA ALA A 1099 22.10 5.34 -20.89
C ALA A 1099 22.52 6.78 -21.07
N HIS A 1100 21.61 7.59 -21.58
CA HIS A 1100 21.91 8.98 -21.84
C HIS A 1100 21.96 9.80 -20.54
N SER A 1101 23.11 10.42 -20.27
CA SER A 1101 23.26 11.36 -19.14
C SER A 1101 23.23 12.79 -19.70
N SER A 1102 23.27 13.81 -18.84
CA SER A 1102 23.28 15.19 -19.34
C SER A 1102 23.61 16.33 -18.35
N VAL A 1103 23.98 17.47 -18.94
CA VAL A 1103 24.70 18.56 -18.27
C VAL A 1103 23.99 19.15 -17.07
N ALA A 1104 24.75 19.64 -16.11
CA ALA A 1104 24.14 20.31 -14.95
C ALA A 1104 24.98 21.54 -14.61
N PRO A 1105 24.34 22.56 -14.01
CA PRO A 1105 24.98 23.84 -13.73
C PRO A 1105 25.77 23.78 -12.42
N ARG A 1106 27.05 24.11 -12.44
CA ARG A 1106 27.78 24.19 -11.19
C ARG A 1106 27.32 25.42 -10.42
N ARG A 1107 26.89 25.22 -9.17
CA ARG A 1107 26.33 26.29 -8.34
C ARG A 1107 27.35 26.82 -7.34
N PRO A 1108 27.91 28.01 -7.60
CA PRO A 1108 29.04 28.53 -6.83
C PRO A 1108 28.68 28.78 -5.38
N GLN A 1109 29.18 27.96 -4.47
CA GLN A 1109 28.87 28.15 -3.05
C GLN A 1109 29.75 29.26 -2.48
N GLU A 1110 29.19 30.47 -2.35
CA GLU A 1110 30.02 31.62 -1.95
C GLU A 1110 30.35 31.69 -0.45
N HIS A 1111 30.41 30.50 0.18
CA HIS A 1111 31.10 30.34 1.46
C HIS A 1111 32.52 29.82 1.19
N LEU A 1112 32.91 29.93 -0.08
CA LEU A 1112 34.24 29.59 -0.57
C LEU A 1112 34.75 30.63 -1.55
N LYS A 1113 34.41 31.91 -1.35
CA LYS A 1113 35.04 32.96 -2.16
C LYS A 1113 36.44 33.24 -1.59
N PRO A 1114 37.45 33.28 -2.47
CA PRO A 1114 38.87 33.38 -2.09
C PRO A 1114 39.28 34.79 -1.66
N ILE A 1115 40.18 34.88 -0.70
CA ILE A 1115 40.68 36.16 -0.24
C ILE A 1115 41.82 36.59 -1.13
N LEU A 1116 41.60 37.63 -1.91
CA LEU A 1116 42.61 38.09 -2.84
C LEU A 1116 43.39 39.27 -2.30
N GLU A 1117 44.68 39.05 -2.10
CA GLU A 1117 45.52 40.07 -1.54
C GLU A 1117 46.67 40.43 -2.49
N LYS A 1118 47.03 41.71 -2.55
CA LYS A 1118 48.22 42.16 -3.26
C LYS A 1118 49.40 42.33 -2.28
N PHE A 1119 50.60 42.00 -2.73
CA PHE A 1119 51.77 42.01 -1.85
C PHE A 1119 52.75 43.11 -2.25
N CYS A 1120 52.31 44.36 -2.14
CA CYS A 1120 53.16 45.51 -2.45
C CYS A 1120 54.20 45.67 -1.37
N PHE A 1121 55.30 46.33 -1.69
CA PHE A 1121 56.23 46.77 -0.66
C PHE A 1121 55.69 48.04 -0.01
N THR A 1122 55.81 48.15 1.31
CA THR A 1122 55.30 49.31 2.01
C THR A 1122 56.38 49.96 2.90
N PRO A 1123 56.61 51.27 2.72
CA PRO A 1123 57.59 51.96 3.58
C PRO A 1123 57.00 52.28 4.95
N HIS A 1124 57.85 52.53 5.93
CA HIS A 1124 57.37 52.97 7.25
C HIS A 1124 57.16 54.48 7.20
N VAL A 1125 57.84 55.14 6.27
CA VAL A 1125 57.81 56.59 6.14
C VAL A 1125 56.94 57.06 4.96
N GLU A 1126 55.62 56.98 5.11
CA GLU A 1126 54.69 57.40 4.06
C GLU A 1126 54.16 58.81 4.30
N SER A 1127 54.35 59.71 3.34
CA SER A 1127 53.83 61.07 3.44
C SER A 1127 52.99 61.48 2.24
N GLY A 1128 52.10 62.45 2.46
CA GLY A 1128 51.17 62.90 1.42
C GLY A 1128 50.24 61.79 0.98
N CYS A 1129 49.99 60.85 1.87
CA CYS A 1129 49.17 59.69 1.54
C CYS A 1129 47.76 60.06 1.10
N LEU A 1130 47.09 59.13 0.44
CA LEU A 1130 45.81 59.36 -0.24
C LEU A 1130 46.01 60.28 -1.45
N ALA A 1131 45.03 61.15 -1.68
CA ALA A 1131 45.09 62.05 -2.82
C ALA A 1131 44.67 61.34 -4.10
N GLY A 1132 44.07 60.16 -3.96
CA GLY A 1132 43.62 59.38 -5.09
C GLY A 1132 42.11 59.20 -5.08
N ASN A 1133 41.49 59.70 -4.01
CA ASN A 1133 40.04 59.67 -3.87
C ASN A 1133 39.44 60.97 -4.38
N THR A 1134 38.64 60.87 -5.44
CA THR A 1134 37.87 62.01 -5.92
C THR A 1134 36.87 62.46 -4.86
N ALA A 1135 36.55 61.56 -3.93
CA ALA A 1135 35.59 61.83 -2.86
C ALA A 1135 36.20 62.65 -1.71
N LEU A 1136 37.48 62.40 -1.41
CA LEU A 1136 38.16 63.09 -0.32
C LEU A 1136 38.68 64.47 -0.70
N GLN A 1137 38.83 64.71 -2.01
CA GLN A 1137 39.27 66.01 -2.52
C GLN A 1137 38.09 66.91 -2.88
N GLU A 1138 36.92 66.30 -3.03
CA GLU A 1138 35.67 67.06 -3.18
C GLU A 1138 35.14 67.36 -1.77
N GLU A 1139 36.03 67.32 -0.78
CA GLU A 1139 35.66 67.59 0.61
C GLU A 1139 36.66 68.46 1.40
N LEU A 1140 37.90 68.56 0.94
CA LEU A 1140 38.86 69.52 1.54
C LEU A 1140 38.64 70.88 0.88
N GLN A 1141 37.49 71.02 0.23
CA GLN A 1141 37.11 72.26 -0.43
C GLN A 1141 35.61 72.55 -0.24
N LEU A 1142 34.83 71.52 0.11
CA LEU A 1142 33.42 71.71 0.48
C LEU A 1142 33.29 71.89 2.00
N CYS A 1143 34.43 71.75 2.69
CA CYS A 1143 34.52 72.03 4.12
C CYS A 1143 35.71 72.96 4.39
N ARG A 1144 36.37 73.37 3.31
CA ARG A 1144 37.33 74.46 3.35
C ARG A 1144 36.86 75.54 2.38
N GLY A 1145 35.52 75.70 2.31
CA GLY A 1145 34.88 76.68 1.44
C GLY A 1145 33.67 77.38 2.06
N LEU A 1146 32.89 76.62 2.84
CA LEU A 1146 31.83 77.18 3.69
C LEU A 1146 32.41 77.50 5.07
N ALA A 1147 33.44 76.75 5.43
CA ALA A 1147 34.14 76.90 6.72
C ALA A 1147 35.39 77.77 6.58
N GLN A 1148 35.78 78.06 5.34
CA GLN A 1148 36.87 78.99 5.06
C GLN A 1148 36.31 80.42 5.12
N ALA A 1149 34.98 80.52 5.17
CA ALA A 1149 34.31 81.78 5.40
C ALA A 1149 33.96 81.90 6.89
N LEU A 1150 34.98 81.75 7.74
CA LEU A 1150 34.81 81.76 9.20
C LEU A 1150 36.16 81.59 9.92
N GLN A 1151 37.19 81.16 9.20
CA GLN A 1151 38.53 80.91 9.75
C GLN A 1151 39.08 82.12 10.50
N LEU A 1180 28.59 67.62 1.55
CA LEU A 1180 27.29 67.65 2.20
C LEU A 1180 27.09 66.55 3.25
N PRO A 1181 27.19 65.27 2.84
CA PRO A 1181 26.84 64.11 3.69
C PRO A 1181 27.40 64.07 5.13
N ARG A 1182 28.71 63.91 5.28
CA ARG A 1182 29.30 63.57 6.58
C ARG A 1182 29.64 64.74 7.52
N LEU A 1183 30.06 64.40 8.75
CA LEU A 1183 30.13 65.34 9.88
C LEU A 1183 30.66 66.76 9.61
N LEU A 1184 31.94 66.91 9.29
CA LEU A 1184 32.48 68.26 9.09
C LEU A 1184 31.72 69.02 8.00
N ALA A 1185 30.99 68.29 7.16
CA ALA A 1185 30.09 68.92 6.19
C ALA A 1185 28.70 69.18 6.77
N ALA A 1186 28.28 68.35 7.74
CA ALA A 1186 26.93 68.45 8.30
C ALA A 1186 26.86 69.20 9.64
N ALA A 1187 27.96 69.26 10.38
CA ALA A 1187 28.02 69.97 11.66
C ALA A 1187 28.55 71.39 11.49
N CYS A 1188 29.02 71.69 10.27
CA CYS A 1188 29.51 73.01 9.91
C CYS A 1188 28.47 73.78 9.07
N GLN A 1189 27.64 73.04 8.34
CA GLN A 1189 26.58 73.63 7.52
C GLN A 1189 25.26 73.86 8.28
N LEU A 1190 24.96 73.00 9.25
CA LEU A 1190 23.75 73.16 10.09
C LEU A 1190 23.97 74.17 11.23
N GLN A 1191 25.12 74.85 11.21
CA GLN A 1191 25.39 75.93 12.16
C GLN A 1191 25.27 77.30 11.48
N LEU A 1192 25.30 77.28 10.15
CA LEU A 1192 25.05 78.46 9.33
C LEU A 1192 23.57 78.51 8.87
N ASN A 1193 22.82 77.46 9.21
CA ASN A 1193 21.39 77.32 8.87
C ASN A 1193 20.45 78.01 9.89
N GLY A 1194 20.83 77.99 11.17
CA GLY A 1194 20.06 78.65 12.19
C GLY A 1194 20.41 80.12 12.31
N ASN A 1195 21.48 80.52 11.64
CA ASN A 1195 21.98 81.90 11.64
C ASN A 1195 21.44 82.74 10.49
N LEU A 1200 26.06 78.84 21.00
CA LEU A 1200 27.08 77.92 21.48
C LEU A 1200 26.51 76.88 22.44
N GLY A 1201 25.31 77.15 22.95
CA GLY A 1201 24.63 76.25 23.87
C GLY A 1201 23.80 75.17 23.18
N GLN A 1202 23.02 75.57 22.19
CA GLN A 1202 22.32 74.63 21.33
C GLN A 1202 23.23 74.24 20.15
N VAL A 1203 24.44 74.81 20.15
CA VAL A 1203 25.50 74.47 19.19
C VAL A 1203 26.06 73.06 19.47
N LEU A 1204 26.02 72.67 20.73
CA LEU A 1204 26.31 71.29 21.14
C LEU A 1204 25.02 70.45 21.10
N ALA A 1205 24.04 70.93 20.33
CA ALA A 1205 22.78 70.23 20.08
C ALA A 1205 22.46 70.12 18.57
N GLN A 1206 23.40 70.52 17.73
CA GLN A 1206 23.30 70.32 16.28
C GLN A 1206 24.54 69.60 15.73
N GLU A 1207 25.45 69.22 16.63
CA GLU A 1207 26.60 68.39 16.29
C GLU A 1207 26.39 66.98 16.85
N ARG A 1208 25.18 66.68 17.32
CA ARG A 1208 24.87 65.41 17.99
C ARG A 1208 23.72 64.60 17.37
N PRO A 1209 22.85 65.22 16.54
CA PRO A 1209 22.00 64.40 15.67
C PRO A 1209 22.81 63.88 14.50
N LEU A 1210 24.06 64.34 14.44
CA LEU A 1210 25.02 63.89 13.44
C LEU A 1210 26.44 63.74 14.05
N LEU A 1211 26.53 63.48 15.36
CA LEU A 1211 27.82 63.22 16.03
C LEU A 1211 28.30 61.77 15.88
N CYS A 1212 27.36 60.83 15.67
CA CYS A 1212 27.69 59.44 15.38
C CYS A 1212 27.73 59.23 13.85
N ASP A 1213 27.42 60.32 13.15
CA ASP A 1213 27.71 60.49 11.73
C ASP A 1213 29.17 60.94 11.66
N ASP A 1214 30.01 60.36 12.54
CA ASP A 1214 31.38 60.83 12.79
C ASP A 1214 32.48 59.93 12.19
N PRO A 1215 32.25 58.60 12.16
CA PRO A 1215 33.10 57.79 11.28
C PRO A 1215 32.95 58.24 9.83
N LEU A 1216 33.26 59.52 9.60
CA LEU A 1216 33.09 60.14 8.31
C LEU A 1216 34.30 59.83 7.45
N LEU A 1217 34.08 59.69 6.16
CA LEU A 1217 35.15 59.35 5.22
C LEU A 1217 36.42 60.17 5.47
N SER A 1218 36.29 61.48 5.64
CA SER A 1218 37.45 62.33 5.87
C SER A 1218 38.06 62.14 7.27
N GLY A 1219 37.26 62.36 8.30
CA GLY A 1219 37.75 62.23 9.66
C GLY A 1219 38.48 60.91 9.90
N LEU A 1220 38.00 59.86 9.24
CA LEU A 1220 38.50 58.53 9.48
C LEU A 1220 39.31 57.92 8.31
N LEU A 1221 40.52 57.49 8.63
CA LEU A 1221 41.49 57.02 7.64
C LEU A 1221 41.60 55.49 7.65
N ASP A 1222 40.54 54.82 7.20
CA ASP A 1222 40.49 53.34 7.22
C ASP A 1222 41.07 52.66 5.99
N ALA A 1223 41.33 53.43 4.93
CA ALA A 1223 42.02 52.94 3.74
C ALA A 1223 43.41 52.41 4.12
N PRO A 1224 43.91 51.44 3.34
CA PRO A 1224 45.16 50.68 3.51
C PRO A 1224 46.07 50.98 4.72
N ALA A 1225 46.40 52.23 5.00
CA ALA A 1225 47.28 52.58 6.13
C ALA A 1225 47.07 51.77 7.42
N LEU A 1226 45.82 51.69 7.90
CA LEU A 1226 45.50 51.00 9.15
C LEU A 1226 45.99 49.54 9.19
N LYS A 1227 45.69 48.80 8.13
CA LYS A 1227 46.11 47.41 8.01
C LYS A 1227 47.64 47.26 7.87
N ALA A 1228 48.29 48.29 7.32
CA ALA A 1228 49.72 48.22 7.08
C ALA A 1228 50.54 48.25 8.36
N CYS A 1229 49.93 48.70 9.45
CA CYS A 1229 50.64 48.89 10.71
C CYS A 1229 50.18 47.90 11.77
N VAL A 1230 48.87 47.68 11.84
CA VAL A 1230 48.32 46.57 12.62
C VAL A 1230 49.14 45.34 12.27
N ASP A 1231 49.28 45.11 10.96
CA ASP A 1231 50.14 44.04 10.46
C ASP A 1231 51.54 44.09 11.07
N THR A 1232 52.29 45.16 10.81
CA THR A 1232 53.68 45.22 11.27
C THR A 1232 53.73 44.74 12.71
N ALA A 1233 52.80 45.24 13.51
CA ALA A 1233 52.70 44.88 14.92
C ALA A 1233 52.49 43.38 15.14
N LEU A 1234 51.71 42.79 14.25
CA LEU A 1234 51.24 41.43 14.44
C LEU A 1234 52.26 40.31 14.22
N GLU A 1235 53.21 40.48 13.30
CA GLU A 1235 54.24 39.45 13.19
C GLU A 1235 55.36 39.66 14.16
N ASN A 1236 55.29 40.77 14.89
CA ASN A 1236 56.30 41.12 15.86
C ASN A 1236 56.02 40.57 17.25
N MET A 1237 55.08 39.63 17.32
CA MET A 1237 54.96 38.75 18.48
C MET A 1237 55.13 37.30 18.04
N ALA A 1238 55.87 36.55 18.84
CA ALA A 1238 56.20 35.16 18.52
C ALA A 1238 55.00 34.39 17.99
N SER A 1239 53.93 34.40 18.79
CA SER A 1239 52.70 33.68 18.48
C SER A 1239 51.65 34.60 17.84
N PRO A 1240 51.02 34.12 16.75
CA PRO A 1240 49.84 34.73 16.11
C PRO A 1240 48.58 34.80 17.01
N LYS A 1241 48.78 35.11 18.29
CA LYS A 1241 47.71 35.51 19.21
C LYS A 1241 48.02 36.93 19.68
N MET A 1242 46.98 37.76 19.78
CA MET A 1242 47.21 39.16 20.10
C MET A 1242 46.13 39.76 20.99
N LYS A 1243 46.50 40.15 22.21
CA LYS A 1243 45.60 40.90 23.06
C LYS A 1243 45.61 42.36 22.61
N VAL A 1244 44.45 42.88 22.24
CA VAL A 1244 44.32 44.26 21.82
C VAL A 1244 43.37 45.03 22.75
N VAL A 1245 43.64 46.32 22.95
CA VAL A 1245 42.79 47.18 23.75
C VAL A 1245 42.59 48.50 23.02
N GLU A 1246 41.44 49.15 23.20
CA GLU A 1246 41.21 50.43 22.54
C GLU A 1246 40.53 51.46 23.43
N VAL A 1247 41.30 52.45 23.89
CA VAL A 1247 40.78 53.57 24.66
C VAL A 1247 40.06 54.57 23.74
N LEU A 1248 39.18 55.38 24.31
CA LEU A 1248 38.31 56.27 23.53
C LEU A 1248 37.69 55.49 22.37
N ALA A 1249 36.95 54.45 22.74
CA ALA A 1249 36.42 53.49 21.78
C ALA A 1249 35.07 53.90 21.20
N GLY A 1250 34.29 54.63 21.99
CA GLY A 1250 32.94 55.04 21.58
C GLY A 1250 32.89 55.78 20.25
N ASP A 1251 33.43 57.00 20.22
CA ASP A 1251 33.39 57.86 19.03
C ASP A 1251 34.38 57.40 17.96
N GLY A 1252 35.61 57.09 18.38
CA GLY A 1252 36.65 56.62 17.48
C GLY A 1252 36.63 55.12 17.34
N GLN A 1253 35.70 54.64 16.52
CA GLN A 1253 35.36 53.23 16.46
C GLN A 1253 36.37 52.38 15.68
N LEU A 1254 37.49 52.05 16.33
CA LEU A 1254 38.48 51.15 15.73
C LEU A 1254 38.03 49.73 15.97
N TYR A 1255 37.05 49.59 16.86
CA TYR A 1255 36.48 48.29 17.19
C TYR A 1255 35.66 47.73 16.02
N SER A 1256 35.48 48.55 14.99
CA SER A 1256 34.72 48.15 13.82
C SER A 1256 35.63 47.52 12.76
N ARG A 1257 36.86 48.01 12.70
CA ARG A 1257 37.77 47.68 11.60
C ARG A 1257 38.85 46.62 11.92
N ILE A 1258 39.46 46.70 13.10
CA ILE A 1258 40.60 45.83 13.41
C ILE A 1258 40.24 44.37 13.71
N PRO A 1259 39.07 44.13 14.32
CA PRO A 1259 38.67 42.72 14.35
C PRO A 1259 38.49 42.17 12.93
N ALA A 1260 38.27 43.04 11.95
CA ALA A 1260 38.08 42.59 10.56
C ALA A 1260 39.40 42.47 9.83
N LEU A 1261 40.28 43.45 10.03
CA LEU A 1261 41.61 43.44 9.45
C LEU A 1261 42.39 42.21 9.91
N LEU A 1262 42.16 41.78 11.14
CA LEU A 1262 42.92 40.67 11.70
C LEU A 1262 42.35 39.31 11.35
N ASN A 1263 41.01 39.17 11.44
CA ASN A 1263 40.29 37.95 11.10
C ASN A 1263 40.56 37.51 9.66
N THR A 1264 41.16 38.44 8.93
CA THR A 1264 41.59 38.24 7.56
C THR A 1264 42.67 37.17 7.45
N GLN A 1265 43.69 37.24 8.30
CA GLN A 1265 44.76 36.26 8.27
C GLN A 1265 44.28 34.86 8.71
N PRO A 1266 44.93 33.79 8.21
CA PRO A 1266 44.45 32.44 8.50
C PRO A 1266 44.96 31.95 9.85
N VAL A 1267 45.99 32.60 10.37
CA VAL A 1267 46.56 32.23 11.66
C VAL A 1267 46.30 33.32 12.71
N MET A 1268 45.06 33.39 13.23
CA MET A 1268 44.70 34.45 14.20
C MET A 1268 43.99 34.00 15.47
N ASP A 1269 44.22 34.77 16.54
CA ASP A 1269 43.52 34.60 17.81
C ASP A 1269 43.39 35.95 18.52
N LEU A 1270 42.16 36.42 18.70
CA LEU A 1270 41.91 37.82 19.09
C LEU A 1270 41.18 38.07 20.42
N ASP A 1271 41.86 38.79 21.32
CA ASP A 1271 41.27 39.36 22.53
C ASP A 1271 41.02 40.82 22.32
N TYR A 1272 39.84 41.21 21.84
CA TYR A 1272 39.60 42.64 21.70
C TYR A 1272 38.87 43.17 22.92
N THR A 1273 39.27 44.36 23.36
CA THR A 1273 38.75 44.97 24.59
C THR A 1273 38.46 46.46 24.39
N ALA A 1274 37.19 46.83 24.38
CA ALA A 1274 36.74 48.21 24.11
C ALA A 1274 36.39 48.99 25.38
N THR A 1275 37.33 49.82 25.84
CA THR A 1275 37.18 50.54 27.11
C THR A 1275 36.86 52.01 26.90
N ASP A 1276 35.80 52.47 27.55
CA ASP A 1276 35.27 53.82 27.38
C ASP A 1276 34.89 54.48 28.70
N ARG A 1277 35.09 55.80 28.78
CA ARG A 1277 34.86 56.55 30.02
C ARG A 1277 33.51 56.25 30.69
N ASN A 1278 32.45 56.17 29.90
CA ASN A 1278 31.09 55.93 30.41
C ASN A 1278 30.59 54.52 30.10
N PRO A 1279 29.49 54.11 30.75
CA PRO A 1279 28.75 52.92 30.35
C PRO A 1279 27.88 53.27 29.15
N GLN A 1280 27.62 54.57 28.99
CA GLN A 1280 26.79 55.10 27.91
C GLN A 1280 27.32 54.75 26.54
N ALA A 1281 28.56 55.14 26.26
CA ALA A 1281 29.15 55.03 24.92
C ALA A 1281 29.31 53.61 24.37
N LEU A 1282 29.22 52.62 25.26
CA LEU A 1282 29.32 51.21 24.86
C LEU A 1282 27.94 50.56 24.80
N GLU A 1283 26.93 51.36 24.50
CA GLU A 1283 25.55 50.88 24.46
C GLU A 1283 25.10 50.54 23.05
N ALA A 1284 25.45 51.38 22.07
CA ALA A 1284 25.15 51.09 20.67
C ALA A 1284 26.04 49.95 20.19
N ALA A 1285 27.04 49.66 21.01
CA ALA A 1285 28.03 48.62 20.71
C ALA A 1285 27.64 47.25 21.26
N GLN A 1286 26.65 47.20 22.15
CA GLN A 1286 26.16 45.93 22.67
C GLN A 1286 25.65 45.07 21.52
N ALA A 1287 25.07 45.75 20.52
CA ALA A 1287 24.57 45.11 19.32
C ALA A 1287 25.74 44.71 18.41
N LYS A 1288 26.82 45.50 18.45
CA LYS A 1288 27.98 45.29 17.59
C LYS A 1288 29.16 44.53 18.22
N LEU A 1289 29.35 44.66 19.53
CA LEU A 1289 30.50 44.04 20.20
C LEU A 1289 30.26 42.58 20.52
N GLU A 1290 28.99 42.18 20.50
CA GLU A 1290 28.63 40.82 20.84
C GLU A 1290 29.03 39.81 19.74
N GLN A 1291 29.21 40.27 18.50
CA GLN A 1291 29.57 39.38 17.38
C GLN A 1291 31.04 39.43 16.98
N LEU A 1292 31.72 40.53 17.29
CA LEU A 1292 33.15 40.63 17.10
C LEU A 1292 33.81 40.00 18.32
N HIS A 1293 33.02 39.81 19.35
CA HIS A 1293 33.49 39.22 20.60
C HIS A 1293 34.56 40.13 21.21
N VAL A 1294 34.11 41.16 21.91
CA VAL A 1294 34.99 42.19 22.46
C VAL A 1294 34.75 42.45 23.97
N THR A 1295 35.75 42.14 24.79
CA THR A 1295 35.69 42.43 26.22
C THR A 1295 35.49 43.92 26.44
N GLN A 1296 34.53 44.30 27.27
CA GLN A 1296 34.32 45.71 27.54
C GLN A 1296 34.63 46.09 28.98
N GLY A 1297 34.72 47.40 29.23
CA GLY A 1297 35.02 47.95 30.54
C GLY A 1297 35.02 49.47 30.51
N GLN A 1298 35.48 50.11 31.59
CA GLN A 1298 35.53 51.58 31.66
C GLN A 1298 36.92 52.16 31.89
N TRP A 1299 37.19 53.30 31.25
CA TRP A 1299 38.54 53.82 31.17
C TRP A 1299 38.66 55.29 30.74
N ASP A 1300 39.34 56.09 31.56
CA ASP A 1300 39.62 57.50 31.26
C ASP A 1300 41.13 57.74 31.38
N PRO A 1301 41.78 58.16 30.28
CA PRO A 1301 43.23 58.34 30.14
C PRO A 1301 43.90 59.18 31.22
N ALA A 1302 43.84 58.69 32.46
CA ALA A 1302 44.42 59.37 33.62
C ALA A 1302 45.41 58.48 34.35
N ASN A 1303 45.90 57.44 33.66
CA ASN A 1303 46.95 56.53 34.14
C ASN A 1303 46.54 55.13 34.65
N PRO A 1304 45.52 55.04 35.52
CA PRO A 1304 45.22 53.79 36.25
C PRO A 1304 44.84 52.59 35.36
N ALA A 1305 45.80 51.70 35.11
CA ALA A 1305 45.58 50.49 34.32
C ALA A 1305 45.07 49.31 35.17
N PRO A 1306 43.75 49.06 35.14
CA PRO A 1306 43.03 48.10 35.99
C PRO A 1306 43.53 46.64 35.93
N GLY A 1307 42.86 45.77 36.66
CA GLY A 1307 43.07 44.34 36.50
C GLY A 1307 42.32 43.92 35.25
N SER A 1308 41.28 44.70 34.93
CA SER A 1308 40.46 44.50 33.73
C SER A 1308 41.22 44.84 32.44
N LEU A 1309 42.56 44.79 32.51
CA LEU A 1309 43.40 45.01 31.34
C LEU A 1309 44.52 43.96 31.37
N GLY A 1310 44.95 43.60 32.58
CA GLY A 1310 45.93 42.53 32.79
C GLY A 1310 47.08 42.45 31.79
N LYS A 1311 47.41 43.58 31.17
CA LYS A 1311 48.54 43.69 30.21
C LYS A 1311 48.34 43.00 28.84
N ALA A 1312 48.57 43.80 27.80
CA ALA A 1312 48.12 43.54 26.43
C ALA A 1312 49.28 43.25 25.46
N ASP A 1313 49.05 43.56 24.18
CA ASP A 1313 50.05 43.42 23.13
C ASP A 1313 50.01 44.66 22.22
N LEU A 1314 48.81 45.14 21.96
CA LEU A 1314 48.58 46.34 21.15
C LEU A 1314 47.55 47.22 21.83
N LEU A 1315 47.72 48.54 21.73
CA LEU A 1315 46.71 49.48 22.23
C LEU A 1315 46.41 50.55 21.20
N VAL A 1316 45.14 50.65 20.83
CA VAL A 1316 44.72 51.50 19.73
C VAL A 1316 43.85 52.63 20.27
N CYS A 1317 43.76 53.73 19.54
CA CYS A 1317 43.13 54.92 20.08
C CYS A 1317 42.83 55.94 18.98
N ASN A 1318 41.54 56.21 18.74
CA ASN A 1318 41.17 57.29 17.83
C ASN A 1318 41.14 58.63 18.56
N CYS A 1319 41.95 59.58 18.08
CA CYS A 1319 42.13 60.86 18.76
C CYS A 1319 41.52 62.02 17.97
N ALA A 1320 40.96 61.72 16.80
CA ALA A 1320 40.10 62.67 16.11
C ALA A 1320 38.78 62.55 16.83
N LEU A 1321 38.81 62.85 18.12
CA LEU A 1321 37.74 62.47 19.02
C LEU A 1321 37.49 63.52 20.08
N ALA A 1322 36.81 63.14 21.15
CA ALA A 1322 36.70 63.97 22.33
C ALA A 1322 38.09 64.02 22.97
N THR A 1323 39.04 64.68 22.30
CA THR A 1323 40.47 64.64 22.68
C THR A 1323 40.67 64.49 24.19
N LEU A 1324 41.51 63.52 24.55
CA LEU A 1324 41.68 63.05 25.93
C LEU A 1324 41.76 64.13 27.01
N GLY A 1325 42.25 65.31 26.63
CA GLY A 1325 42.43 66.39 27.56
C GLY A 1325 43.88 66.52 28.00
N ASP A 1326 44.55 65.37 28.08
CA ASP A 1326 45.93 65.35 28.55
C ASP A 1326 46.87 64.50 27.68
N PRO A 1327 48.03 65.09 27.33
CA PRO A 1327 49.07 64.59 26.42
C PRO A 1327 49.86 63.38 26.94
N ALA A 1328 50.70 63.59 27.96
CA ALA A 1328 51.59 62.54 28.48
C ALA A 1328 51.02 61.78 29.68
N VAL A 1329 49.86 62.20 30.17
CA VAL A 1329 49.14 61.48 31.23
C VAL A 1329 48.28 60.38 30.63
N ALA A 1330 47.72 60.64 29.46
CA ALA A 1330 47.05 59.61 28.71
C ALA A 1330 48.07 58.55 28.27
N VAL A 1331 49.29 58.99 27.92
CA VAL A 1331 50.37 58.10 27.43
C VAL A 1331 51.10 57.33 28.56
N GLY A 1332 51.00 57.83 29.79
CA GLY A 1332 51.60 57.17 30.94
C GLY A 1332 50.84 55.90 31.33
N ASN A 1333 49.57 55.85 30.95
CA ASN A 1333 48.79 54.62 31.06
C ASN A 1333 49.09 53.68 29.90
N MET A 1334 48.95 54.20 28.69
CA MET A 1334 49.20 53.40 27.49
C MET A 1334 50.59 52.79 27.57
N ALA A 1335 51.48 53.43 28.34
CA ALA A 1335 52.83 52.92 28.56
C ALA A 1335 52.89 51.88 29.69
N ALA A 1336 51.90 51.91 30.57
CA ALA A 1336 51.83 50.98 31.71
C ALA A 1336 50.96 49.75 31.45
N THR A 1337 50.66 49.49 30.16
CA THR A 1337 49.91 48.31 29.75
C THR A 1337 50.60 47.60 28.58
N LEU A 1338 51.83 48.01 28.30
CA LEU A 1338 52.72 47.29 27.39
C LEU A 1338 52.87 45.87 27.94
N LYS A 1339 53.45 44.98 27.13
CA LYS A 1339 53.82 43.66 27.61
C LYS A 1339 55.18 43.28 27.01
N GLU A 1340 56.25 43.71 27.68
CA GLU A 1340 57.62 43.51 27.20
C GLU A 1340 58.04 44.56 26.15
N GLY A 1341 57.36 44.57 25.00
CA GLY A 1341 57.60 45.57 23.97
C GLY A 1341 56.52 45.66 22.91
N GLY A 1342 55.26 45.55 23.31
CA GLY A 1342 54.12 45.62 22.40
C GLY A 1342 53.94 46.94 21.67
N PHE A 1343 52.72 47.21 21.22
CA PHE A 1343 52.50 48.29 20.26
C PHE A 1343 51.36 49.27 20.59
N LEU A 1344 51.52 50.50 20.10
CA LEU A 1344 50.55 51.57 20.30
C LEU A 1344 50.16 52.28 19.00
N LEU A 1345 48.90 52.14 18.62
CA LEU A 1345 48.39 52.83 17.44
C LEU A 1345 47.45 53.97 17.88
N LEU A 1346 47.78 55.19 17.48
CA LEU A 1346 46.98 56.36 17.85
C LEU A 1346 46.81 57.24 16.61
N HIS A 1347 45.77 58.04 16.59
CA HIS A 1347 45.43 58.80 15.38
C HIS A 1347 44.85 60.16 15.72
N THR A 1348 45.64 61.22 15.56
CA THR A 1348 45.15 62.58 15.82
C THR A 1348 45.06 63.38 14.52
N LEU A 1349 44.12 64.31 14.48
CA LEU A 1349 44.06 65.29 13.38
C LEU A 1349 45.10 66.36 13.65
N LEU A 1350 45.97 66.65 12.68
CA LEU A 1350 47.05 67.63 12.90
C LEU A 1350 46.64 69.06 12.54
N ALA A 1351 46.99 70.00 13.42
CA ALA A 1351 46.61 71.42 13.27
C ALA A 1351 47.56 72.20 12.36
N GLY A 1352 48.43 71.47 11.66
CA GLY A 1352 49.25 72.06 10.61
C GLY A 1352 48.62 71.84 9.24
N HIS A 1353 47.31 71.99 9.17
CA HIS A 1353 46.55 71.80 7.93
C HIS A 1353 45.30 72.70 7.94
N PRO A 1354 44.59 72.79 6.79
CA PRO A 1354 43.42 73.69 6.73
C PRO A 1354 42.22 73.17 7.51
N LEU A 1355 42.20 71.86 7.78
CA LEU A 1355 41.11 71.23 8.54
C LEU A 1355 41.53 70.87 9.97
N GLY A 1356 42.83 70.65 10.18
CA GLY A 1356 43.34 70.24 11.48
C GLY A 1356 43.02 71.19 12.63
N GLU A 1357 43.02 72.49 12.36
CA GLU A 1357 42.66 73.49 13.36
C GLU A 1357 41.14 73.72 13.35
N MET A 1358 40.49 73.28 12.28
CA MET A 1358 39.05 73.45 12.09
C MET A 1358 38.21 72.33 12.71
N VAL A 1359 38.89 71.30 13.17
CA VAL A 1359 38.25 70.28 14.01
C VAL A 1359 38.25 70.77 15.45
N GLY A 1360 39.42 71.24 15.90
CA GLY A 1360 39.59 71.73 17.27
C GLY A 1360 38.59 72.78 17.71
N PHE A 1361 38.30 73.73 16.83
CA PHE A 1361 37.34 74.81 17.11
C PHE A 1361 35.90 74.31 17.31
N LEU A 1362 35.48 73.38 16.46
CA LEU A 1362 34.06 72.96 16.35
C LEU A 1362 33.51 72.20 17.57
N THR A 1363 33.63 70.86 17.56
CA THR A 1363 32.95 70.00 18.56
C THR A 1363 33.34 70.24 20.03
N SER A 1364 34.58 70.65 20.28
CA SER A 1364 35.01 71.03 21.63
C SER A 1364 34.99 72.56 21.76
N PRO A 1365 33.85 73.12 22.22
CA PRO A 1365 33.73 74.58 22.33
C PRO A 1365 34.84 75.20 23.17
N GLU A 1366 35.61 74.36 23.87
CA GLU A 1366 36.67 74.78 24.82
C GLU A 1366 37.63 75.87 24.27
N GLN A 1367 37.97 76.84 25.12
CA GLN A 1367 38.86 77.95 24.75
C GLN A 1367 40.20 77.49 24.19
N GLY A 1368 40.63 76.30 24.60
CA GLY A 1368 41.81 75.66 24.06
C GLY A 1368 41.35 74.50 23.19
N GLY A 1369 40.33 74.75 22.39
CA GLY A 1369 39.80 73.76 21.47
C GLY A 1369 40.74 73.53 20.30
N ARG A 1370 41.72 74.42 20.15
CA ARG A 1370 42.77 74.25 19.15
C ARG A 1370 43.78 73.21 19.64
N HIS A 1371 43.30 72.29 20.49
CA HIS A 1371 44.15 71.30 21.16
C HIS A 1371 44.49 70.07 20.32
N LEU A 1372 45.30 70.27 19.28
CA LEU A 1372 45.82 69.17 18.48
C LEU A 1372 47.20 69.54 17.91
N LEU A 1373 48.26 69.11 18.59
CA LEU A 1373 49.64 69.50 18.29
C LEU A 1373 50.08 69.11 16.86
N SER A 1374 51.31 69.45 16.48
CA SER A 1374 51.85 69.07 15.17
C SER A 1374 52.89 67.95 15.24
N GLN A 1375 53.38 67.50 14.08
CA GLN A 1375 54.23 66.31 13.99
C GLN A 1375 55.44 66.27 14.92
N ASP A 1376 56.13 67.40 15.06
CA ASP A 1376 57.27 67.49 15.96
C ASP A 1376 56.82 67.42 17.41
N GLN A 1377 55.64 67.97 17.68
CA GLN A 1377 55.12 68.06 19.04
C GLN A 1377 54.64 66.70 19.60
N TRP A 1378 54.21 65.81 18.71
CA TRP A 1378 53.85 64.46 19.13
C TRP A 1378 55.11 63.59 19.23
N GLU A 1379 56.10 63.93 18.39
CA GLU A 1379 57.37 63.19 18.32
C GLU A 1379 58.09 63.07 19.67
N SER A 1380 58.18 64.18 20.40
CA SER A 1380 58.82 64.18 21.72
C SER A 1380 57.84 63.86 22.87
N LEU A 1381 56.57 63.69 22.54
CA LEU A 1381 55.57 63.25 23.51
C LEU A 1381 55.65 61.73 23.63
N PHE A 1382 56.31 61.12 22.64
CA PHE A 1382 56.57 59.69 22.63
C PHE A 1382 58.00 59.41 23.10
N ALA A 1383 58.93 60.27 22.73
CA ALA A 1383 60.32 60.16 23.18
C ALA A 1383 60.42 60.25 24.70
N GLY A 1384 59.31 60.62 25.34
CA GLY A 1384 59.26 60.73 26.79
C GLY A 1384 58.95 59.41 27.46
N ALA A 1385 58.03 58.65 26.88
CA ALA A 1385 57.65 57.36 27.44
C ALA A 1385 58.63 56.24 27.06
N SER A 1386 59.72 56.61 26.37
CA SER A 1386 60.77 55.66 25.95
C SER A 1386 60.44 54.87 24.65
N LEU A 1387 59.62 55.47 23.80
CA LEU A 1387 59.12 54.84 22.57
C LEU A 1387 60.01 55.06 21.37
N HIS A 1388 59.61 54.47 20.25
CA HIS A 1388 60.23 54.70 18.97
C HIS A 1388 59.12 54.65 17.92
N LEU A 1389 58.99 55.73 17.16
CA LEU A 1389 58.06 55.71 16.04
C LEU A 1389 58.40 54.52 15.17
N VAL A 1390 57.55 53.51 15.22
CA VAL A 1390 57.72 52.38 14.34
C VAL A 1390 57.24 52.80 12.96
N ALA A 1391 56.13 53.53 12.91
CA ALA A 1391 55.55 53.93 11.62
C ALA A 1391 54.93 55.33 11.60
N LEU A 1392 54.64 55.80 10.39
CA LEU A 1392 54.11 57.14 10.19
C LEU A 1392 53.37 57.22 8.87
N LYS A 1393 52.08 57.53 8.93
CA LYS A 1393 51.24 57.69 7.73
C LYS A 1393 50.64 59.10 7.67
N ARG A 1394 51.38 60.05 7.11
CA ARG A 1394 50.89 61.42 6.96
C ARG A 1394 49.93 61.58 5.78
N SER A 1395 48.70 61.96 6.09
CA SER A 1395 47.68 62.21 5.07
C SER A 1395 47.82 63.62 4.50
N PHE A 1396 47.18 63.86 3.36
CA PHE A 1396 47.23 65.18 2.72
C PHE A 1396 46.34 66.22 3.43
N TYR A 1397 45.19 65.79 3.97
CA TYR A 1397 44.27 66.72 4.62
C TYR A 1397 44.63 67.02 6.09
N GLY A 1398 45.58 66.26 6.63
CA GLY A 1398 46.08 66.53 7.97
C GLY A 1398 46.00 65.36 8.94
N SER A 1399 45.36 64.29 8.50
CA SER A 1399 45.23 63.07 9.29
C SER A 1399 46.57 62.35 9.36
N VAL A 1400 47.00 61.96 10.55
CA VAL A 1400 48.29 61.26 10.69
C VAL A 1400 48.19 60.04 11.60
N LEU A 1401 48.85 58.96 11.20
CA LEU A 1401 48.80 57.68 11.89
C LEU A 1401 50.13 57.36 12.58
N PHE A 1402 50.07 57.01 13.87
CA PHE A 1402 51.27 56.75 14.64
C PHE A 1402 51.28 55.33 15.19
N LEU A 1403 52.29 54.56 14.79
CA LEU A 1403 52.57 53.31 15.46
C LEU A 1403 53.73 53.54 16.43
N CYS A 1404 53.64 52.98 17.63
CA CYS A 1404 54.68 53.18 18.65
C CYS A 1404 54.99 51.92 19.47
N ARG A 1405 56.26 51.59 19.52
CA ARG A 1405 56.73 50.43 20.25
C ARG A 1405 57.79 50.85 21.25
N GLN A 1406 57.66 50.40 22.50
CA GLN A 1406 58.65 50.76 23.53
C GLN A 1406 59.57 49.61 23.94
N GLN A 1407 60.87 49.86 23.83
CA GLN A 1407 61.89 48.80 23.79
C GLN A 1407 62.55 48.44 25.13
N THR A 1408 62.50 47.14 25.45
CA THR A 1408 63.22 46.56 26.58
C THR A 1408 64.57 46.03 26.06
N PRO A 1409 65.66 46.36 26.76
CA PRO A 1409 67.07 46.17 26.36
C PRO A 1409 67.37 44.96 25.48
N GLN A 1410 68.34 45.14 24.58
CA GLN A 1410 68.80 44.07 23.70
C GLN A 1410 69.97 43.31 24.34
N ASP A 1411 70.13 42.04 23.97
CA ASP A 1411 71.15 41.17 24.56
C ASP A 1411 72.43 41.09 23.73
N SER A 1412 72.75 39.87 23.31
CA SER A 1412 73.88 39.62 22.40
C SER A 1412 73.34 39.39 21.00
N PRO A 1413 73.45 40.42 20.13
CA PRO A 1413 72.89 40.39 18.77
C PRO A 1413 73.80 39.65 17.78
N VAL A 1414 73.53 38.36 17.57
CA VAL A 1414 74.29 37.57 16.60
C VAL A 1414 73.96 38.03 15.16
N PHE A 1415 74.98 38.13 14.32
CA PHE A 1415 74.76 38.56 12.93
C PHE A 1415 75.19 37.51 11.89
N LEU A 1416 74.22 36.89 11.24
CA LEU A 1416 74.50 35.89 10.21
C LEU A 1416 74.01 36.34 8.83
N SER A 1417 74.95 36.49 7.88
CA SER A 1417 74.62 36.84 6.51
C SER A 1417 74.20 35.60 5.71
N VAL A 1418 73.16 35.76 4.89
CA VAL A 1418 72.52 34.66 4.19
C VAL A 1418 72.62 34.85 2.67
N GLU A 1419 73.79 35.30 2.22
CA GLU A 1419 73.99 35.63 0.81
C GLU A 1419 74.45 34.44 -0.03
N ASP A 1420 75.14 33.50 0.62
CA ASP A 1420 75.76 32.35 -0.05
C ASP A 1420 74.75 31.57 -0.91
N THR A 1421 75.26 30.74 -1.82
CA THR A 1421 74.42 29.82 -2.60
C THR A 1421 74.56 28.43 -1.99
N SER A 1422 75.62 28.29 -1.19
CA SER A 1422 75.93 27.06 -0.46
C SER A 1422 74.77 26.60 0.39
N PHE A 1423 74.33 27.50 1.27
CA PHE A 1423 73.41 27.22 2.36
C PHE A 1423 74.19 26.74 3.58
N ARG A 1424 75.36 27.31 3.77
CA ARG A 1424 76.15 26.94 4.92
C ARG A 1424 75.50 27.47 6.20
N TRP A 1425 75.11 28.75 6.17
CA TRP A 1425 74.49 29.41 7.31
C TRP A 1425 73.46 28.50 8.00
N VAL A 1426 73.03 27.46 7.27
CA VAL A 1426 72.04 26.51 7.77
C VAL A 1426 72.49 25.78 9.03
N ASP A 1427 73.71 25.25 9.01
CA ASP A 1427 74.26 24.57 10.18
C ASP A 1427 74.75 25.59 11.22
N SER A 1428 74.78 26.85 10.82
CA SER A 1428 75.11 27.95 11.72
C SER A 1428 73.87 28.47 12.48
N LEU A 1429 72.70 28.39 11.85
CA LEU A 1429 71.42 28.73 12.51
C LEU A 1429 70.91 27.53 13.29
N LYS A 1430 71.49 26.39 12.97
CA LYS A 1430 71.17 25.14 13.63
C LYS A 1430 72.05 25.07 14.89
N ASP A 1431 73.13 25.85 14.88
CA ASP A 1431 74.00 26.00 16.04
C ASP A 1431 73.50 27.09 16.99
N ILE A 1432 72.93 28.17 16.43
CA ILE A 1432 72.39 29.28 17.24
C ILE A 1432 71.07 28.88 17.91
N LEU A 1433 70.80 27.58 17.89
CA LEU A 1433 69.67 27.03 18.62
C LEU A 1433 70.18 26.38 19.90
N ALA A 1434 71.48 26.48 20.12
CA ALA A 1434 72.12 26.08 21.37
C ALA A 1434 72.26 27.26 22.35
N ASP A 1435 72.34 28.48 21.78
CA ASP A 1435 72.32 29.75 22.53
C ASP A 1435 70.99 29.90 23.30
N ALA A 1436 71.07 29.96 24.63
CA ALA A 1436 69.90 30.05 25.50
C ALA A 1436 68.82 31.04 24.99
N SER A 1437 68.79 32.23 25.59
CA SER A 1437 67.82 33.25 25.20
C SER A 1437 68.40 34.33 24.28
N SER A 1438 69.27 33.91 23.34
CA SER A 1438 69.80 34.79 22.30
C SER A 1438 68.68 35.71 21.80
N ARG A 1439 68.46 36.82 22.50
CA ARG A 1439 67.28 37.64 22.21
C ARG A 1439 67.33 38.24 20.80
N PRO A 1440 68.44 38.91 20.44
CA PRO A 1440 68.58 39.40 19.06
C PRO A 1440 69.36 38.43 18.18
N VAL A 1441 68.68 37.69 17.30
CA VAL A 1441 69.34 36.88 16.26
C VAL A 1441 68.92 37.37 14.87
N TRP A 1442 69.80 38.13 14.22
CA TRP A 1442 69.44 38.84 12.99
C TRP A 1442 69.97 38.17 11.72
N LEU A 1443 69.06 37.73 10.86
CA LEU A 1443 69.40 37.24 9.53
C LEU A 1443 69.41 38.39 8.53
N MET A 1444 70.40 38.40 7.64
CA MET A 1444 70.53 39.52 6.71
C MET A 1444 71.32 39.21 5.45
N ALA A 1445 70.64 39.30 4.30
CA ALA A 1445 71.32 39.24 3.04
C ALA A 1445 72.02 40.55 2.82
N VAL A 1446 73.19 40.52 2.20
CA VAL A 1446 73.85 41.74 1.78
C VAL A 1446 74.08 41.72 0.26
N GLY A 1447 74.24 40.52 -0.30
CA GLY A 1447 74.52 40.39 -1.72
C GLY A 1447 73.30 40.25 -2.62
N CYS A 1448 72.78 39.03 -2.72
CA CYS A 1448 71.65 38.73 -3.61
C CYS A 1448 70.43 39.62 -3.35
N SER A 1449 70.00 40.34 -4.38
CA SER A 1449 68.70 41.01 -4.37
C SER A 1449 67.55 40.00 -4.52
N THR A 1450 67.85 38.73 -4.32
CA THR A 1450 66.86 37.68 -4.51
C THR A 1450 67.07 36.60 -3.45
N SER A 1451 67.22 37.03 -2.20
CA SER A 1451 67.65 36.14 -1.13
C SER A 1451 66.53 35.69 -0.19
N GLY A 1452 65.31 35.74 -0.70
CA GLY A 1452 64.15 35.28 0.05
C GLY A 1452 64.36 34.96 1.52
N VAL A 1453 64.82 35.94 2.29
CA VAL A 1453 64.88 35.79 3.74
C VAL A 1453 63.50 36.05 4.29
N VAL A 1454 62.87 37.15 3.88
CA VAL A 1454 61.51 37.50 4.30
C VAL A 1454 60.61 36.26 4.43
N GLY A 1455 60.72 35.33 3.48
CA GLY A 1455 59.99 34.08 3.54
C GLY A 1455 60.57 33.12 4.56
N MET A 1456 61.89 32.94 4.53
CA MET A 1456 62.60 32.14 5.53
C MET A 1456 62.11 32.50 6.93
N VAL A 1457 62.37 33.74 7.31
CA VAL A 1457 61.98 34.25 8.61
C VAL A 1457 60.59 33.77 8.97
N ASN A 1458 59.61 34.07 8.12
CA ASN A 1458 58.23 33.72 8.42
C ASN A 1458 58.04 32.27 8.87
N CYS A 1459 58.99 31.40 8.53
CA CYS A 1459 58.94 29.99 8.94
C CYS A 1459 59.54 29.74 10.31
N LEU A 1460 60.76 30.23 10.52
CA LEU A 1460 61.48 30.11 11.78
C LEU A 1460 60.80 30.90 12.91
N ARG A 1461 60.40 32.13 12.59
CA ARG A 1461 59.68 33.04 13.49
C ARG A 1461 58.47 32.42 14.21
N LYS A 1462 58.07 31.21 13.79
CA LYS A 1462 57.01 30.47 14.48
C LYS A 1462 57.30 28.97 14.50
N GLU A 1463 58.55 28.63 14.19
CA GLU A 1463 59.04 27.27 14.39
C GLU A 1463 59.56 27.20 15.81
N PRO A 1464 59.04 26.24 16.62
CA PRO A 1464 59.39 26.09 18.03
C PRO A 1464 60.77 26.64 18.44
N GLY A 1465 61.82 26.22 17.74
CA GLY A 1465 63.18 26.61 18.09
C GLY A 1465 63.48 28.10 18.17
N GLY A 1466 62.85 28.89 17.31
CA GLY A 1466 63.13 30.32 17.25
C GLY A 1466 61.93 31.20 17.59
N HIS A 1467 60.86 30.56 18.03
CA HIS A 1467 59.62 31.22 18.43
C HIS A 1467 59.94 32.61 19.03
N ARG A 1468 60.38 32.61 20.29
CA ARG A 1468 60.76 33.85 20.97
C ARG A 1468 62.12 34.38 20.52
N ILE A 1469 62.73 33.73 19.54
CA ILE A 1469 64.11 34.09 19.14
C ILE A 1469 64.22 35.50 18.59
N ARG A 1470 63.09 36.15 18.33
CA ARG A 1470 63.13 37.51 17.81
C ARG A 1470 63.98 37.46 16.55
N CYS A 1471 63.62 36.50 15.69
CA CYS A 1471 64.30 36.25 14.43
C CYS A 1471 64.04 37.44 13.52
N VAL A 1472 65.08 38.20 13.23
CA VAL A 1472 64.90 39.42 12.46
C VAL A 1472 65.58 39.28 11.12
N LEU A 1473 65.25 40.20 10.22
CA LEU A 1473 65.72 40.14 8.86
C LEU A 1473 66.16 41.50 8.35
N VAL A 1474 67.09 41.48 7.39
CA VAL A 1474 67.52 42.69 6.71
C VAL A 1474 67.77 42.40 5.23
N SER A 1475 67.17 43.21 4.36
CA SER A 1475 67.16 42.91 2.93
C SER A 1475 67.51 44.11 2.05
N ASN A 1476 68.35 43.84 1.06
CA ASN A 1476 68.77 44.83 0.08
C ASN A 1476 68.09 44.62 -1.25
N LEU A 1477 67.03 45.37 -1.51
CA LEU A 1477 66.28 45.24 -2.75
C LEU A 1477 66.17 46.53 -3.53
N SER A 1478 67.30 47.04 -3.98
CA SER A 1478 67.27 48.16 -4.90
C SER A 1478 66.75 47.65 -6.25
N SER A 1479 65.87 48.45 -6.88
CA SER A 1479 65.14 48.01 -8.06
C SER A 1479 65.60 48.64 -9.39
N THR A 1480 66.11 49.88 -9.35
CA THR A 1480 66.84 50.44 -10.51
C THR A 1480 68.32 50.52 -10.18
N SER A 1481 69.12 50.81 -11.20
CA SER A 1481 70.57 50.85 -11.05
C SER A 1481 71.08 51.98 -10.11
N PRO A 1482 70.59 53.23 -10.28
CA PRO A 1482 71.06 54.33 -9.44
C PRO A 1482 70.46 54.38 -8.02
N ALA A 1483 70.49 53.25 -7.30
CA ALA A 1483 69.89 53.21 -5.96
C ALA A 1483 70.79 52.71 -4.81
N PRO A 1484 72.10 52.98 -4.87
CA PRO A 1484 73.00 52.52 -3.79
C PRO A 1484 72.66 53.15 -2.45
N GLU A 1485 72.79 52.38 -1.37
CA GLU A 1485 72.58 52.87 0.00
C GLU A 1485 72.34 51.73 1.01
N MET A 1486 73.32 50.85 1.19
CA MET A 1486 73.18 49.76 2.16
C MET A 1486 74.51 49.32 2.81
N HIS A 1487 74.74 49.77 4.04
CA HIS A 1487 75.96 49.41 4.77
C HIS A 1487 75.67 49.08 6.25
N PRO A 1488 76.27 48.00 6.76
CA PRO A 1488 76.19 47.64 8.19
C PRO A 1488 77.33 48.19 9.08
N SER A 1489 77.23 47.94 10.39
CA SER A 1489 78.24 48.32 11.40
C SER A 1489 78.20 49.79 11.78
N SER A 1490 77.67 50.61 10.88
CA SER A 1490 77.73 52.07 11.02
C SER A 1490 76.45 52.70 11.54
N SER A 1491 76.02 53.78 10.87
CA SER A 1491 74.91 54.61 11.34
C SER A 1491 73.52 53.99 11.17
N GLU A 1492 73.25 53.37 10.03
CA GLU A 1492 71.93 52.82 9.75
C GLU A 1492 71.64 51.46 10.43
N LEU A 1493 72.65 50.60 10.49
CA LEU A 1493 72.53 49.30 11.16
C LEU A 1493 71.89 49.48 12.53
N GLN A 1494 72.28 50.56 13.21
CA GLN A 1494 71.84 50.85 14.56
C GLN A 1494 70.53 51.64 14.56
N LYS A 1495 70.25 52.33 13.45
CA LYS A 1495 68.94 52.94 13.27
C LYS A 1495 67.90 51.83 13.26
N VAL A 1496 68.25 50.71 12.61
CA VAL A 1496 67.33 49.59 12.42
C VAL A 1496 67.30 48.63 13.63
N LEU A 1497 68.43 48.53 14.32
CA LEU A 1497 68.49 47.74 15.54
C LEU A 1497 67.67 48.44 16.63
N GLN A 1498 67.74 49.78 16.66
CA GLN A 1498 66.94 50.59 17.57
C GLN A 1498 65.44 50.43 17.30
N GLY A 1499 65.05 50.53 16.03
CA GLY A 1499 63.67 50.29 15.64
C GLY A 1499 63.24 48.88 16.01
N ASP A 1500 64.17 47.94 15.90
CA ASP A 1500 63.96 46.56 16.38
C ASP A 1500 62.94 45.73 15.57
N LEU A 1501 62.08 46.42 14.82
CA LEU A 1501 61.04 45.77 14.00
C LEU A 1501 61.52 44.44 13.42
N VAL A 1502 60.65 43.42 13.45
CA VAL A 1502 60.99 42.09 12.94
C VAL A 1502 61.47 42.12 11.49
N MET A 1503 60.75 42.89 10.67
CA MET A 1503 60.92 42.86 9.22
C MET A 1503 61.44 44.18 8.67
N ASN A 1504 62.68 44.15 8.17
CA ASN A 1504 63.36 45.36 7.70
C ASN A 1504 63.84 45.29 6.27
N VAL A 1505 63.09 45.90 5.35
CA VAL A 1505 63.48 45.84 3.96
C VAL A 1505 63.89 47.22 3.45
N TYR A 1506 64.55 47.28 2.30
CA TYR A 1506 64.99 48.55 1.76
C TYR A 1506 64.92 48.65 0.24
N ARG A 1507 63.97 49.44 -0.26
CA ARG A 1507 63.81 49.69 -1.69
C ARG A 1507 64.16 51.12 -2.07
N ASP A 1508 65.34 51.32 -2.64
CA ASP A 1508 65.70 52.60 -3.25
C ASP A 1508 65.43 53.83 -2.38
N GLY A 1509 65.52 53.68 -1.07
CA GLY A 1509 65.43 54.83 -0.17
C GLY A 1509 64.61 54.71 1.10
N ALA A 1510 63.66 53.80 1.15
CA ALA A 1510 62.74 53.72 2.28
C ALA A 1510 62.89 52.46 3.12
N TRP A 1511 62.72 52.62 4.42
CA TRP A 1511 62.74 51.47 5.31
C TRP A 1511 61.31 51.07 5.63
N GLY A 1512 60.94 49.87 5.22
CA GLY A 1512 59.61 49.33 5.43
C GLY A 1512 59.66 47.85 5.15
N ALA A 1513 58.80 47.09 5.80
CA ALA A 1513 58.77 45.65 5.60
C ALA A 1513 57.97 45.30 4.36
N PHE A 1514 57.71 44.01 4.16
CA PHE A 1514 56.80 43.59 3.09
C PHE A 1514 55.41 43.31 3.64
N ARG A 1515 54.43 44.09 3.22
CA ARG A 1515 53.09 43.92 3.77
C ARG A 1515 52.05 43.36 2.82
N HIS A 1516 51.00 42.80 3.41
CA HIS A 1516 49.84 42.30 2.68
C HIS A 1516 48.69 43.29 2.74
N PHE A 1517 48.15 43.61 1.57
CA PHE A 1517 46.99 44.49 1.46
C PHE A 1517 45.93 43.78 0.64
N PRO A 1518 44.68 44.23 0.76
CA PRO A 1518 43.59 43.65 -0.03
C PRO A 1518 43.75 44.06 -1.48
N LEU A 1519 43.22 43.28 -2.40
CA LEU A 1519 43.31 43.64 -3.81
C LEU A 1519 42.14 44.55 -4.24
N GLU A 1520 42.41 45.34 -5.29
CA GLU A 1520 41.52 46.39 -5.74
C GLU A 1520 40.26 45.90 -6.43
N GLN A 1521 40.00 44.59 -6.33
CA GLN A 1521 38.67 44.04 -6.54
C GLN A 1521 38.13 44.15 -7.99
N ASP A 1522 38.02 45.39 -8.47
CA ASP A 1522 37.49 45.72 -9.79
C ASP A 1522 38.01 44.81 -10.89
N ARG A 1523 37.09 44.21 -11.64
CA ARG A 1523 37.42 43.28 -12.72
C ARG A 1523 38.16 43.98 -13.87
N PRO A 1524 39.51 43.82 -13.93
CA PRO A 1524 40.34 44.59 -14.88
C PRO A 1524 39.82 44.62 -16.32
N GLU A 1525 39.51 45.84 -16.76
CA GLU A 1525 38.94 46.11 -18.06
C GLU A 1525 40.08 46.47 -19.01
N LYS A 1526 39.75 46.63 -20.28
CA LYS A 1526 40.76 47.05 -21.23
C LYS A 1526 40.16 47.77 -22.46
N GLN A 1527 40.94 48.68 -23.01
CA GLN A 1527 40.61 49.45 -24.20
C GLN A 1527 40.73 48.56 -25.46
N THR A 1528 39.61 48.19 -26.08
CA THR A 1528 39.67 47.33 -27.27
C THR A 1528 38.92 47.84 -28.50
N GLU A 1529 39.23 47.24 -29.65
CA GLU A 1529 38.45 47.42 -30.87
C GLU A 1529 37.67 46.14 -31.12
N HIS A 1530 37.82 45.21 -30.19
CA HIS A 1530 37.18 43.91 -30.27
C HIS A 1530 36.57 43.50 -28.94
N ALA A 1531 35.31 43.07 -28.97
CA ALA A 1531 34.69 42.47 -27.80
C ALA A 1531 33.43 41.75 -28.22
N PHE A 1532 33.07 40.71 -27.47
CA PHE A 1532 31.86 39.93 -27.70
C PHE A 1532 31.13 39.87 -26.37
N VAL A 1533 29.80 39.88 -26.39
CA VAL A 1533 29.12 39.83 -25.11
C VAL A 1533 28.74 38.41 -24.69
N ASN A 1534 29.03 38.11 -23.43
CA ASN A 1534 28.74 36.81 -22.85
C ASN A 1534 27.98 37.02 -21.54
N VAL A 1535 27.29 35.97 -21.09
CA VAL A 1535 26.69 35.93 -19.76
C VAL A 1535 27.77 35.46 -18.78
N LEU A 1536 27.76 35.97 -17.55
CA LEU A 1536 28.74 35.54 -16.55
C LEU A 1536 28.14 34.54 -15.55
N SER A 1537 26.83 34.31 -15.67
CA SER A 1537 26.12 33.41 -14.77
C SER A 1537 24.78 32.96 -15.34
N ARG A 1538 24.77 31.76 -15.92
CA ARG A 1538 23.60 31.20 -16.59
C ARG A 1538 22.25 31.41 -15.88
N GLY A 1539 21.48 32.40 -16.33
CA GLY A 1539 20.11 32.59 -15.86
C GLY A 1539 19.81 33.91 -15.16
N ASP A 1540 20.85 34.70 -14.97
CA ASP A 1540 20.75 36.00 -14.31
C ASP A 1540 21.25 37.05 -15.29
N LEU A 1541 20.33 37.84 -15.84
CA LEU A 1541 20.68 38.73 -16.93
C LEU A 1541 21.59 39.89 -16.51
N SER A 1542 21.57 40.23 -15.22
CA SER A 1542 22.49 41.22 -14.67
C SER A 1542 23.93 40.80 -14.90
N SER A 1543 24.16 39.50 -14.76
CA SER A 1543 25.47 38.93 -15.04
C SER A 1543 25.67 38.87 -16.55
N ILE A 1544 25.58 40.04 -17.18
CA ILE A 1544 25.99 40.21 -18.58
C ILE A 1544 26.99 41.37 -18.58
N ARG A 1545 28.06 41.24 -19.35
CA ARG A 1545 29.03 42.32 -19.55
C ARG A 1545 29.78 42.15 -20.89
N TRP A 1546 30.61 43.13 -21.28
CA TRP A 1546 31.41 43.01 -22.50
C TRP A 1546 32.77 42.32 -22.28
N VAL A 1547 32.84 41.01 -22.55
CA VAL A 1547 34.09 40.26 -22.42
C VAL A 1547 35.04 40.61 -23.57
N CYS A 1548 36.34 40.48 -23.35
CA CYS A 1548 37.30 40.74 -24.43
C CYS A 1548 37.25 39.70 -25.54
N SER A 1549 37.26 40.18 -26.77
CA SER A 1549 37.29 39.32 -27.94
C SER A 1549 38.70 38.77 -28.10
N PRO A 1550 38.84 37.46 -28.40
CA PRO A 1550 40.14 36.82 -28.62
C PRO A 1550 40.89 37.36 -29.83
N LEU A 1551 40.23 38.17 -30.65
CA LEU A 1551 40.89 38.85 -31.75
C LEU A 1551 41.61 40.10 -31.23
N HIS A 1552 41.32 40.43 -29.98
CA HIS A 1552 41.97 41.54 -29.34
C HIS A 1552 43.32 41.08 -28.81
N TYR A 1553 43.58 39.78 -28.91
CA TYR A 1553 44.86 39.23 -28.44
C TYR A 1553 45.80 38.85 -29.59
N ALA A 1554 45.22 38.45 -30.72
CA ALA A 1554 46.02 38.17 -31.92
C ALA A 1554 45.14 37.86 -33.12
N LEU A 1555 45.52 38.44 -34.25
CA LEU A 1555 44.77 38.31 -35.49
C LEU A 1555 45.71 37.77 -36.56
N PRO A 1556 45.80 36.44 -36.66
CA PRO A 1556 46.89 35.81 -37.42
C PRO A 1556 46.56 35.77 -38.90
N ALA A 1557 47.41 36.37 -39.72
CA ALA A 1557 47.20 36.44 -41.17
C ALA A 1557 46.17 35.43 -41.65
N SER A 1558 46.38 34.16 -41.31
CA SER A 1558 45.46 33.10 -41.67
C SER A 1558 44.00 33.54 -41.67
N CYS A 1559 43.41 33.69 -40.48
CA CYS A 1559 41.97 34.00 -40.36
C CYS A 1559 41.63 35.45 -40.77
N GLN A 1560 42.65 36.30 -40.83
CA GLN A 1560 42.53 37.75 -40.95
C GLN A 1560 41.82 38.28 -42.19
N ASP A 1561 42.00 37.58 -43.30
CA ASP A 1561 41.36 37.98 -44.54
C ASP A 1561 39.86 37.74 -44.42
N ARG A 1562 39.39 37.50 -43.21
CA ARG A 1562 37.98 37.24 -42.97
C ARG A 1562 37.40 38.16 -41.92
N LEU A 1563 38.11 39.22 -41.56
CA LEU A 1563 37.59 40.04 -40.48
C LEU A 1563 36.40 40.85 -40.93
N CYS A 1564 35.60 41.28 -39.97
CA CYS A 1564 34.36 41.99 -40.24
C CYS A 1564 33.96 42.82 -39.03
N SER A 1565 33.76 44.12 -39.22
CA SER A 1565 33.41 45.01 -38.14
C SER A 1565 31.91 45.19 -38.11
N VAL A 1566 31.34 45.08 -36.92
CA VAL A 1566 29.90 44.98 -36.76
C VAL A 1566 29.25 46.30 -36.45
N TYR A 1567 28.25 46.66 -37.23
CA TYR A 1567 27.46 47.83 -36.92
C TYR A 1567 26.25 47.44 -36.09
N TYR A 1568 25.63 46.32 -36.45
CA TYR A 1568 24.48 45.83 -35.74
C TYR A 1568 24.54 44.33 -35.44
N THR A 1569 24.37 43.93 -34.19
CA THR A 1569 24.13 42.52 -33.91
C THR A 1569 22.75 42.37 -33.36
N SER A 1570 22.12 41.25 -33.68
CA SER A 1570 20.73 41.04 -33.32
C SER A 1570 20.57 39.79 -32.47
N LEU A 1571 19.73 39.87 -31.45
CA LEU A 1571 19.39 38.71 -30.63
C LEU A 1571 18.45 37.82 -31.42
N ASN A 1572 18.46 36.53 -31.12
CA ASN A 1572 17.36 35.67 -31.52
C ASN A 1572 16.89 34.94 -30.30
N PHE A 1573 15.92 34.07 -30.49
CA PHE A 1573 15.28 33.51 -29.34
C PHE A 1573 16.27 32.66 -28.59
N ARG A 1574 17.00 31.83 -29.32
CA ARG A 1574 17.98 30.97 -28.65
C ARG A 1574 18.91 31.81 -27.75
N ASP A 1575 19.26 33.00 -28.20
CA ASP A 1575 20.13 33.85 -27.40
C ASP A 1575 19.48 34.09 -26.04
N VAL A 1576 18.16 34.13 -26.01
CA VAL A 1576 17.45 34.34 -24.75
C VAL A 1576 17.31 33.06 -23.90
N MET A 1577 16.63 32.05 -24.43
CA MET A 1577 16.45 30.79 -23.71
C MET A 1577 17.75 30.26 -23.08
N LEU A 1578 18.90 30.73 -23.58
CA LEU A 1578 20.19 30.34 -23.01
C LEU A 1578 20.57 31.30 -21.91
N ALA A 1579 20.54 32.60 -22.21
CA ALA A 1579 20.80 33.64 -21.21
C ALA A 1579 19.80 33.53 -20.04
N THR A 1580 18.87 32.59 -20.19
CA THR A 1580 17.85 32.30 -19.19
C THR A 1580 18.17 30.95 -18.57
N GLY A 1581 18.10 29.91 -19.38
CA GLY A 1581 18.44 28.59 -18.92
C GLY A 1581 17.30 27.61 -19.09
N LYS A 1582 16.27 27.97 -19.86
CA LYS A 1582 15.21 27.01 -20.15
C LYS A 1582 15.74 25.88 -21.06
N LEU A 1583 16.74 26.20 -21.88
CA LEU A 1583 17.34 25.27 -22.84
C LEU A 1583 18.81 24.95 -22.52
N SER A 1584 19.15 23.66 -22.49
CA SER A 1584 20.52 23.21 -22.19
C SER A 1584 21.51 23.42 -23.35
N PRO A 1585 22.75 23.84 -23.05
CA PRO A 1585 23.75 23.95 -24.13
C PRO A 1585 24.05 22.57 -24.73
N ASP A 1586 23.34 21.57 -24.23
CA ASP A 1586 23.34 20.22 -24.79
C ASP A 1586 22.76 20.27 -26.21
N SER A 1587 21.49 20.64 -26.30
CA SER A 1587 20.75 20.62 -27.58
C SER A 1587 21.22 21.67 -28.58
N ILE A 1588 22.49 22.08 -28.46
CA ILE A 1588 23.14 22.92 -29.45
C ILE A 1588 24.15 22.10 -30.25
N PRO A 1589 23.83 21.82 -31.52
CA PRO A 1589 24.72 21.16 -32.47
C PRO A 1589 26.08 21.86 -32.66
N GLY A 1590 27.10 21.07 -32.98
CA GLY A 1590 28.45 21.55 -33.18
C GLY A 1590 29.40 20.96 -32.15
N LYS A 1591 30.66 20.78 -32.53
CA LYS A 1591 31.68 20.40 -31.56
C LYS A 1591 32.30 21.64 -30.93
N TRP A 1592 32.19 21.71 -29.60
CA TRP A 1592 32.44 22.92 -28.84
C TRP A 1592 33.67 22.79 -27.96
N LEU A 1593 34.64 23.68 -28.16
CA LEU A 1593 35.83 23.74 -27.30
C LEU A 1593 35.38 24.11 -25.90
N THR A 1594 34.61 25.20 -25.86
CA THR A 1594 34.24 25.88 -24.64
C THR A 1594 32.73 26.10 -24.66
N ARG A 1595 32.02 25.42 -23.76
CA ARG A 1595 30.58 25.64 -23.64
C ARG A 1595 30.27 27.05 -23.09
N ASP A 1596 31.33 27.77 -22.70
CA ASP A 1596 31.28 29.15 -22.17
C ASP A 1596 30.60 30.15 -23.10
N CYS A 1597 31.36 30.65 -24.06
CA CYS A 1597 30.94 31.72 -24.96
C CYS A 1597 30.00 31.17 -26.03
N MET A 1598 28.78 31.69 -26.10
CA MET A 1598 27.72 31.03 -26.89
C MET A 1598 26.52 31.88 -27.38
N LEU A 1599 26.69 33.20 -27.48
CA LEU A 1599 25.57 34.08 -27.76
C LEU A 1599 25.70 35.02 -28.96
N GLY A 1600 24.68 35.00 -29.83
CA GLY A 1600 24.55 35.91 -30.96
C GLY A 1600 24.96 35.24 -32.25
N MET A 1601 24.17 35.38 -33.30
CA MET A 1601 24.50 34.68 -34.54
C MET A 1601 24.17 35.50 -35.76
N GLU A 1602 23.69 36.73 -35.54
CA GLU A 1602 23.31 37.57 -36.64
C GLU A 1602 24.02 38.91 -36.49
N PHE A 1603 24.48 39.47 -37.61
CA PHE A 1603 25.13 40.78 -37.60
C PHE A 1603 25.23 41.39 -38.99
N SER A 1604 25.71 42.63 -39.02
CA SER A 1604 25.77 43.46 -40.22
C SER A 1604 26.88 44.49 -40.06
N GLY A 1605 27.75 44.60 -41.06
CA GLY A 1605 28.84 45.55 -41.05
C GLY A 1605 29.65 45.58 -42.32
N ARG A 1606 30.90 46.01 -42.21
CA ARG A 1606 31.78 46.08 -43.37
C ARG A 1606 32.88 45.04 -43.22
N ASP A 1607 33.16 44.23 -44.24
CA ASP A 1607 34.25 43.25 -44.13
C ASP A 1607 35.61 43.89 -44.43
N ALA A 1608 36.69 43.12 -44.29
CA ALA A 1608 38.05 43.67 -44.43
C ALA A 1608 38.29 44.30 -45.79
N SER A 1609 37.45 43.92 -46.75
CA SER A 1609 37.46 44.54 -48.07
C SER A 1609 37.08 46.00 -47.90
N GLY A 1610 36.12 46.24 -47.02
CA GLY A 1610 35.49 47.54 -46.88
C GLY A 1610 34.05 47.38 -47.30
N ARG A 1611 33.77 46.25 -47.95
CA ARG A 1611 32.46 45.93 -48.48
C ARG A 1611 31.36 46.08 -47.43
N ARG A 1612 30.13 45.76 -47.80
CA ARG A 1612 28.99 45.96 -46.91
C ARG A 1612 28.18 44.67 -46.81
N VAL A 1613 28.31 43.97 -45.68
CA VAL A 1613 27.82 42.59 -45.58
C VAL A 1613 26.86 42.30 -44.42
N MET A 1614 26.04 41.28 -44.63
CA MET A 1614 25.24 40.76 -43.54
C MET A 1614 25.48 39.26 -43.50
N GLY A 1615 25.61 38.68 -42.32
CA GLY A 1615 26.03 37.30 -42.25
C GLY A 1615 25.65 36.58 -40.98
N MET A 1616 25.78 35.25 -41.01
CA MET A 1616 25.56 34.46 -39.82
C MET A 1616 26.87 33.91 -39.27
N VAL A 1617 26.78 33.39 -38.06
CA VAL A 1617 27.94 33.05 -37.26
C VAL A 1617 27.48 32.12 -36.15
N PRO A 1618 28.12 30.96 -36.02
CA PRO A 1618 27.74 29.82 -35.18
C PRO A 1618 27.61 30.20 -33.72
N ALA A 1619 28.24 31.31 -33.33
CA ALA A 1619 28.06 31.93 -32.01
C ALA A 1619 29.08 33.05 -31.83
N GLU A 1620 28.99 33.78 -30.74
CA GLU A 1620 29.86 34.93 -30.50
C GLU A 1620 29.60 36.04 -31.48
N GLY A 1621 28.33 36.19 -31.85
CA GLY A 1621 27.89 37.12 -32.88
C GLY A 1621 27.68 38.50 -32.31
N LEU A 1622 27.14 38.54 -31.10
CA LEU A 1622 27.06 39.78 -30.35
C LEU A 1622 28.47 40.29 -30.12
N ALA A 1623 29.01 41.03 -31.08
CA ALA A 1623 30.43 41.39 -31.06
C ALA A 1623 30.74 42.63 -31.90
N THR A 1624 31.80 43.33 -31.52
CA THR A 1624 32.24 44.50 -32.25
C THR A 1624 32.84 44.05 -33.53
N SER A 1625 33.31 42.81 -33.53
CA SER A 1625 33.92 42.23 -34.69
C SER A 1625 33.65 40.72 -34.69
N VAL A 1626 33.73 40.13 -35.88
CA VAL A 1626 33.37 38.75 -36.06
C VAL A 1626 34.19 38.09 -37.16
N LEU A 1627 34.28 36.75 -37.14
CA LEU A 1627 34.94 36.06 -38.23
C LEU A 1627 33.97 35.45 -39.26
N LEU A 1628 33.77 36.19 -40.36
CA LEU A 1628 32.89 35.84 -41.47
C LEU A 1628 32.88 34.38 -41.88
N LEU A 1629 31.78 33.69 -41.63
CA LEU A 1629 31.64 32.35 -42.20
C LEU A 1629 31.43 32.54 -43.69
N GLN A 1630 32.40 32.16 -44.50
CA GLN A 1630 32.32 32.51 -45.92
C GLN A 1630 31.15 31.88 -46.67
N HIS A 1631 30.65 30.75 -46.22
CA HIS A 1631 29.53 30.12 -46.91
C HIS A 1631 28.20 30.66 -46.44
N ALA A 1632 28.24 31.59 -45.50
CA ALA A 1632 27.04 32.11 -44.85
C ALA A 1632 27.24 33.56 -44.49
N THR A 1633 27.73 34.31 -45.48
CA THR A 1633 27.79 35.76 -45.42
C THR A 1633 27.31 36.28 -46.75
N TRP A 1634 26.45 37.29 -46.74
CA TRP A 1634 25.92 37.83 -47.99
C TRP A 1634 26.18 39.33 -48.16
N GLU A 1635 26.17 39.79 -49.41
CA GLU A 1635 26.30 41.22 -49.66
C GLU A 1635 24.93 41.85 -49.51
N VAL A 1636 24.85 42.88 -48.68
CA VAL A 1636 23.59 43.56 -48.44
C VAL A 1636 23.37 44.65 -49.48
N PRO A 1637 22.20 44.66 -50.10
CA PRO A 1637 21.90 45.52 -51.25
C PRO A 1637 22.04 47.00 -50.90
N SER A 1638 22.04 47.84 -51.93
CA SER A 1638 22.26 49.26 -51.73
C SER A 1638 21.06 49.92 -51.05
N THR A 1639 19.87 49.32 -51.26
CA THR A 1639 18.60 49.88 -50.77
C THR A 1639 18.24 49.50 -49.34
N TRP A 1640 19.05 48.64 -48.72
CA TRP A 1640 18.81 48.19 -47.36
C TRP A 1640 19.77 48.90 -46.43
N THR A 1641 19.25 49.60 -45.42
CA THR A 1641 20.11 50.17 -44.40
C THR A 1641 20.86 49.01 -43.71
N LEU A 1642 21.88 49.31 -42.91
CA LEU A 1642 22.54 48.22 -42.19
C LEU A 1642 21.62 47.66 -41.09
N GLU A 1643 20.79 48.54 -40.51
CA GLU A 1643 19.74 48.11 -39.59
C GLU A 1643 18.89 47.01 -40.19
N GLU A 1644 18.22 47.34 -41.29
CA GLU A 1644 17.25 46.44 -41.87
C GLU A 1644 17.88 45.12 -42.27
N ALA A 1645 19.12 45.18 -42.75
CA ALA A 1645 19.85 43.98 -43.15
C ALA A 1645 20.08 43.03 -41.97
N ALA A 1646 20.30 43.58 -40.78
CA ALA A 1646 20.75 42.80 -39.63
C ALA A 1646 19.66 41.95 -39.00
N SER A 1647 18.47 42.01 -39.59
CA SER A 1647 17.29 41.36 -39.06
C SER A 1647 16.94 40.11 -39.84
N VAL A 1648 17.45 40.04 -41.07
CA VAL A 1648 17.10 38.99 -42.05
C VAL A 1648 17.71 37.57 -41.92
N PRO A 1649 19.04 37.43 -42.09
CA PRO A 1649 19.69 36.10 -42.15
C PRO A 1649 19.05 34.90 -41.42
N ILE A 1650 19.15 34.80 -40.10
CA ILE A 1650 18.51 33.67 -39.39
C ILE A 1650 17.07 33.43 -39.86
N VAL A 1651 16.24 34.44 -39.58
CA VAL A 1651 14.80 34.41 -39.76
C VAL A 1651 14.40 33.70 -41.05
N TYR A 1652 14.76 34.30 -42.18
CA TYR A 1652 14.47 33.74 -43.50
C TYR A 1652 15.02 32.33 -43.78
N THR A 1653 16.32 32.17 -43.55
CA THR A 1653 16.94 30.88 -43.74
C THR A 1653 16.16 29.82 -42.99
N THR A 1654 15.92 30.02 -41.70
CA THR A 1654 15.05 29.14 -40.91
C THR A 1654 13.68 28.92 -41.55
N ALA A 1655 13.17 29.95 -42.21
CA ALA A 1655 11.92 29.85 -42.94
C ALA A 1655 12.09 29.06 -44.23
N TYR A 1656 12.90 29.56 -45.15
CA TYR A 1656 13.14 28.83 -46.37
C TYR A 1656 13.54 27.39 -46.11
N TYR A 1657 14.41 27.15 -45.13
CA TYR A 1657 14.83 25.77 -44.85
C TYR A 1657 13.63 24.96 -44.46
N SER A 1658 12.78 25.54 -43.61
CA SER A 1658 11.59 24.85 -43.11
C SER A 1658 10.51 24.59 -44.17
N LEU A 1659 10.08 25.66 -44.84
CA LEU A 1659 9.00 25.60 -45.79
C LEU A 1659 9.45 24.94 -47.07
N VAL A 1660 10.47 25.51 -47.68
CA VAL A 1660 10.88 25.05 -48.98
C VAL A 1660 11.74 23.80 -49.00
N VAL A 1661 12.97 23.88 -48.51
CA VAL A 1661 13.88 22.74 -48.64
C VAL A 1661 13.36 21.48 -48.00
N ARG A 1662 12.77 21.62 -46.81
CA ARG A 1662 12.49 20.45 -46.01
C ARG A 1662 11.05 19.99 -46.13
N GLY A 1663 10.11 20.90 -45.91
CA GLY A 1663 8.71 20.59 -46.08
C GLY A 1663 8.27 20.56 -47.54
N ARG A 1664 9.21 20.82 -48.45
CA ARG A 1664 8.94 20.86 -49.88
C ARG A 1664 7.57 21.41 -50.18
N MET A 1665 7.35 22.63 -49.71
CA MET A 1665 6.09 23.34 -49.92
C MET A 1665 5.88 23.68 -51.39
N GLN A 1666 4.73 23.30 -51.93
CA GLN A 1666 4.38 23.72 -53.28
C GLN A 1666 3.21 24.70 -53.30
N PRO A 1667 3.15 25.55 -54.35
CA PRO A 1667 2.32 26.76 -54.38
C PRO A 1667 0.87 26.39 -54.34
N GLY A 1668 0.07 27.20 -53.66
CA GLY A 1668 -1.35 26.96 -53.53
C GLY A 1668 -1.68 25.88 -52.52
N GLU A 1669 -0.77 25.65 -51.58
CA GLU A 1669 -1.06 24.77 -50.46
C GLU A 1669 -1.46 25.63 -49.30
N SER A 1670 -1.83 24.97 -48.21
CA SER A 1670 -2.23 25.67 -47.01
C SER A 1670 -1.14 25.46 -46.00
N VAL A 1671 -0.90 26.46 -45.17
CA VAL A 1671 0.21 26.42 -44.23
C VAL A 1671 -0.24 27.00 -42.90
N LEU A 1672 0.08 26.34 -41.80
CA LEU A 1672 -0.22 26.93 -40.50
C LEU A 1672 1.08 27.43 -39.88
N ILE A 1673 1.31 28.74 -39.91
CA ILE A 1673 2.51 29.34 -39.34
C ILE A 1673 2.20 29.93 -37.97
N HIS A 1674 2.78 29.36 -36.92
CA HIS A 1674 2.51 29.84 -35.56
C HIS A 1674 3.38 31.04 -35.19
N SER A 1675 2.76 32.02 -34.53
CA SER A 1675 3.51 33.17 -34.00
C SER A 1675 3.88 34.19 -35.07
N GLY A 1676 2.97 34.45 -36.00
CA GLY A 1676 3.21 35.34 -37.13
C GLY A 1676 3.90 36.66 -36.88
N SER A 1677 3.72 37.23 -35.70
CA SER A 1677 4.40 38.46 -35.29
C SER A 1677 5.91 38.27 -35.29
N GLY A 1678 6.31 37.10 -34.80
CA GLY A 1678 7.70 36.74 -34.59
C GLY A 1678 8.61 36.98 -35.76
N GLY A 1679 9.86 36.59 -35.59
CA GLY A 1679 10.87 36.84 -36.60
C GLY A 1679 10.62 35.84 -37.69
N VAL A 1680 10.81 34.58 -37.32
CA VAL A 1680 10.56 33.45 -38.19
C VAL A 1680 9.15 33.55 -38.77
N GLY A 1681 8.21 34.04 -37.97
CA GLY A 1681 6.84 34.27 -38.43
C GLY A 1681 6.64 35.18 -39.65
N GLN A 1682 6.89 36.48 -39.47
CA GLN A 1682 6.88 37.43 -40.58
C GLN A 1682 7.51 36.84 -41.84
N ALA A 1683 8.71 36.26 -41.71
CA ALA A 1683 9.39 35.64 -42.84
C ALA A 1683 8.62 34.46 -43.42
N ALA A 1684 8.25 33.52 -42.57
CA ALA A 1684 7.40 32.41 -42.98
C ALA A 1684 6.29 32.89 -43.89
N ILE A 1685 5.44 33.75 -43.34
CA ILE A 1685 4.35 34.33 -44.11
C ILE A 1685 4.82 34.89 -45.45
N ALA A 1686 5.74 35.84 -45.42
CA ALA A 1686 6.19 36.49 -46.66
C ALA A 1686 6.41 35.44 -47.74
N ILE A 1687 7.15 34.39 -47.36
CA ILE A 1687 7.52 33.31 -48.28
C ILE A 1687 6.36 32.43 -48.73
N ALA A 1688 5.48 32.05 -47.82
CA ALA A 1688 4.27 31.31 -48.19
C ALA A 1688 3.36 32.16 -49.10
N LEU A 1689 3.19 33.43 -48.73
CA LEU A 1689 2.36 34.33 -49.52
C LEU A 1689 2.91 34.55 -50.92
N SER A 1690 4.24 34.51 -51.08
CA SER A 1690 4.87 34.76 -52.40
C SER A 1690 4.49 33.67 -53.40
N ARG A 1691 4.64 32.42 -53.00
CA ARG A 1691 4.14 31.28 -53.77
C ARG A 1691 2.67 31.02 -53.49
N GLY A 1692 2.01 32.03 -52.95
CA GLY A 1692 0.57 32.09 -52.86
C GLY A 1692 -0.07 30.87 -52.21
N CYS A 1693 -0.04 30.85 -50.88
CA CYS A 1693 -0.65 29.77 -50.12
C CYS A 1693 -1.74 30.35 -49.24
N ARG A 1694 -2.63 29.50 -48.75
CA ARG A 1694 -3.55 29.96 -47.73
C ARG A 1694 -2.75 29.87 -46.45
N VAL A 1695 -2.62 31.02 -45.81
CA VAL A 1695 -1.86 31.12 -44.58
C VAL A 1695 -2.86 31.08 -43.44
N PHE A 1696 -2.45 30.49 -42.33
CA PHE A 1696 -3.16 30.58 -41.08
C PHE A 1696 -2.13 30.86 -40.02
N THR A 1697 -2.27 31.98 -39.33
CA THR A 1697 -1.27 32.31 -38.34
C THR A 1697 -1.86 32.41 -36.95
N THR A 1698 -1.04 32.16 -35.93
CA THR A 1698 -1.47 32.41 -34.56
C THR A 1698 -0.67 33.57 -33.97
N VAL A 1699 -1.26 34.24 -32.98
CA VAL A 1699 -0.69 35.47 -32.45
C VAL A 1699 -1.36 35.86 -31.13
N GLY A 1700 -0.57 36.26 -30.15
CA GLY A 1700 -1.09 36.51 -28.82
C GLY A 1700 -1.78 37.84 -28.59
N SER A 1701 -1.27 38.89 -29.23
CA SER A 1701 -1.79 40.23 -29.01
C SER A 1701 -2.94 40.55 -29.95
N ALA A 1702 -3.85 41.42 -29.48
CA ALA A 1702 -4.84 42.00 -30.36
C ALA A 1702 -4.09 42.96 -31.28
N GLU A 1703 -2.95 43.45 -30.80
CA GLU A 1703 -2.16 44.41 -31.56
C GLU A 1703 -1.36 43.74 -32.66
N LYS A 1704 -0.93 42.52 -32.41
CA LYS A 1704 -0.19 41.78 -33.44
C LYS A 1704 -1.09 41.45 -34.63
N ARG A 1705 -2.32 41.04 -34.35
CA ARG A 1705 -3.33 40.96 -35.39
C ARG A 1705 -3.20 42.22 -36.26
N ALA A 1706 -2.97 43.37 -35.62
CA ALA A 1706 -2.85 44.64 -36.32
C ALA A 1706 -1.64 44.67 -37.24
N TYR A 1707 -0.45 44.66 -36.64
CA TYR A 1707 0.78 44.80 -37.41
C TYR A 1707 0.74 43.90 -38.63
N LEU A 1708 0.47 42.61 -38.39
CA LEU A 1708 0.39 41.64 -39.48
C LEU A 1708 -0.63 42.00 -40.57
N GLN A 1709 -1.88 42.22 -40.16
CA GLN A 1709 -2.94 42.56 -41.11
C GLN A 1709 -2.49 43.66 -42.03
N ALA A 1710 -1.80 44.64 -41.45
CA ALA A 1710 -1.22 45.75 -42.18
C ALA A 1710 -0.13 45.26 -43.12
N ARG A 1711 0.96 44.75 -42.54
CA ARG A 1711 2.15 44.34 -43.28
C ARG A 1711 1.89 43.39 -44.46
N PHE A 1712 0.97 42.46 -44.26
CA PHE A 1712 0.51 41.64 -45.36
C PHE A 1712 -0.97 41.93 -45.60
N PRO A 1713 -1.28 42.55 -46.75
CA PRO A 1713 -2.66 42.91 -47.07
C PRO A 1713 -3.47 41.68 -47.47
N GLN A 1714 -2.79 40.71 -48.05
CA GLN A 1714 -3.43 39.52 -48.59
C GLN A 1714 -3.99 38.63 -47.48
N LEU A 1715 -3.97 39.13 -46.25
CA LEU A 1715 -4.51 38.35 -45.12
C LEU A 1715 -5.96 38.74 -44.77
N ASP A 1716 -6.83 37.72 -44.67
CA ASP A 1716 -8.22 37.89 -44.28
C ASP A 1716 -8.28 37.94 -42.77
N GLU A 1717 -9.47 38.19 -42.25
CA GLU A 1717 -9.67 38.00 -40.83
C GLU A 1717 -9.78 36.51 -40.56
N THR A 1718 -10.10 35.71 -41.57
CA THR A 1718 -10.14 34.25 -41.38
C THR A 1718 -8.74 33.69 -41.06
N CYS A 1719 -7.73 34.47 -41.36
CA CYS A 1719 -6.36 34.00 -41.27
C CYS A 1719 -5.80 33.93 -39.84
N PHE A 1720 -6.49 34.56 -38.89
CA PHE A 1720 -5.91 34.73 -37.57
C PHE A 1720 -6.57 33.89 -36.47
N ALA A 1721 -5.78 33.16 -35.71
CA ALA A 1721 -6.28 32.51 -34.52
C ALA A 1721 -5.32 32.78 -33.37
N ASN A 1722 -5.71 32.40 -32.16
CA ASN A 1722 -4.85 32.68 -31.02
C ASN A 1722 -3.64 31.78 -30.91
N SER A 1723 -2.79 32.06 -29.91
CA SER A 1723 -1.52 31.38 -29.80
C SER A 1723 -1.17 31.08 -28.34
N ARG A 1724 -1.87 31.71 -27.42
CA ARG A 1724 -1.64 31.44 -26.02
C ARG A 1724 -2.56 30.30 -25.59
N ASP A 1725 -3.11 29.59 -26.57
CA ASP A 1725 -4.24 28.72 -26.27
C ASP A 1725 -4.47 27.61 -27.32
N THR A 1726 -5.25 26.59 -26.97
CA THR A 1726 -5.55 25.54 -27.93
C THR A 1726 -6.66 25.88 -28.96
N SER A 1727 -7.33 27.02 -28.79
CA SER A 1727 -8.40 27.45 -29.69
C SER A 1727 -8.03 27.46 -31.19
N PHE A 1728 -6.74 27.56 -31.50
CA PHE A 1728 -6.31 27.67 -32.89
C PHE A 1728 -6.68 26.43 -33.71
N GLU A 1729 -6.74 25.27 -33.05
CA GLU A 1729 -7.06 24.00 -33.70
C GLU A 1729 -8.50 24.03 -34.21
N GLN A 1730 -9.42 24.31 -33.30
CA GLN A 1730 -10.81 24.40 -33.68
C GLN A 1730 -10.96 25.38 -34.83
N HIS A 1731 -10.25 26.50 -34.74
CA HIS A 1731 -10.32 27.51 -35.78
C HIS A 1731 -9.83 27.02 -37.14
N VAL A 1732 -8.67 26.35 -37.16
CA VAL A 1732 -8.14 25.81 -38.40
C VAL A 1732 -9.01 24.71 -38.96
N LEU A 1733 -9.55 23.89 -38.08
CA LEU A 1733 -10.50 22.90 -38.51
C LEU A 1733 -11.81 23.46 -39.12
N ARG A 1734 -12.29 24.62 -38.68
CA ARG A 1734 -13.43 25.23 -39.35
C ARG A 1734 -13.08 25.62 -40.78
N HIS A 1735 -12.36 26.72 -40.95
CA HIS A 1735 -12.12 27.26 -42.26
C HIS A 1735 -11.24 26.34 -43.10
N THR A 1736 -11.32 25.05 -42.82
CA THR A 1736 -10.53 24.10 -43.55
C THR A 1736 -11.46 22.95 -43.88
N ALA A 1737 -12.70 23.09 -43.43
CA ALA A 1737 -13.75 22.10 -43.69
C ALA A 1737 -13.33 20.74 -43.19
N GLY A 1738 -12.64 20.72 -42.08
CA GLY A 1738 -12.26 19.47 -41.43
C GLY A 1738 -11.19 18.73 -42.20
N LYS A 1739 -10.50 19.43 -43.09
CA LYS A 1739 -9.44 18.81 -43.86
C LYS A 1739 -8.07 19.08 -43.24
N GLY A 1740 -7.88 20.27 -42.69
CA GLY A 1740 -6.62 20.61 -42.08
C GLY A 1740 -5.63 21.29 -42.99
N VAL A 1741 -4.45 21.58 -42.46
CA VAL A 1741 -3.46 22.35 -43.20
C VAL A 1741 -2.37 21.42 -43.80
N ASP A 1742 -1.71 21.88 -44.86
CA ASP A 1742 -0.74 21.06 -45.57
C ASP A 1742 0.65 21.04 -44.91
N LEU A 1743 1.08 22.19 -44.41
CA LEU A 1743 2.29 22.22 -43.60
C LEU A 1743 2.04 23.07 -42.34
N VAL A 1744 2.59 22.62 -41.22
CA VAL A 1744 2.54 23.43 -40.00
C VAL A 1744 3.97 23.84 -39.60
N LEU A 1745 4.15 25.09 -39.19
CA LEU A 1745 5.46 25.56 -38.77
C LEU A 1745 5.42 25.80 -37.28
N ASN A 1746 5.40 24.72 -36.51
CA ASN A 1746 5.16 24.81 -35.09
C ASN A 1746 6.39 25.19 -34.32
N SER A 1747 6.24 26.14 -33.42
CA SER A 1747 7.32 26.54 -32.56
C SER A 1747 6.76 26.63 -31.16
N LEU A 1748 5.63 25.96 -30.94
CA LEU A 1748 4.92 26.06 -29.66
C LEU A 1748 5.12 24.82 -28.81
N ALA A 1749 4.57 24.85 -27.59
CA ALA A 1749 4.89 23.83 -26.60
C ALA A 1749 3.75 22.89 -26.24
N GLU A 1750 4.08 21.96 -25.36
CA GLU A 1750 3.25 20.83 -24.97
C GLU A 1750 1.90 20.67 -25.65
N GLU A 1751 0.84 20.96 -24.92
CA GLU A 1751 -0.51 20.71 -25.42
C GLU A 1751 -0.73 21.40 -26.76
N LYS A 1752 -0.05 22.54 -26.95
CA LYS A 1752 -0.18 23.33 -28.18
C LYS A 1752 0.50 22.66 -29.35
N LEU A 1753 1.60 21.97 -29.10
CA LEU A 1753 2.27 21.21 -30.14
C LEU A 1753 1.36 20.05 -30.52
N GLN A 1754 0.92 19.27 -29.52
CA GLN A 1754 -0.01 18.20 -29.80
C GLN A 1754 -1.17 18.71 -30.64
N ALA A 1755 -1.77 19.82 -30.23
CA ALA A 1755 -2.88 20.39 -31.01
C ALA A 1755 -2.44 20.84 -32.38
N SER A 1756 -1.21 21.31 -32.51
CA SER A 1756 -0.71 21.64 -33.83
C SER A 1756 -0.61 20.40 -34.71
N VAL A 1757 -0.30 19.25 -34.12
CA VAL A 1757 -0.20 18.02 -34.89
C VAL A 1757 -1.56 17.71 -35.50
N ARG A 1758 -2.63 17.98 -34.76
CA ARG A 1758 -3.95 17.59 -35.22
C ARG A 1758 -4.50 18.47 -36.35
N CYS A 1759 -3.80 19.52 -36.71
CA CYS A 1759 -4.24 20.32 -37.83
C CYS A 1759 -3.70 19.78 -39.15
N LEU A 1760 -2.82 18.80 -39.07
CA LEU A 1760 -2.26 18.16 -40.25
C LEU A 1760 -3.37 17.54 -41.10
N ALA A 1761 -3.43 17.93 -42.38
CA ALA A 1761 -4.29 17.23 -43.33
C ALA A 1761 -3.53 16.05 -43.91
N GLN A 1762 -4.20 15.26 -44.75
CA GLN A 1762 -3.56 14.12 -45.36
C GLN A 1762 -2.31 14.51 -46.17
N HIS A 1763 -1.24 13.73 -46.01
CA HIS A 1763 -0.01 13.99 -46.76
C HIS A 1763 0.73 15.21 -46.26
N GLY A 1764 0.12 15.89 -45.29
CA GLY A 1764 0.72 17.07 -44.70
C GLY A 1764 2.10 16.82 -44.12
N ARG A 1765 2.74 17.92 -43.76
CA ARG A 1765 4.08 17.88 -43.20
C ARG A 1765 4.17 18.80 -41.99
N PHE A 1766 4.62 18.21 -40.89
CA PHE A 1766 4.93 18.94 -39.66
C PHE A 1766 6.37 19.45 -39.70
N LEU A 1767 6.56 20.75 -39.56
CA LEU A 1767 7.89 21.31 -39.47
C LEU A 1767 8.12 21.69 -38.01
N GLU A 1768 8.88 20.88 -37.28
CA GLU A 1768 9.15 21.14 -35.87
C GLU A 1768 10.40 21.97 -35.73
N ILE A 1769 10.19 23.28 -35.62
CA ILE A 1769 11.24 24.24 -35.41
C ILE A 1769 11.57 24.30 -33.93
N GLY A 1770 10.53 24.15 -33.10
CA GLY A 1770 10.66 24.20 -31.65
C GLY A 1770 11.72 23.26 -31.11
N LYS A 1771 12.02 23.37 -29.81
CA LYS A 1771 13.02 22.48 -29.21
C LYS A 1771 12.66 21.94 -27.82
N PHE A 1772 11.65 22.53 -27.18
CA PHE A 1772 11.33 22.08 -25.83
C PHE A 1772 10.75 20.67 -25.78
N ASP A 1773 9.61 20.47 -26.44
CA ASP A 1773 8.99 19.16 -26.46
C ASP A 1773 9.96 18.10 -27.00
N LEU A 1774 10.75 18.51 -28.00
CA LEU A 1774 11.77 17.67 -28.58
C LEU A 1774 12.77 17.23 -27.54
N SER A 1775 13.21 18.22 -26.78
CA SER A 1775 14.31 18.07 -25.84
C SER A 1775 13.95 17.16 -24.69
N ASN A 1776 12.68 17.17 -24.30
CA ASN A 1776 12.25 16.33 -23.20
C ASN A 1776 11.70 14.96 -23.62
N ASN A 1777 11.97 14.58 -24.86
CA ASN A 1777 11.56 13.26 -25.34
C ASN A 1777 10.08 12.98 -25.09
N HIS A 1778 9.26 14.01 -25.31
CA HIS A 1778 7.83 13.88 -25.12
C HIS A 1778 7.30 12.87 -26.14
N ALA A 1779 6.18 12.22 -25.82
CA ALA A 1779 5.57 11.22 -26.70
C ALA A 1779 4.90 11.83 -27.92
N LEU A 1780 4.97 11.16 -29.07
CA LEU A 1780 4.21 11.58 -30.25
C LEU A 1780 3.26 10.47 -30.67
N GLY A 1781 1.98 10.79 -30.84
CA GLY A 1781 1.01 9.76 -31.16
C GLY A 1781 1.24 9.17 -32.52
N MET A 1782 1.88 8.01 -32.58
CA MET A 1782 2.30 7.41 -33.86
C MET A 1782 1.14 7.26 -34.87
N ALA A 1783 -0.08 7.15 -34.37
CA ALA A 1783 -1.22 6.90 -35.20
C ALA A 1783 -1.56 8.07 -36.14
N VAL A 1784 -0.84 9.18 -35.97
CA VAL A 1784 -1.01 10.33 -36.86
C VAL A 1784 -0.39 10.01 -38.19
N PHE A 1785 0.52 9.05 -38.20
CA PHE A 1785 1.23 8.69 -39.43
C PHE A 1785 0.41 7.82 -40.40
N LEU A 1786 -0.84 7.59 -40.08
CA LEU A 1786 -1.70 6.93 -41.04
C LEU A 1786 -2.22 7.94 -42.07
N LYS A 1787 -2.16 9.22 -41.73
CA LYS A 1787 -2.58 10.25 -42.65
C LYS A 1787 -1.48 10.46 -43.67
N ASN A 1788 -0.60 9.46 -43.78
CA ASN A 1788 0.51 9.53 -44.72
C ASN A 1788 1.22 10.87 -44.48
N VAL A 1789 1.20 11.29 -43.23
CA VAL A 1789 1.89 12.49 -42.79
C VAL A 1789 3.37 12.19 -42.62
N THR A 1790 4.19 13.23 -42.78
CA THR A 1790 5.61 13.11 -42.55
C THR A 1790 6.01 14.21 -41.55
N PHE A 1791 6.75 13.82 -40.51
CA PHE A 1791 7.08 14.71 -39.40
C PHE A 1791 8.53 15.16 -39.44
N HIS A 1792 8.77 16.47 -39.56
CA HIS A 1792 10.13 17.01 -39.77
C HIS A 1792 10.75 17.67 -38.55
N GLY A 1793 11.70 17.00 -37.91
CA GLY A 1793 12.49 17.66 -36.88
C GLY A 1793 13.44 18.60 -37.60
N ILE A 1794 13.64 19.81 -37.09
CA ILE A 1794 14.41 20.81 -37.83
C ILE A 1794 15.36 21.64 -36.98
N LEU A 1795 16.63 21.59 -37.32
CA LEU A 1795 17.64 22.36 -36.59
C LEU A 1795 18.60 23.05 -37.54
N LEU A 1796 18.43 24.36 -37.75
CA LEU A 1796 19.27 25.07 -38.72
C LEU A 1796 20.73 25.08 -38.29
N ASP A 1797 20.95 25.01 -36.98
CA ASP A 1797 22.29 24.95 -36.42
C ASP A 1797 22.99 23.65 -36.81
N SER A 1798 22.28 22.73 -37.44
CA SER A 1798 22.89 21.48 -37.85
C SER A 1798 23.51 21.59 -39.22
N LEU A 1799 23.13 22.66 -39.93
CA LEU A 1799 23.77 23.07 -41.18
C LEU A 1799 24.78 24.18 -40.85
N PHE A 1800 24.66 25.38 -41.42
CA PHE A 1800 25.48 26.50 -40.94
C PHE A 1800 26.99 26.27 -41.03
N GLU A 1801 27.62 26.15 -39.85
CA GLU A 1801 29.06 25.89 -39.77
C GLU A 1801 29.45 24.72 -40.71
N GLU A 1802 28.87 23.55 -40.45
CA GLU A 1802 29.01 22.34 -41.25
C GLU A 1802 28.61 22.54 -42.74
N GLY A 1803 28.44 23.80 -43.13
CA GLY A 1803 28.02 24.22 -44.46
C GLY A 1803 28.18 23.26 -45.62
N GLY A 1804 27.19 22.39 -45.79
CA GLY A 1804 27.22 21.43 -46.87
C GLY A 1804 26.43 21.88 -48.09
N ALA A 1805 26.11 20.91 -48.93
CA ALA A 1805 25.29 21.12 -50.13
C ALA A 1805 23.97 21.72 -49.72
N THR A 1806 23.31 21.03 -48.79
CA THR A 1806 22.00 21.45 -48.31
C THR A 1806 22.05 22.92 -47.86
N TRP A 1807 23.03 23.30 -47.05
CA TRP A 1807 23.12 24.71 -46.66
C TRP A 1807 23.16 25.63 -47.87
N GLN A 1808 23.99 25.29 -48.86
CA GLN A 1808 24.04 26.10 -50.07
C GLN A 1808 22.64 26.26 -50.69
N GLU A 1809 21.93 25.16 -50.82
CA GLU A 1809 20.57 25.18 -51.33
C GLU A 1809 19.70 26.20 -50.57
N VAL A 1810 19.85 26.25 -49.25
CA VAL A 1810 19.13 27.19 -48.40
C VAL A 1810 19.68 28.59 -48.56
N SER A 1811 20.93 28.73 -48.98
CA SER A 1811 21.44 30.07 -49.15
C SER A 1811 20.93 30.68 -50.42
N GLU A 1812 20.90 29.91 -51.50
CA GLU A 1812 20.45 30.48 -52.76
C GLU A 1812 18.94 30.67 -52.83
N LEU A 1813 18.23 29.97 -51.94
CA LEU A 1813 16.83 30.30 -51.72
C LEU A 1813 16.76 31.71 -51.15
N LEU A 1814 17.73 32.09 -50.31
CA LEU A 1814 17.81 33.46 -49.82
C LEU A 1814 18.32 34.41 -50.92
N LYS A 1815 19.42 34.04 -51.56
CA LYS A 1815 20.00 34.87 -52.60
C LYS A 1815 18.95 35.24 -53.63
N ALA A 1816 18.10 34.28 -53.98
CA ALA A 1816 17.05 34.51 -54.95
C ALA A 1816 15.90 35.33 -54.35
N GLY A 1817 15.26 34.76 -53.34
CA GLY A 1817 14.14 35.42 -52.69
C GLY A 1817 14.44 36.89 -52.45
N ILE A 1818 15.72 37.22 -52.32
CA ILE A 1818 16.12 38.60 -52.12
C ILE A 1818 15.91 39.38 -53.40
N GLN A 1819 16.49 38.89 -54.49
CA GLN A 1819 16.39 39.58 -55.78
C GLN A 1819 14.97 39.61 -56.33
N GLU A 1820 14.09 38.74 -55.83
CA GLU A 1820 12.68 38.76 -56.24
C GLU A 1820 11.79 39.53 -55.25
N GLY A 1821 12.40 40.26 -54.34
CA GLY A 1821 11.64 41.05 -53.37
C GLY A 1821 10.81 40.25 -52.37
N VAL A 1822 10.81 38.92 -52.47
CA VAL A 1822 10.09 38.09 -51.50
C VAL A 1822 10.55 38.42 -50.08
N VAL A 1823 11.86 38.44 -49.87
CA VAL A 1823 12.42 38.73 -48.54
C VAL A 1823 12.62 40.23 -48.27
N GLN A 1824 12.07 40.67 -47.14
CA GLN A 1824 12.12 42.06 -46.72
C GLN A 1824 12.49 42.14 -45.24
N PRO A 1825 13.23 43.18 -44.85
CA PRO A 1825 13.67 43.45 -43.48
C PRO A 1825 12.50 43.56 -42.52
N LEU A 1826 12.69 43.23 -41.25
CA LEU A 1826 11.58 43.31 -40.29
C LEU A 1826 11.57 44.61 -39.48
N LYS A 1827 10.54 44.78 -38.64
CA LYS A 1827 10.53 45.93 -37.74
C LYS A 1827 11.66 45.81 -36.72
N CYS A 1828 12.50 46.84 -36.68
CA CYS A 1828 13.67 46.81 -35.82
C CYS A 1828 13.53 47.64 -34.56
N THR A 1829 13.40 46.96 -33.41
CA THR A 1829 13.41 47.63 -32.11
C THR A 1829 14.84 47.64 -31.55
N VAL A 1830 15.57 48.72 -31.83
CA VAL A 1830 17.02 48.85 -31.67
C VAL A 1830 17.52 49.44 -30.35
N PHE A 1831 18.42 48.72 -29.69
CA PHE A 1831 19.03 49.16 -28.44
C PHE A 1831 20.47 49.66 -28.63
N PRO A 1832 20.88 50.62 -27.79
CA PRO A 1832 22.28 51.08 -27.71
C PRO A 1832 23.18 50.02 -27.09
N ARG A 1833 24.47 50.08 -27.37
CA ARG A 1833 25.42 49.07 -26.93
C ARG A 1833 25.61 49.03 -25.41
N THR A 1834 24.90 49.92 -24.71
CA THR A 1834 24.92 50.00 -23.26
C THR A 1834 23.80 49.15 -22.64
N LYS A 1835 22.61 49.35 -23.18
CA LYS A 1835 21.40 48.68 -22.71
C LYS A 1835 21.27 47.26 -23.25
N VAL A 1836 22.40 46.61 -23.48
CA VAL A 1836 22.40 45.24 -23.97
C VAL A 1836 21.53 44.37 -23.07
N GLU A 1837 21.56 44.67 -21.78
CA GLU A 1837 20.81 43.90 -20.79
C GLU A 1837 19.31 43.94 -21.09
N ALA A 1838 18.76 45.13 -21.11
CA ALA A 1838 17.32 45.31 -21.33
C ALA A 1838 16.89 44.72 -22.67
N ALA A 1839 17.75 44.85 -23.67
CA ALA A 1839 17.49 44.28 -24.98
C ALA A 1839 17.09 42.82 -24.82
N PHE A 1840 17.59 42.20 -23.77
CA PHE A 1840 17.27 40.81 -23.48
C PHE A 1840 15.93 40.65 -22.77
N ARG A 1841 15.70 41.47 -21.75
CA ARG A 1841 14.48 41.35 -20.97
C ARG A 1841 13.28 41.76 -21.81
N TYR A 1842 13.49 42.78 -22.63
CA TYR A 1842 12.48 43.24 -23.57
C TYR A 1842 12.06 42.08 -24.49
N MET A 1843 13.06 41.35 -24.99
CA MET A 1843 12.81 40.18 -25.82
C MET A 1843 12.20 39.04 -25.00
N ALA A 1844 12.57 38.98 -23.71
CA ALA A 1844 12.07 37.98 -22.78
C ALA A 1844 10.55 37.95 -22.79
N GLN A 1845 9.97 39.10 -22.44
CA GLN A 1845 8.56 39.25 -22.18
C GLN A 1845 7.71 39.45 -23.45
N GLY A 1846 8.16 38.84 -24.55
CA GLY A 1846 7.43 38.87 -25.81
C GLY A 1846 6.78 40.19 -26.16
N LYS A 1847 7.39 41.29 -25.75
CA LYS A 1847 6.85 42.61 -26.04
C LYS A 1847 7.45 43.14 -27.34
N HIS A 1848 7.82 42.24 -28.24
CA HIS A 1848 8.44 42.70 -29.47
C HIS A 1848 7.71 42.24 -30.71
N ILE A 1849 7.72 43.10 -31.72
CA ILE A 1849 7.33 42.72 -33.06
C ILE A 1849 8.54 42.98 -33.93
N GLY A 1850 8.87 42.00 -34.77
CA GLY A 1850 10.04 42.10 -35.60
C GLY A 1850 11.26 41.76 -34.80
N LYS A 1851 12.39 42.33 -35.19
CA LYS A 1851 13.64 41.92 -34.55
C LYS A 1851 14.07 42.87 -33.45
N VAL A 1852 14.88 42.34 -32.52
CA VAL A 1852 15.55 43.19 -31.54
C VAL A 1852 17.02 43.24 -31.86
N VAL A 1853 17.51 44.44 -32.12
CA VAL A 1853 18.84 44.63 -32.64
C VAL A 1853 19.69 45.57 -31.80
N ILE A 1854 20.86 45.10 -31.41
CA ILE A 1854 21.82 45.88 -30.62
C ILE A 1854 22.84 46.54 -31.54
N GLN A 1855 22.88 47.86 -31.51
CA GLN A 1855 23.74 48.67 -32.38
C GLN A 1855 25.12 48.99 -31.80
N VAL A 1856 26.13 48.92 -32.65
CA VAL A 1856 27.51 49.08 -32.25
C VAL A 1856 28.17 50.26 -32.96
N ARG A 1857 27.71 50.58 -34.17
CA ARG A 1857 28.32 51.67 -34.92
C ARG A 1857 27.31 52.50 -35.71
N GLU A 1858 27.13 53.76 -35.33
CA GLU A 1858 26.26 54.62 -36.11
C GLU A 1858 26.77 54.57 -37.53
N GLU A 1859 25.88 54.27 -38.47
CA GLU A 1859 26.28 54.11 -39.86
C GLU A 1859 26.76 55.40 -40.48
N GLU A 1860 27.34 55.27 -41.67
CA GLU A 1860 28.02 56.37 -42.34
C GLU A 1860 27.09 56.97 -43.40
N GLN A 1861 26.78 58.27 -43.26
CA GLN A 1861 25.63 58.90 -43.95
C GLN A 1861 25.66 59.06 -45.49
N GLY A 1862 24.87 60.04 -45.96
CA GLY A 1862 24.61 60.33 -47.37
C GLY A 1862 25.64 60.09 -48.47
N PRO A 1863 26.33 61.15 -48.93
CA PRO A 1863 27.46 61.02 -49.87
C PRO A 1863 28.41 59.85 -49.52
N ALA A 1864 28.60 58.91 -50.46
CA ALA A 1864 29.27 57.62 -50.20
C ALA A 1864 30.56 57.67 -49.37
N PRO A 1865 30.48 57.24 -48.10
CA PRO A 1865 31.64 57.28 -47.21
C PRO A 1865 32.38 55.93 -47.15
N ARG A 1866 33.70 56.00 -47.14
CA ARG A 1866 34.54 54.81 -46.99
C ARG A 1866 35.20 54.81 -45.61
N GLY A 1867 34.42 55.10 -44.58
CA GLY A 1867 34.96 55.35 -43.24
C GLY A 1867 36.09 54.44 -42.74
N LEU A 1868 36.53 54.67 -41.49
CA LEU A 1868 37.44 53.77 -40.79
C LEU A 1868 37.33 53.94 -39.26
N PRO A 1869 36.56 53.06 -38.61
CA PRO A 1869 36.03 53.32 -37.27
C PRO A 1869 37.06 53.36 -36.14
N PRO A 1870 36.84 54.25 -35.15
CA PRO A 1870 37.66 54.52 -33.97
C PRO A 1870 37.10 53.90 -32.69
N ILE A 1871 36.50 52.72 -32.79
CA ILE A 1871 35.84 52.12 -31.63
C ILE A 1871 36.76 51.86 -30.44
N ALA A 1872 36.53 52.65 -29.41
CA ALA A 1872 37.03 52.38 -28.09
C ALA A 1872 35.90 51.68 -27.34
N LEU A 1873 36.21 50.59 -26.64
CA LEU A 1873 35.18 49.89 -25.87
C LEU A 1873 35.64 49.38 -24.49
N THR A 1874 34.69 49.38 -23.55
CA THR A 1874 34.93 48.93 -22.17
C THR A 1874 34.78 47.42 -22.06
N GLY A 1875 35.91 46.71 -22.01
CA GLY A 1875 35.89 45.26 -22.04
C GLY A 1875 36.66 44.56 -20.94
N LEU A 1876 35.97 43.69 -20.21
CA LEU A 1876 36.60 42.93 -19.14
C LEU A 1876 37.69 42.04 -19.69
N SER A 1877 38.77 41.87 -18.93
CA SER A 1877 39.91 41.11 -19.39
C SER A 1877 39.70 39.61 -19.17
N LYS A 1878 40.10 38.82 -20.16
CA LYS A 1878 40.03 37.35 -20.14
C LYS A 1878 41.24 36.86 -20.94
N THR A 1879 42.20 36.24 -20.28
CA THR A 1879 43.43 35.84 -20.98
C THR A 1879 43.12 34.83 -22.07
N PHE A 1880 43.60 35.13 -23.28
CA PHE A 1880 43.50 34.25 -24.44
C PHE A 1880 44.87 34.06 -25.09
N CYS A 1881 45.06 32.94 -25.76
CA CYS A 1881 46.36 32.64 -26.35
C CYS A 1881 46.35 32.71 -27.88
N PRO A 1882 47.22 33.57 -28.43
CA PRO A 1882 47.36 33.60 -29.88
C PRO A 1882 47.77 32.20 -30.28
N PRO A 1883 47.27 31.69 -31.40
CA PRO A 1883 47.50 30.28 -31.71
C PRO A 1883 48.87 30.06 -32.33
N HIS A 1884 49.66 31.13 -32.49
CA HIS A 1884 51.01 31.00 -33.03
C HIS A 1884 52.11 30.96 -31.98
N LYS A 1885 51.82 31.50 -30.79
CA LYS A 1885 52.78 31.48 -29.67
C LYS A 1885 52.77 30.14 -28.94
N SER A 1886 53.91 29.82 -28.31
CA SER A 1886 54.11 28.57 -27.57
C SER A 1886 54.23 28.88 -26.08
N TYR A 1887 53.68 28.00 -25.25
CA TYR A 1887 53.62 28.25 -23.82
C TYR A 1887 54.36 27.15 -23.06
N VAL A 1888 55.10 27.55 -22.04
CA VAL A 1888 55.96 26.63 -21.30
C VAL A 1888 55.61 26.56 -19.83
N ILE A 1889 55.22 25.37 -19.38
CA ILE A 1889 55.01 25.16 -17.97
C ILE A 1889 55.98 24.08 -17.54
N THR A 1890 56.84 24.39 -16.56
CA THR A 1890 57.72 23.39 -15.94
C THR A 1890 56.96 22.60 -14.87
N GLY A 1891 57.19 21.30 -14.83
CA GLY A 1891 56.47 20.44 -13.89
C GLY A 1891 55.08 20.27 -14.45
N GLY A 1892 55.02 20.40 -15.77
CA GLY A 1892 53.76 20.40 -16.47
C GLY A 1892 53.03 19.08 -16.38
N LEU A 1893 53.67 18.07 -15.80
CA LEU A 1893 52.97 16.80 -15.61
C LEU A 1893 52.46 16.69 -14.16
N GLY A 1894 52.76 17.71 -13.36
CA GLY A 1894 52.37 17.74 -11.97
C GLY A 1894 50.96 18.22 -11.77
N GLY A 1895 50.15 17.39 -11.12
CA GLY A 1895 48.82 17.73 -10.69
C GLY A 1895 48.30 19.06 -11.17
N PHE A 1896 48.88 20.16 -10.68
CA PHE A 1896 48.46 21.51 -11.08
C PHE A 1896 48.86 21.84 -12.53
N GLY A 1897 50.13 21.71 -12.86
CA GLY A 1897 50.57 21.93 -14.23
C GLY A 1897 49.65 21.34 -15.29
N LEU A 1898 49.31 20.07 -15.13
CA LEU A 1898 48.38 19.44 -16.04
C LEU A 1898 47.11 20.26 -16.17
N GLN A 1899 46.60 20.77 -15.06
CA GLN A 1899 45.43 21.65 -15.13
C GLN A 1899 45.72 22.99 -15.79
N LEU A 1900 46.89 23.56 -15.51
CA LEU A 1900 47.28 24.82 -16.13
C LEU A 1900 47.41 24.63 -17.62
N ALA A 1901 47.95 23.49 -18.02
CA ALA A 1901 48.03 23.14 -19.43
C ALA A 1901 46.63 23.07 -19.97
N GLN A 1902 45.79 22.20 -19.40
CA GLN A 1902 44.40 22.10 -19.85
C GLN A 1902 43.81 23.47 -20.05
N TRP A 1903 43.72 24.23 -18.96
CA TRP A 1903 43.20 25.59 -18.99
C TRP A 1903 43.87 26.41 -20.10
N LEU A 1904 45.17 26.24 -20.30
CA LEU A 1904 45.80 26.97 -21.38
C LEU A 1904 45.20 26.60 -22.75
N ARG A 1905 45.22 25.32 -23.09
CA ARG A 1905 44.63 24.91 -24.37
C ARG A 1905 43.26 25.51 -24.56
N LEU A 1906 42.43 25.49 -23.50
CA LEU A 1906 41.07 26.03 -23.57
C LEU A 1906 41.04 27.49 -23.95
N ARG A 1907 41.90 28.29 -23.31
CA ARG A 1907 41.99 29.70 -23.64
C ARG A 1907 42.77 29.93 -24.93
N GLY A 1908 43.07 28.85 -25.66
CA GLY A 1908 43.52 28.99 -27.02
C GLY A 1908 44.82 28.32 -27.40
N ALA A 1909 45.71 28.14 -26.44
CA ALA A 1909 47.06 27.64 -26.72
C ALA A 1909 47.09 26.45 -27.69
N GLN A 1910 48.08 26.47 -28.59
CA GLN A 1910 48.21 25.43 -29.56
C GLN A 1910 49.57 24.78 -29.43
N LYS A 1911 50.46 25.48 -28.76
CA LYS A 1911 51.82 25.00 -28.61
C LYS A 1911 52.26 24.98 -27.15
N LEU A 1912 52.10 23.81 -26.52
CA LEU A 1912 52.53 23.59 -25.13
C LEU A 1912 53.87 22.85 -25.04
N VAL A 1913 54.68 23.27 -24.07
CA VAL A 1913 55.90 22.56 -23.69
C VAL A 1913 55.86 22.19 -22.20
N LEU A 1914 55.65 20.90 -21.93
CA LEU A 1914 55.53 20.41 -20.56
C LEU A 1914 56.82 19.73 -20.10
N THR A 1915 57.39 20.25 -19.02
CA THR A 1915 58.66 19.82 -18.48
C THR A 1915 58.51 18.93 -17.25
N SER A 1916 59.29 17.87 -17.18
CA SER A 1916 59.38 17.02 -15.99
C SER A 1916 60.68 16.24 -16.04
N ARG A 1917 61.26 15.97 -14.87
CA ARG A 1917 62.57 15.30 -14.80
C ARG A 1917 62.56 13.87 -15.33
N SER A 1918 61.46 13.15 -15.11
CA SER A 1918 61.34 11.76 -15.55
C SER A 1918 60.69 11.65 -16.92
N GLY A 1919 59.53 12.30 -17.06
CA GLY A 1919 58.73 12.16 -18.25
C GLY A 1919 57.38 11.55 -17.91
N ILE A 1920 56.63 11.21 -18.94
CA ILE A 1920 55.27 10.73 -18.72
C ILE A 1920 55.31 9.39 -17.99
N ARG A 1921 54.87 9.39 -16.74
CA ARG A 1921 54.90 8.17 -15.94
C ARG A 1921 53.55 7.68 -15.37
N THR A 1922 52.55 8.56 -15.29
CA THR A 1922 51.22 8.13 -14.84
C THR A 1922 50.31 7.91 -16.04
N GLY A 1923 49.36 6.99 -15.92
CA GLY A 1923 48.28 6.91 -16.91
C GLY A 1923 47.54 8.23 -17.04
N TYR A 1924 47.24 8.86 -15.92
CA TYR A 1924 46.48 10.10 -15.96
C TYR A 1924 47.22 11.19 -16.71
N GLN A 1925 48.54 11.08 -16.82
CA GLN A 1925 49.27 12.01 -17.65
C GLN A 1925 49.20 11.49 -19.06
N ALA A 1926 49.56 10.23 -19.20
CA ALA A 1926 49.61 9.59 -20.50
C ALA A 1926 48.39 10.00 -21.28
N ARG A 1927 47.26 10.09 -20.61
CA ARG A 1927 46.01 10.37 -21.32
C ARG A 1927 45.78 11.83 -21.61
N GLN A 1928 45.94 12.68 -20.60
CA GLN A 1928 45.84 14.11 -20.84
C GLN A 1928 46.72 14.53 -22.01
N VAL A 1929 47.96 14.07 -22.04
CA VAL A 1929 48.83 14.44 -23.14
C VAL A 1929 48.42 13.74 -24.42
N ARG A 1930 48.00 12.48 -24.30
CA ARG A 1930 47.65 11.71 -25.49
C ARG A 1930 46.48 12.35 -26.17
N GLU A 1931 45.52 12.77 -25.36
CA GLU A 1931 44.32 13.44 -25.86
C GLU A 1931 44.59 14.82 -26.43
N TRP A 1932 45.23 15.70 -25.69
CA TRP A 1932 45.59 17.00 -26.27
C TRP A 1932 46.22 16.91 -27.68
N ARG A 1933 47.02 15.88 -27.89
CA ARG A 1933 47.59 15.67 -29.20
C ARG A 1933 46.46 15.37 -30.17
N ARG A 1934 45.52 14.52 -29.80
CA ARG A 1934 44.36 14.23 -30.67
C ARG A 1934 43.45 15.45 -30.97
N GLN A 1935 43.42 16.44 -30.07
CA GLN A 1935 42.59 17.63 -30.29
C GLN A 1935 43.32 18.58 -31.19
N GLY A 1936 44.50 18.17 -31.65
CA GLY A 1936 45.24 18.97 -32.58
C GLY A 1936 46.31 19.81 -31.92
N VAL A 1937 46.32 19.85 -30.60
CA VAL A 1937 47.34 20.59 -29.88
C VAL A 1937 48.73 20.02 -30.10
N GLN A 1938 49.69 20.90 -30.35
CA GLN A 1938 51.06 20.49 -30.52
C GLN A 1938 51.69 20.40 -29.12
N VAL A 1939 51.89 19.18 -28.61
CA VAL A 1939 52.45 19.02 -27.27
C VAL A 1939 53.76 18.29 -27.22
N LEU A 1940 54.64 18.79 -26.38
CA LEU A 1940 56.01 18.35 -26.35
C LEU A 1940 56.46 18.11 -24.91
N VAL A 1941 56.61 16.84 -24.55
CA VAL A 1941 57.10 16.50 -23.21
C VAL A 1941 58.60 16.57 -23.18
N SER A 1942 59.14 17.42 -22.31
CA SER A 1942 60.57 17.66 -22.27
C SER A 1942 61.17 17.34 -20.91
N THR A 1943 62.38 16.79 -20.95
CA THR A 1943 63.14 16.40 -19.77
C THR A 1943 64.23 17.41 -19.50
N SER A 1944 64.08 18.60 -20.05
CA SER A 1944 65.07 19.64 -19.85
C SER A 1944 64.84 20.34 -18.51
N ASN A 1945 65.89 20.41 -17.69
CA ASN A 1945 65.82 21.01 -16.36
C ASN A 1945 66.35 22.44 -16.41
N ALA A 1946 65.62 23.35 -15.79
CA ALA A 1946 65.85 24.79 -15.93
C ALA A 1946 66.74 25.40 -14.86
N SER A 1947 67.34 24.59 -13.99
CA SER A 1947 68.16 25.13 -12.91
C SER A 1947 69.58 25.37 -13.40
N SER A 1948 69.94 24.66 -14.46
CA SER A 1948 71.20 24.85 -15.14
C SER A 1948 70.96 25.79 -16.32
N LEU A 1949 71.77 26.83 -16.44
CA LEU A 1949 71.59 27.77 -17.54
C LEU A 1949 71.55 27.07 -18.91
N ASP A 1950 72.51 26.17 -19.12
CA ASP A 1950 72.56 25.36 -20.36
C ASP A 1950 71.26 24.58 -20.53
N GLY A 1951 70.76 24.06 -19.42
CA GLY A 1951 69.47 23.38 -19.40
C GLY A 1951 68.36 24.32 -19.78
N ALA A 1952 68.31 25.50 -19.16
CA ALA A 1952 67.29 26.50 -19.50
C ALA A 1952 67.28 26.82 -20.99
N ARG A 1953 68.42 27.25 -21.54
CA ARG A 1953 68.48 27.55 -22.96
C ARG A 1953 68.00 26.39 -23.85
N SER A 1954 68.47 25.18 -23.53
CA SER A 1954 67.96 23.99 -24.19
C SER A 1954 66.42 24.06 -24.24
N LEU A 1955 65.80 24.40 -23.11
CA LEU A 1955 64.34 24.41 -22.95
C LEU A 1955 63.68 25.47 -23.83
N ILE A 1956 63.98 26.74 -23.55
CA ILE A 1956 63.48 27.84 -24.36
C ILE A 1956 63.67 27.57 -25.86
N THR A 1957 64.85 27.08 -26.25
CA THR A 1957 65.10 26.77 -27.66
C THR A 1957 64.15 25.66 -28.14
N GLU A 1958 63.96 24.65 -27.29
CA GLU A 1958 62.95 23.62 -27.56
C GLU A 1958 61.64 24.27 -27.93
N ALA A 1959 61.12 25.11 -27.03
CA ALA A 1959 59.82 25.74 -27.20
C ALA A 1959 59.75 26.66 -28.42
N THR A 1960 60.88 27.31 -28.74
CA THR A 1960 60.95 28.21 -29.89
C THR A 1960 60.75 27.52 -31.23
N GLN A 1961 61.19 26.27 -31.34
CA GLN A 1961 60.92 25.48 -32.54
C GLN A 1961 59.41 25.27 -32.76
N LEU A 1962 58.63 25.44 -31.70
CA LEU A 1962 57.19 25.31 -31.85
C LEU A 1962 56.56 26.64 -32.26
N GLY A 1963 57.23 27.75 -31.94
CA GLY A 1963 56.71 29.07 -32.20
C GLY A 1963 57.22 30.02 -31.13
N PRO A 1964 57.26 31.32 -31.45
CA PRO A 1964 57.79 32.27 -30.47
C PRO A 1964 57.18 32.00 -29.11
N VAL A 1965 57.99 32.16 -28.08
CA VAL A 1965 57.53 31.84 -26.74
C VAL A 1965 56.78 33.01 -26.14
N GLY A 1966 55.54 32.74 -25.73
CA GLY A 1966 54.68 33.75 -25.16
C GLY A 1966 54.36 33.48 -23.70
N GLY A 1967 54.69 32.28 -23.22
CA GLY A 1967 54.33 31.92 -21.87
C GLY A 1967 55.34 31.10 -21.10
N VAL A 1968 55.60 31.50 -19.88
CA VAL A 1968 56.51 30.78 -19.03
C VAL A 1968 56.01 30.70 -17.60
N PHE A 1969 55.59 29.50 -17.21
CA PHE A 1969 55.01 29.29 -15.89
C PHE A 1969 55.89 28.31 -15.17
N ASN A 1970 56.36 28.69 -13.99
CA ASN A 1970 57.27 27.82 -13.26
C ASN A 1970 56.62 27.06 -12.12
N LEU A 1971 56.09 25.89 -12.43
CA LEU A 1971 55.35 25.08 -11.46
C LEU A 1971 56.18 23.96 -10.81
N ALA A 1972 57.41 23.77 -11.28
CA ALA A 1972 58.26 22.74 -10.71
C ALA A 1972 58.50 22.98 -9.21
N MET A 1973 58.67 21.90 -8.45
CA MET A 1973 59.03 22.00 -7.04
C MET A 1973 59.30 20.64 -6.38
N VAL A 1974 60.44 20.53 -5.71
CA VAL A 1974 60.73 19.36 -4.86
C VAL A 1974 60.61 19.76 -3.39
N LEU A 1975 59.93 18.93 -2.58
CA LEU A 1975 59.81 19.24 -1.18
C LEU A 1975 60.89 18.53 -0.37
N ARG A 1976 61.15 19.03 0.82
CA ARG A 1976 62.10 18.42 1.74
C ARG A 1976 61.67 18.76 3.15
N ASP A 1977 60.50 18.24 3.52
CA ASP A 1977 59.92 18.58 4.81
C ASP A 1977 60.78 18.01 5.92
N ALA A 1978 61.08 18.88 6.88
CA ALA A 1978 61.91 18.55 8.02
C ALA A 1978 62.12 19.80 8.86
N VAL A 1979 61.89 19.69 10.15
CA VAL A 1979 62.12 20.81 11.05
C VAL A 1979 63.62 21.20 11.05
N LEU A 1980 63.93 22.42 11.51
CA LEU A 1980 65.27 23.01 11.34
C LEU A 1980 66.44 22.19 11.88
N GLU A 1981 66.17 21.23 12.76
CA GLU A 1981 67.23 20.42 13.36
C GLU A 1981 67.48 19.16 12.54
N ASN A 1982 66.62 18.91 11.57
CA ASN A 1982 66.79 17.81 10.64
C ASN A 1982 67.37 18.32 9.33
N GLN A 1983 67.26 19.63 9.13
CA GLN A 1983 67.65 20.22 7.86
C GLN A 1983 69.15 20.17 7.65
N THR A 1984 69.56 19.65 6.49
CA THR A 1984 70.96 19.67 6.08
C THR A 1984 71.14 20.72 4.99
N PRO A 1985 72.37 21.20 4.80
CA PRO A 1985 72.58 22.28 3.83
C PRO A 1985 72.23 21.90 2.39
N GLU A 1986 71.77 20.66 2.17
CA GLU A 1986 71.52 20.17 0.83
C GLU A 1986 70.09 19.63 0.68
N PHE A 1987 69.41 19.52 1.82
CA PHE A 1987 67.96 19.40 1.80
C PHE A 1987 67.48 20.78 1.38
N PHE A 1988 68.31 21.77 1.65
CA PHE A 1988 68.00 23.17 1.38
C PHE A 1988 68.29 23.50 -0.08
N GLN A 1989 69.44 23.05 -0.56
CA GLN A 1989 69.83 23.34 -1.95
C GLN A 1989 68.94 22.59 -2.94
N ASP A 1990 68.49 21.40 -2.56
CA ASP A 1990 67.59 20.63 -3.42
C ASP A 1990 66.27 21.40 -3.64
N VAL A 1991 65.71 21.97 -2.58
CA VAL A 1991 64.43 22.68 -2.63
C VAL A 1991 64.42 23.95 -3.47
N SER A 1992 65.54 24.66 -3.51
CA SER A 1992 65.60 25.94 -4.22
C SER A 1992 66.07 25.83 -5.68
N LYS A 1993 66.69 24.71 -6.04
CA LYS A 1993 67.14 24.49 -7.43
C LYS A 1993 66.00 24.62 -8.47
N PRO A 1994 64.82 24.05 -8.17
CA PRO A 1994 63.72 24.17 -9.12
C PRO A 1994 63.05 25.54 -9.08
N LYS A 1995 63.08 26.19 -7.93
CA LYS A 1995 62.33 27.43 -7.81
C LYS A 1995 63.14 28.72 -7.93
N TYR A 1996 64.14 28.91 -7.08
CA TYR A 1996 65.00 30.10 -7.19
C TYR A 1996 65.94 29.99 -8.39
N SER A 1997 66.73 28.94 -8.44
CA SER A 1997 67.71 28.80 -9.52
C SER A 1997 67.01 28.68 -10.88
N GLY A 1998 65.88 27.99 -10.91
CA GLY A 1998 65.14 27.82 -12.15
C GLY A 1998 64.55 29.13 -12.63
N THR A 1999 63.93 29.84 -11.69
CA THR A 1999 63.36 31.15 -11.97
C THR A 1999 64.41 32.11 -12.51
N ALA A 2000 65.56 32.16 -11.86
CA ALA A 2000 66.61 33.11 -12.22
C ALA A 2000 67.12 32.87 -13.64
N ASN A 2001 67.43 31.61 -13.94
CA ASN A 2001 67.89 31.25 -15.27
C ASN A 2001 66.84 31.60 -16.33
N LEU A 2002 65.59 31.23 -16.07
CA LEU A 2002 64.52 31.53 -17.00
C LEU A 2002 64.32 33.05 -17.14
N ASP A 2003 64.70 33.81 -16.12
CA ASP A 2003 64.61 35.27 -16.23
C ASP A 2003 65.63 35.73 -17.23
N ARG A 2004 66.87 35.29 -17.01
CA ARG A 2004 67.96 35.64 -17.91
C ARG A 2004 67.65 35.19 -19.33
N VAL A 2005 67.58 33.88 -19.53
CA VAL A 2005 67.26 33.35 -20.86
C VAL A 2005 66.06 34.07 -21.48
N THR A 2006 65.01 34.34 -20.70
CA THR A 2006 63.82 34.98 -21.26
C THR A 2006 64.11 36.33 -21.84
N ARG A 2007 64.92 37.11 -21.14
CA ARG A 2007 65.30 38.42 -21.64
C ARG A 2007 66.19 38.30 -22.86
N GLU A 2008 67.22 37.47 -22.75
CA GLU A 2008 68.20 37.33 -23.83
C GLU A 2008 67.54 37.13 -25.20
N ALA A 2009 66.39 36.46 -25.24
CA ALA A 2009 65.77 36.15 -26.52
C ALA A 2009 64.34 35.55 -26.47
N CYS A 2010 63.40 36.33 -25.96
CA CYS A 2010 62.00 35.92 -26.00
C CYS A 2010 61.10 37.13 -26.26
N PRO A 2011 61.36 37.85 -27.36
CA PRO A 2011 60.84 39.20 -27.59
C PRO A 2011 59.33 39.24 -27.72
N GLU A 2012 58.66 38.10 -27.61
CA GLU A 2012 57.20 38.05 -27.69
C GLU A 2012 56.54 37.49 -26.43
N LEU A 2013 57.25 37.51 -25.31
CA LEU A 2013 56.71 36.99 -24.05
C LEU A 2013 55.66 37.93 -23.44
N ASP A 2014 54.53 37.37 -23.03
CA ASP A 2014 53.44 38.15 -22.43
C ASP A 2014 53.25 37.75 -20.97
N TYR A 2015 53.55 36.49 -20.67
CA TYR A 2015 53.30 35.94 -19.36
C TYR A 2015 54.55 35.30 -18.79
N PHE A 2016 54.93 35.76 -17.59
CA PHE A 2016 56.00 35.15 -16.83
C PHE A 2016 55.43 34.92 -15.46
N VAL A 2017 55.09 33.66 -15.16
CA VAL A 2017 54.39 33.35 -13.92
C VAL A 2017 55.10 32.33 -13.07
N ILE A 2018 54.94 32.46 -11.76
CA ILE A 2018 55.66 31.65 -10.80
C ILE A 2018 54.82 31.38 -9.58
N PHE A 2019 54.63 30.11 -9.27
CA PHE A 2019 53.83 29.78 -8.10
C PHE A 2019 54.69 29.79 -6.83
N SER A 2020 54.32 30.68 -5.92
CA SER A 2020 54.86 30.69 -4.59
C SER A 2020 53.83 30.01 -3.70
N SER A 2021 53.96 30.15 -2.39
CA SER A 2021 52.97 29.60 -1.48
C SER A 2021 52.78 30.54 -0.30
N VAL A 2022 51.70 30.36 0.44
CA VAL A 2022 51.49 31.16 1.63
C VAL A 2022 52.52 30.77 2.70
N SER A 2023 53.16 29.62 2.52
CA SER A 2023 54.23 29.20 3.41
C SER A 2023 55.31 30.26 3.47
N CYS A 2024 55.44 31.02 2.38
CA CYS A 2024 56.36 32.15 2.34
C CYS A 2024 55.74 33.34 3.05
N GLY A 2025 54.42 33.47 2.92
CA GLY A 2025 53.67 34.53 3.56
C GLY A 2025 53.66 34.49 5.08
N ARG A 2026 52.84 33.60 5.65
CA ARG A 2026 52.69 33.51 7.11
C ARG A 2026 53.64 32.47 7.74
N GLY A 2027 54.24 31.63 6.88
CA GLY A 2027 55.21 30.64 7.33
C GLY A 2027 54.63 29.27 7.63
N ASN A 2028 55.46 28.24 7.48
CA ASN A 2028 55.07 26.89 7.88
C ASN A 2028 56.21 26.15 8.58
N ALA A 2029 55.92 25.64 9.77
CA ALA A 2029 56.91 24.95 10.58
C ALA A 2029 57.36 23.64 9.95
N GLY A 2030 58.60 23.62 9.47
CA GLY A 2030 59.17 22.42 8.89
C GLY A 2030 59.42 22.62 7.41
N GLN A 2031 59.15 23.83 6.95
CA GLN A 2031 59.38 24.18 5.56
C GLN A 2031 60.23 25.44 5.46
N ALA A 2032 61.17 25.59 6.38
CA ALA A 2032 62.07 26.74 6.34
C ALA A 2032 62.77 26.86 4.98
N ASN A 2033 62.96 25.73 4.29
CA ASN A 2033 63.61 25.73 2.98
C ASN A 2033 62.67 26.11 1.84
N TYR A 2034 61.53 25.44 1.77
CA TYR A 2034 60.42 25.80 0.89
C TYR A 2034 60.22 27.32 0.97
N GLY A 2035 60.09 27.83 2.19
CA GLY A 2035 59.89 29.26 2.41
C GLY A 2035 60.88 30.13 1.69
N PHE A 2036 62.17 29.92 1.96
CA PHE A 2036 63.24 30.69 1.31
C PHE A 2036 63.11 30.65 -0.20
N ALA A 2037 63.29 29.46 -0.76
CA ALA A 2037 63.21 29.28 -2.19
C ALA A 2037 62.08 30.10 -2.82
N ASN A 2038 60.89 30.04 -2.21
CA ASN A 2038 59.74 30.77 -2.73
C ASN A 2038 59.81 32.28 -2.58
N SER A 2039 60.16 32.77 -1.40
CA SER A 2039 60.31 34.21 -1.24
C SER A 2039 61.33 34.72 -2.25
N ALA A 2040 62.34 33.90 -2.53
CA ALA A 2040 63.37 34.27 -3.50
C ALA A 2040 62.75 34.69 -4.84
N MET A 2041 61.84 33.88 -5.37
CA MET A 2041 61.22 34.15 -6.66
C MET A 2041 60.45 35.47 -6.69
N GLU A 2042 59.76 35.78 -5.59
CA GLU A 2042 58.97 37.00 -5.50
C GLU A 2042 59.83 38.25 -5.65
N ARG A 2043 61.12 38.12 -5.39
CA ARG A 2043 62.04 39.21 -5.67
C ARG A 2043 62.21 39.33 -7.18
N ILE A 2044 62.67 38.24 -7.80
CA ILE A 2044 62.94 38.21 -9.24
C ILE A 2044 61.77 38.65 -10.09
N CYS A 2045 60.55 38.35 -9.65
CA CYS A 2045 59.35 38.82 -10.36
C CYS A 2045 59.16 40.33 -10.17
N GLU A 2046 59.47 40.83 -8.98
CA GLU A 2046 59.36 42.26 -8.71
C GLU A 2046 60.37 43.05 -9.53
N LYS A 2047 61.57 42.50 -9.72
CA LYS A 2047 62.60 43.10 -10.58
C LYS A 2047 62.02 43.33 -11.96
N ARG A 2048 61.49 42.25 -12.54
CA ARG A 2048 60.92 42.30 -13.88
C ARG A 2048 59.79 43.33 -14.04
N ARG A 2049 58.86 43.36 -13.09
CA ARG A 2049 57.78 44.34 -13.12
C ARG A 2049 58.37 45.73 -13.18
N HIS A 2050 59.35 45.96 -12.33
CA HIS A 2050 60.03 47.24 -12.29
C HIS A 2050 60.71 47.55 -13.63
N ASP A 2051 61.04 46.52 -14.40
CA ASP A 2051 61.69 46.74 -15.68
C ASP A 2051 60.70 46.75 -16.83
N GLY A 2052 59.42 46.65 -16.50
CA GLY A 2052 58.38 46.70 -17.50
C GLY A 2052 58.20 45.39 -18.24
N LEU A 2053 58.73 44.33 -17.66
CA LEU A 2053 58.55 43.00 -18.20
C LEU A 2053 57.44 42.26 -17.44
N PRO A 2054 56.73 41.36 -18.13
CA PRO A 2054 55.74 40.51 -17.46
C PRO A 2054 56.35 39.74 -16.30
N GLY A 2055 55.72 39.85 -15.14
CA GLY A 2055 56.25 39.25 -13.93
C GLY A 2055 55.13 39.08 -12.94
N LEU A 2056 54.93 37.84 -12.51
CA LEU A 2056 53.84 37.54 -11.60
C LEU A 2056 54.19 36.30 -10.77
N ALA A 2057 54.26 36.49 -9.46
CA ALA A 2057 54.42 35.39 -8.53
C ALA A 2057 53.14 35.34 -7.71
N VAL A 2058 52.55 34.16 -7.64
CA VAL A 2058 51.30 33.97 -6.90
C VAL A 2058 51.56 33.16 -5.65
N GLN A 2059 51.17 33.70 -4.50
CA GLN A 2059 51.27 32.97 -3.25
C GLN A 2059 49.98 32.21 -2.98
N TRP A 2060 49.87 31.03 -3.54
CA TRP A 2060 48.70 30.20 -3.37
C TRP A 2060 48.56 29.73 -1.94
N GLY A 2061 47.33 29.50 -1.52
CA GLY A 2061 47.08 28.78 -0.29
C GLY A 2061 47.08 27.30 -0.60
N ALA A 2062 46.38 26.52 0.22
CA ALA A 2062 46.20 25.11 -0.07
C ALA A 2062 45.53 25.03 -1.43
N ILE A 2063 46.03 24.13 -2.28
CA ILE A 2063 45.42 23.89 -3.60
C ILE A 2063 44.75 22.52 -3.68
N GLY A 2064 43.45 22.53 -3.91
CA GLY A 2064 42.69 21.30 -3.93
C GLY A 2064 42.76 20.50 -5.22
N ASP A 2065 41.61 19.91 -5.54
CA ASP A 2065 41.40 18.93 -6.62
C ASP A 2065 42.58 18.07 -7.13
N VAL A 2066 43.81 18.55 -7.08
CA VAL A 2066 44.95 17.75 -7.58
C VAL A 2066 46.33 18.03 -6.99
N GLY A 2067 46.43 18.91 -6.00
CA GLY A 2067 47.74 19.32 -5.49
C GLY A 2067 48.62 18.21 -4.92
N VAL A 2068 49.79 18.58 -4.40
CA VAL A 2068 50.62 17.64 -3.66
C VAL A 2068 49.79 17.15 -2.49
N VAL A 2069 48.79 17.95 -2.13
CA VAL A 2069 47.90 17.70 -1.01
C VAL A 2069 47.00 16.49 -1.23
N LEU A 2070 46.31 16.45 -2.37
CA LEU A 2070 45.37 15.38 -2.64
C LEU A 2070 46.07 14.06 -2.87
N GLU A 2071 47.38 14.11 -3.12
CA GLU A 2071 48.14 12.90 -3.38
C GLU A 2071 48.83 12.40 -2.11
N THR A 2072 49.02 13.30 -1.16
CA THR A 2072 49.63 12.97 0.12
C THR A 2072 48.56 12.72 1.16
N MET A 2073 48.12 13.81 1.77
CA MET A 2073 47.12 13.75 2.81
C MET A 2073 45.82 13.14 2.29
N GLY A 2074 44.82 13.96 1.99
CA GLY A 2074 43.52 13.40 1.64
C GLY A 2074 42.55 14.27 0.86
N THR A 2075 41.67 14.95 1.58
CA THR A 2075 40.48 15.56 0.98
C THR A 2075 40.66 16.99 0.52
N ASN A 2076 39.57 17.56 0.02
CA ASN A 2076 39.40 19.00 -0.13
C ASN A 2076 38.85 19.57 1.18
N ASP A 2077 38.75 18.72 2.20
CA ASP A 2077 38.24 19.11 3.52
C ASP A 2077 39.39 19.28 4.53
N THR A 2078 40.59 18.90 4.10
CA THR A 2078 41.80 19.03 4.94
C THR A 2078 42.11 20.48 5.25
N VAL A 2079 42.11 20.83 6.53
CA VAL A 2079 42.47 22.18 6.94
C VAL A 2079 44.00 22.35 7.07
N ILE A 2080 44.64 22.98 6.07
CA ILE A 2080 46.09 23.17 6.09
C ILE A 2080 46.50 24.64 6.22
N GLY A 2081 47.47 24.90 7.11
CA GLY A 2081 47.96 26.25 7.33
C GLY A 2081 46.86 27.22 7.75
N GLY A 2082 45.77 26.68 8.28
CA GLY A 2082 44.61 27.46 8.69
C GLY A 2082 43.75 27.86 7.51
N THR A 2083 43.92 27.14 6.40
CA THR A 2083 43.20 27.43 5.16
C THR A 2083 42.49 26.20 4.63
N LEU A 2084 41.91 26.33 3.44
CA LEU A 2084 41.25 25.22 2.76
C LEU A 2084 41.76 25.06 1.34
N PRO A 2085 41.63 23.85 0.78
CA PRO A 2085 41.98 23.64 -0.61
C PRO A 2085 41.10 24.47 -1.55
N GLN A 2086 41.74 25.34 -2.34
CA GLN A 2086 41.07 26.09 -3.38
C GLN A 2086 40.75 25.11 -4.49
N ARG A 2087 39.47 24.83 -4.72
CA ARG A 2087 39.17 23.91 -5.81
C ARG A 2087 39.77 24.50 -7.09
N ILE A 2088 40.55 23.70 -7.79
CA ILE A 2088 41.30 24.18 -8.96
C ILE A 2088 40.47 25.10 -9.86
N ALA A 2089 39.24 24.70 -10.13
CA ALA A 2089 38.32 25.55 -10.89
C ALA A 2089 38.48 27.00 -10.44
N SER A 2090 38.36 27.23 -9.13
CA SER A 2090 38.51 28.58 -8.59
C SER A 2090 39.90 29.14 -8.77
N CYS A 2091 40.91 28.29 -8.69
CA CYS A 2091 42.27 28.77 -8.90
C CYS A 2091 42.37 29.34 -10.29
N LEU A 2092 41.95 28.56 -11.29
CA LEU A 2092 42.08 28.97 -12.67
C LEU A 2092 41.42 30.34 -12.89
N GLU A 2093 40.18 30.50 -12.44
CA GLU A 2093 39.50 31.78 -12.61
C GLU A 2093 40.10 32.90 -11.77
N VAL A 2094 40.87 32.56 -10.74
CA VAL A 2094 41.62 33.56 -9.98
C VAL A 2094 42.86 33.96 -10.77
N LEU A 2095 43.56 32.95 -11.27
CA LEU A 2095 44.79 33.14 -12.02
C LEU A 2095 44.47 34.00 -13.22
N ASP A 2096 43.27 33.80 -13.73
CA ASP A 2096 42.75 34.54 -14.88
C ASP A 2096 42.71 36.02 -14.57
N LEU A 2097 42.22 36.33 -13.36
CA LEU A 2097 42.18 37.69 -12.88
C LEU A 2097 43.61 38.20 -12.70
N PHE A 2098 44.42 37.47 -11.94
CA PHE A 2098 45.79 37.88 -11.68
C PHE A 2098 46.62 38.22 -12.92
N LEU A 2099 46.57 37.37 -13.95
CA LEU A 2099 47.42 37.53 -15.15
C LEU A 2099 47.36 38.92 -15.75
N SER A 2100 46.18 39.52 -15.75
CA SER A 2100 46.01 40.88 -16.26
C SER A 2100 46.12 41.92 -15.12
N GLN A 2101 47.19 41.85 -14.36
CA GLN A 2101 47.36 42.74 -13.23
C GLN A 2101 48.67 43.49 -13.32
N PRO A 2102 48.78 44.61 -12.61
CA PRO A 2102 50.04 45.37 -12.59
C PRO A 2102 51.00 44.71 -11.63
N HIS A 2103 50.58 44.61 -10.39
CA HIS A 2103 51.41 44.17 -9.27
C HIS A 2103 52.20 42.89 -9.56
N PRO A 2104 53.27 42.64 -8.78
CA PRO A 2104 54.22 41.56 -9.05
C PRO A 2104 53.91 40.32 -8.21
N VAL A 2105 53.25 40.53 -7.07
CA VAL A 2105 53.03 39.46 -6.11
C VAL A 2105 51.59 39.48 -5.60
N LEU A 2106 50.90 38.36 -5.73
CA LEU A 2106 49.50 38.28 -5.32
C LEU A 2106 49.20 36.98 -4.60
N SER A 2107 48.45 37.08 -3.50
CA SER A 2107 48.07 35.93 -2.69
C SER A 2107 46.69 35.43 -3.07
N SER A 2108 46.41 34.18 -2.72
CA SER A 2108 45.10 33.59 -2.94
C SER A 2108 44.92 32.26 -2.16
N PHE A 2109 44.00 32.28 -1.20
CA PHE A 2109 43.77 31.13 -0.34
C PHE A 2109 42.34 31.19 0.17
N VAL A 2110 41.82 30.04 0.64
CA VAL A 2110 40.48 29.99 1.21
C VAL A 2110 40.59 29.98 2.73
N LEU A 2111 39.55 30.47 3.42
CA LEU A 2111 39.56 30.51 4.88
C LEU A 2111 38.95 29.27 5.56
N ALA A 2112 39.66 28.73 6.57
CA ALA A 2112 39.27 27.50 7.26
C ALA A 2112 38.15 27.69 8.30
N GLU A 2113 38.53 27.89 9.56
CA GLU A 2113 37.60 28.26 10.65
C GLU A 2113 38.30 28.91 11.85
N MET B 1 -11.28 -22.38 51.09
CA MET B 1 -12.27 -23.08 51.92
C MET B 1 -12.96 -24.25 51.21
N GLU B 2 -13.20 -24.09 49.90
CA GLU B 2 -13.98 -25.07 49.11
C GLU B 2 -13.11 -25.90 48.13
N GLU B 3 -13.62 -27.06 47.72
CA GLU B 3 -12.88 -27.95 46.82
C GLU B 3 -13.19 -27.62 45.35
N VAL B 4 -12.16 -27.48 44.52
CA VAL B 4 -12.32 -27.06 43.12
C VAL B 4 -11.94 -28.15 42.10
N VAL B 5 -12.82 -28.42 41.14
CA VAL B 5 -12.59 -29.52 40.20
C VAL B 5 -12.86 -29.26 38.71
N ILE B 6 -11.94 -29.75 37.90
CA ILE B 6 -12.05 -29.69 36.45
C ILE B 6 -13.12 -30.64 35.97
N ALA B 7 -14.30 -30.09 35.66
CA ALA B 7 -15.51 -30.88 35.40
C ALA B 7 -15.99 -30.80 33.97
N GLY B 8 -15.30 -30.01 33.14
CA GLY B 8 -15.65 -29.90 31.74
C GLY B 8 -14.45 -29.55 30.90
N MET B 9 -14.37 -30.13 29.71
CA MET B 9 -13.27 -29.82 28.82
C MET B 9 -13.62 -30.05 27.36
N SER B 10 -13.12 -29.16 26.51
CA SER B 10 -13.20 -29.35 25.07
C SER B 10 -12.27 -28.37 24.36
N GLY B 11 -12.07 -28.62 23.07
CA GLY B 11 -11.27 -27.71 22.27
C GLY B 11 -10.96 -28.24 20.89
N LYS B 12 -10.47 -27.35 20.05
CA LYS B 12 -9.98 -27.73 18.73
C LYS B 12 -8.47 -27.53 18.74
N LEU B 13 -7.74 -28.51 18.23
CA LEU B 13 -6.30 -28.45 18.16
C LEU B 13 -5.80 -28.94 16.80
N PRO B 14 -4.54 -28.65 16.47
CA PRO B 14 -3.91 -29.04 15.21
C PRO B 14 -4.34 -30.40 14.68
N GLU B 15 -4.90 -30.36 13.47
CA GLU B 15 -5.41 -31.56 12.79
C GLU B 15 -6.41 -32.31 13.66
N SER B 16 -7.11 -31.58 14.52
CA SER B 16 -8.09 -32.15 15.43
C SER B 16 -9.30 -31.22 15.56
N GLU B 17 -10.48 -31.72 15.22
CA GLU B 17 -11.70 -30.93 15.23
C GLU B 17 -12.36 -30.97 16.61
N ASN B 18 -12.28 -32.13 17.23
CA ASN B 18 -12.82 -32.33 18.56
C ASN B 18 -11.84 -33.15 19.37
N LEU B 19 -11.91 -33.02 20.70
CA LEU B 19 -10.93 -33.64 21.59
C LEU B 19 -10.79 -35.15 21.44
N GLU B 20 -11.67 -35.80 20.72
CA GLU B 20 -11.45 -37.23 20.49
C GLU B 20 -10.49 -37.42 19.33
N GLU B 21 -10.59 -36.56 18.32
CA GLU B 21 -9.60 -36.52 17.24
C GLU B 21 -8.21 -36.23 17.85
N PHE B 22 -8.16 -35.27 18.78
CA PHE B 22 -6.93 -34.87 19.45
C PHE B 22 -6.36 -35.98 20.32
N TRP B 23 -7.17 -36.99 20.63
CA TRP B 23 -6.67 -38.14 21.36
C TRP B 23 -6.02 -39.14 20.41
N ALA B 24 -6.73 -39.50 19.35
CA ALA B 24 -6.17 -40.38 18.35
C ALA B 24 -4.72 -39.98 18.13
N ASN B 25 -4.54 -38.72 17.72
CA ASN B 25 -3.21 -38.19 17.43
C ASN B 25 -2.16 -38.42 18.53
N LEU B 26 -2.52 -38.05 19.76
CA LEU B 26 -1.62 -38.20 20.90
C LEU B 26 -1.11 -39.64 21.04
N ILE B 27 -2.05 -40.57 21.24
CA ILE B 27 -1.72 -41.99 21.40
C ILE B 27 -1.01 -42.58 20.18
N GLY B 28 -1.61 -42.36 19.01
CA GLY B 28 -1.05 -42.88 17.77
C GLY B 28 0.25 -42.22 17.37
N GLY B 29 0.70 -41.25 18.18
CA GLY B 29 1.90 -40.50 17.86
C GLY B 29 1.83 -39.99 16.44
N VAL B 30 1.09 -38.90 16.26
CA VAL B 30 0.93 -38.29 14.94
C VAL B 30 1.22 -36.80 15.03
N ASP B 31 2.38 -36.39 14.51
CA ASP B 31 2.77 -35.00 14.52
C ASP B 31 1.67 -34.16 13.89
N MET B 32 0.93 -33.46 14.72
CA MET B 32 -0.21 -32.68 14.27
C MET B 32 0.27 -31.41 13.57
N VAL B 33 1.58 -31.20 13.64
CA VAL B 33 2.22 -30.12 12.91
C VAL B 33 2.43 -30.56 11.46
N THR B 34 2.11 -29.69 10.51
CA THR B 34 2.24 -30.04 9.10
C THR B 34 2.74 -28.88 8.25
N ALA B 35 2.91 -29.16 6.95
CA ALA B 35 3.47 -28.17 6.04
C ALA B 35 2.43 -27.74 5.01
N ASP B 36 1.63 -26.74 5.35
CA ASP B 36 0.54 -26.37 4.48
C ASP B 36 0.55 -24.89 4.11
N ASP B 37 0.01 -24.61 2.93
CA ASP B 37 -0.27 -23.24 2.53
C ASP B 37 -1.58 -22.80 3.17
N ARG B 38 -1.84 -23.28 4.38
CA ARG B 38 -3.13 -23.05 5.06
C ARG B 38 -3.27 -21.67 5.64
N ARG B 39 -2.33 -21.27 6.50
CA ARG B 39 -2.43 -19.95 7.11
C ARG B 39 -1.89 -18.91 6.15
N TRP B 40 -0.64 -19.09 5.72
CA TRP B 40 -0.09 -18.31 4.61
C TRP B 40 0.61 -19.23 3.62
N LYS B 41 1.72 -18.75 3.09
CA LYS B 41 2.32 -19.39 1.94
C LYS B 41 3.45 -20.37 2.31
N ALA B 42 3.83 -21.22 1.36
CA ALA B 42 4.71 -22.38 1.58
C ALA B 42 5.99 -22.19 2.42
N GLY B 43 6.37 -20.94 2.69
CA GLY B 43 7.58 -20.67 3.44
C GLY B 43 7.98 -19.22 3.25
N LEU B 44 7.02 -18.34 3.50
CA LEU B 44 7.18 -16.92 3.25
C LEU B 44 8.29 -16.32 4.10
N TYR B 45 8.99 -15.34 3.56
CA TYR B 45 10.00 -14.58 4.30
C TYR B 45 11.06 -15.42 5.01
N GLY B 46 11.08 -16.73 4.78
CA GLY B 46 12.07 -17.60 5.40
C GLY B 46 11.50 -18.42 6.54
N LEU B 47 10.33 -18.02 7.01
CA LEU B 47 9.63 -18.78 8.04
C LEU B 47 9.61 -20.25 7.70
N PRO B 48 9.55 -21.10 8.73
CA PRO B 48 9.63 -22.56 8.61
C PRO B 48 8.36 -23.11 8.01
N ARG B 49 8.47 -24.21 7.27
CA ARG B 49 7.34 -24.79 6.53
C ARG B 49 6.28 -25.42 7.47
N ARG B 50 6.66 -25.69 8.71
CA ARG B 50 5.77 -26.38 9.64
C ARG B 50 5.04 -25.42 10.61
N MET B 51 3.77 -25.72 10.89
CA MET B 51 3.01 -25.08 11.97
C MET B 51 1.91 -26.04 12.44
N GLY B 52 1.55 -25.97 13.71
CA GLY B 52 0.38 -26.68 14.18
C GLY B 52 -0.86 -25.87 13.80
N LYS B 53 -1.58 -26.35 12.78
CA LYS B 53 -2.71 -25.61 12.20
C LYS B 53 -4.09 -26.26 12.46
N LEU B 54 -5.08 -25.47 12.86
CA LEU B 54 -6.44 -25.97 13.07
C LEU B 54 -7.02 -26.44 11.75
N LYS B 55 -7.79 -27.54 11.76
CA LYS B 55 -8.31 -28.10 10.51
C LYS B 55 -9.06 -27.03 9.71
N ASP B 56 -10.19 -26.58 10.27
CA ASP B 56 -10.95 -25.48 9.70
C ASP B 56 -10.93 -24.31 10.68
N LEU B 57 -11.22 -23.13 10.17
CA LEU B 57 -11.14 -21.91 10.96
C LEU B 57 -12.35 -21.04 10.67
N SER B 58 -13.06 -21.44 9.61
CA SER B 58 -14.12 -20.64 9.03
C SER B 58 -15.52 -21.15 9.38
N ARG B 59 -15.59 -22.23 10.15
CA ARG B 59 -16.89 -22.78 10.54
C ARG B 59 -17.39 -22.12 11.83
N PHE B 60 -18.70 -22.20 12.05
CA PHE B 60 -19.40 -21.53 13.18
C PHE B 60 -20.91 -21.70 12.99
N ASP B 61 -21.66 -21.84 14.09
CA ASP B 61 -23.12 -21.94 14.02
C ASP B 61 -23.79 -20.63 14.45
N ALA B 62 -24.01 -19.73 13.50
CA ALA B 62 -24.29 -18.31 13.77
C ALA B 62 -25.66 -17.94 14.37
N SER B 63 -26.68 -18.71 14.07
CA SER B 63 -28.03 -18.41 14.55
C SER B 63 -28.12 -18.82 16.00
N PHE B 64 -27.67 -20.03 16.30
CA PHE B 64 -27.81 -20.58 17.64
C PHE B 64 -27.28 -19.58 18.61
N PHE B 65 -26.28 -18.83 18.17
CA PHE B 65 -25.62 -17.86 19.06
C PHE B 65 -26.22 -16.46 18.87
N GLY B 66 -27.18 -16.37 17.95
CA GLY B 66 -27.99 -15.18 17.77
C GLY B 66 -27.24 -13.97 17.27
N VAL B 67 -26.63 -14.10 16.10
CA VAL B 67 -25.82 -13.02 15.56
C VAL B 67 -26.09 -12.77 14.08
N HIS B 68 -26.80 -11.68 13.80
CA HIS B 68 -27.19 -11.32 12.42
C HIS B 68 -25.96 -11.62 11.56
N SER B 69 -26.19 -12.25 10.41
CA SER B 69 -25.11 -12.77 9.57
C SER B 69 -23.94 -11.83 9.33
N LYS B 70 -24.22 -10.57 9.04
CA LYS B 70 -23.15 -9.58 8.86
C LYS B 70 -22.26 -9.53 10.10
N GLN B 71 -22.86 -9.37 11.29
CA GLN B 71 -22.09 -9.17 12.51
C GLN B 71 -21.20 -10.37 12.88
N ALA B 72 -21.33 -11.44 12.08
CA ALA B 72 -20.60 -12.69 12.28
C ALA B 72 -19.37 -12.80 11.38
N ASN B 73 -19.42 -12.15 10.23
CA ASN B 73 -18.27 -12.11 9.34
C ASN B 73 -17.26 -11.11 9.88
N THR B 74 -17.68 -10.36 10.89
CA THR B 74 -16.78 -9.48 11.60
C THR B 74 -16.52 -10.03 13.01
N MET B 75 -16.44 -11.36 13.13
CA MET B 75 -16.11 -11.99 14.41
C MET B 75 -14.78 -12.72 14.34
N ASP B 76 -13.84 -12.32 15.20
CA ASP B 76 -12.54 -12.98 15.31
C ASP B 76 -12.75 -14.49 15.47
N PRO B 77 -12.27 -15.28 14.49
CA PRO B 77 -12.54 -16.73 14.47
C PRO B 77 -12.25 -17.42 15.80
N GLN B 78 -11.32 -16.88 16.60
CA GLN B 78 -11.14 -17.37 17.96
C GLN B 78 -12.50 -17.33 18.66
N LEU B 79 -13.01 -16.13 18.86
CA LEU B 79 -14.28 -15.88 19.54
C LEU B 79 -15.38 -16.78 19.01
N ARG B 80 -15.39 -16.98 17.70
CA ARG B 80 -16.36 -17.88 17.10
C ARG B 80 -16.26 -19.22 17.79
N MET B 81 -15.15 -19.92 17.55
CA MET B 81 -15.00 -21.29 18.04
C MET B 81 -14.74 -21.39 19.54
N LEU B 82 -14.58 -20.25 20.21
CA LEU B 82 -14.63 -20.23 21.66
C LEU B 82 -16.09 -20.45 22.08
N LEU B 83 -17.00 -19.63 21.55
CA LEU B 83 -18.42 -19.78 21.84
C LEU B 83 -18.87 -21.23 21.71
N GLU B 84 -18.23 -21.98 20.83
CA GLU B 84 -18.59 -23.38 20.66
C GLU B 84 -17.88 -24.31 21.61
N VAL B 85 -16.57 -24.20 21.70
CA VAL B 85 -15.83 -25.14 22.55
C VAL B 85 -16.25 -25.05 24.01
N THR B 86 -16.71 -23.88 24.43
CA THR B 86 -17.10 -23.73 25.84
C THR B 86 -18.53 -24.24 26.08
N TYR B 87 -19.38 -24.17 25.07
CA TYR B 87 -20.64 -24.89 25.17
C TYR B 87 -20.33 -26.39 25.19
N GLU B 88 -19.56 -26.84 24.20
CA GLU B 88 -19.12 -28.23 24.12
C GLU B 88 -18.49 -28.73 25.42
N ALA B 89 -17.99 -27.80 26.22
CA ALA B 89 -17.28 -28.16 27.45
C ALA B 89 -18.24 -28.19 28.63
N ILE B 90 -19.14 -27.22 28.66
CA ILE B 90 -20.14 -27.16 29.71
C ILE B 90 -21.02 -28.39 29.65
N VAL B 91 -21.43 -28.77 28.46
CA VAL B 91 -22.25 -29.96 28.34
C VAL B 91 -21.39 -31.21 28.43
N ASP B 92 -20.10 -31.06 28.19
CA ASP B 92 -19.20 -32.20 28.27
C ASP B 92 -19.32 -32.87 29.63
N GLY B 93 -19.48 -32.06 30.66
CA GLY B 93 -19.53 -32.55 32.04
C GLY B 93 -20.92 -32.67 32.64
N GLY B 94 -21.88 -33.09 31.83
CA GLY B 94 -23.20 -33.43 32.31
C GLY B 94 -24.10 -32.31 32.77
N ILE B 95 -23.70 -31.07 32.50
CA ILE B 95 -24.50 -29.93 32.90
C ILE B 95 -25.26 -29.34 31.72
N ASN B 96 -26.45 -28.84 31.98
CA ASN B 96 -27.19 -28.09 30.97
C ASN B 96 -26.83 -26.63 31.13
N PRO B 97 -26.19 -26.05 30.12
CA PRO B 97 -25.66 -24.68 30.18
C PRO B 97 -26.70 -23.74 30.77
N ALA B 98 -27.96 -24.06 30.53
CA ALA B 98 -29.07 -23.22 30.96
C ALA B 98 -29.21 -23.22 32.48
N SER B 99 -28.84 -24.33 33.10
CA SER B 99 -28.89 -24.45 34.55
C SER B 99 -27.95 -23.44 35.20
N LEU B 100 -27.09 -22.84 34.39
CA LEU B 100 -26.16 -21.82 34.85
C LEU B 100 -26.72 -20.40 34.61
N ARG B 101 -27.55 -20.25 33.58
CA ARG B 101 -28.07 -18.93 33.22
C ARG B 101 -28.30 -18.08 34.47
N GLY B 102 -27.49 -17.05 34.64
CA GLY B 102 -27.68 -16.09 35.70
C GLY B 102 -26.94 -16.39 36.99
N THR B 103 -25.90 -17.20 36.89
CA THR B 103 -25.12 -17.53 38.06
C THR B 103 -24.27 -16.36 38.54
N SER B 104 -23.52 -16.61 39.61
CA SER B 104 -22.31 -15.86 39.87
C SER B 104 -21.17 -16.71 39.30
N THR B 105 -21.23 -16.94 37.98
CA THR B 105 -20.23 -17.73 37.26
C THR B 105 -19.39 -16.83 36.37
N GLY B 106 -18.09 -17.05 36.38
CA GLY B 106 -17.18 -16.19 35.66
C GLY B 106 -16.57 -16.80 34.41
N VAL B 107 -15.82 -15.99 33.69
CA VAL B 107 -15.17 -16.45 32.49
C VAL B 107 -13.77 -15.88 32.44
N TRP B 108 -12.79 -16.75 32.24
CA TRP B 108 -11.40 -16.34 32.22
C TRP B 108 -10.68 -16.85 30.97
N VAL B 109 -10.30 -15.92 30.13
CA VAL B 109 -9.73 -16.25 28.84
C VAL B 109 -8.26 -15.85 28.77
N GLY B 110 -7.41 -16.79 28.37
CA GLY B 110 -6.02 -16.49 28.11
C GLY B 110 -5.84 -16.23 26.62
N VAL B 111 -5.63 -14.97 26.27
CA VAL B 111 -5.43 -14.60 24.87
C VAL B 111 -4.18 -13.75 24.69
N SER B 112 -3.35 -14.08 23.70
CA SER B 112 -2.20 -13.23 23.39
C SER B 112 -2.37 -12.42 22.10
N SER B 113 -2.86 -13.07 21.05
CA SER B 113 -2.92 -12.43 19.76
C SER B 113 -4.37 -12.33 19.27
N SER B 114 -4.81 -11.12 18.95
CA SER B 114 -6.11 -10.93 18.30
C SER B 114 -5.95 -10.45 16.85
N ASP B 115 -5.20 -11.23 16.06
CA ASP B 115 -4.86 -10.89 14.67
C ASP B 115 -6.05 -10.43 13.83
N ALA B 116 -7.18 -11.09 14.04
CA ALA B 116 -8.38 -10.83 13.26
C ALA B 116 -8.82 -9.36 13.35
N SER B 117 -8.53 -8.73 14.48
CA SER B 117 -9.03 -7.38 14.76
C SER B 117 -8.32 -6.31 13.94
N GLU B 118 -7.02 -6.47 13.70
CA GLU B 118 -6.38 -5.55 12.80
C GLU B 118 -6.91 -5.80 11.41
N ALA B 119 -7.02 -7.07 11.04
CA ALA B 119 -7.48 -7.42 9.69
C ALA B 119 -8.71 -6.61 9.28
N LEU B 120 -9.71 -6.53 10.15
CA LEU B 120 -10.94 -5.80 9.84
C LEU B 120 -10.97 -4.36 10.37
N SER B 121 -9.86 -3.63 10.35
CA SER B 121 -9.87 -2.20 10.72
C SER B 121 -8.95 -1.32 9.85
N ARG B 122 -8.23 -1.96 8.94
CA ARG B 122 -7.36 -1.27 7.98
C ARG B 122 -8.18 -0.39 7.05
N ASP B 123 -8.94 -1.01 6.15
CA ASP B 123 -9.83 -0.28 5.23
C ASP B 123 -10.69 0.72 6.00
N PRO B 124 -10.45 2.03 5.74
CA PRO B 124 -10.96 3.12 6.55
C PRO B 124 -12.41 3.46 6.25
N GLU B 125 -12.77 3.70 5.00
CA GLU B 125 -14.18 3.96 4.70
C GLU B 125 -14.96 2.67 4.45
N THR B 126 -14.24 1.56 4.33
CA THR B 126 -14.85 0.28 3.94
C THR B 126 -15.11 -0.63 5.14
N LEU B 127 -15.09 -0.06 6.34
CA LEU B 127 -15.09 -0.85 7.59
C LEU B 127 -16.34 -0.65 8.44
N VAL B 128 -16.95 -1.77 8.80
CA VAL B 128 -18.17 -1.76 9.59
C VAL B 128 -17.83 -1.68 11.08
N GLY B 129 -18.46 -0.75 11.77
CA GLY B 129 -18.14 -0.42 13.15
C GLY B 129 -18.37 -1.47 14.22
N TYR B 130 -19.16 -2.50 13.90
CA TYR B 130 -19.42 -3.57 14.86
C TYR B 130 -18.43 -4.73 14.73
N SER B 131 -17.26 -4.44 14.20
CA SER B 131 -16.21 -5.45 14.14
C SER B 131 -15.63 -5.53 15.52
N MET B 132 -15.65 -4.40 16.20
CA MET B 132 -14.95 -4.29 17.47
C MET B 132 -15.74 -4.96 18.58
N ILE B 133 -17.05 -5.04 18.43
CA ILE B 133 -17.87 -5.85 19.34
C ILE B 133 -17.61 -7.33 19.07
N GLY B 134 -16.82 -7.60 18.02
CA GLY B 134 -16.46 -8.96 17.67
C GLY B 134 -14.97 -9.22 17.55
N CYS B 135 -14.15 -8.31 18.08
CA CYS B 135 -12.69 -8.42 17.97
C CYS B 135 -11.87 -7.86 19.14
N GLN B 136 -12.30 -6.72 19.69
CA GLN B 136 -11.63 -6.16 20.86
C GLN B 136 -11.37 -7.31 21.82
N ARG B 137 -10.19 -7.36 22.41
CA ARG B 137 -9.84 -8.53 23.23
C ARG B 137 -10.88 -8.87 24.28
N ALA B 138 -11.20 -7.92 25.14
CA ALA B 138 -12.14 -8.16 26.21
C ALA B 138 -13.35 -8.94 25.69
N MET B 139 -13.81 -8.61 24.48
CA MET B 139 -14.92 -9.34 23.88
C MET B 139 -14.70 -10.85 23.81
N MET B 140 -13.46 -11.30 23.96
CA MET B 140 -13.17 -12.73 24.00
C MET B 140 -13.79 -13.40 25.21
N ALA B 141 -13.90 -12.65 26.30
CA ALA B 141 -14.51 -13.16 27.51
C ALA B 141 -15.90 -12.57 27.64
N ASN B 142 -15.97 -11.23 27.61
CA ASN B 142 -17.23 -10.50 27.70
C ASN B 142 -18.35 -11.10 26.85
N ARG B 143 -18.05 -11.47 25.61
CA ARG B 143 -19.09 -11.90 24.68
C ARG B 143 -19.39 -13.36 24.87
N LEU B 144 -18.55 -14.01 25.67
CA LEU B 144 -18.80 -15.37 26.09
C LEU B 144 -19.68 -15.36 27.32
N SER B 145 -19.47 -14.38 28.20
CA SER B 145 -20.35 -14.14 29.32
C SER B 145 -21.72 -13.67 28.83
N PHE B 146 -21.69 -12.84 27.79
CA PHE B 146 -22.93 -12.25 27.31
C PHE B 146 -23.93 -13.32 26.88
N PHE B 147 -23.44 -14.38 26.24
CA PHE B 147 -24.36 -15.34 25.62
C PHE B 147 -24.91 -16.39 26.57
N PHE B 148 -24.07 -16.80 27.53
CA PHE B 148 -24.46 -17.84 28.49
C PHE B 148 -25.14 -17.27 29.72
N ASP B 149 -25.08 -15.94 29.84
CA ASP B 149 -25.74 -15.21 30.92
C ASP B 149 -24.96 -15.36 32.22
N PHE B 150 -23.64 -15.44 32.12
CA PHE B 150 -22.78 -15.60 33.29
C PHE B 150 -22.46 -14.27 33.96
N LYS B 151 -23.18 -13.94 35.02
CA LYS B 151 -23.09 -12.60 35.61
C LYS B 151 -21.84 -12.35 36.51
N GLY B 152 -21.02 -13.37 36.76
CA GLY B 152 -19.79 -13.19 37.49
C GLY B 152 -18.67 -12.70 36.59
N PRO B 153 -17.47 -12.46 37.16
CA PRO B 153 -16.27 -11.90 36.52
C PRO B 153 -16.11 -12.31 35.07
N SER B 154 -15.80 -11.34 34.21
CA SER B 154 -15.46 -11.64 32.82
C SER B 154 -14.15 -10.96 32.47
N ILE B 155 -13.17 -11.77 32.10
CA ILE B 155 -11.80 -11.28 32.11
C ILE B 155 -10.88 -12.01 31.13
N THR B 156 -10.08 -11.24 30.43
CA THR B 156 -9.08 -11.78 29.55
C THR B 156 -7.73 -11.34 30.06
N ILE B 157 -6.80 -12.28 30.15
CA ILE B 157 -5.44 -11.99 30.63
C ILE B 157 -4.39 -12.30 29.60
N ASP B 158 -3.37 -11.44 29.56
CA ASP B 158 -2.25 -11.63 28.65
C ASP B 158 -0.93 -11.65 29.42
N THR B 159 -0.36 -12.83 29.51
CA THR B 159 0.92 -13.03 30.17
C THR B 159 1.86 -13.75 29.20
N ALA B 160 1.48 -13.74 27.92
CA ALA B 160 2.21 -14.48 26.90
C ALA B 160 1.96 -15.99 27.04
N CYS B 161 2.96 -16.79 26.66
CA CYS B 161 2.83 -18.26 26.63
C CYS B 161 2.06 -18.90 27.83
N SER B 162 1.99 -18.22 28.97
CA SER B 162 1.38 -18.81 30.17
C SER B 162 -0.13 -18.63 30.17
N SER B 163 -0.54 -17.40 30.44
CA SER B 163 -1.93 -16.95 30.29
C SER B 163 -2.99 -17.98 30.63
N SER B 164 -3.48 -18.70 29.64
CA SER B 164 -4.53 -19.67 29.88
C SER B 164 -4.32 -20.47 31.17
N LEU B 165 -3.07 -20.86 31.46
CA LEU B 165 -2.81 -21.57 32.72
C LEU B 165 -2.97 -20.65 33.93
N LEU B 166 -2.46 -19.43 33.82
CA LEU B 166 -2.71 -18.44 34.86
C LEU B 166 -4.18 -17.97 34.90
N ALA B 167 -4.91 -18.19 33.81
CA ALA B 167 -6.35 -17.92 33.85
C ALA B 167 -6.96 -19.03 34.66
N LEU B 168 -6.65 -20.27 34.30
CA LEU B 168 -7.14 -21.43 35.02
C LEU B 168 -6.71 -21.41 36.49
N GLN B 169 -5.68 -20.65 36.80
CA GLN B 169 -5.31 -20.41 38.19
C GLN B 169 -6.22 -19.35 38.80
N SER B 170 -6.22 -18.17 38.18
CA SER B 170 -7.03 -17.04 38.64
C SER B 170 -8.47 -17.48 38.91
N ALA B 171 -8.93 -18.46 38.12
CA ALA B 171 -10.29 -18.97 38.22
C ALA B 171 -10.45 -19.83 39.45
N TYR B 172 -9.66 -20.90 39.49
CA TYR B 172 -9.61 -21.78 40.66
C TYR B 172 -9.68 -21.00 41.95
N GLN B 173 -8.85 -19.96 42.07
CA GLN B 173 -8.83 -19.15 43.28
C GLN B 173 -10.20 -18.51 43.55
N ALA B 174 -10.81 -17.97 42.49
CA ALA B 174 -12.07 -17.27 42.66
C ALA B 174 -13.21 -18.20 43.10
N ILE B 175 -13.16 -19.46 42.69
CA ILE B 175 -14.11 -20.45 43.20
C ILE B 175 -13.79 -20.79 44.65
N ARG B 176 -12.58 -21.29 44.84
CA ARG B 176 -12.05 -21.62 46.15
C ARG B 176 -12.48 -20.63 47.21
N GLY B 177 -12.50 -19.35 46.85
CA GLY B 177 -12.68 -18.29 47.82
C GLY B 177 -14.09 -17.82 48.11
N GLY B 178 -15.09 -18.43 47.49
CA GLY B 178 -16.46 -18.05 47.74
C GLY B 178 -17.09 -17.30 46.59
N GLU B 179 -16.31 -16.41 45.98
CA GLU B 179 -16.77 -15.61 44.84
C GLU B 179 -17.72 -16.32 43.85
N CYS B 180 -17.30 -17.46 43.31
CA CYS B 180 -18.08 -18.16 42.28
C CYS B 180 -18.38 -19.60 42.60
N SER B 181 -19.18 -20.23 41.73
CA SER B 181 -19.53 -21.64 41.88
C SER B 181 -19.07 -22.44 40.66
N ALA B 182 -18.61 -21.73 39.63
CA ALA B 182 -18.19 -22.37 38.39
C ALA B 182 -17.44 -21.38 37.52
N ALA B 183 -16.59 -21.88 36.62
CA ALA B 183 -15.82 -20.99 35.75
C ALA B 183 -15.65 -21.51 34.32
N VAL B 184 -15.56 -20.59 33.37
CA VAL B 184 -15.15 -20.95 32.05
C VAL B 184 -13.71 -20.47 31.90
N VAL B 185 -12.80 -21.43 31.70
CA VAL B 185 -11.41 -21.11 31.47
C VAL B 185 -11.06 -21.42 30.04
N GLY B 186 -10.63 -20.39 29.31
CA GLY B 186 -10.35 -20.52 27.90
C GLY B 186 -8.92 -20.14 27.53
N GLY B 187 -8.43 -20.82 26.49
CA GLY B 187 -7.14 -20.50 25.89
C GLY B 187 -7.32 -20.29 24.39
N LEU B 188 -6.87 -19.14 23.90
CA LEU B 188 -7.05 -18.79 22.49
C LEU B 188 -5.75 -18.35 21.85
N ASN B 189 -5.52 -18.84 20.65
CA ASN B 189 -4.41 -18.36 19.88
C ASN B 189 -4.53 -18.87 18.46
N VAL B 190 -4.76 -17.95 17.52
CA VAL B 190 -4.84 -18.30 16.11
C VAL B 190 -3.84 -17.50 15.28
N LEU B 191 -3.15 -18.22 14.38
CA LEU B 191 -2.09 -17.68 13.53
C LEU B 191 -2.63 -17.17 12.21
N LEU B 192 -2.58 -15.86 12.03
CA LEU B 192 -3.06 -15.26 10.82
C LEU B 192 -2.01 -14.39 10.18
N LYS B 193 -1.41 -13.46 10.95
CA LYS B 193 -0.46 -12.54 10.34
C LYS B 193 0.97 -13.07 10.35
N PRO B 194 1.57 -13.20 9.16
CA PRO B 194 2.89 -13.80 9.06
C PRO B 194 3.91 -12.94 9.77
N ASN B 195 3.71 -11.62 9.75
CA ASN B 195 4.61 -10.72 10.44
C ASN B 195 4.97 -11.27 11.84
N SER B 196 3.96 -11.44 12.69
CA SER B 196 4.13 -12.05 14.01
C SER B 196 5.26 -13.06 14.06
N SER B 197 5.10 -14.15 13.30
CA SER B 197 6.11 -15.21 13.22
C SER B 197 7.48 -14.65 12.84
N LEU B 198 7.51 -13.82 11.81
CA LEU B 198 8.76 -13.22 11.36
C LEU B 198 9.51 -12.55 12.50
N GLN B 199 8.80 -11.78 13.33
CA GLN B 199 9.39 -11.21 14.54
C GLN B 199 10.01 -12.29 15.40
N PHE B 200 9.22 -13.32 15.70
CA PHE B 200 9.66 -14.43 16.53
C PHE B 200 10.92 -15.14 16.02
N MET B 201 11.11 -15.11 14.70
CA MET B 201 12.30 -15.71 14.12
C MET B 201 13.49 -14.77 14.28
N LYS B 202 13.25 -13.48 14.09
CA LYS B 202 14.28 -12.46 14.28
C LYS B 202 14.73 -12.37 15.74
N LEU B 203 14.18 -13.23 16.58
CA LEU B 203 14.59 -13.33 17.98
C LEU B 203 15.18 -14.71 18.21
N GLY B 204 15.14 -15.52 17.16
CA GLY B 204 15.71 -16.84 17.23
C GLY B 204 15.06 -17.78 18.22
N MET B 205 13.81 -17.52 18.57
CA MET B 205 13.10 -18.48 19.39
C MET B 205 12.27 -19.37 18.49
N LEU B 206 12.51 -19.21 17.19
CA LEU B 206 11.80 -19.99 16.18
C LEU B 206 12.66 -21.07 15.51
N SER B 207 12.15 -22.29 15.54
CA SER B 207 12.85 -23.45 15.02
C SER B 207 12.71 -23.49 13.51
N GLN B 208 13.81 -23.28 12.79
CA GLN B 208 13.78 -23.40 11.34
C GLN B 208 13.30 -24.82 11.00
N ASP B 209 13.89 -25.80 11.69
CA ASP B 209 13.40 -27.17 11.73
C ASP B 209 11.87 -27.19 11.62
N GLY B 210 11.22 -26.42 12.48
CA GLY B 210 9.77 -26.38 12.50
C GLY B 210 9.25 -27.48 13.39
N THR B 211 9.87 -27.67 14.54
CA THR B 211 9.44 -28.71 15.47
C THR B 211 9.80 -28.35 16.91
N CYS B 212 9.15 -29.02 17.85
CA CYS B 212 9.43 -28.84 19.27
C CYS B 212 10.17 -30.07 19.78
N ARG B 213 11.48 -30.06 19.61
CA ARG B 213 12.37 -31.11 20.09
C ARG B 213 12.41 -31.04 21.62
N SER B 214 11.39 -31.63 22.24
CA SER B 214 11.06 -31.41 23.65
C SER B 214 12.19 -31.51 24.68
N PHE B 215 13.05 -32.51 24.54
CA PHE B 215 14.15 -32.74 25.49
C PHE B 215 15.38 -33.30 24.78
N ASP B 216 15.42 -33.14 23.46
CA ASP B 216 16.49 -33.66 22.62
C ASP B 216 17.58 -32.61 22.40
N ALA B 217 18.83 -33.06 22.43
CA ALA B 217 19.99 -32.16 22.38
C ALA B 217 19.96 -31.13 21.25
N GLU B 218 19.11 -31.36 20.25
CA GLU B 218 19.08 -30.49 19.07
C GLU B 218 17.97 -29.43 19.10
N GLY B 219 17.67 -28.88 20.26
CA GLY B 219 16.65 -27.86 20.34
C GLY B 219 17.11 -26.53 19.77
N THR B 220 16.46 -26.09 18.69
CA THR B 220 16.70 -24.75 18.17
C THR B 220 15.76 -23.80 18.86
N GLY B 221 14.51 -23.87 18.43
CA GLY B 221 13.42 -23.08 19.00
C GLY B 221 12.12 -23.86 18.91
N TYR B 222 11.01 -23.21 19.20
CA TYR B 222 9.73 -23.91 19.16
C TYR B 222 9.04 -23.70 17.83
N CYS B 223 7.86 -24.30 17.71
CA CYS B 223 7.09 -24.30 16.48
C CYS B 223 5.66 -23.88 16.75
N ARG B 224 5.35 -22.61 16.50
CA ARG B 224 4.05 -22.06 16.90
C ARG B 224 2.85 -22.79 16.32
N ALA B 225 1.89 -23.09 17.17
CA ALA B 225 0.65 -23.73 16.76
C ALA B 225 -0.55 -23.01 17.37
N GLU B 226 -1.73 -23.22 16.80
CA GLU B 226 -2.93 -22.60 17.33
C GLU B 226 -3.78 -23.56 18.16
N ALA B 227 -4.81 -23.01 18.79
CA ALA B 227 -5.74 -23.80 19.56
C ALA B 227 -6.77 -22.92 20.26
N VAL B 228 -8.02 -23.36 20.23
CA VAL B 228 -9.05 -22.82 21.10
C VAL B 228 -9.39 -23.96 22.03
N VAL B 229 -9.36 -23.69 23.33
CA VAL B 229 -9.58 -24.74 24.29
C VAL B 229 -10.23 -24.16 25.52
N ALA B 230 -11.10 -24.94 26.16
CA ALA B 230 -11.78 -24.47 27.36
C ALA B 230 -12.07 -25.60 28.32
N VAL B 231 -11.89 -25.32 29.60
CA VAL B 231 -12.28 -26.26 30.62
C VAL B 231 -13.27 -25.57 31.52
N LEU B 232 -14.15 -26.36 32.13
CA LEU B 232 -15.11 -25.83 33.07
C LEU B 232 -14.73 -26.24 34.48
N LEU B 233 -14.39 -25.25 35.31
CA LEU B 233 -14.16 -25.46 36.75
C LEU B 233 -15.46 -25.29 37.55
N THR B 234 -15.57 -26.03 38.66
CA THR B 234 -16.79 -26.07 39.48
C THR B 234 -16.44 -26.55 40.86
N LYS B 235 -17.20 -26.12 41.86
CA LYS B 235 -17.09 -26.72 43.19
C LYS B 235 -17.64 -28.15 43.18
N LYS B 236 -16.96 -29.04 43.91
CA LYS B 236 -17.32 -30.47 43.98
C LYS B 236 -18.82 -30.70 44.10
N SER B 237 -19.41 -30.02 45.07
CA SER B 237 -20.84 -30.12 45.37
C SER B 237 -21.68 -29.50 44.26
N LEU B 238 -21.28 -29.74 43.02
CA LEU B 238 -21.97 -29.19 41.86
C LEU B 238 -21.49 -29.82 40.55
N ALA B 239 -20.47 -30.68 40.64
CA ALA B 239 -19.91 -31.30 39.44
C ALA B 239 -20.47 -32.70 39.20
N ARG B 240 -21.04 -32.94 38.02
CA ARG B 240 -21.55 -34.27 37.69
C ARG B 240 -20.46 -35.18 37.15
N ARG B 241 -19.32 -34.58 36.83
CA ARG B 241 -18.17 -35.33 36.35
C ARG B 241 -16.89 -34.71 36.89
N VAL B 242 -15.90 -35.55 37.21
CA VAL B 242 -14.62 -35.06 37.71
C VAL B 242 -13.44 -35.73 37.00
N TYR B 243 -12.74 -34.92 36.21
CA TYR B 243 -11.54 -35.34 35.51
C TYR B 243 -10.39 -35.36 36.48
N ALA B 244 -10.28 -34.29 37.26
CA ALA B 244 -9.30 -34.21 38.33
C ALA B 244 -9.75 -33.16 39.33
N THR B 245 -8.97 -32.98 40.40
CA THR B 245 -9.18 -31.93 41.40
C THR B 245 -7.95 -31.03 41.51
N ILE B 246 -8.15 -29.72 41.63
CA ILE B 246 -7.01 -28.81 41.72
C ILE B 246 -6.50 -28.68 43.16
N LEU B 247 -5.28 -29.14 43.39
CA LEU B 247 -4.67 -29.14 44.72
C LEU B 247 -4.07 -27.78 45.05
N ASN B 248 -3.52 -27.10 44.06
CA ASN B 248 -2.84 -25.85 44.31
C ASN B 248 -2.36 -25.18 43.04
N ALA B 249 -2.12 -23.89 43.12
CA ALA B 249 -1.57 -23.14 42.01
C ALA B 249 -1.12 -21.78 42.51
N GLY B 250 -0.24 -21.16 41.74
CA GLY B 250 0.29 -19.86 42.11
C GLY B 250 1.22 -19.44 41.00
N THR B 251 1.48 -18.15 40.88
CA THR B 251 2.38 -17.67 39.85
C THR B 251 3.38 -16.72 40.46
N ASN B 252 4.59 -16.74 39.94
CA ASN B 252 5.54 -15.67 40.22
C ASN B 252 6.11 -15.15 38.90
N THR B 253 7.21 -14.40 38.99
CA THR B 253 7.74 -13.71 37.84
C THR B 253 9.26 -13.49 37.93
N ASP B 254 10.00 -14.12 37.01
CA ASP B 254 11.45 -13.95 36.91
C ASP B 254 11.82 -12.49 37.17
N GLY B 255 12.65 -12.25 38.17
CA GLY B 255 13.00 -10.88 38.50
C GLY B 255 13.64 -10.09 37.39
N SER B 256 14.75 -9.42 37.73
CA SER B 256 15.59 -8.74 36.74
C SER B 256 16.81 -9.60 36.46
N LYS B 257 16.67 -10.48 35.48
CA LYS B 257 17.75 -11.37 35.05
C LYS B 257 18.81 -10.55 34.30
N GLU B 258 20.09 -10.84 34.52
CA GLU B 258 21.15 -10.05 33.91
C GLU B 258 21.36 -10.39 32.44
N GLN B 259 20.67 -11.42 32.00
CA GLN B 259 20.88 -11.96 30.67
C GLN B 259 19.66 -11.74 29.77
N GLY B 260 18.98 -10.60 29.96
CA GLY B 260 17.86 -10.23 29.11
C GLY B 260 16.49 -10.64 29.63
N VAL B 261 15.43 -10.18 28.98
CA VAL B 261 14.07 -10.49 29.44
C VAL B 261 13.54 -11.82 28.92
N THR B 262 14.05 -12.25 27.79
CA THR B 262 13.61 -13.50 27.18
C THR B 262 14.14 -14.71 27.93
N PHE B 263 15.25 -14.52 28.64
CA PHE B 263 15.94 -15.61 29.34
C PHE B 263 15.09 -16.25 30.43
N PRO B 264 14.77 -17.55 30.30
CA PRO B 264 13.97 -18.21 31.34
C PRO B 264 14.80 -18.47 32.59
N SER B 265 14.52 -17.74 33.68
CA SER B 265 15.28 -17.90 34.92
C SER B 265 14.81 -19.10 35.75
N GLY B 266 15.59 -20.17 35.72
CA GLY B 266 15.24 -21.38 36.45
C GLY B 266 15.33 -21.16 37.95
N ASP B 267 16.30 -20.37 38.37
CA ASP B 267 16.48 -20.11 39.79
C ASP B 267 15.24 -19.47 40.39
N VAL B 268 14.33 -18.99 39.54
CA VAL B 268 13.08 -18.40 40.01
C VAL B 268 11.89 -19.34 39.82
N GLN B 269 11.95 -20.17 38.79
CA GLN B 269 10.91 -21.17 38.55
C GLN B 269 10.91 -22.23 39.65
N GLU B 270 12.12 -22.56 40.13
CA GLU B 270 12.26 -23.45 41.28
C GLU B 270 11.40 -22.94 42.40
N GLN B 271 11.61 -21.67 42.74
CA GLN B 271 10.90 -21.03 43.85
C GLN B 271 9.42 -21.26 43.70
N LEU B 272 8.86 -20.91 42.54
CA LEU B 272 7.44 -21.10 42.30
C LEU B 272 7.04 -22.53 42.62
N ILE B 273 7.77 -23.49 42.08
CA ILE B 273 7.42 -24.88 42.29
C ILE B 273 7.42 -25.25 43.78
N ARG B 274 8.33 -24.63 44.55
CA ARG B 274 8.34 -24.84 46.01
C ARG B 274 7.11 -24.28 46.73
N SER B 275 6.80 -23.01 46.52
CA SER B 275 5.68 -22.34 47.18
C SER B 275 4.45 -23.23 47.25
N LEU B 276 4.38 -24.20 46.36
CA LEU B 276 3.16 -24.93 46.14
C LEU B 276 3.23 -26.31 46.75
N TYR B 277 4.44 -26.75 47.09
CA TYR B 277 4.64 -28.12 47.58
C TYR B 277 5.10 -28.23 49.04
N ALA B 278 6.03 -29.15 49.29
CA ALA B 278 6.49 -29.52 50.63
C ALA B 278 5.73 -28.83 51.79
N PRO B 279 6.29 -27.74 52.35
CA PRO B 279 5.66 -27.22 53.58
C PRO B 279 4.29 -26.55 53.39
N ALA B 280 4.03 -25.98 52.22
CA ALA B 280 2.74 -25.32 52.00
C ALA B 280 1.97 -25.98 50.86
N GLY B 281 2.09 -27.30 50.76
CA GLY B 281 1.42 -28.04 49.71
C GLY B 281 1.63 -29.53 49.82
N PRO B 282 1.22 -30.28 48.79
CA PRO B 282 1.30 -31.75 48.70
C PRO B 282 2.73 -32.24 48.83
N ASP B 283 2.90 -33.56 48.73
CA ASP B 283 4.21 -34.18 48.88
C ASP B 283 4.90 -34.30 47.52
N PRO B 284 6.13 -33.76 47.39
CA PRO B 284 6.86 -33.85 46.12
C PRO B 284 7.02 -35.30 45.70
N GLU B 285 6.68 -36.21 46.61
CA GLU B 285 6.88 -37.64 46.43
C GLU B 285 5.65 -38.28 45.78
N SER B 286 4.53 -37.59 45.88
CA SER B 286 3.28 -38.06 45.30
C SER B 286 3.21 -37.82 43.79
N LEU B 287 4.05 -36.92 43.30
CA LEU B 287 4.05 -36.59 41.87
C LEU B 287 4.40 -37.82 41.03
N GLU B 288 3.50 -38.13 40.09
CA GLU B 288 3.70 -39.22 39.14
C GLU B 288 4.18 -38.66 37.82
N TYR B 289 3.53 -37.60 37.39
CA TYR B 289 3.86 -36.97 36.12
C TYR B 289 3.87 -35.47 36.31
N ILE B 290 4.94 -34.84 35.86
CA ILE B 290 4.95 -33.40 35.71
C ILE B 290 4.96 -33.12 34.22
N GLU B 291 4.00 -32.33 33.74
CA GLU B 291 4.00 -31.94 32.35
C GLU B 291 4.76 -30.63 32.23
N ALA B 292 5.90 -30.69 31.58
CA ALA B 292 6.76 -29.52 31.45
C ALA B 292 6.16 -28.48 30.52
N HIS B 293 6.90 -27.41 30.33
CA HIS B 293 6.64 -26.48 29.25
C HIS B 293 7.18 -27.16 27.98
N GLY B 294 8.42 -27.62 28.07
CA GLY B 294 9.06 -28.33 26.98
C GLY B 294 8.96 -27.62 25.65
N THR B 295 9.41 -26.38 25.59
CA THR B 295 9.43 -25.60 24.34
C THR B 295 10.32 -26.25 23.27
N GLY B 296 11.61 -26.38 23.61
CA GLY B 296 12.60 -26.83 22.65
C GLY B 296 13.65 -25.77 22.39
N THR B 297 13.82 -24.85 23.34
CA THR B 297 14.86 -23.82 23.29
C THR B 297 16.16 -24.46 23.71
N LYS B 298 17.28 -24.07 23.11
CA LYS B 298 18.55 -24.62 23.56
C LYS B 298 18.93 -24.03 24.93
N VAL B 299 18.22 -22.97 25.33
CA VAL B 299 18.38 -22.38 26.65
C VAL B 299 17.21 -22.71 27.58
N GLY B 300 16.00 -22.47 27.09
CA GLY B 300 14.80 -22.72 27.86
C GLY B 300 14.74 -24.10 28.49
N ASP B 301 14.94 -25.14 27.68
CA ASP B 301 14.72 -26.52 28.13
C ASP B 301 15.54 -26.89 29.36
N PRO B 302 16.87 -26.68 29.30
CA PRO B 302 17.69 -27.01 30.47
C PRO B 302 17.26 -26.21 31.69
N GLN B 303 17.37 -24.88 31.61
CA GLN B 303 17.00 -23.99 32.71
C GLN B 303 15.75 -24.42 33.46
N GLU B 304 14.76 -24.92 32.72
CA GLU B 304 13.50 -25.36 33.33
C GLU B 304 13.68 -26.71 34.01
N LEU B 305 13.93 -27.75 33.21
CA LEU B 305 14.09 -29.10 33.73
C LEU B 305 15.06 -29.19 34.92
N ASN B 306 16.09 -28.37 34.91
CA ASN B 306 17.05 -28.31 36.02
C ASN B 306 16.37 -27.89 37.32
N GLY B 307 15.77 -26.71 37.28
CA GLY B 307 15.00 -26.19 38.39
C GLY B 307 13.91 -27.15 38.86
N ILE B 308 13.34 -27.92 37.94
CA ILE B 308 12.30 -28.90 38.28
C ILE B 308 12.82 -29.93 39.27
N VAL B 309 13.89 -30.62 38.90
CA VAL B 309 14.48 -31.64 39.75
C VAL B 309 15.04 -31.04 41.03
N ASN B 310 15.62 -29.85 40.92
CA ASN B 310 16.16 -29.13 42.08
C ASN B 310 15.09 -28.68 43.07
N ALA B 311 13.85 -29.06 42.82
CA ALA B 311 12.74 -28.70 43.72
C ALA B 311 11.85 -29.89 44.07
N LEU B 312 11.80 -30.90 43.22
CA LEU B 312 10.89 -32.03 43.45
C LEU B 312 11.57 -33.36 43.74
N CYS B 313 12.88 -33.34 43.97
CA CYS B 313 13.61 -34.60 43.97
C CYS B 313 14.60 -34.88 45.12
N ALA B 314 14.03 -35.05 46.31
CA ALA B 314 14.65 -35.81 47.38
C ALA B 314 13.65 -36.93 47.64
N THR B 315 13.67 -37.93 46.75
CA THR B 315 12.66 -38.99 46.69
C THR B 315 13.06 -40.14 45.77
N ARG B 316 12.80 -41.37 46.20
CA ARG B 316 13.21 -42.57 45.47
C ARG B 316 12.25 -42.92 44.34
N ARG B 317 12.39 -44.12 43.77
CA ARG B 317 11.70 -44.49 42.52
C ARG B 317 11.91 -43.42 41.45
N GLU B 318 11.71 -43.78 40.18
CA GLU B 318 11.79 -42.81 39.10
C GLU B 318 10.69 -41.77 39.32
N PRO B 319 11.04 -40.68 40.02
CA PRO B 319 10.06 -39.80 40.67
C PRO B 319 8.91 -39.40 39.74
N LEU B 320 9.22 -38.52 38.78
CA LEU B 320 8.23 -38.02 37.85
C LEU B 320 8.59 -38.33 36.42
N LEU B 321 7.58 -38.70 35.65
CA LEU B 321 7.74 -38.87 34.21
C LEU B 321 7.48 -37.54 33.49
N ILE B 322 8.57 -36.84 33.18
CA ILE B 322 8.48 -35.55 32.48
C ILE B 322 8.16 -35.68 30.98
N GLY B 323 6.92 -35.38 30.62
CA GLY B 323 6.50 -35.40 29.24
C GLY B 323 6.17 -34.03 28.69
N SER B 324 5.38 -34.01 27.62
CA SER B 324 5.06 -32.77 26.93
C SER B 324 4.03 -33.01 25.83
N THR B 325 3.10 -32.08 25.73
CA THR B 325 2.18 -32.04 24.62
C THR B 325 2.81 -31.21 23.51
N LYS B 326 3.54 -30.17 23.90
CA LYS B 326 4.12 -29.23 22.92
C LYS B 326 5.00 -29.91 21.86
N SER B 327 5.45 -31.13 22.15
CA SER B 327 6.27 -31.87 21.20
C SER B 327 5.37 -32.64 20.25
N ASN B 328 4.16 -32.94 20.71
CA ASN B 328 3.17 -33.57 19.86
C ASN B 328 2.59 -32.59 18.82
N MET B 329 2.33 -31.35 19.27
CA MET B 329 1.46 -30.44 18.53
C MET B 329 2.01 -29.04 18.20
N GLY B 330 3.02 -28.60 18.95
CA GLY B 330 3.51 -27.24 18.78
C GLY B 330 3.24 -26.40 20.02
N HIS B 331 3.60 -25.12 19.95
CA HIS B 331 3.50 -24.23 21.10
C HIS B 331 2.32 -23.25 20.95
N PRO B 332 1.15 -23.62 21.50
CA PRO B 332 -0.06 -22.81 21.34
C PRO B 332 0.05 -21.48 22.08
N GLU B 333 1.28 -21.13 22.48
CA GLU B 333 1.55 -19.91 23.26
C GLU B 333 0.56 -19.74 24.42
N PRO B 334 -0.28 -18.69 24.40
CA PRO B 334 -1.04 -18.48 25.63
C PRO B 334 -1.98 -19.63 25.90
N ALA B 335 -2.35 -20.38 24.88
CA ALA B 335 -3.24 -21.52 25.05
C ALA B 335 -2.47 -22.71 25.62
N SER B 336 -1.15 -22.65 25.56
CA SER B 336 -0.29 -23.74 26.01
C SER B 336 -0.76 -24.40 27.31
N GLY B 337 -0.78 -23.62 28.40
CA GLY B 337 -1.16 -24.14 29.71
C GLY B 337 -2.41 -24.99 29.72
N VAL B 338 -3.52 -24.44 29.24
CA VAL B 338 -4.78 -25.17 29.22
C VAL B 338 -4.80 -26.28 28.18
N ALA B 339 -4.25 -25.99 27.00
CA ALA B 339 -4.10 -27.00 25.96
C ALA B 339 -3.25 -28.14 26.52
N ALA B 340 -2.30 -27.79 27.38
CA ALA B 340 -1.47 -28.79 28.06
C ALA B 340 -2.31 -29.60 29.03
N LEU B 341 -3.04 -28.89 29.89
CA LEU B 341 -3.93 -29.53 30.86
C LEU B 341 -4.81 -30.56 30.19
N ILE B 342 -5.30 -30.22 29.01
CA ILE B 342 -6.17 -31.12 28.26
C ILE B 342 -5.46 -32.41 27.90
N LYS B 343 -4.23 -32.32 27.41
CA LYS B 343 -3.43 -33.53 27.21
C LYS B 343 -3.40 -34.36 28.49
N VAL B 344 -3.22 -33.70 29.63
CA VAL B 344 -3.09 -34.40 30.90
C VAL B 344 -4.40 -35.13 31.27
N LEU B 345 -5.50 -34.37 31.31
CA LEU B 345 -6.79 -34.93 31.64
C LEU B 345 -7.14 -36.10 30.73
N LEU B 346 -6.99 -35.90 29.41
CA LEU B 346 -7.25 -36.95 28.42
C LEU B 346 -6.53 -38.24 28.77
N SER B 347 -5.22 -38.15 29.00
CA SER B 347 -4.41 -39.32 29.26
C SER B 347 -4.75 -39.96 30.61
N LEU B 348 -5.27 -39.17 31.54
CA LEU B 348 -5.74 -39.74 32.78
C LEU B 348 -6.94 -40.66 32.56
N GLU B 349 -7.93 -40.16 31.83
CA GLU B 349 -9.16 -40.90 31.55
C GLU B 349 -8.94 -42.24 30.86
N HIS B 350 -7.84 -42.34 30.14
CA HIS B 350 -7.52 -43.58 29.43
C HIS B 350 -6.46 -44.39 30.18
N GLY B 351 -5.97 -43.85 31.29
CA GLY B 351 -5.01 -44.53 32.14
C GLY B 351 -3.64 -44.83 31.54
N VAL B 352 -3.15 -43.92 30.71
CA VAL B 352 -1.89 -44.12 30.00
C VAL B 352 -1.33 -42.82 29.42
N TRP B 353 -0.16 -42.42 29.90
CA TRP B 353 0.46 -41.18 29.45
C TRP B 353 0.71 -41.14 27.94
N ALA B 354 0.40 -40.00 27.35
CA ALA B 354 0.67 -39.79 25.93
C ALA B 354 2.17 -39.84 25.71
N PRO B 355 2.58 -40.65 24.73
CA PRO B 355 4.00 -40.71 24.36
C PRO B 355 4.43 -39.39 23.76
N ASN B 356 5.32 -38.70 24.47
CA ASN B 356 5.98 -37.53 23.94
C ASN B 356 6.63 -37.91 22.59
N LEU B 357 6.84 -36.93 21.71
CA LEU B 357 7.45 -37.20 20.40
C LEU B 357 8.84 -36.57 20.26
N HIS B 358 9.54 -36.92 19.19
CA HIS B 358 10.83 -36.30 18.85
C HIS B 358 11.92 -36.43 19.91
N TYR B 359 11.83 -37.47 20.74
CA TYR B 359 12.85 -37.73 21.76
C TYR B 359 13.82 -38.82 21.32
N HIS B 360 14.91 -38.40 20.69
CA HIS B 360 15.94 -39.33 20.25
C HIS B 360 17.10 -39.32 21.27
N THR B 361 17.92 -38.26 21.23
CA THR B 361 19.12 -38.13 22.07
C THR B 361 18.97 -37.10 23.19
N PRO B 362 18.91 -37.55 24.45
CA PRO B 362 18.74 -36.67 25.63
C PRO B 362 19.72 -35.48 25.69
N ASN B 363 19.24 -34.32 26.12
CA ASN B 363 20.07 -33.12 26.21
C ASN B 363 21.32 -33.36 27.06
N PRO B 364 22.48 -32.95 26.56
CA PRO B 364 23.75 -33.14 27.29
C PRO B 364 24.10 -31.94 28.18
N GLU B 365 23.11 -31.14 28.54
CA GLU B 365 23.34 -29.97 29.36
C GLU B 365 22.56 -30.13 30.68
N ILE B 366 21.76 -31.19 30.77
CA ILE B 366 21.03 -31.52 32.00
C ILE B 366 21.08 -33.03 32.28
N PRO B 367 21.46 -33.40 33.51
CA PRO B 367 21.44 -34.83 33.80
C PRO B 367 20.00 -35.28 33.96
N ALA B 368 19.77 -36.28 34.81
CA ALA B 368 18.42 -36.72 35.12
C ALA B 368 17.75 -37.43 33.94
N LEU B 369 18.21 -37.11 32.73
CA LEU B 369 17.62 -37.60 31.47
C LEU B 369 17.95 -39.06 31.16
N GLN B 370 18.54 -39.73 32.13
CA GLN B 370 18.93 -41.14 32.04
C GLN B 370 19.64 -41.38 33.35
N ASP B 371 19.80 -40.28 34.08
CA ASP B 371 20.37 -40.27 35.41
C ASP B 371 19.27 -40.62 36.45
N GLY B 372 18.40 -41.56 36.08
CA GLY B 372 17.43 -42.12 37.00
C GLY B 372 16.26 -41.25 37.44
N ARG B 373 16.48 -39.95 37.56
CA ARG B 373 15.47 -39.04 38.11
C ARG B 373 14.20 -38.96 37.24
N LEU B 374 14.29 -38.18 36.16
CA LEU B 374 13.17 -37.96 35.25
C LEU B 374 13.13 -39.01 34.14
N GLN B 375 11.92 -39.45 33.78
CA GLN B 375 11.75 -40.41 32.70
C GLN B 375 10.91 -39.84 31.56
N VAL B 376 11.55 -39.19 30.60
CA VAL B 376 10.81 -38.71 29.43
C VAL B 376 9.91 -39.84 28.94
N VAL B 377 8.69 -39.50 28.54
CA VAL B 377 7.73 -40.50 28.12
C VAL B 377 7.79 -40.76 26.61
N ASP B 378 8.75 -41.59 26.19
CA ASP B 378 8.89 -42.00 24.78
C ASP B 378 7.89 -43.09 24.36
N ARG B 379 7.34 -43.78 25.35
CA ARG B 379 6.42 -44.89 25.10
C ARG B 379 5.11 -44.76 25.89
N PRO B 380 4.02 -45.32 25.35
CA PRO B 380 2.71 -45.37 26.02
C PRO B 380 2.72 -46.16 27.33
N LEU B 381 3.02 -45.48 28.43
CA LEU B 381 3.14 -46.13 29.73
C LEU B 381 1.83 -46.08 30.53
N PRO B 382 1.38 -47.23 31.06
CA PRO B 382 0.22 -47.25 31.94
C PRO B 382 0.48 -46.42 33.18
N ILE B 383 -0.48 -45.60 33.60
CA ILE B 383 -0.31 -44.82 34.81
C ILE B 383 -0.70 -45.65 36.03
N ARG B 384 0.04 -45.48 37.12
CA ARG B 384 -0.20 -46.27 38.33
C ARG B 384 -0.98 -45.49 39.40
N GLY B 385 -0.40 -44.41 39.90
CA GLY B 385 -1.04 -43.63 40.96
C GLY B 385 -0.89 -42.13 40.77
N GLY B 386 -1.68 -41.57 39.86
CA GLY B 386 -1.55 -40.17 39.47
C GLY B 386 -1.50 -39.13 40.57
N ASN B 387 -0.60 -38.16 40.38
CA ASN B 387 -0.64 -36.91 41.12
C ASN B 387 0.23 -35.91 40.36
N VAL B 388 -0.40 -35.10 39.52
CA VAL B 388 0.29 -34.42 38.42
C VAL B 388 0.50 -32.92 38.59
N GLY B 389 1.63 -32.43 38.09
CA GLY B 389 1.90 -31.00 38.04
C GLY B 389 1.86 -30.50 36.60
N ILE B 390 1.87 -29.19 36.41
CA ILE B 390 1.80 -28.60 35.08
C ILE B 390 2.45 -27.23 35.04
N ASN B 391 3.35 -27.01 34.09
CA ASN B 391 4.07 -25.75 33.99
C ASN B 391 3.59 -24.87 32.86
N SER B 392 3.79 -23.57 32.97
CA SER B 392 3.55 -22.67 31.87
C SER B 392 4.30 -21.40 32.12
N PHE B 393 5.27 -21.10 31.26
CA PHE B 393 6.12 -19.91 31.44
C PHE B 393 6.11 -19.01 30.21
N GLY B 394 5.53 -17.82 30.33
CA GLY B 394 5.49 -16.87 29.23
C GLY B 394 6.85 -16.26 28.97
N PHE B 395 7.16 -15.98 27.71
CA PHE B 395 8.52 -15.54 27.38
C PHE B 395 8.98 -14.31 28.19
N GLY B 396 8.01 -13.51 28.64
CA GLY B 396 8.29 -12.30 29.41
C GLY B 396 8.69 -12.52 30.87
N GLY B 397 8.84 -13.79 31.24
CA GLY B 397 9.25 -14.15 32.59
C GLY B 397 8.09 -14.31 33.56
N SER B 398 6.96 -14.82 33.08
CA SER B 398 5.78 -14.95 33.94
C SER B 398 5.28 -16.39 34.08
N ASN B 399 5.59 -16.98 35.22
CA ASN B 399 5.40 -18.40 35.44
C ASN B 399 4.14 -18.73 36.23
N VAL B 400 3.65 -19.94 36.05
CA VAL B 400 2.53 -20.46 36.82
C VAL B 400 2.60 -21.99 36.85
N HIS B 401 2.50 -22.55 38.05
CA HIS B 401 2.42 -24.00 38.20
C HIS B 401 1.05 -24.33 38.77
N VAL B 402 0.60 -25.57 38.59
CA VAL B 402 -0.63 -26.02 39.21
C VAL B 402 -0.59 -27.51 39.44
N ILE B 403 -0.96 -27.90 40.64
CA ILE B 403 -0.88 -29.28 41.06
C ILE B 403 -2.26 -29.93 40.95
N LEU B 404 -2.31 -31.12 40.35
CA LEU B 404 -3.58 -31.82 40.17
C LEU B 404 -3.64 -33.16 40.91
N GLN B 405 -4.80 -33.45 41.49
CA GLN B 405 -5.08 -34.77 42.03
C GLN B 405 -6.20 -35.43 41.26
N PRO B 406 -5.89 -36.45 40.46
CA PRO B 406 -6.90 -37.14 39.67
C PRO B 406 -7.91 -37.80 40.59
N ASN B 407 -9.12 -38.06 40.12
CA ASN B 407 -10.06 -38.81 40.93
C ASN B 407 -9.93 -40.29 40.60
N SER B 408 -9.76 -41.09 41.64
CA SER B 408 -9.69 -42.55 41.47
C SER B 408 -10.99 -43.16 41.99
N ARG B 409 -11.68 -43.90 41.12
CA ARG B 409 -12.96 -44.49 41.50
C ARG B 409 -13.63 -45.19 40.30
N PRO B 410 -13.98 -46.48 40.49
CA PRO B 410 -14.59 -47.34 39.47
C PRO B 410 -16.12 -47.46 39.60
N ALA B 411 -16.72 -48.19 38.67
CA ALA B 411 -18.17 -48.35 38.60
C ALA B 411 -18.66 -49.48 39.51
N PRO B 412 -19.58 -49.15 40.42
CA PRO B 412 -20.18 -50.10 41.36
C PRO B 412 -20.97 -51.21 40.65
N PRO B 413 -21.56 -52.14 41.42
CA PRO B 413 -22.43 -53.22 40.92
C PRO B 413 -23.91 -53.06 41.31
N PRO B 414 -24.71 -52.34 40.49
CA PRO B 414 -26.12 -52.05 40.82
C PRO B 414 -27.07 -53.27 40.76
N ALA B 415 -28.39 -53.01 40.74
CA ALA B 415 -29.40 -54.05 40.57
C ALA B 415 -30.56 -53.56 39.69
N GLN B 416 -30.37 -52.37 39.10
CA GLN B 416 -31.40 -51.68 38.35
C GLN B 416 -31.37 -51.95 36.85
N HIS B 417 -30.24 -51.67 36.20
CA HIS B 417 -30.09 -51.98 34.78
C HIS B 417 -30.09 -53.49 34.58
N ALA B 418 -30.24 -54.23 35.68
CA ALA B 418 -30.31 -55.68 35.63
C ALA B 418 -31.29 -56.14 34.56
N ALA B 419 -32.58 -55.84 34.77
CA ALA B 419 -33.63 -56.13 33.79
C ALA B 419 -34.51 -54.91 33.58
N LEU B 420 -33.95 -53.72 33.80
CA LEU B 420 -34.66 -52.46 33.62
C LEU B 420 -34.08 -51.58 32.52
N PRO B 421 -34.75 -51.54 31.35
CA PRO B 421 -34.35 -50.70 30.22
C PRO B 421 -34.45 -49.23 30.59
N ARG B 422 -33.44 -48.44 30.23
CA ARG B 422 -33.47 -47.01 30.48
C ARG B 422 -33.91 -46.27 29.23
N LEU B 423 -34.21 -44.99 29.41
CA LEU B 423 -34.56 -44.14 28.27
C LEU B 423 -33.45 -43.14 28.00
N LEU B 424 -32.83 -43.23 26.82
CA LEU B 424 -31.86 -42.21 26.42
C LEU B 424 -32.50 -41.21 25.47
N GLN B 425 -32.42 -39.92 25.81
CA GLN B 425 -32.90 -38.88 24.90
C GLN B 425 -31.81 -37.86 24.66
N ALA B 426 -31.97 -37.05 23.62
CA ALA B 426 -30.98 -36.01 23.34
C ALA B 426 -31.50 -34.96 22.38
N SER B 427 -30.68 -33.95 22.14
CA SER B 427 -31.01 -32.87 21.22
C SER B 427 -29.74 -32.31 20.55
N GLY B 428 -29.91 -31.74 19.36
CA GLY B 428 -28.81 -31.13 18.65
C GLY B 428 -29.28 -30.03 17.74
N ARG B 429 -28.52 -29.77 16.68
CA ARG B 429 -28.86 -28.76 15.68
C ARG B 429 -29.39 -29.38 14.39
N THR B 430 -29.10 -30.67 14.19
CA THR B 430 -29.56 -31.36 12.99
C THR B 430 -29.79 -32.84 13.23
N LEU B 431 -30.38 -33.51 12.24
CA LEU B 431 -30.58 -34.94 12.31
C LEU B 431 -29.26 -35.62 12.67
N GLU B 432 -28.14 -35.07 12.18
CA GLU B 432 -26.85 -35.64 12.52
C GLU B 432 -26.55 -35.53 14.03
N ALA B 433 -26.61 -34.31 14.57
CA ALA B 433 -26.23 -34.08 15.98
C ALA B 433 -26.95 -35.03 16.94
N VAL B 434 -28.12 -35.49 16.52
CA VAL B 434 -28.94 -36.43 17.29
C VAL B 434 -28.55 -37.86 16.98
N GLN B 435 -28.48 -38.18 15.69
CA GLN B 435 -28.02 -39.49 15.28
C GLN B 435 -26.72 -39.87 15.99
N THR B 436 -25.85 -38.90 16.20
CA THR B 436 -24.55 -39.18 16.82
C THR B 436 -24.70 -39.53 18.30
N LEU B 437 -25.40 -38.69 19.05
CA LEU B 437 -25.57 -38.89 20.47
C LEU B 437 -26.20 -40.25 20.79
N LEU B 438 -27.25 -40.60 20.06
CA LEU B 438 -27.90 -41.90 20.24
C LEU B 438 -26.99 -43.07 19.88
N GLU B 439 -26.12 -42.85 18.87
CA GLU B 439 -25.08 -43.82 18.55
C GLU B 439 -24.16 -44.03 19.76
N GLN B 440 -23.72 -42.93 20.36
CA GLN B 440 -22.87 -43.00 21.55
C GLN B 440 -23.62 -43.58 22.74
N GLY B 441 -24.95 -43.54 22.69
CA GLY B 441 -25.77 -44.08 23.75
C GLY B 441 -25.70 -45.60 23.73
N LEU B 442 -26.05 -46.15 22.58
CA LEU B 442 -26.16 -47.59 22.40
C LEU B 442 -24.81 -48.32 22.55
N ARG B 443 -23.72 -47.64 22.23
CA ARG B 443 -22.41 -48.25 22.37
C ARG B 443 -22.07 -48.45 23.85
N HIS B 444 -22.70 -47.66 24.72
CA HIS B 444 -22.48 -47.77 26.15
C HIS B 444 -23.80 -47.90 26.90
N SER B 445 -24.61 -48.87 26.45
CA SER B 445 -25.96 -49.05 26.96
C SER B 445 -26.04 -49.30 28.46
N ARG B 446 -24.93 -49.69 29.07
CA ARG B 446 -24.99 -50.04 30.49
C ARG B 446 -24.25 -49.03 31.36
N ASP B 447 -23.68 -48.00 30.76
CA ASP B 447 -22.97 -46.98 31.53
C ASP B 447 -23.92 -45.91 32.04
N LEU B 448 -24.34 -46.05 33.30
CA LEU B 448 -25.42 -45.23 33.84
C LEU B 448 -25.01 -43.79 34.16
N ALA B 449 -23.74 -43.58 34.48
CA ALA B 449 -23.22 -42.25 34.70
C ALA B 449 -23.37 -41.45 33.41
N PHE B 450 -22.88 -42.05 32.33
CA PHE B 450 -22.90 -41.47 31.00
C PHE B 450 -24.32 -41.11 30.54
N VAL B 451 -25.22 -42.09 30.58
CA VAL B 451 -26.57 -41.89 30.06
C VAL B 451 -27.36 -40.86 30.85
N GLY B 452 -27.23 -40.89 32.17
CA GLY B 452 -27.82 -39.85 33.00
C GLY B 452 -27.38 -38.49 32.49
N MET B 453 -26.07 -38.31 32.34
CA MET B 453 -25.52 -37.04 31.87
C MET B 453 -26.07 -36.63 30.51
N LEU B 454 -26.08 -37.55 29.55
CA LEU B 454 -26.69 -37.31 28.24
C LEU B 454 -28.08 -36.70 28.40
N ASN B 455 -28.87 -37.30 29.28
CA ASN B 455 -30.25 -36.85 29.50
C ASN B 455 -30.35 -35.42 29.99
N GLU B 456 -29.48 -35.07 30.93
CA GLU B 456 -29.47 -33.73 31.50
C GLU B 456 -29.23 -32.68 30.41
N ILE B 457 -28.29 -32.96 29.52
CA ILE B 457 -28.00 -32.11 28.37
C ILE B 457 -29.21 -31.95 27.45
N ALA B 458 -29.83 -33.08 27.13
CA ALA B 458 -30.95 -33.12 26.21
C ALA B 458 -31.98 -32.03 26.50
N ALA B 459 -32.10 -31.64 27.76
CA ALA B 459 -33.06 -30.61 28.15
C ALA B 459 -32.66 -29.22 27.66
N VAL B 460 -33.01 -28.89 26.42
CA VAL B 460 -32.80 -27.54 25.86
C VAL B 460 -33.91 -27.16 24.92
N SER B 461 -34.56 -26.03 25.21
CA SER B 461 -35.61 -25.49 24.34
C SER B 461 -35.35 -25.76 22.85
N PRO B 462 -36.37 -26.26 22.13
CA PRO B 462 -36.32 -26.52 20.68
C PRO B 462 -36.31 -25.22 19.87
N VAL B 463 -36.25 -24.11 20.60
CA VAL B 463 -35.98 -22.82 19.99
C VAL B 463 -34.51 -22.81 19.55
N ALA B 464 -33.66 -23.38 20.39
CA ALA B 464 -32.21 -23.45 20.16
C ALA B 464 -31.79 -24.77 19.52
N MET B 465 -32.33 -25.86 20.05
CA MET B 465 -32.03 -27.18 19.50
C MET B 465 -33.31 -27.78 18.93
N PRO B 466 -33.61 -27.44 17.68
CA PRO B 466 -34.86 -27.80 17.00
C PRO B 466 -34.88 -29.26 16.57
N PHE B 467 -33.88 -30.02 16.97
CA PHE B 467 -33.83 -31.43 16.61
C PHE B 467 -33.73 -32.32 17.83
N ARG B 468 -34.65 -33.29 17.94
CA ARG B 468 -34.66 -34.22 19.07
C ARG B 468 -34.78 -35.69 18.67
N GLY B 469 -34.40 -36.57 19.58
CA GLY B 469 -34.45 -38.00 19.34
C GLY B 469 -34.35 -38.80 20.63
N TYR B 470 -34.99 -39.96 20.66
CA TYR B 470 -34.94 -40.84 21.82
C TYR B 470 -34.49 -42.26 21.44
N ALA B 471 -34.22 -43.08 22.46
CA ALA B 471 -33.82 -44.46 22.26
C ALA B 471 -34.02 -45.25 23.55
N VAL B 472 -34.44 -46.51 23.42
CA VAL B 472 -34.69 -47.35 24.58
C VAL B 472 -33.57 -48.38 24.75
N LEU B 473 -32.59 -48.06 25.59
CA LEU B 473 -31.43 -48.93 25.81
C LEU B 473 -31.87 -50.15 26.62
N GLY B 474 -31.44 -51.33 26.20
CA GLY B 474 -31.92 -52.54 26.82
C GLY B 474 -33.33 -52.83 26.34
N GLY B 475 -33.88 -53.96 26.78
CA GLY B 475 -35.21 -54.35 26.36
C GLY B 475 -35.31 -54.59 24.85
N GLU B 476 -36.02 -55.65 24.47
CA GLU B 476 -36.15 -56.04 23.06
C GLU B 476 -36.91 -55.02 22.22
N ALA B 477 -36.79 -53.75 22.60
CA ALA B 477 -37.38 -52.66 21.85
C ALA B 477 -36.53 -52.37 20.62
N GLY B 478 -35.28 -51.95 20.84
CA GLY B 478 -34.46 -51.42 19.77
C GLY B 478 -35.22 -50.31 19.07
N SER B 479 -36.03 -49.58 19.86
CA SER B 479 -37.02 -48.61 19.39
C SER B 479 -36.52 -47.15 19.39
N GLN B 480 -36.22 -46.57 18.21
CA GLN B 480 -35.60 -45.23 18.12
C GLN B 480 -36.23 -44.26 17.11
N GLU B 481 -36.86 -43.20 17.59
CA GLU B 481 -37.42 -42.17 16.71
C GLU B 481 -36.57 -40.90 16.68
N VAL B 482 -36.51 -40.27 15.52
CA VAL B 482 -35.71 -39.06 15.32
C VAL B 482 -36.51 -38.07 14.50
N GLN B 483 -37.10 -37.07 15.15
CA GLN B 483 -37.97 -36.13 14.43
C GLN B 483 -37.55 -34.68 14.56
N GLN B 484 -38.27 -33.81 13.86
CA GLN B 484 -38.10 -32.39 14.01
C GLN B 484 -39.18 -31.95 14.98
N VAL B 485 -39.11 -30.70 15.43
CA VAL B 485 -39.95 -30.29 16.53
C VAL B 485 -40.59 -28.92 16.36
N PRO B 486 -41.93 -28.90 16.26
CA PRO B 486 -42.71 -27.66 16.16
C PRO B 486 -42.20 -26.63 17.17
N GLY B 487 -41.89 -25.43 16.70
CA GLY B 487 -41.40 -24.37 17.56
C GLY B 487 -42.45 -23.95 18.57
N SER B 488 -42.47 -22.67 18.90
CA SER B 488 -43.44 -22.13 19.84
C SER B 488 -43.52 -22.95 21.12
N LYS B 489 -44.44 -22.56 22.00
CA LYS B 489 -44.72 -23.35 23.19
C LYS B 489 -45.90 -24.25 22.84
N ARG B 490 -45.90 -25.46 23.37
CA ARG B 490 -47.09 -26.31 23.34
C ARG B 490 -47.58 -26.44 24.79
N PRO B 491 -48.92 -26.47 24.97
CA PRO B 491 -49.42 -26.75 26.31
C PRO B 491 -49.48 -28.25 26.51
N VAL B 492 -49.38 -28.70 27.75
CA VAL B 492 -49.54 -30.10 28.07
C VAL B 492 -50.89 -30.33 28.73
N TRP B 493 -51.64 -31.31 28.23
CA TRP B 493 -52.94 -31.60 28.77
C TRP B 493 -53.01 -33.03 29.28
N PHE B 494 -53.26 -33.17 30.59
CA PHE B 494 -53.46 -34.47 31.22
C PHE B 494 -54.90 -34.91 31.05
N ILE B 495 -55.11 -36.05 30.41
CA ILE B 495 -56.43 -36.63 30.26
C ILE B 495 -56.51 -37.95 31.02
N CYS B 496 -57.49 -38.10 31.91
CA CYS B 496 -57.56 -39.30 32.77
C CYS B 496 -58.71 -40.26 32.47
N SER B 497 -58.43 -41.31 31.68
CA SER B 497 -59.44 -42.26 31.26
C SER B 497 -60.06 -43.04 32.41
N GLY B 498 -61.35 -43.33 32.27
CA GLY B 498 -62.11 -43.92 33.35
C GLY B 498 -62.34 -45.41 33.24
N MET B 499 -63.57 -45.82 33.50
CA MET B 499 -63.93 -47.23 33.63
C MET B 499 -63.95 -47.98 32.29
N GLY B 500 -63.71 -49.28 32.36
CA GLY B 500 -63.60 -50.12 31.18
C GLY B 500 -62.14 -50.20 30.77
N ALA B 501 -61.32 -49.43 31.48
CA ALA B 501 -59.93 -49.26 31.10
C ALA B 501 -59.03 -50.25 31.83
N GLN B 502 -59.61 -51.34 32.30
CA GLN B 502 -58.85 -52.29 33.11
C GLN B 502 -58.49 -53.52 32.32
N TRP B 503 -57.72 -54.40 32.96
CA TRP B 503 -57.22 -55.63 32.35
C TRP B 503 -56.24 -56.29 33.33
N GLN B 504 -56.42 -57.58 33.54
CA GLN B 504 -55.59 -58.33 34.48
C GLN B 504 -54.11 -58.28 34.09
N GLY B 505 -53.28 -57.76 35.00
CA GLY B 505 -51.86 -57.56 34.75
C GLY B 505 -51.51 -56.09 34.62
N MET B 506 -52.31 -55.24 35.25
CA MET B 506 -52.15 -53.79 35.14
C MET B 506 -50.85 -53.31 35.77
N GLY B 507 -49.94 -52.81 34.93
CA GLY B 507 -48.69 -52.27 35.39
C GLY B 507 -47.96 -53.21 36.33
N LEU B 508 -47.92 -54.49 35.97
CA LEU B 508 -47.08 -55.42 36.67
C LEU B 508 -45.67 -55.24 36.16
N SER B 509 -45.57 -54.76 34.93
CA SER B 509 -44.26 -54.47 34.34
C SER B 509 -43.64 -53.26 35.04
N LEU B 510 -44.44 -52.23 35.24
CA LEU B 510 -43.96 -50.97 35.80
C LEU B 510 -43.65 -51.05 37.29
N MET B 511 -43.99 -52.16 37.93
CA MET B 511 -43.73 -52.28 39.35
C MET B 511 -42.22 -52.16 39.58
N ARG B 512 -41.43 -52.60 38.59
CA ARG B 512 -39.97 -52.52 38.69
C ARG B 512 -39.48 -51.10 39.01
N LEU B 513 -39.88 -50.14 38.18
CA LEU B 513 -39.55 -48.73 38.37
C LEU B 513 -39.84 -48.26 39.78
N ASP B 514 -38.80 -47.82 40.48
CA ASP B 514 -38.93 -47.41 41.86
C ASP B 514 -39.95 -46.30 42.09
N ARG B 515 -39.92 -45.25 41.27
CA ARG B 515 -40.84 -44.13 41.44
C ARG B 515 -42.30 -44.62 41.45
N PHE B 516 -42.59 -45.61 40.61
CA PHE B 516 -43.92 -46.20 40.45
C PHE B 516 -44.35 -47.01 41.68
N ARG B 517 -43.63 -48.12 41.90
CA ARG B 517 -43.86 -48.98 43.05
C ARG B 517 -44.05 -48.15 44.30
N ASP B 518 -43.06 -47.34 44.61
CA ASP B 518 -43.07 -46.54 45.83
C ASP B 518 -44.35 -45.72 46.02
N SER B 519 -45.04 -45.39 44.94
CA SER B 519 -46.29 -44.66 45.01
C SER B 519 -47.44 -45.61 45.22
N ILE B 520 -47.39 -46.76 44.54
CA ILE B 520 -48.39 -47.78 44.73
C ILE B 520 -48.37 -48.30 46.17
N LEU B 521 -47.21 -48.25 46.82
CA LEU B 521 -47.13 -48.66 48.22
C LEU B 521 -47.79 -47.65 49.15
N ARG B 522 -47.62 -46.36 48.82
CA ARG B 522 -48.20 -45.29 49.63
C ARG B 522 -49.72 -45.35 49.51
N SER B 523 -50.20 -45.98 48.44
CA SER B 523 -51.63 -46.19 48.22
C SER B 523 -52.12 -47.32 49.12
N ASP B 524 -51.23 -48.26 49.42
CA ASP B 524 -51.51 -49.30 50.41
C ASP B 524 -51.62 -48.68 51.78
N GLN B 525 -50.77 -47.69 52.04
CA GLN B 525 -50.73 -47.07 53.37
C GLN B 525 -52.05 -46.42 53.76
N ALA B 526 -52.81 -45.97 52.75
CA ALA B 526 -54.13 -45.39 53.00
C ALA B 526 -55.19 -46.49 53.02
N LEU B 527 -54.94 -47.56 52.27
CA LEU B 527 -55.88 -48.67 52.18
C LEU B 527 -55.71 -49.73 53.28
N LYS B 528 -54.70 -49.58 54.13
CA LYS B 528 -54.45 -50.59 55.18
C LYS B 528 -55.49 -50.63 56.30
N PRO B 529 -55.96 -49.45 56.78
CA PRO B 529 -56.95 -49.49 57.85
C PRO B 529 -58.28 -50.12 57.39
N LEU B 530 -58.46 -50.28 56.08
CA LEU B 530 -59.66 -50.91 55.57
C LEU B 530 -59.40 -52.38 55.22
N GLY B 531 -58.19 -52.85 55.50
CA GLY B 531 -57.80 -54.23 55.26
C GLY B 531 -57.77 -54.62 53.79
N LEU B 532 -56.94 -53.93 53.02
CA LEU B 532 -56.91 -54.09 51.58
C LEU B 532 -55.54 -53.70 51.06
N ARG B 533 -55.04 -54.43 50.08
CA ARG B 533 -53.73 -54.11 49.53
C ARG B 533 -53.79 -54.01 48.01
N VAL B 534 -53.67 -52.78 47.52
CA VAL B 534 -53.82 -52.55 46.08
C VAL B 534 -52.81 -53.35 45.30
N SER B 535 -51.61 -53.48 45.85
CA SER B 535 -50.55 -54.21 45.16
C SER B 535 -50.90 -55.69 44.99
N ASP B 536 -51.78 -56.20 45.85
CA ASP B 536 -52.28 -57.56 45.67
C ASP B 536 -53.36 -57.60 44.59
N LEU B 537 -54.28 -56.64 44.64
CA LEU B 537 -55.32 -56.51 43.63
C LEU B 537 -54.76 -56.47 42.21
N LEU B 538 -53.53 -55.99 42.09
CA LEU B 538 -52.83 -55.85 40.81
C LEU B 538 -52.16 -57.13 40.39
N LEU B 539 -51.69 -57.86 41.40
CA LEU B 539 -50.93 -59.09 41.24
C LEU B 539 -51.86 -60.29 41.06
N SER B 540 -52.94 -60.34 41.85
CA SER B 540 -53.88 -61.45 41.80
C SER B 540 -54.40 -61.69 40.39
N THR B 541 -54.27 -62.94 39.95
CA THR B 541 -54.64 -63.32 38.59
C THR B 541 -55.91 -64.18 38.60
N ASP B 542 -56.78 -63.89 39.55
CA ASP B 542 -58.13 -64.42 39.53
C ASP B 542 -59.00 -63.48 38.69
N GLU B 543 -60.08 -64.01 38.12
CA GLU B 543 -60.97 -63.21 37.29
C GLU B 543 -62.10 -62.58 38.12
N ALA B 544 -62.16 -62.93 39.40
CA ALA B 544 -63.10 -62.30 40.31
C ALA B 544 -62.47 -61.02 40.87
N VAL B 545 -61.37 -60.59 40.22
CA VAL B 545 -60.63 -59.41 40.64
C VAL B 545 -60.91 -58.19 39.74
N LEU B 546 -61.27 -58.43 38.49
CA LEU B 546 -61.58 -57.35 37.57
C LEU B 546 -63.09 -57.03 37.53
N ASP B 547 -63.91 -58.04 37.80
CA ASP B 547 -65.36 -57.90 37.72
C ASP B 547 -65.91 -57.32 39.01
N ASP B 548 -65.01 -56.98 39.91
CA ASP B 548 -65.37 -56.40 41.19
C ASP B 548 -65.16 -54.90 41.12
N ILE B 549 -66.22 -54.17 41.39
CA ILE B 549 -66.22 -52.73 41.21
C ILE B 549 -65.40 -51.99 42.27
N VAL B 550 -65.25 -52.61 43.44
CA VAL B 550 -64.46 -51.99 44.50
C VAL B 550 -62.96 -52.20 44.28
N SER B 551 -62.59 -53.35 43.71
CA SER B 551 -61.20 -53.57 43.33
C SER B 551 -60.82 -52.61 42.21
N SER B 552 -61.71 -52.45 41.23
CA SER B 552 -61.43 -51.63 40.07
C SER B 552 -61.23 -50.15 40.39
N PHE B 553 -62.22 -49.52 41.01
CA PHE B 553 -62.08 -48.12 41.36
C PHE B 553 -60.76 -47.88 42.07
N VAL B 554 -60.39 -48.81 42.94
CA VAL B 554 -59.10 -48.74 43.64
C VAL B 554 -57.91 -49.03 42.70
N SER B 555 -57.99 -50.10 41.91
CA SER B 555 -56.92 -50.40 40.97
C SER B 555 -56.63 -49.25 39.99
N LEU B 556 -57.64 -48.82 39.24
CA LEU B 556 -57.45 -47.71 38.30
C LEU B 556 -56.86 -46.50 38.98
N THR B 557 -57.58 -45.96 39.94
CA THR B 557 -57.15 -44.76 40.62
C THR B 557 -55.74 -44.88 41.22
N SER B 558 -55.43 -46.02 41.82
CA SER B 558 -54.11 -46.21 42.44
C SER B 558 -52.98 -46.23 41.42
N ILE B 559 -53.30 -46.67 40.20
CA ILE B 559 -52.38 -46.72 39.07
C ILE B 559 -52.23 -45.34 38.41
N GLN B 560 -53.36 -44.73 38.08
CA GLN B 560 -53.37 -43.41 37.49
C GLN B 560 -52.55 -42.48 38.35
N ILE B 561 -52.76 -42.58 39.66
CA ILE B 561 -52.03 -41.76 40.61
C ILE B 561 -50.54 -42.03 40.57
N ALA B 562 -50.17 -43.26 40.21
CA ALA B 562 -48.75 -43.59 40.06
C ALA B 562 -48.21 -43.11 38.71
N LEU B 563 -48.98 -43.27 37.64
CA LEU B 563 -48.59 -42.73 36.34
C LEU B 563 -48.32 -41.24 36.50
N ILE B 564 -49.30 -40.53 37.06
CA ILE B 564 -49.14 -39.12 37.31
C ILE B 564 -47.83 -38.80 38.03
N ASP B 565 -47.44 -39.68 38.93
CA ASP B 565 -46.20 -39.48 39.68
C ASP B 565 -44.95 -39.56 38.79
N LEU B 566 -44.92 -40.57 37.92
CA LEU B 566 -43.82 -40.70 36.96
C LEU B 566 -43.74 -39.46 36.09
N LEU B 567 -44.90 -38.95 35.67
CA LEU B 567 -44.94 -37.75 34.86
C LEU B 567 -44.35 -36.56 35.60
N THR B 568 -44.49 -36.55 36.92
CA THR B 568 -43.95 -35.44 37.68
C THR B 568 -42.45 -35.62 37.96
N SER B 569 -41.93 -36.83 37.74
CA SER B 569 -40.49 -37.07 37.88
C SER B 569 -39.78 -36.68 36.60
N LEU B 570 -40.48 -36.81 35.48
CA LEU B 570 -39.96 -36.39 34.20
C LEU B 570 -39.76 -34.90 34.27
N GLY B 571 -40.52 -34.26 35.18
CA GLY B 571 -40.44 -32.82 35.39
C GLY B 571 -41.46 -32.12 34.54
N LEU B 572 -42.61 -32.76 34.39
CA LEU B 572 -43.63 -32.33 33.45
C LEU B 572 -44.92 -32.06 34.19
N GLN B 573 -45.16 -30.81 34.55
CA GLN B 573 -46.43 -30.48 35.15
C GLN B 573 -47.39 -29.96 34.09
N PRO B 574 -48.71 -30.15 34.31
CA PRO B 574 -49.72 -29.91 33.28
C PRO B 574 -50.16 -28.46 33.19
N ASP B 575 -50.48 -28.04 31.98
CA ASP B 575 -51.04 -26.72 31.74
C ASP B 575 -52.56 -26.80 31.88
N GLY B 576 -53.12 -27.89 31.35
CA GLY B 576 -54.54 -28.16 31.48
C GLY B 576 -54.84 -29.56 32.02
N ILE B 577 -55.99 -29.71 32.67
CA ILE B 577 -56.43 -31.00 33.21
C ILE B 577 -57.90 -31.32 32.91
N ILE B 578 -58.17 -32.56 32.49
CA ILE B 578 -59.51 -33.03 32.17
C ILE B 578 -59.71 -34.49 32.56
N GLY B 579 -60.74 -34.76 33.38
CA GLY B 579 -61.03 -36.12 33.80
C GLY B 579 -62.27 -36.69 33.12
N HIS B 580 -62.49 -37.99 33.27
CA HIS B 580 -63.66 -38.65 32.72
C HIS B 580 -64.28 -39.59 33.76
N SER B 581 -65.41 -39.17 34.34
CA SER B 581 -66.02 -39.89 35.47
C SER B 581 -65.01 -40.30 36.56
N LEU B 582 -64.63 -41.56 36.62
CA LEU B 582 -63.68 -42.04 37.63
C LEU B 582 -62.34 -41.30 37.59
N GLY B 583 -61.88 -41.00 36.38
CA GLY B 583 -60.62 -40.30 36.21
C GLY B 583 -60.52 -39.06 37.07
N GLU B 584 -61.57 -38.25 37.06
CA GLU B 584 -61.58 -37.00 37.80
C GLU B 584 -60.99 -37.10 39.21
N VAL B 585 -61.21 -38.24 39.87
CA VAL B 585 -60.60 -38.47 41.18
C VAL B 585 -59.11 -38.28 41.05
N ALA B 586 -58.49 -39.07 40.18
CA ALA B 586 -57.06 -38.94 39.89
C ALA B 586 -56.69 -37.50 39.49
N CYS B 587 -57.54 -36.87 38.69
CA CYS B 587 -57.33 -35.47 38.29
C CYS B 587 -57.18 -34.54 39.49
N GLY B 588 -58.15 -34.62 40.40
CA GLY B 588 -58.11 -33.83 41.61
C GLY B 588 -56.82 -34.03 42.37
N TYR B 589 -56.10 -35.10 42.05
CA TYR B 589 -54.81 -35.32 42.66
C TYR B 589 -53.79 -34.48 41.93
N ALA B 590 -53.84 -34.54 40.60
CA ALA B 590 -52.91 -33.81 39.75
C ALA B 590 -53.11 -32.30 39.84
N ASP B 591 -54.34 -31.87 40.08
CA ASP B 591 -54.57 -30.44 40.30
C ASP B 591 -54.15 -30.06 41.71
N GLY B 592 -54.07 -31.07 42.58
CA GLY B 592 -53.66 -30.87 43.95
C GLY B 592 -54.77 -30.41 44.87
N CYS B 593 -55.98 -30.93 44.68
CA CYS B 593 -57.08 -30.72 45.63
C CYS B 593 -57.28 -31.99 46.44
N LEU B 594 -56.60 -33.05 46.03
CA LEU B 594 -56.75 -34.34 46.68
C LEU B 594 -55.42 -34.92 47.13
N THR B 595 -55.28 -35.11 48.43
CA THR B 595 -54.11 -35.77 48.98
C THR B 595 -54.13 -37.19 48.42
N GLN B 596 -52.96 -37.79 48.18
CA GLN B 596 -52.93 -39.13 47.59
C GLN B 596 -53.86 -40.06 48.37
N GLU B 597 -53.94 -39.83 49.69
CA GLU B 597 -54.75 -40.64 50.59
C GLU B 597 -56.26 -40.46 50.43
N GLU B 598 -56.71 -39.21 50.45
CA GLU B 598 -58.12 -38.86 50.27
C GLU B 598 -58.61 -39.28 48.88
N ALA B 599 -57.70 -39.23 47.92
CA ALA B 599 -57.98 -39.71 46.57
C ALA B 599 -58.25 -41.21 46.55
N VAL B 600 -57.30 -42.02 47.05
CA VAL B 600 -57.46 -43.47 47.05
C VAL B 600 -58.71 -43.91 47.79
N LEU B 601 -58.86 -43.48 49.04
CA LEU B 601 -60.01 -43.87 49.83
C LEU B 601 -61.34 -43.40 49.22
N SER B 602 -61.31 -42.27 48.50
CA SER B 602 -62.48 -41.82 47.76
C SER B 602 -62.92 -42.87 46.75
N SER B 603 -62.00 -43.25 45.86
CA SER B 603 -62.31 -44.25 44.86
C SER B 603 -62.84 -45.50 45.53
N TYR B 604 -62.15 -45.94 46.57
CA TYR B 604 -62.56 -47.13 47.32
C TYR B 604 -64.03 -47.09 47.74
N TRP B 605 -64.42 -46.03 48.46
CA TRP B 605 -65.82 -45.91 48.88
C TRP B 605 -66.76 -45.68 47.70
N ARG B 606 -66.43 -44.72 46.83
CA ARG B 606 -67.22 -44.50 45.64
C ARG B 606 -67.64 -45.85 45.06
N GLY B 607 -66.70 -46.80 45.05
CA GLY B 607 -66.96 -48.13 44.51
C GLY B 607 -67.70 -49.07 45.45
N TYR B 608 -67.43 -48.94 46.73
CA TYR B 608 -68.05 -49.76 47.75
C TYR B 608 -69.55 -49.50 47.84
N CYS B 609 -69.93 -48.29 48.22
CA CYS B 609 -71.34 -47.91 48.32
C CYS B 609 -72.12 -48.28 47.07
N ILE B 610 -71.48 -48.23 45.91
CA ILE B 610 -72.14 -48.67 44.69
C ILE B 610 -72.41 -50.17 44.76
N LYS B 611 -71.47 -50.88 45.38
CA LYS B 611 -71.57 -52.33 45.59
C LYS B 611 -72.65 -52.71 46.62
N GLU B 612 -72.73 -51.92 47.70
CA GLU B 612 -73.61 -52.22 48.84
C GLU B 612 -74.97 -51.49 48.83
N ALA B 613 -75.20 -50.67 47.81
CA ALA B 613 -76.52 -50.02 47.65
C ALA B 613 -77.43 -50.93 46.85
N ASN B 614 -76.82 -51.91 46.19
CA ASN B 614 -77.55 -52.91 45.41
C ASN B 614 -78.51 -52.24 44.44
N VAL B 615 -78.05 -52.03 43.23
CA VAL B 615 -78.85 -51.38 42.20
C VAL B 615 -79.40 -52.43 41.24
N LEU B 616 -80.70 -52.31 40.89
CA LEU B 616 -81.31 -53.18 39.89
C LEU B 616 -80.32 -53.34 38.72
N PRO B 617 -80.38 -54.47 38.01
CA PRO B 617 -79.46 -54.67 36.88
C PRO B 617 -79.38 -53.47 35.94
N GLY B 618 -78.16 -53.11 35.56
CA GLY B 618 -77.93 -52.04 34.61
C GLY B 618 -76.89 -52.40 33.56
N ALA B 619 -76.69 -51.50 32.59
CA ALA B 619 -75.68 -51.70 31.56
C ALA B 619 -75.45 -50.40 30.81
N MET B 620 -74.29 -50.26 30.18
CA MET B 620 -73.99 -49.06 29.43
C MET B 620 -73.55 -49.40 28.00
N ALA B 621 -74.10 -48.69 27.02
CA ALA B 621 -73.86 -49.01 25.61
C ALA B 621 -73.60 -47.77 24.73
N ALA B 622 -72.39 -47.70 24.18
CA ALA B 622 -72.01 -46.61 23.27
C ALA B 622 -72.88 -46.58 22.01
N VAL B 623 -73.04 -45.38 21.43
CA VAL B 623 -73.93 -45.19 20.29
C VAL B 623 -73.29 -44.27 19.24
N GLY B 624 -73.89 -44.24 18.04
CA GLY B 624 -73.47 -43.34 16.99
C GLY B 624 -74.49 -42.25 16.77
N LEU B 625 -74.89 -41.59 17.87
CA LEU B 625 -75.84 -40.48 17.82
C LEU B 625 -75.29 -39.24 18.50
N SER B 626 -75.53 -38.07 17.88
CA SER B 626 -75.15 -36.80 18.47
C SER B 626 -75.86 -36.63 19.79
N TRP B 627 -75.24 -35.89 20.72
CA TRP B 627 -75.84 -35.69 22.03
C TRP B 627 -77.29 -35.22 21.92
N GLU B 628 -77.60 -34.45 20.89
CA GLU B 628 -78.94 -33.93 20.71
C GLU B 628 -79.89 -34.96 20.09
N GLU B 629 -79.34 -35.87 19.29
CA GLU B 629 -80.13 -36.97 18.72
C GLU B 629 -80.61 -37.92 19.81
N CYS B 630 -79.83 -38.01 20.90
CA CYS B 630 -80.20 -38.80 22.07
C CYS B 630 -81.41 -38.20 22.81
N LYS B 631 -81.28 -36.95 23.26
CA LYS B 631 -82.40 -36.31 23.93
C LYS B 631 -83.71 -36.43 23.13
N GLN B 632 -83.61 -36.63 21.82
CA GLN B 632 -84.80 -36.77 20.99
C GLN B 632 -85.39 -38.19 20.99
N ARG B 633 -84.51 -39.18 20.88
CA ARG B 633 -84.95 -40.55 20.55
C ARG B 633 -84.86 -41.53 21.72
N CYS B 634 -84.75 -41.01 22.94
CA CYS B 634 -84.72 -41.80 24.16
C CYS B 634 -86.13 -42.05 24.68
N PRO B 635 -86.40 -43.28 25.13
CA PRO B 635 -87.65 -43.56 25.85
C PRO B 635 -87.48 -43.10 27.30
N PRO B 636 -88.23 -42.07 27.72
CA PRO B 636 -88.04 -41.43 29.03
C PRO B 636 -87.67 -42.41 30.15
N GLY B 637 -86.39 -42.78 30.21
CA GLY B 637 -85.83 -43.62 31.25
C GLY B 637 -84.43 -44.10 30.86
N ILE B 638 -84.06 -43.85 29.61
CA ILE B 638 -82.72 -44.18 29.13
C ILE B 638 -81.93 -42.92 28.82
N VAL B 639 -81.21 -42.45 29.84
CA VAL B 639 -80.44 -41.21 29.81
C VAL B 639 -79.29 -41.25 28.78
N PRO B 640 -78.91 -40.08 28.23
CA PRO B 640 -77.61 -40.02 27.58
C PRO B 640 -76.60 -39.71 28.68
N ALA B 641 -75.56 -40.53 28.84
CA ALA B 641 -74.68 -40.38 30.00
C ALA B 641 -73.25 -39.93 29.69
N CYS B 642 -72.69 -40.43 28.60
CA CYS B 642 -71.31 -40.10 28.22
C CYS B 642 -71.26 -39.43 26.86
N HIS B 643 -70.77 -38.21 26.80
CA HIS B 643 -70.61 -37.52 25.53
C HIS B 643 -69.17 -37.63 25.10
N ASN B 644 -68.85 -38.68 24.36
CA ASN B 644 -67.48 -38.92 23.91
C ASN B 644 -67.00 -37.95 22.81
N SER B 645 -67.53 -38.12 21.61
CA SER B 645 -67.29 -37.17 20.51
C SER B 645 -68.62 -36.62 19.97
N LYS B 646 -68.56 -35.83 18.91
CA LYS B 646 -69.77 -35.24 18.35
C LYS B 646 -70.72 -36.31 17.80
N ASP B 647 -70.15 -37.46 17.42
CA ASP B 647 -70.91 -38.55 16.80
C ASP B 647 -71.07 -39.81 17.65
N THR B 648 -70.47 -39.84 18.85
CA THR B 648 -70.47 -41.07 19.65
C THR B 648 -70.70 -40.82 21.15
N VAL B 649 -71.84 -41.28 21.66
CA VAL B 649 -72.23 -41.06 23.05
C VAL B 649 -72.75 -42.34 23.72
N THR B 650 -72.34 -42.57 24.98
CA THR B 650 -72.78 -43.72 25.76
C THR B 650 -74.01 -43.41 26.61
N ILE B 651 -75.20 -43.86 26.16
CA ILE B 651 -76.41 -43.72 26.97
C ILE B 651 -76.43 -44.71 28.14
N SER B 652 -76.89 -44.25 29.30
CA SER B 652 -76.95 -45.06 30.51
C SER B 652 -78.42 -45.28 30.90
N GLY B 653 -78.76 -46.51 31.30
CA GLY B 653 -80.14 -46.85 31.65
C GLY B 653 -80.26 -48.24 32.28
N PRO B 654 -81.45 -48.84 32.22
CA PRO B 654 -81.67 -50.19 32.78
C PRO B 654 -80.99 -51.28 31.94
N GLN B 655 -81.46 -52.52 32.05
CA GLN B 655 -81.09 -53.56 31.09
C GLN B 655 -82.35 -54.18 30.49
N ALA B 656 -83.51 -53.71 30.97
CA ALA B 656 -84.81 -54.16 30.47
C ALA B 656 -85.32 -53.23 29.37
N ALA B 657 -85.39 -51.94 29.69
CA ALA B 657 -85.74 -50.93 28.71
C ALA B 657 -84.59 -50.71 27.72
N MET B 658 -83.47 -51.38 27.96
CA MET B 658 -82.23 -51.15 27.21
C MET B 658 -81.80 -52.33 26.32
N SER B 659 -81.80 -53.55 26.89
CA SER B 659 -81.48 -54.75 26.13
C SER B 659 -82.44 -54.94 24.95
N GLU B 660 -83.63 -54.38 25.05
CA GLU B 660 -84.61 -54.43 23.96
C GLU B 660 -84.67 -53.10 23.17
N PHE B 661 -83.90 -52.11 23.62
CA PHE B 661 -83.82 -50.84 22.92
C PHE B 661 -82.60 -50.82 21.98
N LEU B 662 -81.62 -51.69 22.24
CA LEU B 662 -80.44 -51.81 21.37
C LEU B 662 -80.67 -52.80 20.21
N GLN B 663 -81.61 -53.72 20.39
CA GLN B 663 -82.08 -54.57 19.30
C GLN B 663 -82.87 -53.71 18.31
N GLN B 664 -83.38 -52.59 18.78
CA GLN B 664 -84.18 -51.64 17.97
C GLN B 664 -83.32 -50.74 17.05
N LEU B 665 -82.06 -50.54 17.44
CA LEU B 665 -81.14 -49.72 16.67
C LEU B 665 -80.36 -50.55 15.65
N LYS B 666 -79.99 -51.77 16.04
CA LYS B 666 -79.32 -52.70 15.14
C LYS B 666 -80.22 -53.06 13.95
N ARG B 667 -81.52 -53.22 14.20
CA ARG B 667 -82.50 -53.59 13.15
C ARG B 667 -82.73 -52.48 12.11
N GLU B 668 -82.24 -51.28 12.41
CA GLU B 668 -82.36 -50.14 11.49
C GLU B 668 -81.09 -49.92 10.68
N ASP B 669 -79.97 -49.73 11.39
CA ASP B 669 -78.63 -49.60 10.78
C ASP B 669 -77.69 -48.81 11.69
N VAL B 670 -78.12 -48.53 12.91
CA VAL B 670 -77.37 -47.64 13.80
C VAL B 670 -76.33 -48.37 14.67
N PHE B 671 -75.11 -47.81 14.75
CA PHE B 671 -74.01 -48.35 15.57
C PHE B 671 -74.37 -48.44 17.06
N VAL B 672 -74.30 -49.65 17.62
CA VAL B 672 -74.68 -49.88 19.03
C VAL B 672 -73.73 -50.83 19.80
N LYS B 673 -72.45 -50.46 19.95
CA LYS B 673 -71.45 -51.29 20.62
C LYS B 673 -71.49 -51.23 22.15
N GLU B 674 -71.79 -52.35 22.79
CA GLU B 674 -71.92 -52.45 24.25
C GLU B 674 -70.57 -52.30 24.99
N VAL B 675 -70.58 -51.63 26.15
CA VAL B 675 -69.36 -51.52 26.97
C VAL B 675 -69.44 -52.18 28.36
N ARG B 676 -68.27 -52.36 28.97
CA ARG B 676 -68.10 -53.15 30.19
C ARG B 676 -68.07 -52.28 31.44
N THR B 677 -68.96 -52.58 32.38
CA THR B 677 -69.28 -51.66 33.46
C THR B 677 -69.32 -52.29 34.85
N GLY B 678 -69.49 -53.61 34.90
CA GLY B 678 -69.83 -54.26 36.15
C GLY B 678 -71.35 -54.26 36.24
N GLY B 679 -71.98 -54.27 35.06
CA GLY B 679 -73.43 -54.37 34.94
C GLY B 679 -74.21 -53.31 35.68
N ILE B 680 -73.63 -52.13 35.82
CA ILE B 680 -74.27 -51.07 36.57
C ILE B 680 -74.64 -49.87 35.67
N ALA B 681 -75.39 -48.91 36.20
CA ALA B 681 -75.77 -47.72 35.45
C ALA B 681 -75.00 -46.49 35.96
N PHE B 682 -73.73 -46.38 35.57
CA PHE B 682 -72.94 -45.20 35.89
C PHE B 682 -73.62 -43.99 35.27
N HIS B 683 -73.77 -42.93 36.06
CA HIS B 683 -74.18 -41.65 35.50
C HIS B 683 -75.62 -41.67 34.97
N SER B 684 -76.52 -42.31 35.70
CA SER B 684 -77.92 -42.24 35.35
C SER B 684 -78.70 -41.89 36.62
N TYR B 685 -80.02 -41.91 36.50
CA TYR B 685 -80.92 -41.73 37.64
C TYR B 685 -80.75 -42.87 38.64
N PHE B 686 -80.17 -43.98 38.18
CA PHE B 686 -80.00 -45.14 39.04
C PHE B 686 -79.26 -44.74 40.32
N MET B 687 -78.38 -43.74 40.19
CA MET B 687 -77.46 -43.39 41.28
C MET B 687 -78.04 -42.57 42.43
N GLU B 688 -79.15 -41.87 42.21
CA GLU B 688 -79.76 -41.03 43.25
C GLU B 688 -79.95 -41.79 44.57
N SER B 689 -80.22 -43.09 44.48
CA SER B 689 -80.48 -43.92 45.66
C SER B 689 -79.26 -43.98 46.56
N ILE B 690 -78.08 -43.90 45.92
CA ILE B 690 -76.80 -44.05 46.62
C ILE B 690 -76.30 -42.71 47.17
N ALA B 691 -76.48 -41.65 46.38
CA ALA B 691 -76.06 -40.28 46.74
C ALA B 691 -76.10 -39.95 48.24
N PRO B 692 -77.24 -40.24 48.90
CA PRO B 692 -77.32 -39.92 50.32
C PRO B 692 -76.17 -40.57 51.07
N THR B 693 -76.18 -41.90 51.12
CA THR B 693 -75.21 -42.61 51.96
C THR B 693 -73.76 -42.31 51.57
N LEU B 694 -73.51 -42.07 50.28
CA LEU B 694 -72.16 -41.76 49.82
C LEU B 694 -71.73 -40.38 50.32
N LEU B 695 -72.44 -39.35 49.89
CA LEU B 695 -72.20 -38.00 50.39
C LEU B 695 -71.94 -37.97 51.90
N ARG B 696 -72.77 -38.66 52.67
CA ARG B 696 -72.68 -38.64 54.13
C ARG B 696 -71.36 -39.25 54.63
N GLN B 697 -70.77 -40.11 53.79
CA GLN B 697 -69.57 -40.86 54.11
C GLN B 697 -68.28 -40.26 53.53
N LEU B 698 -68.34 -39.80 52.29
CA LEU B 698 -67.19 -39.15 51.66
C LEU B 698 -66.89 -37.84 52.38
N ARG B 699 -67.84 -37.36 53.17
CA ARG B 699 -67.63 -36.16 53.95
C ARG B 699 -66.63 -36.41 55.08
N LYS B 700 -66.41 -37.69 55.42
CA LYS B 700 -65.42 -38.07 56.42
C LYS B 700 -64.04 -38.28 55.80
N VAL B 701 -64.00 -38.64 54.52
CA VAL B 701 -62.73 -38.78 53.81
C VAL B 701 -62.20 -37.40 53.40
N ILE B 702 -63.07 -36.56 52.87
CA ILE B 702 -62.62 -35.24 52.43
C ILE B 702 -63.08 -34.08 53.32
N LEU B 703 -62.33 -33.86 54.39
CA LEU B 703 -62.52 -32.69 55.24
C LEU B 703 -61.71 -31.53 54.68
N ASP B 704 -62.20 -30.30 54.86
CA ASP B 704 -61.57 -29.11 54.30
C ASP B 704 -61.39 -29.22 52.79
N PRO B 705 -62.51 -29.13 52.04
CA PRO B 705 -62.46 -29.20 50.59
C PRO B 705 -61.47 -28.18 50.07
N LYS B 706 -60.56 -28.59 49.19
CA LYS B 706 -59.60 -27.63 48.65
C LYS B 706 -60.12 -26.99 47.37
N PRO B 707 -59.74 -25.73 47.13
CA PRO B 707 -60.08 -25.00 45.90
C PRO B 707 -59.56 -25.74 44.67
N ARG B 708 -60.36 -25.80 43.61
CA ARG B 708 -59.86 -26.29 42.33
C ARG B 708 -59.24 -25.11 41.60
N SER B 709 -58.29 -25.38 40.69
CA SER B 709 -57.67 -24.31 39.94
C SER B 709 -58.29 -24.22 38.56
N LYS B 710 -58.15 -23.06 37.94
CA LYS B 710 -58.72 -22.82 36.62
C LYS B 710 -58.03 -23.70 35.56
N ARG B 711 -56.94 -24.36 35.96
CA ARG B 711 -56.19 -25.29 35.11
C ARG B 711 -56.98 -26.56 34.83
N TRP B 712 -57.98 -26.83 35.69
CA TRP B 712 -58.74 -28.08 35.63
C TRP B 712 -60.16 -27.86 35.17
N LEU B 713 -60.46 -28.37 33.98
CA LEU B 713 -61.77 -28.24 33.39
C LEU B 713 -62.64 -29.38 33.87
N SER B 714 -63.75 -29.05 34.52
CA SER B 714 -64.65 -30.11 34.99
C SER B 714 -65.49 -30.66 33.85
N THR B 715 -65.77 -31.96 33.94
CA THR B 715 -66.61 -32.65 32.98
C THR B 715 -67.85 -33.18 33.69
N SER B 716 -68.03 -32.76 34.93
CA SER B 716 -69.18 -33.18 35.73
C SER B 716 -70.16 -32.02 35.96
N ILE B 717 -69.72 -30.82 35.63
CA ILE B 717 -70.52 -29.62 35.81
C ILE B 717 -70.51 -28.81 34.52
N PRO B 718 -71.70 -28.49 34.00
CA PRO B 718 -71.79 -27.70 32.76
C PRO B 718 -70.86 -26.49 32.83
N GLU B 719 -70.22 -26.15 31.72
CA GLU B 719 -69.33 -25.01 31.68
C GLU B 719 -70.03 -23.76 32.22
N ALA B 720 -71.35 -23.75 32.12
CA ALA B 720 -72.16 -22.65 32.63
C ALA B 720 -71.75 -22.31 34.04
N GLN B 721 -71.91 -23.29 34.92
CA GLN B 721 -71.80 -23.06 36.36
C GLN B 721 -70.41 -23.36 36.91
N TRP B 722 -69.37 -22.95 36.17
CA TRP B 722 -67.98 -23.20 36.59
C TRP B 722 -67.52 -22.25 37.69
N GLN B 723 -68.07 -21.05 37.70
CA GLN B 723 -67.78 -20.13 38.78
C GLN B 723 -68.89 -20.14 39.81
N GLY B 724 -69.36 -21.36 40.14
CA GLY B 724 -70.42 -21.58 41.11
C GLY B 724 -69.89 -21.96 42.48
N SER B 725 -70.78 -22.40 43.35
CA SER B 725 -70.42 -22.81 44.71
C SER B 725 -69.96 -24.25 44.69
N LEU B 726 -70.72 -25.09 43.99
CA LEU B 726 -70.41 -26.51 43.86
C LEU B 726 -69.13 -26.70 43.08
N ALA B 727 -69.01 -25.98 41.98
CA ALA B 727 -67.88 -26.13 41.08
C ALA B 727 -66.55 -25.64 41.66
N ARG B 728 -66.62 -24.79 42.66
CA ARG B 728 -65.43 -24.09 43.15
C ARG B 728 -64.41 -24.97 43.91
N THR B 729 -64.88 -26.04 44.56
CA THR B 729 -64.01 -26.85 45.41
C THR B 729 -64.23 -28.36 45.26
N PHE B 730 -63.16 -29.15 45.41
CA PHE B 730 -63.32 -30.60 45.44
C PHE B 730 -63.93 -31.03 46.78
N SER B 731 -65.26 -30.97 46.87
CA SER B 731 -65.99 -31.33 48.09
C SER B 731 -66.68 -32.67 47.88
N ALA B 732 -67.19 -33.25 48.97
CA ALA B 732 -67.96 -34.48 48.85
C ALA B 732 -69.07 -34.26 47.83
N GLU B 733 -69.88 -33.23 48.07
CA GLU B 733 -70.93 -32.85 47.15
C GLU B 733 -70.49 -33.04 45.70
N TYR B 734 -69.32 -32.49 45.34
CA TYR B 734 -68.79 -32.61 43.99
C TYR B 734 -68.54 -34.06 43.58
N SER B 735 -67.81 -34.80 44.40
CA SER B 735 -67.51 -36.19 44.09
C SER B 735 -68.79 -36.95 43.74
N VAL B 736 -69.84 -36.72 44.53
CA VAL B 736 -71.10 -37.42 44.34
C VAL B 736 -71.78 -36.99 43.03
N ASN B 737 -71.82 -35.69 42.79
CA ASN B 737 -72.36 -35.18 41.52
C ASN B 737 -71.71 -35.86 40.31
N ASN B 738 -70.39 -35.97 40.32
CA ASN B 738 -69.67 -36.63 39.24
C ASN B 738 -70.20 -38.02 38.91
N LEU B 739 -70.66 -38.76 39.93
CA LEU B 739 -71.18 -40.10 39.69
C LEU B 739 -72.63 -40.12 39.18
N VAL B 740 -73.31 -38.99 39.28
CA VAL B 740 -74.73 -38.95 38.97
C VAL B 740 -75.05 -38.24 37.65
N SER B 741 -74.28 -37.19 37.33
CA SER B 741 -74.56 -36.38 36.17
C SER B 741 -73.82 -36.86 34.93
N PRO B 742 -74.19 -36.36 33.76
CA PRO B 742 -73.53 -36.80 32.53
C PRO B 742 -72.10 -36.24 32.44
N VAL B 743 -71.16 -37.07 32.00
CA VAL B 743 -69.80 -36.62 31.75
C VAL B 743 -69.73 -35.85 30.43
N LEU B 744 -69.47 -34.55 30.54
CA LEU B 744 -69.35 -33.68 29.39
C LEU B 744 -67.90 -33.62 28.95
N PHE B 745 -67.51 -34.61 28.15
CA PHE B 745 -66.12 -34.76 27.73
C PHE B 745 -65.81 -33.89 26.53
N GLN B 746 -66.50 -34.14 25.42
CA GLN B 746 -66.29 -33.34 24.21
C GLN B 746 -66.32 -31.85 24.55
N GLU B 747 -67.22 -31.46 25.45
CA GLU B 747 -67.33 -30.06 25.89
C GLU B 747 -65.97 -29.51 26.33
N ALA B 748 -65.27 -30.26 27.18
CA ALA B 748 -63.95 -29.85 27.65
C ALA B 748 -62.92 -29.91 26.53
N LEU B 749 -62.97 -30.94 25.69
CA LEU B 749 -62.01 -31.07 24.59
C LEU B 749 -62.03 -29.83 23.70
N GLN B 750 -63.20 -29.18 23.67
CA GLN B 750 -63.37 -27.94 22.93
C GLN B 750 -62.28 -26.94 23.31
N HIS B 751 -62.10 -26.72 24.61
CA HIS B 751 -61.12 -25.76 25.15
C HIS B 751 -59.68 -26.20 25.02
N VAL B 752 -59.42 -27.28 24.28
CA VAL B 752 -58.04 -27.73 24.10
C VAL B 752 -57.40 -27.06 22.89
N PRO B 753 -56.29 -26.33 23.12
CA PRO B 753 -55.60 -25.55 22.10
C PRO B 753 -55.22 -26.39 20.91
N ALA B 754 -54.51 -25.80 19.97
CA ALA B 754 -54.31 -26.43 18.68
C ALA B 754 -52.96 -27.12 18.49
N HIS B 755 -51.93 -26.70 19.23
CA HIS B 755 -50.66 -27.42 19.17
C HIS B 755 -50.41 -28.11 20.50
N ALA B 756 -51.47 -28.36 21.25
CA ALA B 756 -51.38 -28.97 22.57
C ALA B 756 -50.91 -30.41 22.49
N VAL B 757 -50.31 -30.87 23.58
CA VAL B 757 -49.91 -32.27 23.70
C VAL B 757 -50.80 -32.95 24.74
N VAL B 758 -51.54 -33.96 24.32
CA VAL B 758 -52.47 -34.64 25.21
C VAL B 758 -51.95 -36.01 25.58
N VAL B 759 -51.74 -36.24 26.88
CA VAL B 759 -51.39 -37.55 27.41
C VAL B 759 -52.62 -38.24 27.97
N GLU B 760 -52.83 -39.50 27.58
CA GLU B 760 -53.86 -40.31 28.20
C GLU B 760 -53.29 -41.03 29.42
N ILE B 761 -53.71 -40.59 30.60
CA ILE B 761 -53.26 -41.16 31.86
C ILE B 761 -54.16 -42.31 32.27
N ALA B 762 -53.83 -43.52 31.85
CA ALA B 762 -54.67 -44.67 32.14
C ALA B 762 -53.97 -46.00 31.87
N PRO B 763 -54.39 -47.05 32.59
CA PRO B 763 -53.81 -48.38 32.48
C PRO B 763 -54.00 -48.91 31.06
N HIS B 764 -54.73 -48.16 30.25
CA HIS B 764 -54.93 -48.52 28.86
C HIS B 764 -55.55 -47.42 28.01
N ALA B 765 -54.98 -47.23 26.82
CA ALA B 765 -55.30 -46.13 25.92
C ALA B 765 -56.65 -46.27 25.21
N LEU B 766 -57.72 -46.17 26.00
CA LEU B 766 -59.08 -46.30 25.48
C LEU B 766 -59.45 -45.12 24.59
N LEU B 767 -59.24 -43.92 25.11
CA LEU B 767 -59.66 -42.70 24.43
C LEU B 767 -58.70 -42.21 23.35
N GLN B 768 -57.83 -43.07 22.83
CA GLN B 768 -56.96 -42.69 21.72
C GLN B 768 -57.78 -42.43 20.46
N ALA B 769 -58.70 -43.34 20.17
CA ALA B 769 -59.62 -43.17 19.05
C ALA B 769 -60.26 -41.79 19.13
N VAL B 770 -60.96 -41.58 20.24
CA VAL B 770 -61.75 -40.37 20.47
C VAL B 770 -60.97 -39.06 20.40
N LEU B 771 -59.86 -38.99 21.13
CA LEU B 771 -59.07 -37.78 21.21
C LEU B 771 -58.53 -37.37 19.85
N LYS B 772 -57.98 -38.33 19.12
CA LYS B 772 -57.42 -38.05 17.79
C LYS B 772 -58.52 -37.60 16.84
N ARG B 773 -59.67 -38.26 16.91
CA ARG B 773 -60.82 -37.88 16.07
C ARG B 773 -61.29 -36.46 16.41
N SER B 774 -61.50 -36.20 17.70
CA SER B 774 -62.22 -35.01 18.16
C SER B 774 -61.35 -33.78 18.46
N LEU B 775 -60.13 -33.77 17.97
CA LEU B 775 -59.20 -32.68 18.28
C LEU B 775 -58.42 -32.30 17.03
N GLU B 776 -57.62 -31.23 17.11
CA GLU B 776 -56.86 -30.76 15.95
C GLU B 776 -55.86 -31.80 15.48
N SER B 777 -55.61 -31.84 14.18
CA SER B 777 -54.53 -32.66 13.67
C SER B 777 -53.18 -32.15 14.19
N SER B 778 -53.18 -30.91 14.65
CA SER B 778 -51.98 -30.21 15.09
C SER B 778 -51.54 -30.60 16.50
N CYS B 779 -52.34 -31.46 17.13
CA CYS B 779 -52.11 -31.92 18.48
C CYS B 779 -51.55 -33.34 18.48
N THR B 780 -50.51 -33.58 19.26
CA THR B 780 -49.94 -34.91 19.40
C THR B 780 -50.59 -35.65 20.57
N ILE B 781 -51.00 -36.89 20.32
CA ILE B 781 -51.66 -37.67 21.35
C ILE B 781 -50.89 -38.93 21.74
N ILE B 782 -50.69 -39.08 23.05
CA ILE B 782 -49.74 -40.05 23.59
C ILE B 782 -50.34 -40.96 24.66
N PRO B 783 -50.27 -42.28 24.43
CA PRO B 783 -50.68 -43.24 25.44
C PRO B 783 -49.61 -43.34 26.52
N LEU B 784 -49.89 -44.03 27.63
CA LEU B 784 -48.86 -44.27 28.61
C LEU B 784 -48.65 -45.77 28.84
N MET B 785 -49.73 -46.54 28.69
CA MET B 785 -49.68 -47.99 28.78
C MET B 785 -50.56 -48.64 27.71
N LYS B 786 -50.10 -49.73 27.10
CA LYS B 786 -50.93 -50.50 26.17
C LYS B 786 -51.33 -51.81 26.83
N LYS B 787 -52.63 -52.10 26.86
CA LYS B 787 -53.10 -53.29 27.55
C LYS B 787 -52.50 -54.52 26.90
N ASP B 788 -52.23 -55.54 27.72
CA ASP B 788 -51.69 -56.82 27.24
C ASP B 788 -50.29 -56.71 26.63
N HIS B 789 -49.64 -55.56 26.80
CA HIS B 789 -48.28 -55.40 26.28
C HIS B 789 -47.31 -56.27 27.07
N ARG B 790 -46.35 -56.86 26.37
CA ARG B 790 -45.33 -57.74 26.94
C ARG B 790 -44.57 -57.09 28.10
N ASP B 791 -44.37 -55.78 28.03
CA ASP B 791 -43.63 -55.06 29.06
C ASP B 791 -43.93 -53.56 29.05
N ASN B 792 -44.97 -53.18 29.78
CA ASN B 792 -45.38 -51.78 29.86
C ASN B 792 -44.26 -50.81 30.19
N LEU B 793 -43.28 -51.31 30.92
CA LEU B 793 -42.14 -50.48 31.29
C LEU B 793 -41.41 -49.95 30.05
N GLU B 794 -41.37 -50.74 28.98
CA GLU B 794 -40.75 -50.31 27.73
C GLU B 794 -41.69 -49.40 26.96
N PHE B 795 -42.98 -49.72 27.01
CA PHE B 795 -43.99 -48.97 26.29
C PHE B 795 -44.20 -47.59 26.90
N PHE B 796 -43.97 -47.51 28.20
CA PHE B 796 -44.07 -46.24 28.90
C PHE B 796 -42.86 -45.37 28.60
N LEU B 797 -41.68 -45.97 28.62
CA LEU B 797 -40.45 -45.23 28.28
C LEU B 797 -40.50 -44.83 26.81
N SER B 798 -41.01 -45.73 25.97
CA SER B 798 -41.25 -45.42 24.57
C SER B 798 -42.02 -44.11 24.44
N ASN B 799 -43.06 -43.97 25.26
CA ASN B 799 -43.91 -42.79 25.21
C ASN B 799 -43.36 -41.62 26.00
N VAL B 800 -42.57 -41.90 27.02
CA VAL B 800 -41.86 -40.83 27.69
C VAL B 800 -40.96 -40.20 26.64
N GLY B 801 -40.40 -41.05 25.79
CA GLY B 801 -39.56 -40.61 24.69
C GLY B 801 -40.35 -39.76 23.72
N ARG B 802 -41.55 -40.23 23.36
CA ARG B 802 -42.41 -39.48 22.46
C ARG B 802 -42.77 -38.11 23.02
N LEU B 803 -43.02 -38.04 24.32
CA LEU B 803 -43.36 -36.77 24.96
C LEU B 803 -42.23 -35.75 24.77
N HIS B 804 -41.07 -36.29 24.45
CA HIS B 804 -39.91 -35.46 24.14
C HIS B 804 -39.96 -34.98 22.70
N LEU B 805 -40.12 -35.91 21.76
CA LEU B 805 -40.23 -35.57 20.34
C LEU B 805 -41.36 -34.57 20.14
N ALA B 806 -42.32 -34.60 21.04
CA ALA B 806 -43.43 -33.67 21.00
C ALA B 806 -42.89 -32.26 21.16
N GLY B 807 -41.95 -32.11 22.09
CA GLY B 807 -41.34 -30.83 22.35
C GLY B 807 -41.41 -30.46 23.81
N VAL B 808 -42.08 -31.31 24.59
CA VAL B 808 -42.26 -31.06 26.02
C VAL B 808 -40.95 -31.24 26.77
N SER B 809 -40.87 -30.64 27.94
CA SER B 809 -39.68 -30.78 28.75
C SER B 809 -39.80 -31.93 29.76
N VAL B 810 -39.27 -33.11 29.40
CA VAL B 810 -39.25 -34.25 30.31
C VAL B 810 -37.85 -34.84 30.43
N ASN B 811 -37.53 -35.35 31.63
CA ASN B 811 -36.19 -35.87 31.93
C ASN B 811 -36.20 -37.19 32.71
N PRO B 812 -35.93 -38.31 32.00
CA PRO B 812 -36.00 -39.68 32.48
C PRO B 812 -35.19 -39.99 33.73
N ASN B 813 -34.16 -39.20 34.01
CA ASN B 813 -33.33 -39.49 35.17
C ASN B 813 -34.10 -39.42 36.48
N GLY B 814 -35.35 -38.95 36.42
CA GLY B 814 -36.19 -38.85 37.59
C GLY B 814 -36.97 -40.13 37.87
N LEU B 815 -36.90 -41.07 36.94
CA LEU B 815 -37.56 -42.35 37.12
C LEU B 815 -36.68 -43.30 37.94
N PHE B 816 -35.38 -43.28 37.64
CA PHE B 816 -34.43 -44.19 38.26
C PHE B 816 -33.54 -43.47 39.27
N PRO B 817 -32.99 -44.23 40.23
CA PRO B 817 -32.23 -43.65 41.33
C PRO B 817 -31.18 -42.64 40.91
N PRO B 818 -31.04 -41.59 41.73
CA PRO B 818 -29.99 -40.59 41.60
C PRO B 818 -28.62 -41.26 41.40
N VAL B 819 -27.99 -40.97 40.27
CA VAL B 819 -26.69 -41.54 39.90
C VAL B 819 -25.51 -40.89 40.65
N GLU B 820 -24.98 -41.58 41.66
CA GLU B 820 -23.86 -41.08 42.47
C GLU B 820 -22.82 -40.29 41.67
N PHE B 821 -23.00 -38.99 41.49
CA PHE B 821 -21.87 -38.19 41.00
C PHE B 821 -20.89 -37.91 42.16
N PRO B 822 -19.58 -37.77 41.86
CA PRO B 822 -18.93 -37.77 40.54
C PRO B 822 -18.95 -39.08 39.76
N ALA B 823 -18.95 -38.94 38.43
CA ALA B 823 -18.93 -40.05 37.51
C ALA B 823 -17.60 -40.79 37.56
N PRO B 824 -17.62 -42.10 37.28
CA PRO B 824 -16.41 -42.91 37.30
C PRO B 824 -15.38 -42.36 36.33
N ARG B 825 -14.10 -42.60 36.61
CA ARG B 825 -13.02 -42.20 35.72
C ARG B 825 -12.95 -43.15 34.53
N GLY B 826 -12.74 -42.61 33.33
CA GLY B 826 -12.73 -43.42 32.13
C GLY B 826 -14.15 -43.60 31.62
N THR B 827 -15.03 -42.68 32.01
CA THR B 827 -16.41 -42.66 31.55
C THR B 827 -16.47 -41.74 30.32
N PRO B 828 -16.91 -42.30 29.17
CA PRO B 828 -16.78 -41.76 27.81
C PRO B 828 -16.91 -40.23 27.67
N LEU B 829 -16.02 -39.64 26.88
CA LEU B 829 -16.06 -38.21 26.60
C LEU B 829 -17.39 -37.83 25.99
N ILE B 830 -17.71 -36.54 26.03
CA ILE B 830 -18.97 -36.05 25.47
C ILE B 830 -18.77 -35.02 24.37
N SER B 831 -17.92 -34.02 24.60
CA SER B 831 -17.74 -32.93 23.64
C SER B 831 -17.55 -33.36 22.16
N PRO B 832 -16.84 -34.48 21.92
CA PRO B 832 -16.57 -34.90 20.54
C PRO B 832 -17.81 -35.41 19.81
N HIS B 833 -18.93 -35.50 20.52
CA HIS B 833 -20.14 -36.02 19.89
C HIS B 833 -21.23 -34.95 19.80
N ILE B 834 -20.85 -33.72 20.13
CA ILE B 834 -21.78 -32.59 20.01
C ILE B 834 -21.58 -31.90 18.66
N LYS B 835 -22.22 -32.46 17.63
CA LYS B 835 -22.03 -31.97 16.27
C LYS B 835 -23.05 -30.88 15.94
N TRP B 836 -22.60 -29.84 15.24
CA TRP B 836 -23.46 -28.69 14.92
C TRP B 836 -23.79 -28.57 13.44
N ASP B 837 -24.43 -27.44 13.12
CA ASP B 837 -24.67 -27.08 11.73
C ASP B 837 -23.56 -26.14 11.26
N HIS B 838 -22.46 -26.72 10.82
CA HIS B 838 -21.33 -25.96 10.32
C HIS B 838 -21.46 -25.81 8.81
N SER B 839 -22.62 -26.21 8.30
CA SER B 839 -22.95 -26.10 6.88
C SER B 839 -22.33 -24.87 6.24
N GLN B 840 -22.60 -23.70 6.80
CA GLN B 840 -22.15 -22.45 6.21
C GLN B 840 -20.75 -22.04 6.67
N ALA B 841 -19.91 -21.64 5.71
CA ALA B 841 -18.52 -21.27 5.96
C ALA B 841 -18.30 -19.76 5.90
N TRP B 842 -17.42 -19.25 6.76
CA TRP B 842 -17.33 -17.82 7.00
C TRP B 842 -15.96 -17.20 6.70
N ASP B 843 -15.89 -15.88 6.87
CA ASP B 843 -14.69 -15.13 6.52
C ASP B 843 -13.56 -15.34 7.53
N VAL B 844 -12.51 -16.05 7.15
CA VAL B 844 -11.34 -16.10 8.01
C VAL B 844 -10.29 -15.19 7.37
N PRO B 845 -10.05 -14.01 7.97
CA PRO B 845 -9.11 -13.07 7.36
C PRO B 845 -7.88 -13.79 6.86
N SER B 846 -7.83 -14.10 5.57
CA SER B 846 -6.73 -14.88 5.01
C SER B 846 -5.42 -14.11 5.17
N ALA B 847 -4.33 -14.83 5.38
CA ALA B 847 -3.04 -14.18 5.59
C ALA B 847 -2.70 -13.18 4.49
N ALA B 848 -3.20 -13.45 3.28
CA ALA B 848 -3.03 -12.55 2.14
C ALA B 848 -3.52 -11.14 2.48
N ASP B 849 -4.59 -11.07 3.27
CA ASP B 849 -5.21 -9.80 3.65
C ASP B 849 -4.17 -8.81 4.16
N PHE B 850 -3.40 -9.23 5.15
CA PHE B 850 -2.43 -8.36 5.82
C PHE B 850 -1.37 -7.75 4.89
N PRO B 851 -0.79 -6.61 5.30
CA PRO B 851 -0.03 -5.78 4.37
C PRO B 851 1.48 -6.03 4.28
N SER B 852 2.12 -5.21 3.45
CA SER B 852 3.56 -5.09 3.43
C SER B 852 3.93 -3.60 3.56
N GLY B 853 2.99 -2.81 4.06
CA GLY B 853 3.20 -1.37 4.21
C GLY B 853 2.58 -0.60 3.06
N SER B 854 1.70 0.35 3.38
CA SER B 854 1.01 1.09 2.33
C SER B 854 0.14 2.24 2.82
N SER B 855 -0.11 3.18 1.91
CA SER B 855 -1.04 4.28 2.14
C SER B 855 -2.27 4.09 1.24
N CYS B 856 -2.02 3.72 -0.02
CA CYS B 856 -3.03 3.21 -0.97
C CYS B 856 -4.43 3.86 -1.03
N SER B 857 -4.46 5.18 -1.18
CA SER B 857 -5.69 5.83 -1.57
C SER B 857 -5.79 5.81 -3.10
N SER B 858 -4.74 5.26 -3.73
CA SER B 858 -4.53 5.34 -5.18
C SER B 858 -4.90 4.11 -5.98
N VAL B 859 -5.56 3.15 -5.38
CA VAL B 859 -6.02 1.96 -6.11
C VAL B 859 -7.40 1.55 -5.63
N ALA B 860 -8.18 1.03 -6.56
CA ALA B 860 -9.56 0.69 -6.30
C ALA B 860 -9.95 -0.54 -7.11
N VAL B 861 -10.49 -1.54 -6.44
CA VAL B 861 -11.07 -2.66 -7.16
C VAL B 861 -12.57 -2.54 -7.07
N TYR B 862 -13.22 -2.64 -8.24
CA TYR B 862 -14.66 -2.64 -8.33
C TYR B 862 -15.09 -4.02 -8.74
N LYS B 863 -16.08 -4.56 -8.04
CA LYS B 863 -16.60 -5.87 -8.35
C LYS B 863 -18.01 -5.72 -8.88
N PHE B 864 -18.18 -6.00 -10.15
CA PHE B 864 -19.48 -5.88 -10.78
C PHE B 864 -20.32 -7.15 -10.81
N ASP B 865 -21.52 -7.07 -10.23
CA ASP B 865 -22.51 -8.14 -10.29
C ASP B 865 -23.65 -7.74 -11.23
N VAL B 866 -23.97 -8.58 -12.22
CA VAL B 866 -25.03 -8.21 -13.17
C VAL B 866 -26.40 -8.86 -12.97
N SER B 867 -26.47 -9.89 -12.13
CA SER B 867 -27.73 -10.60 -11.86
C SER B 867 -28.85 -9.64 -11.40
N PRO B 868 -30.11 -9.95 -11.79
CA PRO B 868 -31.33 -9.14 -11.69
C PRO B 868 -31.57 -8.44 -10.34
N GLU B 869 -30.87 -8.86 -9.29
CA GLU B 869 -31.06 -8.27 -7.97
C GLU B 869 -30.17 -7.03 -7.79
N SER B 870 -28.95 -7.10 -8.30
CA SER B 870 -27.93 -6.06 -8.12
C SER B 870 -28.33 -4.69 -8.64
N PRO B 871 -27.88 -3.64 -7.95
CA PRO B 871 -27.96 -2.23 -8.35
C PRO B 871 -27.37 -2.06 -9.74
N ASP B 872 -26.40 -2.91 -10.04
CA ASP B 872 -25.70 -2.83 -11.30
C ASP B 872 -26.33 -3.76 -12.35
N HIS B 873 -27.65 -3.99 -12.24
CA HIS B 873 -28.39 -4.75 -13.25
C HIS B 873 -28.61 -3.88 -14.50
N TYR B 874 -28.73 -2.58 -14.30
CA TYR B 874 -28.85 -1.64 -15.42
C TYR B 874 -27.87 -2.00 -16.54
N LEU B 875 -26.69 -2.44 -16.16
CA LEU B 875 -25.68 -2.77 -17.15
C LEU B 875 -26.13 -3.81 -18.20
N VAL B 876 -27.09 -4.65 -17.87
CA VAL B 876 -27.45 -5.71 -18.81
C VAL B 876 -28.12 -5.15 -20.05
N ASP B 877 -28.30 -3.83 -20.09
CA ASP B 877 -28.93 -3.21 -21.25
C ASP B 877 -27.90 -2.73 -22.21
N HIS B 878 -26.63 -2.92 -21.88
CA HIS B 878 -25.57 -2.64 -22.84
C HIS B 878 -25.25 -3.94 -23.59
N CYS B 879 -26.26 -4.49 -24.26
CA CYS B 879 -26.09 -5.72 -25.01
C CYS B 879 -25.58 -5.46 -26.45
N ILE B 880 -24.26 -5.57 -26.66
CA ILE B 880 -23.72 -5.48 -28.01
C ILE B 880 -23.54 -6.85 -28.66
N ASP B 881 -23.99 -6.95 -29.91
CA ASP B 881 -24.03 -8.19 -30.67
C ASP B 881 -24.57 -9.42 -29.91
N GLY B 882 -25.19 -9.19 -28.76
CA GLY B 882 -25.80 -10.28 -28.04
C GLY B 882 -25.05 -10.64 -26.77
N ARG B 883 -23.83 -10.12 -26.61
CA ARG B 883 -23.11 -10.23 -25.34
C ARG B 883 -23.43 -8.99 -24.52
N VAL B 884 -23.15 -9.03 -23.22
CA VAL B 884 -23.38 -7.86 -22.39
C VAL B 884 -22.07 -7.19 -22.09
N LEU B 885 -21.51 -6.44 -23.04
CA LEU B 885 -20.23 -5.80 -22.78
C LEU B 885 -20.35 -4.69 -21.75
N PHE B 886 -19.41 -4.67 -20.83
CA PHE B 886 -19.29 -3.55 -19.92
C PHE B 886 -18.88 -2.37 -20.77
N PRO B 887 -19.59 -1.25 -20.61
CA PRO B 887 -19.62 -0.03 -21.42
C PRO B 887 -18.27 0.62 -21.64
N GLY B 888 -17.93 0.92 -22.89
CA GLY B 888 -16.70 1.62 -23.13
C GLY B 888 -16.67 2.75 -22.12
N THR B 889 -17.67 3.60 -22.21
CA THR B 889 -17.90 4.69 -21.27
C THR B 889 -17.65 4.28 -19.84
N GLY B 890 -18.12 3.08 -19.50
CA GLY B 890 -18.07 2.58 -18.15
C GLY B 890 -16.73 2.76 -17.47
N TYR B 891 -15.65 2.40 -18.15
CA TYR B 891 -14.31 2.47 -17.55
C TYR B 891 -13.96 3.88 -17.13
N LEU B 892 -14.35 4.85 -17.93
CA LEU B 892 -14.10 6.23 -17.55
C LEU B 892 -14.85 6.55 -16.27
N TRP B 893 -16.07 6.05 -16.12
CA TRP B 893 -16.85 6.33 -14.90
C TRP B 893 -16.20 5.77 -13.65
N LEU B 894 -15.72 4.53 -13.73
CA LEU B 894 -14.90 3.98 -12.67
C LEU B 894 -13.67 4.85 -12.43
N THR B 895 -12.83 4.96 -13.45
CA THR B 895 -11.60 5.74 -13.33
C THR B 895 -11.92 7.08 -12.65
N TRP B 896 -12.92 7.78 -13.17
CA TRP B 896 -13.31 9.05 -12.61
C TRP B 896 -13.57 8.90 -11.11
N LYS B 897 -14.54 8.07 -10.78
CA LYS B 897 -14.85 7.71 -9.38
C LYS B 897 -13.55 7.55 -8.59
N THR B 898 -12.71 6.63 -9.07
CA THR B 898 -11.42 6.30 -8.47
C THR B 898 -10.51 7.49 -8.20
N LEU B 899 -10.68 8.56 -8.96
CA LEU B 899 -9.85 9.75 -8.83
C LEU B 899 -10.33 10.61 -7.67
N ALA B 900 -11.64 10.78 -7.58
CA ALA B 900 -12.20 11.53 -6.47
C ALA B 900 -11.99 10.79 -5.14
N ARG B 901 -11.86 9.47 -5.19
CA ARG B 901 -11.51 8.71 -3.99
C ARG B 901 -10.22 9.30 -3.48
N ALA B 902 -9.14 9.05 -4.22
CA ALA B 902 -7.81 9.54 -3.90
C ALA B 902 -7.80 10.99 -3.44
N LEU B 903 -8.78 11.76 -3.90
CA LEU B 903 -8.85 13.18 -3.56
C LEU B 903 -9.74 13.51 -2.36
N SER B 904 -10.32 12.49 -1.74
CA SER B 904 -11.16 12.70 -0.58
C SER B 904 -12.48 13.37 -0.96
N GLN B 905 -12.59 13.83 -2.21
CA GLN B 905 -13.79 14.54 -2.70
C GLN B 905 -14.78 13.61 -3.39
N ASN B 906 -16.04 14.02 -3.51
CA ASN B 906 -17.05 13.24 -4.23
C ASN B 906 -17.07 13.54 -5.73
N LEU B 907 -17.85 12.76 -6.46
CA LEU B 907 -17.84 12.85 -7.92
C LEU B 907 -18.36 14.19 -8.43
N GLU B 908 -19.20 14.85 -7.64
CA GLU B 908 -19.85 16.06 -8.09
C GLU B 908 -19.05 17.34 -7.83
N GLU B 909 -17.79 17.20 -7.44
CA GLU B 909 -16.97 18.34 -7.07
C GLU B 909 -15.63 18.24 -7.75
N THR B 910 -15.42 17.15 -8.48
CA THR B 910 -14.13 16.87 -9.12
C THR B 910 -14.28 16.84 -10.63
N PRO B 911 -14.44 18.01 -11.24
CA PRO B 911 -14.58 18.05 -12.69
C PRO B 911 -13.30 17.52 -13.29
N VAL B 912 -13.38 16.56 -14.20
CA VAL B 912 -12.21 15.79 -14.57
C VAL B 912 -11.84 16.04 -16.02
N VAL B 913 -10.62 15.68 -16.38
CA VAL B 913 -10.11 15.75 -17.76
C VAL B 913 -9.45 14.42 -18.09
N PHE B 914 -9.80 13.80 -19.20
CA PHE B 914 -9.09 12.61 -19.63
C PHE B 914 -8.22 13.03 -20.79
N GLU B 915 -7.20 12.25 -21.12
CA GLU B 915 -6.34 12.59 -22.23
C GLU B 915 -5.73 11.33 -22.76
N ASP B 916 -5.85 11.12 -24.06
CA ASP B 916 -5.16 10.01 -24.68
C ASP B 916 -5.70 8.70 -24.14
N VAL B 917 -6.93 8.71 -23.66
CA VAL B 917 -7.48 7.45 -23.17
C VAL B 917 -7.55 6.43 -24.30
N THR B 918 -7.37 5.16 -23.96
CA THR B 918 -7.25 4.07 -24.93
C THR B 918 -7.82 2.79 -24.35
N LEU B 919 -8.89 2.25 -24.94
CA LEU B 919 -9.47 1.01 -24.44
C LEU B 919 -8.98 -0.17 -25.26
N HIS B 920 -8.54 -1.23 -24.60
CA HIS B 920 -7.80 -2.31 -25.27
C HIS B 920 -8.61 -3.57 -25.59
N GLN B 921 -9.22 -4.18 -24.58
CA GLN B 921 -10.30 -5.14 -24.80
C GLN B 921 -11.51 -4.64 -24.03
N ALA B 922 -12.69 -5.05 -24.44
CA ALA B 922 -13.83 -4.73 -23.61
C ALA B 922 -14.10 -5.96 -22.76
N THR B 923 -14.97 -5.79 -21.78
CA THR B 923 -15.20 -6.83 -20.79
C THR B 923 -16.59 -7.42 -20.97
N ILE B 924 -16.66 -8.74 -21.05
CA ILE B 924 -17.94 -9.41 -21.23
C ILE B 924 -18.57 -9.81 -19.91
N LEU B 925 -19.68 -9.19 -19.55
CA LEU B 925 -20.39 -9.59 -18.33
C LEU B 925 -21.20 -10.85 -18.55
N PRO B 926 -20.91 -11.89 -17.77
CA PRO B 926 -21.58 -13.18 -17.75
C PRO B 926 -22.97 -13.06 -17.14
N LYS B 927 -23.94 -13.82 -17.66
CA LYS B 927 -25.30 -13.84 -17.11
C LYS B 927 -25.34 -13.78 -15.57
N THR B 928 -24.54 -14.61 -14.92
CA THR B 928 -24.42 -14.61 -13.46
C THR B 928 -22.96 -14.47 -13.05
N GLY B 929 -22.73 -14.30 -11.75
CA GLY B 929 -21.39 -14.21 -11.20
C GLY B 929 -20.85 -12.79 -11.09
N THR B 930 -19.63 -12.68 -10.58
CA THR B 930 -19.02 -11.36 -10.39
C THR B 930 -17.70 -11.16 -11.15
N VAL B 931 -17.61 -10.06 -11.89
CA VAL B 931 -16.35 -9.66 -12.50
C VAL B 931 -15.72 -8.48 -11.77
N SER B 932 -14.39 -8.45 -11.74
CA SER B 932 -13.69 -7.37 -11.08
C SER B 932 -12.82 -6.59 -12.05
N LEU B 933 -12.97 -5.27 -12.00
CA LEU B 933 -12.09 -4.34 -12.71
C LEU B 933 -11.31 -3.57 -11.66
N GLU B 934 -9.98 -3.57 -11.75
CA GLU B 934 -9.19 -2.71 -10.86
C GLU B 934 -8.60 -1.49 -11.60
N VAL B 935 -8.78 -0.34 -10.97
CA VAL B 935 -8.34 0.94 -11.50
C VAL B 935 -7.15 1.42 -10.67
N ARG B 936 -6.03 1.73 -11.31
CA ARG B 936 -4.87 2.27 -10.58
C ARG B 936 -4.48 3.66 -11.06
N LEU B 937 -4.06 4.49 -10.12
CA LEU B 937 -3.84 5.89 -10.40
C LEU B 937 -2.36 6.23 -10.19
N LEU B 938 -1.76 7.02 -11.07
CA LEU B 938 -0.40 7.54 -10.80
C LEU B 938 -0.44 9.06 -10.56
N GLU B 939 -0.51 9.44 -9.29
CA GLU B 939 -0.86 10.82 -8.91
C GLU B 939 0.08 11.93 -9.38
N ALA B 940 1.32 11.58 -9.71
CA ALA B 940 2.27 12.60 -10.16
C ALA B 940 2.35 12.66 -11.68
N SER B 941 2.16 11.50 -12.31
CA SER B 941 2.26 11.35 -13.76
C SER B 941 0.90 11.56 -14.40
N HIS B 942 -0.12 11.62 -13.55
CA HIS B 942 -1.50 11.79 -13.97
C HIS B 942 -1.99 10.60 -14.76
N ALA B 943 -1.14 9.60 -14.93
CA ALA B 943 -1.49 8.41 -15.69
C ALA B 943 -2.51 7.58 -14.94
N PHE B 944 -3.13 6.63 -15.63
CA PHE B 944 -4.09 5.73 -15.01
C PHE B 944 -4.24 4.47 -15.84
N GLU B 945 -4.75 3.42 -15.24
CA GLU B 945 -4.77 2.11 -15.88
C GLU B 945 -5.91 1.30 -15.31
N VAL B 946 -6.47 0.40 -16.11
CA VAL B 946 -7.51 -0.47 -15.60
C VAL B 946 -7.23 -1.96 -15.86
N SER B 947 -6.93 -2.69 -14.80
CA SER B 947 -6.66 -4.11 -14.91
C SER B 947 -7.94 -4.91 -14.75
N ASP B 948 -7.86 -6.21 -14.99
CA ASP B 948 -8.96 -7.10 -14.61
C ASP B 948 -8.45 -8.20 -13.69
N SER B 949 -9.36 -9.03 -13.20
CA SER B 949 -9.04 -10.09 -12.25
C SER B 949 -7.87 -10.95 -12.72
N ASN B 950 -7.87 -11.19 -14.03
CA ASN B 950 -6.90 -12.07 -14.69
C ASN B 950 -5.56 -11.38 -15.00
N GLY B 951 -5.44 -10.10 -14.66
CA GLY B 951 -4.21 -9.35 -14.88
C GLY B 951 -4.13 -8.55 -16.16
N SER B 952 -5.08 -8.74 -17.08
CA SER B 952 -5.07 -8.13 -18.43
C SER B 952 -5.23 -6.61 -18.43
N LEU B 953 -4.72 -5.98 -19.48
CA LEU B 953 -4.87 -4.54 -19.63
C LEU B 953 -6.21 -4.20 -20.28
N ILE B 954 -6.95 -3.27 -19.68
CA ILE B 954 -8.26 -2.89 -20.20
C ILE B 954 -8.37 -1.46 -20.69
N ALA B 955 -7.83 -0.50 -19.95
CA ALA B 955 -7.91 0.89 -20.37
C ALA B 955 -6.87 1.81 -19.71
N SER B 956 -6.25 2.67 -20.50
CA SER B 956 -5.10 3.45 -20.03
C SER B 956 -5.14 4.85 -20.61
N GLY B 957 -4.78 5.85 -19.80
CA GLY B 957 -4.79 7.23 -20.25
C GLY B 957 -4.19 8.17 -19.23
N LYS B 958 -4.69 9.40 -19.19
CA LYS B 958 -4.29 10.33 -18.14
C LYS B 958 -5.50 11.06 -17.65
N VAL B 959 -5.71 11.12 -16.33
CA VAL B 959 -6.82 11.88 -15.76
C VAL B 959 -6.33 12.88 -14.74
N TYR B 960 -7.13 13.91 -14.50
CA TYR B 960 -6.81 14.83 -13.41
C TYR B 960 -7.93 15.83 -13.13
N GLN B 961 -7.91 16.41 -11.94
CA GLN B 961 -8.84 17.48 -11.64
C GLN B 961 -8.66 18.64 -12.64
N TRP B 962 -9.76 19.21 -13.09
CA TRP B 962 -9.73 20.25 -14.10
C TRP B 962 -9.86 21.62 -13.44
N GLU B 963 -8.72 22.30 -13.29
CA GLU B 963 -8.65 23.53 -12.48
C GLU B 963 -9.52 24.71 -12.92
N SER B 964 -9.38 25.12 -14.17
CA SER B 964 -10.18 26.23 -14.66
C SER B 964 -11.23 25.73 -15.64
N PRO B 965 -12.37 25.27 -15.09
CA PRO B 965 -13.47 24.68 -15.85
C PRO B 965 -14.18 25.76 -16.64
N ASP B 966 -13.87 25.84 -17.93
CA ASP B 966 -14.37 26.90 -18.81
C ASP B 966 -15.68 26.50 -19.45
N PRO B 967 -16.80 26.96 -18.87
CA PRO B 967 -18.14 26.51 -19.30
C PRO B 967 -18.44 26.94 -20.72
N LYS B 968 -17.73 27.95 -21.22
CA LYS B 968 -17.90 28.38 -22.60
C LYS B 968 -17.53 27.27 -23.60
N LEU B 969 -16.90 26.21 -23.11
CA LEU B 969 -16.54 25.09 -23.96
C LEU B 969 -17.75 24.23 -24.29
N PHE B 970 -18.83 24.45 -23.56
CA PHE B 970 -20.06 23.74 -23.83
C PHE B 970 -21.08 24.68 -24.48
N ASP B 971 -20.70 25.21 -25.66
CA ASP B 971 -21.53 26.12 -26.46
C ASP B 971 -22.24 25.37 -27.58
N THR B 972 -23.55 25.39 -27.52
CA THR B 972 -24.37 24.70 -28.49
C THR B 972 -24.99 25.74 -29.47
N ARG B 973 -24.29 26.85 -29.73
CA ARG B 973 -24.81 27.91 -30.61
C ARG B 973 -24.96 27.47 -32.09
N ALA B 974 -24.03 27.92 -32.95
CA ALA B 974 -24.10 27.67 -34.39
C ALA B 974 -25.06 28.64 -35.11
N ALA B 975 -24.56 29.34 -36.13
CA ALA B 975 -25.35 30.30 -36.93
C ALA B 975 -25.82 29.72 -38.26
N VAL B 976 -26.12 28.42 -38.26
CA VAL B 976 -26.80 27.76 -39.36
C VAL B 976 -28.14 27.25 -38.83
N ASP B 977 -29.15 28.13 -38.83
CA ASP B 977 -30.51 27.88 -38.29
C ASP B 977 -30.83 26.38 -38.01
N PRO B 978 -31.02 26.00 -36.73
CA PRO B 978 -31.39 24.59 -36.51
C PRO B 978 -32.74 24.21 -37.16
N ALA B 979 -33.37 23.11 -36.73
CA ALA B 979 -34.58 22.59 -37.39
C ALA B 979 -35.94 22.98 -36.72
N ASP B 980 -36.28 24.28 -36.77
CA ASP B 980 -37.43 24.82 -36.03
C ASP B 980 -38.59 23.83 -35.84
N SER B 981 -39.66 24.06 -36.61
CA SER B 981 -40.72 23.07 -36.84
C SER B 981 -40.97 23.08 -38.34
N THR B 982 -39.90 23.39 -39.07
CA THR B 982 -39.93 23.47 -40.54
C THR B 982 -39.22 22.27 -41.14
N ALA B 983 -37.92 22.15 -40.84
CA ALA B 983 -37.13 20.99 -41.23
C ALA B 983 -37.75 19.74 -40.62
N GLU B 984 -39.06 19.77 -40.49
CA GLU B 984 -39.86 18.71 -39.87
C GLU B 984 -39.67 17.36 -40.53
N PHE B 985 -38.48 16.85 -40.30
CA PHE B 985 -38.16 15.46 -40.47
C PHE B 985 -37.07 15.24 -39.47
N ARG B 986 -37.43 14.77 -38.30
CA ARG B 986 -36.40 14.43 -37.33
C ARG B 986 -36.35 12.91 -37.19
N LEU B 987 -35.51 12.44 -36.28
CA LEU B 987 -35.45 11.01 -36.00
C LEU B 987 -35.92 10.80 -34.58
N SER B 988 -36.83 9.85 -34.39
CA SER B 988 -37.45 9.64 -33.08
C SER B 988 -36.68 8.60 -32.33
N GLN B 989 -36.70 8.66 -31.01
CA GLN B 989 -35.89 7.72 -30.27
C GLN B 989 -35.99 6.34 -30.89
N GLY B 990 -37.20 5.92 -31.20
CA GLY B 990 -37.40 4.64 -31.87
C GLY B 990 -36.65 4.56 -33.18
N ASP B 991 -36.84 5.57 -34.02
CA ASP B 991 -36.13 5.66 -35.30
C ASP B 991 -34.63 5.44 -35.07
N VAL B 992 -34.04 6.14 -34.10
CA VAL B 992 -32.61 5.99 -33.86
C VAL B 992 -32.25 4.57 -33.55
N TYR B 993 -32.71 4.02 -32.43
CA TYR B 993 -32.24 2.68 -32.08
C TYR B 993 -32.67 1.60 -33.07
N LYS B 994 -33.58 1.96 -33.98
CA LYS B 994 -33.90 1.10 -35.12
C LYS B 994 -32.65 0.96 -35.97
N ASP B 995 -32.02 2.08 -36.32
CA ASP B 995 -30.82 2.03 -37.16
C ASP B 995 -29.63 1.37 -36.47
N LEU B 996 -29.50 1.55 -35.16
CA LEU B 996 -28.39 0.95 -34.41
C LEU B 996 -28.58 -0.56 -34.26
N ARG B 997 -29.76 -0.96 -33.80
CA ARG B 997 -29.97 -2.36 -33.51
C ARG B 997 -29.85 -3.12 -34.82
N LEU B 998 -30.08 -2.41 -35.91
CA LEU B 998 -29.89 -2.96 -37.24
C LEU B 998 -28.44 -3.41 -37.45
N ARG B 999 -27.53 -2.58 -36.93
CA ARG B 999 -26.09 -2.70 -37.20
C ARG B 999 -25.37 -3.69 -36.30
N GLY B 1000 -25.98 -4.00 -35.17
CA GLY B 1000 -25.37 -4.91 -34.22
C GLY B 1000 -25.57 -4.42 -32.81
N TYR B 1001 -25.88 -3.14 -32.66
CA TYR B 1001 -26.09 -2.58 -31.33
C TYR B 1001 -27.47 -2.94 -30.77
N ASP B 1002 -27.51 -3.93 -29.90
CA ASP B 1002 -28.76 -4.31 -29.26
C ASP B 1002 -28.96 -3.57 -27.94
N TYR B 1003 -28.82 -2.24 -27.97
CA TYR B 1003 -29.05 -1.43 -26.78
C TYR B 1003 -30.41 -1.68 -26.16
N GLY B 1004 -30.45 -1.69 -24.83
CA GLY B 1004 -31.69 -1.91 -24.11
C GLY B 1004 -32.21 -0.60 -23.56
N PRO B 1005 -33.39 -0.63 -22.94
CA PRO B 1005 -34.10 0.55 -22.46
C PRO B 1005 -33.24 1.54 -21.66
N PHE B 1006 -32.63 1.07 -20.58
CA PHE B 1006 -31.90 2.00 -19.71
C PHE B 1006 -30.78 2.72 -20.46
N PHE B 1007 -30.46 2.24 -21.65
CA PHE B 1007 -29.44 2.87 -22.48
C PHE B 1007 -29.97 3.65 -23.70
N GLN B 1008 -31.22 3.44 -24.10
CA GLN B 1008 -31.80 4.20 -25.20
C GLN B 1008 -32.05 5.64 -24.80
N LEU B 1009 -31.00 6.45 -24.75
CA LEU B 1009 -31.12 7.78 -24.19
C LEU B 1009 -31.14 8.86 -25.25
N VAL B 1010 -31.14 8.45 -26.51
CA VAL B 1010 -31.22 9.41 -27.60
C VAL B 1010 -32.69 9.67 -27.86
N LEU B 1011 -33.15 10.88 -27.57
CA LEU B 1011 -34.58 11.17 -27.69
C LEU B 1011 -34.90 11.58 -29.11
N GLU B 1012 -34.13 12.52 -29.62
CA GLU B 1012 -34.43 13.14 -30.88
C GLU B 1012 -33.11 13.34 -31.60
N SER B 1013 -33.10 13.23 -32.91
CA SER B 1013 -31.88 13.49 -33.65
C SER B 1013 -32.07 14.14 -35.00
N ASP B 1014 -31.29 15.18 -35.25
CA ASP B 1014 -31.12 15.74 -36.59
C ASP B 1014 -31.07 14.58 -37.57
N LEU B 1015 -31.47 14.81 -38.82
CA LEU B 1015 -31.43 13.73 -39.79
C LEU B 1015 -30.00 13.20 -40.03
N GLU B 1016 -29.02 14.10 -39.97
CA GLU B 1016 -27.62 13.78 -40.21
C GLU B 1016 -26.94 13.33 -38.93
N GLY B 1017 -27.61 13.54 -37.80
CA GLY B 1017 -27.06 13.11 -36.53
C GLY B 1017 -26.00 14.07 -36.06
N ASN B 1018 -26.18 15.34 -36.37
CA ASN B 1018 -25.28 16.34 -35.87
C ASN B 1018 -25.94 17.03 -34.69
N ARG B 1019 -27.26 17.08 -34.66
CA ARG B 1019 -27.92 17.61 -33.49
C ARG B 1019 -28.82 16.60 -32.77
N GLY B 1020 -29.42 17.04 -31.66
CA GLY B 1020 -30.30 16.17 -30.92
C GLY B 1020 -30.43 16.45 -29.43
N ARG B 1021 -31.10 15.51 -28.76
CA ARG B 1021 -31.44 15.64 -27.35
C ARG B 1021 -31.21 14.32 -26.59
N LEU B 1022 -30.32 14.33 -25.60
CA LEU B 1022 -30.04 13.15 -24.81
C LEU B 1022 -30.70 13.25 -23.45
N GLN B 1023 -31.24 12.12 -22.99
CA GLN B 1023 -32.00 12.06 -21.76
C GLN B 1023 -31.12 11.70 -20.58
N TRP B 1024 -31.28 12.47 -19.51
CA TRP B 1024 -30.50 12.28 -18.28
C TRP B 1024 -31.09 11.20 -17.41
N ASN B 1025 -30.21 10.46 -16.75
CA ASN B 1025 -30.56 9.26 -16.02
C ASN B 1025 -30.03 9.29 -14.61
N ASP B 1026 -29.22 10.31 -14.32
CA ASP B 1026 -28.48 10.30 -13.09
C ASP B 1026 -27.47 9.14 -13.18
N SER B 1027 -27.07 8.83 -14.41
CA SER B 1027 -25.96 7.89 -14.63
C SER B 1027 -25.03 8.38 -15.72
N TRP B 1028 -23.80 8.70 -15.36
CA TRP B 1028 -22.79 9.10 -16.33
C TRP B 1028 -22.46 8.01 -17.34
N VAL B 1029 -22.48 6.76 -16.88
CA VAL B 1029 -22.17 5.65 -17.75
C VAL B 1029 -23.14 5.61 -18.90
N SER B 1030 -24.41 5.93 -18.63
CA SER B 1030 -25.42 5.97 -19.69
C SER B 1030 -25.28 7.20 -20.59
N PHE B 1031 -25.52 8.39 -20.02
CA PHE B 1031 -25.29 9.65 -20.73
C PHE B 1031 -24.02 9.59 -21.59
N LEU B 1032 -22.89 9.30 -20.96
CA LEU B 1032 -21.64 9.23 -21.69
C LEU B 1032 -21.78 8.33 -22.93
N ASP B 1033 -22.25 7.10 -22.75
CA ASP B 1033 -22.37 6.17 -23.87
C ASP B 1033 -23.42 6.57 -24.89
N ALA B 1034 -24.31 7.49 -24.53
CA ALA B 1034 -25.33 7.98 -25.48
C ALA B 1034 -24.70 8.96 -26.44
N MET B 1035 -23.90 9.86 -25.89
CA MET B 1035 -23.04 10.71 -26.71
C MET B 1035 -22.33 9.87 -27.76
N LEU B 1036 -21.71 8.77 -27.32
CA LEU B 1036 -21.06 7.87 -28.27
C LEU B 1036 -22.04 7.43 -29.34
N HIS B 1037 -23.28 7.07 -28.95
CA HIS B 1037 -24.32 6.75 -29.92
C HIS B 1037 -24.33 7.75 -31.07
N MET B 1038 -24.68 8.97 -30.73
CA MET B 1038 -24.74 10.05 -31.69
C MET B 1038 -23.51 10.12 -32.57
N SER B 1039 -22.33 9.96 -31.98
CA SER B 1039 -21.12 9.94 -32.79
C SER B 1039 -21.26 8.83 -33.85
N ILE B 1040 -21.43 7.60 -33.38
CA ILE B 1040 -21.59 6.45 -34.25
C ILE B 1040 -22.71 6.62 -35.31
N LEU B 1041 -23.68 7.49 -35.04
CA LEU B 1041 -24.92 7.56 -35.81
C LEU B 1041 -24.81 8.43 -37.02
N ALA B 1042 -23.92 8.09 -37.96
CA ALA B 1042 -23.80 8.91 -39.16
C ALA B 1042 -24.83 8.48 -40.18
N PRO B 1043 -25.18 9.38 -41.11
CA PRO B 1043 -26.10 8.95 -42.15
C PRO B 1043 -25.29 8.06 -43.04
N GLY B 1044 -25.88 6.96 -43.51
CA GLY B 1044 -25.17 6.06 -44.40
C GLY B 1044 -23.87 5.45 -43.90
N GLN B 1045 -23.66 5.42 -42.58
CA GLN B 1045 -22.54 4.65 -42.02
C GLN B 1045 -23.06 3.32 -41.47
N LEU B 1046 -22.58 2.21 -42.04
CA LEU B 1046 -23.04 0.90 -41.60
C LEU B 1046 -22.05 0.26 -40.62
N GLY B 1047 -22.29 -1.00 -40.27
CA GLY B 1047 -21.36 -1.76 -39.46
C GLY B 1047 -21.14 -1.39 -37.99
N LEU B 1048 -20.56 -2.35 -37.26
CA LEU B 1048 -20.50 -2.35 -35.81
C LEU B 1048 -19.24 -1.70 -35.23
N TYR B 1049 -19.41 -0.64 -34.43
CA TYR B 1049 -18.28 0.20 -34.01
C TYR B 1049 -18.16 0.40 -32.51
N LEU B 1050 -17.10 -0.13 -31.93
CA LEU B 1050 -16.85 0.06 -30.50
C LEU B 1050 -15.90 1.23 -30.26
N PRO B 1051 -15.92 1.80 -29.06
CA PRO B 1051 -14.90 2.84 -28.81
C PRO B 1051 -13.49 2.25 -28.60
N THR B 1052 -12.48 3.06 -28.87
CA THR B 1052 -11.10 2.63 -28.86
C THR B 1052 -10.14 3.68 -28.36
N ARG B 1053 -10.28 4.91 -28.83
CA ARG B 1053 -9.52 5.99 -28.25
C ARG B 1053 -10.39 7.19 -28.03
N PHE B 1054 -10.08 7.96 -27.01
CA PHE B 1054 -10.55 9.33 -26.96
C PHE B 1054 -9.29 10.16 -26.92
N THR B 1055 -9.38 11.40 -27.32
CA THR B 1055 -8.18 12.18 -27.32
C THR B 1055 -8.27 13.08 -26.12
N SER B 1056 -9.49 13.39 -25.69
CA SER B 1056 -9.64 14.37 -24.64
C SER B 1056 -11.08 14.50 -24.25
N ILE B 1057 -11.46 13.80 -23.19
CA ILE B 1057 -12.77 13.98 -22.59
C ILE B 1057 -12.67 15.01 -21.49
N ARG B 1058 -13.70 15.81 -21.32
CA ARG B 1058 -13.67 16.86 -20.29
C ARG B 1058 -15.05 17.07 -19.64
N ILE B 1059 -15.20 16.60 -18.41
CA ILE B 1059 -16.50 16.67 -17.75
C ILE B 1059 -16.46 17.69 -16.60
N ASP B 1060 -17.45 18.59 -16.56
CA ASP B 1060 -17.56 19.56 -15.46
C ASP B 1060 -18.95 19.63 -14.81
N PRO B 1061 -19.24 18.72 -13.86
CA PRO B 1061 -20.56 18.48 -13.28
C PRO B 1061 -21.26 19.73 -12.78
N VAL B 1062 -20.55 20.83 -12.56
CA VAL B 1062 -21.24 22.06 -12.21
C VAL B 1062 -22.01 22.59 -13.42
N THR B 1063 -21.29 22.98 -14.46
CA THR B 1063 -21.89 23.43 -15.70
C THR B 1063 -22.91 22.42 -16.19
N HIS B 1064 -22.66 21.15 -15.93
CA HIS B 1064 -23.60 20.09 -16.28
C HIS B 1064 -24.98 20.25 -15.62
N ARG B 1065 -25.03 20.33 -14.29
CA ARG B 1065 -26.32 20.55 -13.61
C ARG B 1065 -27.03 21.67 -14.34
N GLN B 1066 -26.29 22.72 -14.69
CA GLN B 1066 -26.85 23.89 -15.31
C GLN B 1066 -27.37 23.68 -16.74
N LYS B 1067 -26.58 22.98 -17.54
CA LYS B 1067 -26.82 22.84 -18.99
C LYS B 1067 -28.01 21.91 -19.24
N LEU B 1068 -28.47 21.29 -18.17
CA LEU B 1068 -29.54 20.31 -18.19
C LEU B 1068 -30.89 21.03 -18.19
N TYR B 1069 -31.93 20.40 -18.73
CA TYR B 1069 -33.29 20.93 -18.61
C TYR B 1069 -34.37 19.84 -18.37
N THR B 1070 -35.63 20.25 -18.28
CA THR B 1070 -36.71 19.33 -17.92
C THR B 1070 -37.84 19.36 -18.94
N LEU B 1071 -37.98 18.29 -19.72
CA LEU B 1071 -39.06 18.19 -20.72
C LEU B 1071 -40.40 18.31 -20.01
N GLN B 1072 -41.48 18.40 -20.78
CA GLN B 1072 -42.79 18.46 -20.16
C GLN B 1072 -43.07 17.09 -19.57
N ASP B 1073 -42.47 16.08 -20.19
CA ASP B 1073 -42.54 14.69 -19.73
C ASP B 1073 -42.35 14.58 -18.22
N THR B 1074 -41.69 15.58 -17.64
CA THR B 1074 -41.17 15.59 -16.26
C THR B 1074 -39.77 14.97 -16.17
N THR B 1075 -39.33 14.41 -17.29
CA THR B 1075 -38.03 13.79 -17.38
C THR B 1075 -36.95 14.87 -17.57
N GLN B 1076 -35.69 14.43 -17.65
CA GLN B 1076 -34.57 15.37 -17.76
C GLN B 1076 -33.69 15.03 -18.95
N ALA B 1077 -33.29 16.06 -19.69
CA ALA B 1077 -32.44 15.90 -20.87
C ALA B 1077 -31.60 17.14 -21.14
N ALA B 1078 -30.62 17.03 -22.03
CA ALA B 1078 -29.82 18.19 -22.47
C ALA B 1078 -29.44 18.03 -23.92
N ASP B 1079 -28.93 19.10 -24.52
CA ASP B 1079 -28.68 19.05 -25.96
C ASP B 1079 -27.33 18.49 -26.30
N VAL B 1080 -27.32 17.54 -27.24
CA VAL B 1080 -26.09 16.95 -27.75
C VAL B 1080 -25.84 17.52 -29.14
N VAL B 1081 -24.57 17.71 -29.47
CA VAL B 1081 -24.16 18.28 -30.74
C VAL B 1081 -22.91 17.56 -31.21
N VAL B 1082 -22.83 17.27 -32.49
CA VAL B 1082 -21.71 16.55 -33.02
C VAL B 1082 -21.12 17.41 -34.13
N ASP B 1083 -19.83 17.68 -34.09
CA ASP B 1083 -19.27 18.49 -35.14
C ASP B 1083 -18.20 17.74 -35.92
N ARG B 1084 -18.62 16.82 -36.78
CA ARG B 1084 -17.69 15.86 -37.40
C ARG B 1084 -16.46 16.48 -38.09
N ASN B 1085 -16.56 17.75 -38.39
CA ASN B 1085 -15.43 18.41 -38.99
C ASN B 1085 -14.41 18.77 -37.92
N LEU B 1086 -14.86 18.86 -36.68
CA LEU B 1086 -13.95 19.04 -35.54
C LEU B 1086 -13.79 17.78 -34.66
N ASN B 1087 -14.57 16.74 -34.96
CA ASN B 1087 -14.52 15.52 -34.17
C ASN B 1087 -14.77 15.78 -32.68
N THR B 1088 -15.88 16.44 -32.37
CA THR B 1088 -16.20 16.74 -30.98
C THR B 1088 -17.69 16.58 -30.73
N VAL B 1089 -18.02 15.83 -29.67
CA VAL B 1089 -19.39 15.64 -29.24
C VAL B 1089 -19.51 16.35 -27.91
N VAL B 1090 -20.54 17.19 -27.75
CA VAL B 1090 -20.76 17.91 -26.50
C VAL B 1090 -22.15 17.58 -26.03
N ALA B 1091 -22.35 17.47 -24.72
CA ALA B 1091 -23.70 17.33 -24.17
C ALA B 1091 -23.70 17.70 -22.71
N GLY B 1092 -24.53 18.67 -22.35
CA GLY B 1092 -24.52 19.14 -20.97
C GLY B 1092 -23.11 19.55 -20.60
N GLY B 1093 -22.51 18.82 -19.65
CA GLY B 1093 -21.16 19.14 -19.19
C GLY B 1093 -20.07 18.15 -19.57
N ALA B 1094 -20.33 17.35 -20.59
CA ALA B 1094 -19.32 16.40 -21.06
C ALA B 1094 -18.96 16.65 -22.51
N LEU B 1095 -17.68 16.93 -22.73
CA LEU B 1095 -17.17 17.32 -24.01
C LEU B 1095 -16.13 16.31 -24.50
N PHE B 1096 -16.45 15.62 -25.59
CA PHE B 1096 -15.50 14.69 -26.17
C PHE B 1096 -14.66 15.41 -27.22
N LEU B 1097 -13.51 14.82 -27.51
CA LEU B 1097 -12.62 15.33 -28.55
C LEU B 1097 -11.78 14.21 -29.11
N GLY B 1098 -12.00 13.90 -30.37
CA GLY B 1098 -11.21 12.90 -31.04
C GLY B 1098 -11.63 11.56 -30.53
N ALA B 1099 -12.93 11.36 -30.35
CA ALA B 1099 -13.38 10.11 -29.80
C ALA B 1099 -13.43 9.09 -30.91
N HIS B 1100 -12.29 8.54 -31.25
CA HIS B 1100 -12.21 7.55 -32.30
C HIS B 1100 -12.77 6.17 -31.90
N SER B 1101 -13.80 5.71 -32.61
CA SER B 1101 -14.32 4.37 -32.39
C SER B 1101 -13.79 3.45 -33.50
N SER B 1102 -14.09 2.15 -33.46
CA SER B 1102 -13.66 1.25 -34.55
C SER B 1102 -14.26 -0.17 -34.64
N VAL B 1103 -14.10 -0.73 -35.83
CA VAL B 1103 -14.88 -1.89 -36.31
C VAL B 1103 -14.76 -3.12 -35.44
N ALA B 1104 -15.82 -3.94 -35.41
CA ALA B 1104 -15.78 -5.20 -34.68
C ALA B 1104 -16.48 -6.30 -35.47
N PRO B 1105 -16.08 -7.55 -35.23
CA PRO B 1105 -16.54 -8.69 -36.01
C PRO B 1105 -17.87 -9.18 -35.48
N ARG B 1106 -18.89 -9.28 -36.32
CA ARG B 1106 -20.14 -9.86 -35.85
C ARG B 1106 -19.97 -11.36 -35.68
N ARG B 1107 -20.28 -11.86 -34.49
CA ARG B 1107 -20.06 -13.27 -34.15
C ARG B 1107 -21.36 -14.09 -34.24
N PRO B 1108 -21.49 -14.90 -35.31
CA PRO B 1108 -22.77 -15.57 -35.62
C PRO B 1108 -23.17 -16.56 -34.55
N GLN B 1109 -24.19 -16.24 -33.75
CA GLN B 1109 -24.64 -17.16 -32.70
C GLN B 1109 -25.50 -18.26 -33.30
N GLU B 1110 -24.91 -19.43 -33.54
CA GLU B 1110 -25.62 -20.50 -34.25
C GLU B 1110 -26.65 -21.26 -33.39
N HIS B 1111 -27.20 -20.55 -32.40
CA HIS B 1111 -28.46 -20.94 -31.78
C HIS B 1111 -29.61 -20.16 -32.45
N LEU B 1112 -29.32 -19.66 -33.66
CA LEU B 1112 -30.28 -18.85 -34.43
C LEU B 1112 -30.16 -19.12 -35.92
N LYS B 1113 -29.86 -20.36 -36.29
CA LYS B 1113 -29.84 -20.72 -37.70
C LYS B 1113 -31.27 -20.97 -38.18
N PRO B 1114 -31.61 -20.43 -39.35
CA PRO B 1114 -32.96 -20.52 -39.91
C PRO B 1114 -33.26 -21.90 -40.47
N ILE B 1115 -34.51 -22.35 -40.34
CA ILE B 1115 -34.93 -23.59 -40.96
C ILE B 1115 -35.35 -23.36 -42.39
N LEU B 1116 -34.53 -23.78 -43.34
CA LEU B 1116 -34.82 -23.52 -44.73
C LEU B 1116 -35.60 -24.65 -45.37
N GLU B 1117 -36.78 -24.33 -45.87
CA GLU B 1117 -37.65 -25.34 -46.44
C GLU B 1117 -38.08 -24.96 -47.87
N LYS B 1118 -38.17 -25.96 -48.74
CA LYS B 1118 -38.74 -25.78 -50.09
C LYS B 1118 -40.19 -26.27 -50.13
N PHE B 1119 -41.05 -25.57 -50.86
CA PHE B 1119 -42.48 -25.86 -50.89
C PHE B 1119 -42.86 -26.39 -52.25
N CYS B 1120 -42.38 -27.59 -52.55
CA CYS B 1120 -42.73 -28.30 -53.78
C CYS B 1120 -44.14 -28.88 -53.70
N PHE B 1121 -44.79 -29.05 -54.84
CA PHE B 1121 -46.02 -29.81 -54.91
C PHE B 1121 -45.68 -31.30 -54.83
N THR B 1122 -46.46 -32.07 -54.08
CA THR B 1122 -46.17 -33.50 -53.95
C THR B 1122 -47.42 -34.39 -54.18
N PRO B 1123 -47.36 -35.28 -55.18
CA PRO B 1123 -48.52 -36.14 -55.45
C PRO B 1123 -48.68 -37.22 -54.38
N HIS B 1124 -49.86 -37.84 -54.27
CA HIS B 1124 -50.02 -38.95 -53.34
C HIS B 1124 -49.56 -40.25 -54.00
N VAL B 1125 -49.55 -40.22 -55.33
CA VAL B 1125 -49.20 -41.37 -56.15
C VAL B 1125 -47.78 -41.26 -56.72
N GLU B 1126 -46.77 -41.49 -55.88
CA GLU B 1126 -45.38 -41.42 -56.34
C GLU B 1126 -44.82 -42.81 -56.60
N SER B 1127 -44.31 -43.04 -57.80
CA SER B 1127 -43.70 -44.33 -58.15
C SER B 1127 -42.30 -44.18 -58.74
N GLY B 1128 -41.50 -45.24 -58.69
CA GLY B 1128 -40.12 -45.21 -59.13
C GLY B 1128 -39.28 -44.17 -58.40
N CYS B 1129 -39.68 -43.88 -57.16
CA CYS B 1129 -39.03 -42.84 -56.37
C CYS B 1129 -37.57 -43.16 -56.06
N LEU B 1130 -36.83 -42.12 -55.66
CA LEU B 1130 -35.37 -42.15 -55.59
C LEU B 1130 -34.73 -42.26 -56.98
N ALA B 1131 -33.70 -43.07 -57.11
CA ALA B 1131 -33.00 -43.21 -58.39
C ALA B 1131 -32.15 -41.97 -58.69
N GLY B 1132 -31.85 -41.18 -57.67
CA GLY B 1132 -31.00 -40.01 -57.82
C GLY B 1132 -29.74 -40.10 -56.98
N ASN B 1133 -29.71 -41.11 -56.11
CA ASN B 1133 -28.57 -41.36 -55.24
C ASN B 1133 -27.57 -42.28 -55.90
N THR B 1134 -26.38 -41.76 -56.16
CA THR B 1134 -25.31 -42.59 -56.69
C THR B 1134 -24.98 -43.70 -55.67
N ALA B 1135 -25.31 -43.45 -54.41
CA ALA B 1135 -25.03 -44.41 -53.34
C ALA B 1135 -26.01 -45.58 -53.35
N LEU B 1136 -27.29 -45.25 -53.58
CA LEU B 1136 -28.35 -46.26 -53.57
C LEU B 1136 -28.52 -47.08 -54.87
N GLN B 1137 -28.09 -46.54 -56.00
CA GLN B 1137 -28.04 -47.37 -57.20
C GLN B 1137 -26.67 -48.01 -57.31
N GLU B 1138 -25.84 -47.77 -56.29
CA GLU B 1138 -24.58 -48.48 -56.13
C GLU B 1138 -24.75 -49.64 -55.17
N GLU B 1139 -25.80 -49.55 -54.35
CA GLU B 1139 -26.14 -50.61 -53.41
C GLU B 1139 -26.94 -51.70 -54.11
N LEU B 1140 -27.50 -51.36 -55.28
CA LEU B 1140 -28.24 -52.32 -56.08
C LEU B 1140 -27.31 -53.21 -56.89
N GLN B 1141 -26.60 -52.61 -57.84
CA GLN B 1141 -25.72 -53.36 -58.73
C GLN B 1141 -24.61 -54.13 -57.98
N LEU B 1142 -24.27 -53.70 -56.77
CA LEU B 1142 -23.21 -54.35 -55.98
C LEU B 1142 -23.74 -55.35 -54.94
N CYS B 1143 -25.06 -55.37 -54.76
CA CYS B 1143 -25.73 -56.41 -53.99
C CYS B 1143 -26.59 -57.28 -54.92
N ARG B 1144 -26.42 -57.04 -56.23
CA ARG B 1144 -26.97 -57.88 -57.28
C ARG B 1144 -25.78 -58.62 -57.87
N GLY B 1145 -24.59 -58.11 -57.55
CA GLY B 1145 -23.33 -58.72 -57.94
C GLY B 1145 -22.77 -59.60 -56.83
N LEU B 1146 -23.58 -59.76 -55.79
CA LEU B 1146 -23.34 -60.74 -54.72
C LEU B 1146 -24.44 -61.80 -54.77
N ALA B 1147 -25.38 -61.61 -55.70
CA ALA B 1147 -26.55 -62.48 -55.87
C ALA B 1147 -26.29 -63.64 -56.84
N GLN B 1148 -25.84 -63.32 -58.05
CA GLN B 1148 -25.42 -64.36 -58.98
C GLN B 1148 -24.04 -64.87 -58.55
N ALA B 1149 -23.63 -64.43 -57.34
CA ALA B 1149 -22.41 -64.89 -56.69
C ALA B 1149 -22.67 -66.03 -55.71
N LEU B 1150 -23.88 -66.06 -55.13
CA LEU B 1150 -24.27 -67.16 -54.25
C LEU B 1150 -25.11 -68.21 -55.01
N GLN B 1151 -25.47 -67.89 -56.27
CA GLN B 1151 -26.23 -68.81 -57.13
C GLN B 1151 -25.34 -69.92 -57.74
N THR B 1152 -24.19 -69.55 -58.28
CA THR B 1152 -23.28 -70.55 -58.86
C THR B 1152 -22.71 -71.51 -57.78
N LYS B 1153 -22.91 -71.14 -56.51
CA LYS B 1153 -22.47 -71.94 -55.36
C LYS B 1153 -23.54 -72.95 -54.89
N VAL B 1154 -24.66 -72.44 -54.35
CA VAL B 1154 -25.72 -73.30 -53.81
C VAL B 1154 -26.23 -74.32 -54.83
N LEU B 1180 -18.95 -52.02 -49.61
CA LEU B 1180 -18.44 -52.85 -48.52
C LEU B 1180 -19.08 -52.51 -47.16
N PRO B 1181 -18.87 -51.27 -46.65
CA PRO B 1181 -19.20 -50.94 -45.26
C PRO B 1181 -20.49 -51.54 -44.67
N ARG B 1182 -21.65 -51.07 -45.10
CA ARG B 1182 -22.91 -51.34 -44.37
C ARG B 1182 -23.34 -52.81 -44.29
N LEU B 1183 -24.59 -53.04 -43.93
CA LEU B 1183 -25.11 -54.40 -43.69
C LEU B 1183 -25.41 -55.20 -44.96
N LEU B 1184 -26.23 -54.68 -45.88
CA LEU B 1184 -26.53 -55.41 -47.11
C LEU B 1184 -25.24 -55.82 -47.84
N ALA B 1185 -24.25 -54.94 -47.84
CA ALA B 1185 -22.93 -55.31 -48.34
C ALA B 1185 -22.30 -56.38 -47.43
N ALA B 1186 -22.13 -56.06 -46.14
CA ALA B 1186 -21.43 -56.93 -45.18
C ALA B 1186 -21.99 -58.35 -44.99
N ALA B 1187 -23.28 -58.46 -44.68
CA ALA B 1187 -23.90 -59.76 -44.38
C ALA B 1187 -24.12 -60.63 -45.61
N CYS B 1188 -24.04 -60.01 -46.79
CA CYS B 1188 -24.17 -60.75 -48.04
C CYS B 1188 -22.79 -61.15 -48.58
N GLN B 1189 -21.77 -60.45 -48.11
CA GLN B 1189 -20.38 -60.79 -48.44
C GLN B 1189 -19.92 -61.96 -47.56
N LEU B 1190 -20.11 -61.83 -46.24
CA LEU B 1190 -19.65 -62.84 -45.27
C LEU B 1190 -20.30 -64.20 -45.51
N GLN B 1191 -21.43 -64.22 -46.22
CA GLN B 1191 -22.15 -65.44 -46.54
C GLN B 1191 -21.55 -66.12 -47.77
N LEU B 1192 -20.93 -65.33 -48.64
CA LEU B 1192 -20.15 -65.87 -49.74
C LEU B 1192 -18.80 -66.37 -49.19
N ASN B 1193 -18.34 -65.75 -48.10
CA ASN B 1193 -17.07 -66.10 -47.43
C ASN B 1193 -17.08 -67.49 -46.78
N GLY B 1194 -18.24 -67.92 -46.29
CA GLY B 1194 -18.40 -69.23 -45.66
C GLY B 1194 -18.59 -70.33 -46.69
N ASN B 1195 -18.41 -69.95 -47.96
CA ASN B 1195 -18.42 -70.88 -49.09
C ASN B 1195 -17.02 -71.02 -49.70
N GLU B 1199 -25.11 -76.64 -42.44
CA GLU B 1199 -24.75 -75.68 -43.47
C GLU B 1199 -25.73 -74.51 -43.61
N LEU B 1200 -27.00 -74.77 -43.28
CA LEU B 1200 -28.08 -73.77 -43.41
C LEU B 1200 -28.17 -72.84 -42.20
N GLY B 1201 -28.10 -73.41 -41.00
CA GLY B 1201 -28.17 -72.66 -39.77
C GLY B 1201 -26.85 -72.00 -39.40
N GLN B 1202 -25.96 -71.83 -40.39
CA GLN B 1202 -24.71 -71.08 -40.24
C GLN B 1202 -25.01 -69.62 -40.61
N VAL B 1203 -26.27 -69.37 -40.95
CA VAL B 1203 -26.77 -68.04 -41.28
C VAL B 1203 -26.87 -67.14 -40.02
N LEU B 1204 -27.07 -67.77 -38.87
CA LEU B 1204 -27.15 -67.09 -37.55
C LEU B 1204 -25.87 -66.28 -37.19
N ALA B 1205 -24.70 -66.90 -37.37
CA ALA B 1205 -23.42 -66.27 -37.01
C ALA B 1205 -23.29 -64.84 -37.56
N GLN B 1206 -24.15 -64.50 -38.52
CA GLN B 1206 -24.09 -63.21 -39.19
C GLN B 1206 -25.39 -62.42 -39.05
N GLU B 1207 -26.48 -63.13 -38.75
CA GLU B 1207 -27.80 -62.51 -38.68
C GLU B 1207 -28.09 -61.76 -37.37
N ARG B 1208 -27.35 -62.08 -36.30
CA ARG B 1208 -27.46 -61.32 -35.05
C ARG B 1208 -26.21 -60.52 -34.64
N PRO B 1209 -25.02 -60.84 -35.23
CA PRO B 1209 -23.88 -59.91 -35.25
C PRO B 1209 -24.05 -58.81 -36.30
N LEU B 1210 -25.27 -58.66 -36.81
CA LEU B 1210 -25.61 -57.63 -37.78
C LEU B 1210 -27.14 -57.32 -37.82
N LEU B 1211 -27.91 -57.83 -36.83
CA LEU B 1211 -29.36 -57.49 -36.69
C LEU B 1211 -29.60 -56.27 -35.80
N CYS B 1212 -28.52 -55.67 -35.31
CA CYS B 1212 -28.59 -54.36 -34.68
C CYS B 1212 -27.97 -53.36 -35.65
N ASP B 1213 -27.29 -53.92 -36.66
CA ASP B 1213 -26.86 -53.19 -37.84
C ASP B 1213 -27.97 -53.34 -38.90
N ASP B 1214 -29.20 -53.54 -38.41
CA ASP B 1214 -30.38 -53.74 -39.25
C ASP B 1214 -30.75 -52.47 -40.04
N PRO B 1215 -30.83 -51.31 -39.36
CA PRO B 1215 -30.94 -50.01 -40.06
C PRO B 1215 -29.80 -49.77 -41.07
N LEU B 1216 -30.18 -49.50 -42.32
CA LEU B 1216 -29.29 -49.58 -43.46
C LEU B 1216 -29.78 -48.60 -44.51
N LEU B 1217 -28.86 -47.95 -45.21
CA LEU B 1217 -29.22 -47.00 -46.26
C LEU B 1217 -30.33 -47.51 -47.17
N SER B 1218 -30.20 -48.75 -47.65
CA SER B 1218 -31.17 -49.31 -48.57
C SER B 1218 -32.41 -49.86 -47.87
N GLY B 1219 -32.19 -50.63 -46.80
CA GLY B 1219 -33.30 -51.12 -46.02
C GLY B 1219 -34.20 -49.98 -45.55
N LEU B 1220 -33.59 -48.81 -45.27
CA LEU B 1220 -34.35 -47.68 -44.70
C LEU B 1220 -34.44 -46.42 -45.59
N LEU B 1221 -35.69 -46.04 -45.86
CA LEU B 1221 -36.06 -44.99 -46.80
C LEU B 1221 -36.48 -43.72 -46.06
N ASP B 1222 -35.52 -43.13 -45.36
CA ASP B 1222 -35.79 -41.93 -44.55
C ASP B 1222 -35.77 -40.65 -45.38
N ALA B 1223 -35.33 -40.75 -46.63
CA ALA B 1223 -35.38 -39.63 -47.57
C ALA B 1223 -36.83 -39.20 -47.79
N PRO B 1224 -37.05 -37.90 -48.11
CA PRO B 1224 -38.31 -37.15 -48.24
C PRO B 1224 -39.64 -37.87 -48.00
N ALA B 1225 -39.95 -38.92 -48.76
CA ALA B 1225 -41.18 -39.69 -48.57
C ALA B 1225 -41.77 -39.66 -47.15
N LEU B 1226 -40.99 -40.07 -46.14
CA LEU B 1226 -41.48 -40.17 -44.75
C LEU B 1226 -42.16 -38.89 -44.26
N LYS B 1227 -41.48 -37.76 -44.45
CA LYS B 1227 -41.98 -36.44 -44.07
C LYS B 1227 -43.24 -36.03 -44.87
N ALA B 1228 -43.30 -36.43 -46.13
CA ALA B 1228 -44.38 -36.01 -47.02
C ALA B 1228 -45.71 -36.68 -46.67
N CYS B 1229 -45.68 -37.65 -45.76
CA CYS B 1229 -46.89 -38.39 -45.43
C CYS B 1229 -47.22 -38.20 -43.96
N VAL B 1230 -46.19 -38.21 -43.13
CA VAL B 1230 -46.35 -37.82 -41.74
C VAL B 1230 -47.05 -36.48 -41.74
N ASP B 1231 -46.60 -35.59 -42.64
CA ASP B 1231 -47.20 -34.27 -42.85
C ASP B 1231 -48.68 -34.34 -43.25
N THR B 1232 -48.98 -34.96 -44.39
CA THR B 1232 -50.38 -35.10 -44.84
C THR B 1232 -51.25 -35.43 -43.62
N ALA B 1233 -50.87 -36.50 -42.94
CA ALA B 1233 -51.52 -36.93 -41.71
C ALA B 1233 -51.68 -35.82 -40.68
N LEU B 1234 -50.67 -34.96 -40.60
CA LEU B 1234 -50.60 -33.96 -39.53
C LEU B 1234 -51.50 -32.74 -39.70
N GLU B 1235 -51.84 -32.36 -40.93
CA GLU B 1235 -52.79 -31.27 -41.13
C GLU B 1235 -54.19 -31.77 -40.83
N ASN B 1236 -54.39 -33.07 -40.99
CA ASN B 1236 -55.72 -33.66 -40.99
C ASN B 1236 -56.28 -33.96 -39.61
N MET B 1237 -55.71 -33.30 -38.61
CA MET B 1237 -56.37 -33.21 -37.33
C MET B 1237 -56.52 -31.76 -36.91
N ALA B 1238 -57.71 -31.43 -36.38
CA ALA B 1238 -58.07 -30.07 -36.01
C ALA B 1238 -56.92 -29.34 -35.31
N SER B 1239 -56.41 -29.96 -34.25
CA SER B 1239 -55.33 -29.37 -33.48
C SER B 1239 -53.94 -29.91 -33.86
N PRO B 1240 -52.97 -29.01 -34.02
CA PRO B 1240 -51.54 -29.37 -34.18
C PRO B 1240 -50.99 -30.10 -32.95
N LYS B 1241 -51.80 -30.95 -32.33
CA LYS B 1241 -51.29 -31.92 -31.36
C LYS B 1241 -51.49 -33.30 -31.96
N MET B 1242 -50.57 -34.21 -31.68
CA MET B 1242 -50.65 -35.54 -32.28
C MET B 1242 -50.12 -36.65 -31.35
N LYS B 1243 -51.00 -37.58 -31.03
CA LYS B 1243 -50.61 -38.79 -30.31
C LYS B 1243 -50.13 -39.83 -31.32
N VAL B 1244 -48.87 -40.24 -31.21
CA VAL B 1244 -48.31 -41.23 -32.13
C VAL B 1244 -47.90 -42.50 -31.39
N VAL B 1245 -48.05 -43.64 -32.06
CA VAL B 1245 -47.63 -44.93 -31.54
C VAL B 1245 -46.83 -45.68 -32.61
N GLU B 1246 -45.84 -46.46 -32.20
CA GLU B 1246 -45.06 -47.24 -33.17
C GLU B 1246 -44.86 -48.68 -32.70
N VAL B 1247 -45.50 -49.64 -33.36
CA VAL B 1247 -45.30 -51.06 -33.08
C VAL B 1247 -44.13 -51.63 -33.86
N LEU B 1248 -43.45 -52.63 -33.30
CA LEU B 1248 -42.22 -53.14 -33.88
C LEU B 1248 -41.19 -51.99 -34.01
N ALA B 1249 -40.93 -51.34 -32.88
CA ALA B 1249 -40.11 -50.12 -32.84
C ALA B 1249 -38.64 -50.44 -32.68
N GLY B 1250 -38.35 -51.55 -32.01
CA GLY B 1250 -36.97 -51.94 -31.74
C GLY B 1250 -36.12 -51.92 -32.98
N ASP B 1251 -36.34 -52.89 -33.85
CA ASP B 1251 -35.52 -53.05 -35.05
C ASP B 1251 -35.84 -51.96 -36.10
N GLY B 1252 -37.13 -51.68 -36.28
CA GLY B 1252 -37.58 -50.65 -37.20
C GLY B 1252 -37.76 -49.32 -36.51
N GLN B 1253 -36.64 -48.63 -36.30
CA GLN B 1253 -36.60 -47.42 -35.48
C GLN B 1253 -37.15 -46.17 -36.16
N LEU B 1254 -38.48 -46.06 -36.21
CA LEU B 1254 -39.10 -44.83 -36.69
C LEU B 1254 -39.07 -43.80 -35.58
N TYR B 1255 -38.78 -44.27 -34.36
CA TYR B 1255 -38.67 -43.42 -33.18
C TYR B 1255 -37.45 -42.49 -33.24
N SER B 1256 -36.62 -42.70 -34.26
CA SER B 1256 -35.42 -41.92 -34.45
C SER B 1256 -35.70 -40.73 -35.36
N ARG B 1257 -36.66 -40.91 -36.27
CA ARG B 1257 -36.89 -39.92 -37.31
C ARG B 1257 -38.08 -39.00 -37.10
N ILE B 1258 -39.22 -39.57 -36.69
CA ILE B 1258 -40.47 -38.82 -36.67
C ILE B 1258 -40.65 -37.78 -35.52
N PRO B 1259 -40.07 -38.04 -34.34
CA PRO B 1259 -40.01 -36.95 -33.35
C PRO B 1259 -39.13 -35.81 -33.86
N ALA B 1260 -38.32 -36.08 -34.88
CA ALA B 1260 -37.51 -35.04 -35.52
C ALA B 1260 -38.32 -34.32 -36.59
N LEU B 1261 -38.81 -35.08 -37.57
CA LEU B 1261 -39.68 -34.54 -38.63
C LEU B 1261 -40.77 -33.62 -38.07
N LEU B 1262 -41.36 -34.00 -36.93
CA LEU B 1262 -42.47 -33.23 -36.37
C LEU B 1262 -42.01 -32.01 -35.55
N ASN B 1263 -40.94 -32.18 -34.78
CA ASN B 1263 -40.37 -31.06 -34.03
C ASN B 1263 -39.95 -29.92 -34.95
N THR B 1264 -39.95 -30.21 -36.25
CA THR B 1264 -39.57 -29.25 -37.28
C THR B 1264 -40.56 -28.09 -37.43
N GLN B 1265 -41.86 -28.39 -37.43
CA GLN B 1265 -42.87 -27.33 -37.50
C GLN B 1265 -42.94 -26.49 -36.22
N PRO B 1266 -43.48 -25.27 -36.31
CA PRO B 1266 -43.45 -24.36 -35.16
C PRO B 1266 -44.64 -24.62 -34.24
N VAL B 1267 -45.69 -25.21 -34.81
CA VAL B 1267 -46.90 -25.48 -34.06
C VAL B 1267 -47.00 -26.98 -33.76
N MET B 1268 -46.30 -27.45 -32.71
CA MET B 1268 -46.34 -28.89 -32.38
C MET B 1268 -46.39 -29.28 -30.89
N ASP B 1269 -47.04 -30.43 -30.65
CA ASP B 1269 -47.21 -31.04 -29.34
C ASP B 1269 -47.22 -32.56 -29.58
N LEU B 1270 -46.20 -33.28 -29.08
CA LEU B 1270 -46.03 -34.67 -29.50
C LEU B 1270 -46.05 -35.74 -28.40
N ASP B 1271 -47.06 -36.63 -28.47
CA ASP B 1271 -47.10 -37.85 -27.66
C ASP B 1271 -46.52 -39.01 -28.42
N TYR B 1272 -45.24 -39.32 -28.23
CA TYR B 1272 -44.69 -40.50 -28.89
C TYR B 1272 -44.66 -41.70 -27.95
N THR B 1273 -45.00 -42.86 -28.51
CA THR B 1273 -45.08 -44.10 -27.74
C THR B 1273 -44.46 -45.28 -28.52
N ALA B 1274 -43.30 -45.76 -28.05
CA ALA B 1274 -42.60 -46.86 -28.69
C ALA B 1274 -42.84 -48.19 -27.98
N THR B 1275 -43.53 -49.11 -28.67
CA THR B 1275 -44.02 -50.33 -28.05
C THR B 1275 -43.43 -51.58 -28.71
N ASP B 1276 -42.60 -52.33 -27.97
CA ASP B 1276 -41.98 -53.57 -28.46
C ASP B 1276 -42.76 -54.82 -28.04
N ARG B 1277 -42.21 -55.99 -28.33
CA ARG B 1277 -42.76 -57.25 -27.80
C ARG B 1277 -42.07 -57.55 -26.47
N ASN B 1278 -40.77 -57.26 -26.40
CA ASN B 1278 -39.98 -57.52 -25.19
C ASN B 1278 -39.69 -56.24 -24.42
N PRO B 1279 -39.14 -56.40 -23.20
CA PRO B 1279 -38.51 -55.30 -22.47
C PRO B 1279 -37.08 -55.17 -22.97
N GLN B 1280 -36.60 -56.27 -23.57
CA GLN B 1280 -35.24 -56.35 -24.06
C GLN B 1280 -34.95 -55.30 -25.13
N ALA B 1281 -35.69 -55.39 -26.25
CA ALA B 1281 -35.45 -54.53 -27.42
C ALA B 1281 -35.51 -53.04 -27.07
N LEU B 1282 -36.16 -52.73 -25.96
CA LEU B 1282 -36.39 -51.36 -25.52
C LEU B 1282 -35.30 -50.91 -24.55
N GLU B 1283 -34.07 -51.39 -24.74
CA GLU B 1283 -33.01 -51.16 -23.77
C GLU B 1283 -31.89 -50.23 -24.23
N ALA B 1284 -31.47 -50.35 -25.48
CA ALA B 1284 -30.52 -49.39 -26.03
C ALA B 1284 -31.24 -48.05 -26.22
N ALA B 1285 -32.57 -48.09 -26.08
CA ALA B 1285 -33.42 -46.93 -26.29
C ALA B 1285 -33.68 -46.10 -25.02
N GLN B 1286 -33.27 -46.62 -23.86
CA GLN B 1286 -33.39 -45.89 -22.60
C GLN B 1286 -32.56 -44.61 -22.67
N ALA B 1287 -31.46 -44.69 -23.42
CA ALA B 1287 -30.56 -43.56 -23.63
C ALA B 1287 -31.13 -42.59 -24.66
N LYS B 1288 -31.75 -43.13 -25.70
CA LYS B 1288 -32.32 -42.34 -26.79
C LYS B 1288 -33.79 -41.91 -26.61
N LEU B 1289 -34.57 -42.65 -25.82
CA LEU B 1289 -36.00 -42.33 -25.64
C LEU B 1289 -36.26 -41.32 -24.53
N GLU B 1290 -35.25 -41.09 -23.68
CA GLU B 1290 -35.34 -40.05 -22.67
C GLU B 1290 -34.96 -38.69 -23.25
N GLN B 1291 -33.94 -38.68 -24.11
CA GLN B 1291 -33.71 -37.46 -24.88
C GLN B 1291 -34.99 -37.16 -25.67
N LEU B 1292 -35.48 -38.14 -26.43
CA LEU B 1292 -36.60 -37.97 -27.38
C LEU B 1292 -38.04 -37.98 -26.79
N HIS B 1293 -38.17 -37.99 -25.46
CA HIS B 1293 -39.48 -37.98 -24.79
C HIS B 1293 -40.53 -38.91 -25.42
N VAL B 1294 -40.45 -40.19 -25.08
CA VAL B 1294 -41.33 -41.21 -25.66
C VAL B 1294 -41.88 -42.21 -24.64
N THR B 1295 -43.21 -42.27 -24.50
CA THR B 1295 -43.86 -43.26 -23.63
C THR B 1295 -43.60 -44.67 -24.16
N GLN B 1296 -43.17 -45.58 -23.29
CA GLN B 1296 -42.90 -46.94 -23.72
C GLN B 1296 -43.86 -47.95 -23.10
N GLY B 1297 -43.82 -49.18 -23.62
CA GLY B 1297 -44.65 -50.26 -23.14
C GLY B 1297 -44.34 -51.55 -23.88
N GLN B 1298 -45.24 -52.54 -23.78
CA GLN B 1298 -45.07 -53.82 -24.48
C GLN B 1298 -46.27 -54.24 -25.33
N TRP B 1299 -45.98 -54.86 -26.49
CA TRP B 1299 -46.97 -55.05 -27.54
C TRP B 1299 -46.56 -56.06 -28.60
N ASP B 1300 -47.41 -57.06 -28.82
CA ASP B 1300 -47.24 -58.03 -29.89
C ASP B 1300 -48.53 -57.95 -30.73
N PRO B 1301 -48.42 -57.44 -31.98
CA PRO B 1301 -49.48 -57.08 -32.92
C PRO B 1301 -50.54 -58.15 -33.19
N ALA B 1302 -51.23 -58.58 -32.14
CA ALA B 1302 -52.44 -59.36 -32.30
C ALA B 1302 -53.56 -58.36 -32.51
N ASN B 1303 -54.66 -58.54 -31.80
CA ASN B 1303 -55.72 -57.54 -31.80
C ASN B 1303 -55.63 -56.64 -30.57
N PRO B 1304 -55.40 -57.27 -29.39
CA PRO B 1304 -55.49 -56.59 -28.09
C PRO B 1304 -54.64 -55.32 -27.94
N ALA B 1305 -55.28 -54.16 -28.11
CA ALA B 1305 -54.67 -52.88 -27.78
C ALA B 1305 -54.97 -52.53 -26.32
N PRO B 1306 -53.95 -52.66 -25.44
CA PRO B 1306 -54.10 -52.44 -24.00
C PRO B 1306 -54.92 -51.19 -23.67
N GLY B 1307 -55.46 -51.15 -22.45
CA GLY B 1307 -56.16 -49.97 -21.98
C GLY B 1307 -55.16 -48.85 -21.71
N SER B 1308 -53.92 -49.26 -21.49
CA SER B 1308 -52.83 -48.32 -21.22
C SER B 1308 -52.38 -47.60 -22.50
N LEU B 1309 -52.96 -48.00 -23.63
CA LEU B 1309 -52.56 -47.45 -24.92
C LEU B 1309 -53.71 -47.40 -25.92
N GLY B 1310 -54.85 -46.87 -25.48
CA GLY B 1310 -56.00 -46.69 -26.36
C GLY B 1310 -55.84 -45.40 -27.14
N LYS B 1311 -54.99 -44.50 -26.63
CA LYS B 1311 -54.70 -43.25 -27.32
C LYS B 1311 -54.31 -43.53 -28.76
N ALA B 1312 -54.51 -42.54 -29.61
CA ALA B 1312 -53.75 -42.39 -30.86
C ALA B 1312 -54.34 -41.39 -31.86
N ASP B 1313 -53.46 -40.91 -32.73
CA ASP B 1313 -53.84 -40.09 -33.87
C ASP B 1313 -53.09 -40.62 -35.10
N LEU B 1314 -51.94 -41.23 -34.86
CA LEU B 1314 -51.11 -41.85 -35.89
C LEU B 1314 -50.51 -43.15 -35.35
N LEU B 1315 -50.36 -44.14 -36.21
CA LEU B 1315 -49.65 -45.36 -35.85
C LEU B 1315 -48.68 -45.79 -36.96
N VAL B 1316 -47.39 -45.77 -36.63
CA VAL B 1316 -46.32 -45.98 -37.59
C VAL B 1316 -45.71 -47.36 -37.38
N CYS B 1317 -45.01 -47.90 -38.39
CA CYS B 1317 -44.46 -49.25 -38.30
C CYS B 1317 -43.46 -49.56 -39.42
N ASN B 1318 -42.25 -49.95 -39.04
CA ASN B 1318 -41.28 -50.39 -40.04
C ASN B 1318 -41.34 -51.91 -40.26
N CYS B 1319 -41.78 -52.30 -41.46
CA CYS B 1319 -41.99 -53.71 -41.81
C CYS B 1319 -40.84 -54.34 -42.57
N ALA B 1320 -39.79 -53.57 -42.79
CA ALA B 1320 -38.54 -54.10 -43.34
C ALA B 1320 -37.81 -54.76 -42.19
N LEU B 1321 -38.40 -55.84 -41.68
CA LEU B 1321 -37.85 -56.59 -40.56
C LEU B 1321 -38.61 -57.89 -40.37
N ALA B 1322 -39.77 -57.97 -41.01
CA ALA B 1322 -40.59 -59.18 -41.07
C ALA B 1322 -40.83 -59.88 -39.73
N THR B 1323 -40.78 -59.10 -38.65
CA THR B 1323 -41.09 -59.63 -37.32
C THR B 1323 -42.59 -59.87 -37.18
N LEU B 1324 -43.35 -59.48 -38.21
CA LEU B 1324 -44.80 -59.68 -38.22
C LEU B 1324 -45.23 -60.98 -38.89
N GLY B 1325 -45.99 -61.80 -38.16
CA GLY B 1325 -46.38 -63.12 -38.63
C GLY B 1325 -47.81 -63.21 -39.13
N ASP B 1326 -48.59 -62.15 -38.94
CA ASP B 1326 -49.95 -62.11 -39.48
C ASP B 1326 -50.30 -60.76 -40.10
N PRO B 1327 -50.82 -60.81 -41.34
CA PRO B 1327 -51.22 -59.70 -42.22
C PRO B 1327 -52.36 -58.83 -41.67
N ALA B 1328 -53.57 -59.40 -41.58
CA ALA B 1328 -54.76 -58.64 -41.18
C ALA B 1328 -55.04 -58.67 -39.67
N VAL B 1329 -54.34 -59.53 -38.94
CA VAL B 1329 -54.43 -59.58 -37.48
C VAL B 1329 -53.55 -58.49 -36.87
N ALA B 1330 -52.47 -58.16 -37.56
CA ALA B 1330 -51.67 -57.00 -37.22
C ALA B 1330 -52.42 -55.69 -37.53
N VAL B 1331 -53.19 -55.69 -38.62
CA VAL B 1331 -54.00 -54.53 -39.04
C VAL B 1331 -55.35 -54.38 -38.30
N GLY B 1332 -55.80 -55.46 -37.63
CA GLY B 1332 -57.01 -55.43 -36.81
C GLY B 1332 -56.81 -54.77 -35.46
N ASN B 1333 -55.55 -54.60 -35.05
CA ASN B 1333 -55.21 -53.77 -33.90
C ASN B 1333 -54.96 -52.32 -34.32
N MET B 1334 -54.14 -52.15 -35.34
CA MET B 1334 -53.82 -50.83 -35.84
C MET B 1334 -55.11 -50.12 -36.23
N ALA B 1335 -56.15 -50.91 -36.47
CA ALA B 1335 -57.47 -50.38 -36.79
C ALA B 1335 -58.35 -50.15 -35.54
N ALA B 1336 -58.01 -50.78 -34.42
CA ALA B 1336 -58.75 -50.60 -33.16
C ALA B 1336 -58.11 -49.57 -32.23
N THR B 1337 -57.21 -48.75 -32.80
CA THR B 1337 -56.55 -47.66 -32.09
C THR B 1337 -56.64 -46.35 -32.89
N LEU B 1338 -57.40 -46.37 -33.98
CA LEU B 1338 -57.75 -45.15 -34.70
C LEU B 1338 -58.44 -44.20 -33.72
N LYS B 1339 -58.52 -42.92 -34.09
CA LYS B 1339 -59.30 -41.95 -33.32
C LYS B 1339 -60.19 -41.17 -34.29
N GLU B 1340 -61.39 -41.71 -34.54
CA GLU B 1340 -62.34 -41.10 -35.47
C GLU B 1340 -61.94 -41.35 -36.93
N GLY B 1341 -60.74 -40.91 -37.31
CA GLY B 1341 -60.21 -41.16 -38.64
C GLY B 1341 -58.74 -40.81 -38.81
N GLY B 1342 -57.91 -41.19 -37.84
CA GLY B 1342 -56.47 -40.91 -37.86
C GLY B 1342 -55.70 -41.57 -39.00
N PHE B 1343 -54.39 -41.80 -38.79
CA PHE B 1343 -53.54 -42.31 -39.86
C PHE B 1343 -52.59 -43.47 -39.50
N LEU B 1344 -52.25 -44.25 -40.53
CA LEU B 1344 -51.32 -45.37 -40.42
C LEU B 1344 -50.17 -45.32 -41.43
N LEU B 1345 -48.94 -45.21 -40.96
CA LEU B 1345 -47.78 -45.25 -41.85
C LEU B 1345 -46.99 -46.54 -41.67
N LEU B 1346 -46.91 -47.34 -42.73
CA LEU B 1346 -46.29 -48.65 -42.64
C LEU B 1346 -45.33 -48.79 -43.79
N HIS B 1347 -44.38 -49.72 -43.67
CA HIS B 1347 -43.33 -49.81 -44.66
C HIS B 1347 -42.76 -51.20 -44.79
N THR B 1348 -43.18 -51.93 -45.83
CA THR B 1348 -42.65 -53.26 -46.10
C THR B 1348 -41.77 -53.23 -47.34
N LEU B 1349 -40.80 -54.13 -47.37
CA LEU B 1349 -40.09 -54.42 -48.60
C LEU B 1349 -41.02 -55.25 -49.46
N LEU B 1350 -41.46 -54.69 -50.57
CA LEU B 1350 -42.41 -55.39 -51.44
C LEU B 1350 -41.71 -56.40 -52.33
N ALA B 1351 -42.27 -57.61 -52.41
CA ALA B 1351 -41.61 -58.70 -53.12
C ALA B 1351 -42.02 -58.90 -54.59
N GLY B 1352 -41.07 -59.40 -55.38
CA GLY B 1352 -41.22 -59.52 -56.81
C GLY B 1352 -39.90 -59.23 -57.49
N HIS B 1353 -39.51 -57.95 -57.49
CA HIS B 1353 -38.21 -57.54 -58.01
C HIS B 1353 -37.12 -57.74 -56.94
N PRO B 1354 -35.83 -57.65 -57.35
CA PRO B 1354 -34.71 -58.10 -56.51
C PRO B 1354 -34.88 -57.99 -54.99
N LEU B 1355 -34.63 -56.82 -54.40
CA LEU B 1355 -34.49 -56.69 -52.94
C LEU B 1355 -35.66 -57.21 -52.12
N GLY B 1356 -36.82 -57.39 -52.76
CA GLY B 1356 -37.98 -57.94 -52.10
C GLY B 1356 -37.69 -59.34 -51.58
N GLU B 1357 -37.30 -60.22 -52.49
CA GLU B 1357 -37.06 -61.62 -52.15
C GLU B 1357 -35.66 -61.85 -51.55
N MET B 1358 -34.66 -61.15 -52.10
CA MET B 1358 -33.26 -61.32 -51.72
C MET B 1358 -33.05 -61.50 -50.22
N VAL B 1359 -33.23 -60.41 -49.49
CA VAL B 1359 -32.98 -60.37 -48.07
C VAL B 1359 -33.97 -61.24 -47.30
N GLY B 1360 -35.06 -61.60 -47.98
CA GLY B 1360 -36.05 -62.51 -47.42
C GLY B 1360 -35.53 -63.94 -47.45
N PHE B 1361 -34.63 -64.23 -48.39
CA PHE B 1361 -34.00 -65.55 -48.49
C PHE B 1361 -32.59 -65.50 -47.90
N LEU B 1362 -32.46 -64.75 -46.82
CA LEU B 1362 -31.22 -64.63 -46.04
C LEU B 1362 -31.57 -64.56 -44.55
N THR B 1363 -32.79 -64.12 -44.27
CA THR B 1363 -33.28 -64.02 -42.89
C THR B 1363 -34.69 -64.63 -42.80
N SER B 1364 -35.03 -65.46 -43.79
CA SER B 1364 -36.20 -66.33 -43.69
C SER B 1364 -35.95 -67.58 -42.81
N PRO B 1365 -34.67 -67.97 -42.62
CA PRO B 1365 -34.37 -69.09 -41.73
C PRO B 1365 -34.65 -68.78 -40.24
N GLU B 1366 -34.78 -67.50 -39.89
CA GLU B 1366 -34.84 -67.06 -38.50
C GLU B 1366 -36.27 -66.76 -37.99
N GLN B 1367 -37.02 -65.99 -38.77
CA GLN B 1367 -38.38 -65.58 -38.40
C GLN B 1367 -39.30 -66.78 -38.21
N GLY B 1368 -39.33 -67.67 -39.21
CA GLY B 1368 -40.14 -68.87 -39.16
C GLY B 1368 -40.78 -69.25 -40.50
N GLY B 1369 -40.43 -68.49 -41.54
CA GLY B 1369 -40.99 -68.69 -42.86
C GLY B 1369 -40.74 -67.49 -43.77
N ARG B 1370 -41.25 -67.56 -44.99
CA ARG B 1370 -41.14 -66.45 -45.94
C ARG B 1370 -42.52 -65.81 -46.18
N HIS B 1371 -42.53 -64.60 -46.72
CA HIS B 1371 -43.76 -63.81 -46.84
C HIS B 1371 -43.40 -62.38 -47.21
N LEU B 1372 -43.83 -61.95 -48.39
CA LEU B 1372 -43.63 -60.55 -48.79
C LEU B 1372 -44.59 -60.22 -49.92
N LEU B 1373 -45.69 -59.56 -49.56
CA LEU B 1373 -46.83 -59.44 -50.46
C LEU B 1373 -46.64 -58.38 -51.56
N SER B 1374 -47.52 -58.41 -52.56
CA SER B 1374 -47.50 -57.44 -53.64
C SER B 1374 -48.29 -56.19 -53.26
N GLN B 1375 -48.38 -55.24 -54.17
CA GLN B 1375 -49.11 -54.01 -53.91
C GLN B 1375 -50.60 -54.23 -53.95
N ASP B 1376 -51.06 -54.98 -54.94
CA ASP B 1376 -52.45 -55.45 -55.01
C ASP B 1376 -52.78 -56.26 -53.76
N GLN B 1377 -51.80 -57.01 -53.27
CA GLN B 1377 -51.98 -57.87 -52.10
C GLN B 1377 -52.06 -57.08 -50.79
N TRP B 1378 -51.34 -55.96 -50.73
CA TRP B 1378 -51.48 -55.05 -49.59
C TRP B 1378 -52.76 -54.24 -49.74
N GLU B 1379 -53.15 -53.99 -50.98
CA GLU B 1379 -54.38 -53.24 -51.30
C GLU B 1379 -55.62 -53.80 -50.63
N SER B 1380 -55.83 -55.11 -50.76
CA SER B 1380 -56.99 -55.74 -50.16
C SER B 1380 -56.72 -56.16 -48.70
N LEU B 1381 -55.52 -55.87 -48.21
CA LEU B 1381 -55.18 -56.12 -46.80
C LEU B 1381 -55.51 -54.89 -45.96
N PHE B 1382 -55.76 -53.78 -46.64
CA PHE B 1382 -56.22 -52.56 -46.01
C PHE B 1382 -57.73 -52.43 -46.21
N ALA B 1383 -58.22 -52.96 -47.33
CA ALA B 1383 -59.65 -53.00 -47.64
C ALA B 1383 -60.41 -53.92 -46.69
N GLY B 1384 -59.66 -54.68 -45.89
CA GLY B 1384 -60.26 -55.56 -44.88
C GLY B 1384 -60.55 -54.83 -43.58
N ALA B 1385 -59.58 -54.04 -43.12
CA ALA B 1385 -59.79 -53.21 -41.93
C ALA B 1385 -60.63 -51.98 -42.28
N SER B 1386 -61.25 -52.02 -43.47
CA SER B 1386 -62.08 -50.93 -44.01
C SER B 1386 -61.34 -49.58 -44.13
N LEU B 1387 -60.14 -49.64 -44.71
CA LEU B 1387 -59.25 -48.49 -44.86
C LEU B 1387 -59.32 -47.90 -46.28
N HIS B 1388 -58.61 -46.81 -46.50
CA HIS B 1388 -58.45 -46.25 -47.83
C HIS B 1388 -57.00 -45.79 -48.02
N LEU B 1389 -56.36 -46.25 -49.08
CA LEU B 1389 -55.01 -45.80 -49.37
C LEU B 1389 -54.98 -44.29 -49.52
N VAL B 1390 -54.47 -43.63 -48.50
CA VAL B 1390 -54.31 -42.18 -48.53
C VAL B 1390 -53.12 -41.82 -49.40
N ALA B 1391 -52.02 -42.55 -49.25
CA ALA B 1391 -50.82 -42.25 -50.03
C ALA B 1391 -50.09 -43.49 -50.53
N LEU B 1392 -49.20 -43.27 -51.49
CA LEU B 1392 -48.41 -44.35 -52.08
C LEU B 1392 -47.08 -43.86 -52.62
N LYS B 1393 -46.02 -44.29 -51.96
CA LYS B 1393 -44.67 -43.94 -52.36
C LYS B 1393 -43.89 -45.19 -52.80
N ARG B 1394 -43.99 -45.53 -54.09
CA ARG B 1394 -43.25 -46.68 -54.65
C ARG B 1394 -41.83 -46.31 -55.05
N SER B 1395 -40.86 -46.94 -54.39
CA SER B 1395 -39.44 -46.74 -54.68
C SER B 1395 -39.01 -47.68 -55.82
N PHE B 1396 -37.84 -47.41 -56.40
CA PHE B 1396 -37.35 -48.18 -57.54
C PHE B 1396 -36.75 -49.51 -57.16
N TYR B 1397 -36.11 -49.59 -55.99
CA TYR B 1397 -35.51 -50.84 -55.57
C TYR B 1397 -36.51 -51.81 -54.91
N GLY B 1398 -37.72 -51.33 -54.63
CA GLY B 1398 -38.77 -52.19 -54.09
C GLY B 1398 -39.36 -51.77 -52.76
N SER B 1399 -38.88 -50.65 -52.23
CA SER B 1399 -39.39 -50.09 -50.98
C SER B 1399 -40.70 -49.37 -51.24
N VAL B 1400 -41.71 -49.62 -50.42
CA VAL B 1400 -42.99 -48.93 -50.59
C VAL B 1400 -43.59 -48.41 -49.29
N LEU B 1401 -44.16 -47.22 -49.39
CA LEU B 1401 -44.71 -46.53 -48.26
C LEU B 1401 -46.24 -46.48 -48.38
N PHE B 1402 -46.91 -46.84 -47.29
CA PHE B 1402 -48.37 -46.81 -47.26
C PHE B 1402 -48.87 -45.91 -46.16
N LEU B 1403 -49.67 -44.93 -46.55
CA LEU B 1403 -50.45 -44.18 -45.58
C LEU B 1403 -51.89 -44.70 -45.67
N CYS B 1404 -52.49 -45.01 -44.51
CA CYS B 1404 -53.85 -45.54 -44.44
C CYS B 1404 -54.71 -44.77 -43.46
N ARG B 1405 -55.87 -44.35 -43.92
CA ARG B 1405 -56.85 -43.66 -43.07
C ARG B 1405 -58.20 -44.39 -43.12
N GLN B 1406 -58.73 -44.74 -41.95
CA GLN B 1406 -60.03 -45.42 -41.92
C GLN B 1406 -61.11 -44.53 -41.30
N GLN B 1407 -61.54 -43.53 -42.04
CA GLN B 1407 -62.69 -42.77 -41.60
C GLN B 1407 -63.92 -43.60 -41.89
N THR B 1408 -64.48 -44.17 -40.84
CA THR B 1408 -65.61 -45.08 -40.96
C THR B 1408 -66.98 -44.38 -40.90
N PRO B 1409 -66.99 -43.03 -40.75
CA PRO B 1409 -68.29 -42.36 -40.82
C PRO B 1409 -68.61 -41.73 -42.20
N GLN B 1410 -69.89 -41.76 -42.58
CA GLN B 1410 -70.39 -41.12 -43.79
C GLN B 1410 -71.22 -39.88 -43.44
N ASP B 1411 -71.09 -38.80 -44.21
CA ASP B 1411 -71.78 -37.54 -43.89
C ASP B 1411 -72.09 -36.70 -45.14
N SER B 1412 -72.89 -35.65 -44.99
CA SER B 1412 -73.32 -34.86 -46.15
C SER B 1412 -72.83 -33.41 -46.10
N PRO B 1413 -71.87 -33.09 -47.00
CA PRO B 1413 -71.11 -31.82 -47.14
C PRO B 1413 -71.86 -30.64 -47.77
N VAL B 1414 -71.15 -29.52 -47.81
CA VAL B 1414 -71.63 -28.30 -48.47
C VAL B 1414 -70.59 -27.94 -49.54
N PHE B 1415 -71.02 -27.33 -50.64
CA PHE B 1415 -70.07 -26.96 -51.69
C PHE B 1415 -70.08 -25.45 -51.99
N LEU B 1416 -68.97 -24.78 -51.69
CA LEU B 1416 -68.83 -23.35 -51.96
C LEU B 1416 -67.64 -23.04 -52.87
N SER B 1417 -67.94 -22.48 -54.05
CA SER B 1417 -66.91 -22.07 -55.00
C SER B 1417 -66.33 -20.69 -54.65
N VAL B 1418 -65.00 -20.64 -54.59
CA VAL B 1418 -64.28 -19.49 -54.12
C VAL B 1418 -63.54 -18.85 -55.30
N GLU B 1419 -64.18 -18.78 -56.47
CA GLU B 1419 -63.51 -18.28 -57.67
C GLU B 1419 -63.63 -16.76 -57.86
N ASP B 1420 -64.68 -16.19 -57.26
CA ASP B 1420 -65.04 -14.77 -57.41
C ASP B 1420 -63.90 -13.84 -57.00
N THR B 1421 -63.95 -12.59 -57.48
CA THR B 1421 -63.00 -11.59 -57.03
C THR B 1421 -63.68 -10.75 -55.98
N SER B 1422 -65.01 -10.89 -55.93
CA SER B 1422 -65.84 -10.14 -54.99
C SER B 1422 -65.46 -10.41 -53.54
N PHE B 1423 -65.30 -11.69 -53.23
CA PHE B 1423 -65.16 -12.17 -51.85
C PHE B 1423 -66.54 -12.29 -51.20
N ARG B 1424 -67.50 -12.81 -51.96
CA ARG B 1424 -68.82 -13.01 -51.44
C ARG B 1424 -68.87 -14.26 -50.59
N TRP B 1425 -68.26 -15.33 -51.09
CA TRP B 1425 -68.19 -16.59 -50.32
C TRP B 1425 -67.79 -16.36 -48.86
N VAL B 1426 -67.33 -15.15 -48.56
CA VAL B 1426 -66.91 -14.81 -47.20
C VAL B 1426 -68.07 -14.87 -46.20
N ASP B 1427 -69.14 -14.13 -46.47
CA ASP B 1427 -70.27 -14.13 -45.57
C ASP B 1427 -71.00 -15.46 -45.66
N SER B 1428 -70.71 -16.22 -46.71
CA SER B 1428 -71.32 -17.52 -46.92
C SER B 1428 -70.64 -18.58 -46.06
N LEU B 1429 -69.34 -18.39 -45.80
CA LEU B 1429 -68.59 -19.26 -44.91
C LEU B 1429 -68.73 -18.77 -43.48
N LYS B 1430 -69.29 -17.58 -43.36
CA LYS B 1430 -69.55 -16.96 -42.06
C LYS B 1430 -70.95 -17.41 -41.65
N ASP B 1431 -71.73 -17.82 -42.64
CA ASP B 1431 -73.04 -18.42 -42.42
C ASP B 1431 -72.92 -19.91 -42.11
N ILE B 1432 -72.03 -20.60 -42.82
CA ILE B 1432 -71.79 -22.03 -42.58
C ILE B 1432 -71.06 -22.22 -41.25
N LEU B 1433 -71.20 -21.24 -40.36
CA LEU B 1433 -70.68 -21.34 -39.01
C LEU B 1433 -71.81 -21.28 -37.98
N ALA B 1434 -73.00 -20.84 -38.41
CA ALA B 1434 -74.21 -20.93 -37.59
C ALA B 1434 -74.84 -22.27 -37.88
N ASP B 1435 -74.00 -23.18 -38.37
CA ASP B 1435 -74.42 -24.50 -38.80
C ASP B 1435 -73.52 -25.53 -38.10
N ALA B 1436 -73.80 -25.78 -36.82
CA ALA B 1436 -73.00 -26.68 -36.00
C ALA B 1436 -72.68 -28.05 -36.63
N SER B 1437 -73.71 -28.85 -36.92
CA SER B 1437 -73.51 -30.20 -37.45
C SER B 1437 -72.86 -30.23 -38.85
N SER B 1438 -72.09 -29.22 -39.18
CA SER B 1438 -71.50 -29.16 -40.50
C SER B 1438 -70.18 -29.93 -40.57
N ARG B 1439 -70.22 -31.24 -40.40
CA ARG B 1439 -68.97 -32.01 -40.41
C ARG B 1439 -68.16 -31.82 -41.72
N PRO B 1440 -68.80 -32.04 -42.89
CA PRO B 1440 -68.10 -31.73 -44.15
C PRO B 1440 -68.44 -30.34 -44.71
N VAL B 1441 -67.50 -29.40 -44.59
CA VAL B 1441 -67.58 -28.12 -45.28
C VAL B 1441 -66.38 -28.04 -46.24
N TRP B 1442 -66.63 -28.05 -47.54
CA TRP B 1442 -65.53 -28.09 -48.51
C TRP B 1442 -65.47 -26.84 -49.38
N LEU B 1443 -64.38 -26.09 -49.24
CA LEU B 1443 -64.09 -25.00 -50.15
C LEU B 1443 -63.45 -25.54 -51.42
N MET B 1444 -63.71 -24.89 -52.55
CA MET B 1444 -63.15 -25.37 -53.81
C MET B 1444 -63.18 -24.35 -54.95
N ALA B 1445 -62.00 -23.85 -55.29
CA ALA B 1445 -61.84 -23.10 -56.52
C ALA B 1445 -62.07 -24.07 -57.65
N VAL B 1446 -62.71 -23.61 -58.71
CA VAL B 1446 -62.77 -24.39 -59.94
C VAL B 1446 -62.14 -23.53 -61.02
N GLY B 1447 -62.25 -22.21 -60.82
CA GLY B 1447 -61.84 -21.25 -61.83
C GLY B 1447 -60.38 -20.89 -61.78
N CYS B 1448 -60.05 -19.92 -60.94
CA CYS B 1448 -58.70 -19.36 -60.90
C CYS B 1448 -57.64 -20.37 -60.51
N SER B 1449 -56.64 -20.53 -61.38
CA SER B 1449 -55.48 -21.35 -61.08
C SER B 1449 -54.58 -20.64 -60.05
N THR B 1450 -55.11 -19.60 -59.43
CA THR B 1450 -54.33 -18.81 -58.48
C THR B 1450 -55.23 -18.43 -57.33
N SER B 1451 -55.99 -19.41 -56.85
CA SER B 1451 -57.04 -19.14 -55.90
C SER B 1451 -56.66 -19.46 -54.46
N GLY B 1452 -55.37 -19.39 -54.17
CA GLY B 1452 -54.84 -19.60 -52.84
C GLY B 1452 -55.86 -19.95 -51.79
N VAL B 1453 -56.47 -21.13 -51.92
CA VAL B 1453 -57.33 -21.63 -50.88
C VAL B 1453 -56.40 -22.31 -49.88
N VAL B 1454 -55.45 -23.07 -50.41
CA VAL B 1454 -54.53 -23.84 -49.58
C VAL B 1454 -54.12 -23.01 -48.37
N GLY B 1455 -53.78 -21.76 -48.62
CA GLY B 1455 -53.41 -20.84 -47.56
C GLY B 1455 -54.59 -20.42 -46.71
N MET B 1456 -55.72 -20.13 -47.37
CA MET B 1456 -56.95 -19.84 -46.64
C MET B 1456 -57.15 -20.91 -45.59
N VAL B 1457 -57.36 -22.11 -46.08
CA VAL B 1457 -57.69 -23.22 -45.22
C VAL B 1457 -56.80 -23.25 -44.01
N ASN B 1458 -55.49 -23.28 -44.23
CA ASN B 1458 -54.53 -23.35 -43.12
C ASN B 1458 -54.82 -22.35 -41.99
N CYS B 1459 -55.57 -21.31 -42.29
CA CYS B 1459 -55.93 -20.32 -41.28
C CYS B 1459 -57.21 -20.72 -40.56
N LEU B 1460 -58.26 -20.96 -41.35
CA LEU B 1460 -59.55 -21.40 -40.82
C LEU B 1460 -59.41 -22.72 -40.08
N ARG B 1461 -58.82 -23.70 -40.75
CA ARG B 1461 -58.57 -25.02 -40.20
C ARG B 1461 -58.02 -25.01 -38.75
N LYS B 1462 -57.66 -23.84 -38.23
CA LYS B 1462 -57.25 -23.74 -36.82
C LYS B 1462 -57.77 -22.46 -36.15
N GLU B 1463 -58.76 -21.84 -36.77
CA GLU B 1463 -59.50 -20.71 -36.20
C GLU B 1463 -60.75 -21.27 -35.49
N PRO B 1464 -60.92 -20.93 -34.19
CA PRO B 1464 -61.97 -21.47 -33.30
C PRO B 1464 -63.27 -21.92 -33.99
N GLY B 1465 -63.89 -21.03 -34.75
CA GLY B 1465 -65.12 -21.35 -35.47
C GLY B 1465 -65.09 -22.59 -36.33
N GLY B 1466 -64.00 -22.79 -37.08
CA GLY B 1466 -63.90 -23.92 -37.99
C GLY B 1466 -62.94 -25.02 -37.54
N HIS B 1467 -62.49 -24.92 -36.29
CA HIS B 1467 -61.55 -25.86 -35.68
C HIS B 1467 -61.88 -27.29 -36.14
N ARG B 1468 -62.91 -27.86 -35.55
CA ARG B 1468 -63.35 -29.19 -35.92
C ARG B 1468 -64.18 -29.22 -37.20
N ILE B 1469 -64.26 -28.09 -37.92
CA ILE B 1469 -65.14 -28.01 -39.09
C ILE B 1469 -64.69 -28.86 -40.29
N ARG B 1470 -63.50 -29.44 -40.22
CA ARG B 1470 -63.06 -30.34 -41.28
C ARG B 1470 -63.18 -29.59 -42.60
N CYS B 1471 -62.47 -28.47 -42.68
CA CYS B 1471 -62.50 -27.62 -43.84
C CYS B 1471 -61.58 -28.20 -44.88
N VAL B 1472 -62.14 -28.53 -46.03
CA VAL B 1472 -61.38 -29.17 -47.08
C VAL B 1472 -61.32 -28.26 -48.31
N LEU B 1473 -60.38 -28.55 -49.20
CA LEU B 1473 -60.10 -27.70 -50.33
C LEU B 1473 -60.01 -28.48 -51.63
N VAL B 1474 -60.39 -27.85 -52.73
CA VAL B 1474 -60.16 -28.42 -54.07
C VAL B 1474 -59.59 -27.35 -55.01
N SER B 1475 -58.49 -27.68 -55.68
CA SER B 1475 -57.76 -26.73 -56.51
C SER B 1475 -57.38 -27.26 -57.90
N ASN B 1476 -57.72 -26.48 -58.92
CA ASN B 1476 -57.34 -26.80 -60.29
C ASN B 1476 -56.15 -25.93 -60.67
N LEU B 1477 -54.97 -26.55 -60.72
CA LEU B 1477 -53.75 -25.81 -61.03
C LEU B 1477 -52.96 -26.44 -62.16
N SER B 1478 -53.54 -26.43 -63.36
CA SER B 1478 -52.81 -26.88 -64.53
C SER B 1478 -51.74 -25.82 -64.91
N SER B 1479 -50.54 -26.29 -65.25
CA SER B 1479 -49.38 -25.40 -65.46
C SER B 1479 -48.93 -25.19 -66.94
N THR B 1480 -49.13 -26.18 -67.82
CA THR B 1480 -49.12 -25.96 -69.30
C THR B 1480 -50.53 -26.12 -69.88
N SER B 1481 -50.68 -25.69 -71.13
CA SER B 1481 -51.99 -25.58 -71.77
C SER B 1481 -52.72 -26.93 -71.95
N PRO B 1482 -52.05 -27.94 -72.55
CA PRO B 1482 -52.70 -29.23 -72.85
C PRO B 1482 -52.90 -30.14 -71.64
N ALA B 1483 -53.34 -29.57 -70.51
CA ALA B 1483 -53.64 -30.34 -69.30
C ALA B 1483 -55.12 -30.72 -69.27
N PRO B 1484 -55.45 -31.88 -68.67
CA PRO B 1484 -56.86 -32.31 -68.58
C PRO B 1484 -57.61 -31.65 -67.43
N GLU B 1485 -58.82 -31.16 -67.72
CA GLU B 1485 -59.69 -30.60 -66.69
C GLU B 1485 -60.33 -31.74 -65.90
N MET B 1486 -60.53 -31.55 -64.61
CA MET B 1486 -61.16 -32.58 -63.79
C MET B 1486 -62.66 -32.30 -63.59
N HIS B 1487 -63.47 -33.35 -63.72
CA HIS B 1487 -64.93 -33.24 -63.68
C HIS B 1487 -65.52 -33.36 -62.26
N PRO B 1488 -65.82 -32.22 -61.62
CA PRO B 1488 -66.33 -32.21 -60.23
C PRO B 1488 -67.81 -32.61 -59.98
N SER B 1489 -68.40 -33.58 -60.68
CA SER B 1489 -69.81 -33.97 -60.43
C SER B 1489 -70.07 -35.47 -60.30
N SER B 1490 -69.33 -36.25 -61.10
CA SER B 1490 -69.36 -37.72 -61.04
C SER B 1490 -67.91 -38.24 -60.98
N SER B 1491 -67.77 -39.52 -60.65
CA SER B 1491 -66.45 -40.13 -60.43
C SER B 1491 -65.57 -39.33 -59.46
N GLU B 1492 -64.54 -38.69 -60.00
CA GLU B 1492 -63.45 -38.13 -59.20
C GLU B 1492 -63.84 -37.35 -57.94
N LEU B 1493 -64.91 -36.56 -58.03
CA LEU B 1493 -65.38 -35.79 -56.88
C LEU B 1493 -65.48 -36.71 -55.68
N GLN B 1494 -65.94 -37.94 -55.95
CA GLN B 1494 -66.16 -38.94 -54.92
C GLN B 1494 -64.88 -39.74 -54.60
N LYS B 1495 -63.96 -39.79 -55.56
CA LYS B 1495 -62.65 -40.40 -55.30
C LYS B 1495 -61.96 -39.62 -54.20
N VAL B 1496 -62.17 -38.31 -54.21
CA VAL B 1496 -61.51 -37.37 -53.31
C VAL B 1496 -62.27 -37.19 -52.01
N LEU B 1497 -63.59 -37.39 -52.09
CA LEU B 1497 -64.44 -37.39 -50.91
C LEU B 1497 -64.23 -38.69 -50.15
N GLN B 1498 -63.94 -39.76 -50.88
CA GLN B 1498 -63.57 -41.02 -50.24
C GLN B 1498 -62.20 -40.92 -49.57
N GLY B 1499 -61.21 -40.38 -50.29
CA GLY B 1499 -59.91 -40.10 -49.70
C GLY B 1499 -60.04 -39.21 -48.47
N ASP B 1500 -60.83 -38.15 -48.60
CA ASP B 1500 -61.18 -37.28 -47.48
C ASP B 1500 -60.08 -36.31 -47.08
N LEU B 1501 -58.86 -36.57 -47.54
CA LEU B 1501 -57.71 -35.75 -47.20
C LEU B 1501 -58.07 -34.26 -47.15
N VAL B 1502 -57.64 -33.57 -46.10
CA VAL B 1502 -57.93 -32.14 -45.96
C VAL B 1502 -57.59 -31.35 -47.22
N MET B 1503 -56.36 -31.51 -47.71
CA MET B 1503 -55.84 -30.73 -48.82
C MET B 1503 -55.80 -31.54 -50.12
N ASN B 1504 -56.54 -31.09 -51.13
CA ASN B 1504 -56.65 -31.80 -52.40
C ASN B 1504 -56.34 -30.92 -53.62
N VAL B 1505 -55.13 -31.00 -54.14
CA VAL B 1505 -54.77 -30.20 -55.31
C VAL B 1505 -54.52 -31.06 -56.55
N TYR B 1506 -54.62 -30.45 -57.73
CA TYR B 1506 -54.47 -31.17 -58.97
C TYR B 1506 -53.60 -30.46 -60.01
N ARG B 1507 -52.38 -30.95 -60.22
CA ARG B 1507 -51.44 -30.40 -61.20
C ARG B 1507 -51.28 -31.33 -62.39
N ASP B 1508 -51.96 -31.02 -63.50
CA ASP B 1508 -51.76 -31.72 -64.76
C ASP B 1508 -51.79 -33.24 -64.62
N GLY B 1509 -52.59 -33.76 -63.70
CA GLY B 1509 -52.77 -35.20 -63.64
C GLY B 1509 -52.66 -35.88 -62.29
N ALA B 1510 -52.01 -35.25 -61.31
CA ALA B 1510 -51.84 -35.90 -60.02
C ALA B 1510 -52.65 -35.28 -58.88
N TRP B 1511 -53.05 -36.12 -57.95
CA TRP B 1511 -53.74 -35.67 -56.75
C TRP B 1511 -52.79 -35.74 -55.60
N GLY B 1512 -52.39 -34.58 -55.10
CA GLY B 1512 -51.46 -34.48 -54.00
C GLY B 1512 -51.62 -33.17 -53.28
N ALA B 1513 -51.20 -33.16 -52.01
CA ALA B 1513 -51.25 -31.96 -51.19
C ALA B 1513 -49.97 -31.11 -51.37
N PHE B 1514 -49.91 -29.94 -50.75
CA PHE B 1514 -48.66 -29.17 -50.77
C PHE B 1514 -47.82 -29.44 -49.53
N ARG B 1515 -46.66 -30.06 -49.69
CA ARG B 1515 -45.82 -30.36 -48.53
C ARG B 1515 -44.58 -29.49 -48.32
N HIS B 1516 -44.07 -29.50 -47.09
CA HIS B 1516 -42.83 -28.82 -46.74
C HIS B 1516 -41.67 -29.82 -46.62
N PHE B 1517 -40.54 -29.52 -47.27
CA PHE B 1517 -39.35 -30.37 -47.22
C PHE B 1517 -38.12 -29.54 -46.91
N PRO B 1518 -37.04 -30.18 -46.41
CA PRO B 1518 -35.84 -29.41 -46.07
C PRO B 1518 -35.15 -28.97 -47.35
N LEU B 1519 -34.40 -27.87 -47.32
CA LEU B 1519 -33.71 -27.45 -48.53
C LEU B 1519 -32.37 -28.16 -48.67
N GLU B 1520 -31.86 -28.17 -49.90
CA GLU B 1520 -30.68 -28.95 -50.25
C GLU B 1520 -29.37 -28.24 -49.86
N GLN B 1521 -29.40 -27.58 -48.70
CA GLN B 1521 -28.31 -26.76 -48.09
C GLN B 1521 -27.00 -26.38 -48.83
N ASP B 1522 -26.52 -27.21 -49.76
CA ASP B 1522 -25.34 -26.91 -50.56
C ASP B 1522 -25.36 -25.50 -51.14
N ARG B 1523 -24.33 -24.70 -50.85
CA ARG B 1523 -24.27 -23.32 -51.32
C ARG B 1523 -24.17 -23.27 -52.84
N PRO B 1524 -25.22 -22.76 -53.51
CA PRO B 1524 -25.28 -22.83 -54.99
C PRO B 1524 -24.06 -22.26 -55.72
N GLU B 1525 -23.37 -23.14 -56.46
CA GLU B 1525 -22.19 -22.81 -57.29
C GLU B 1525 -22.62 -22.56 -58.74
N LYS B 1526 -21.72 -22.00 -59.55
CA LYS B 1526 -22.02 -21.76 -60.98
C LYS B 1526 -20.75 -21.73 -61.82
N GLN B 1527 -20.81 -22.36 -63.01
CA GLN B 1527 -19.75 -22.27 -64.01
C GLN B 1527 -19.47 -20.80 -64.32
N THR B 1528 -18.20 -20.42 -64.55
CA THR B 1528 -17.90 -19.02 -64.84
C THR B 1528 -16.65 -18.77 -65.66
N GLU B 1529 -16.63 -17.64 -66.35
CA GLU B 1529 -15.45 -17.12 -67.01
C GLU B 1529 -14.99 -15.84 -66.33
N HIS B 1530 -15.72 -15.47 -65.27
CA HIS B 1530 -15.42 -14.29 -64.47
C HIS B 1530 -15.73 -14.54 -62.98
N ALA B 1531 -14.69 -14.82 -62.20
CA ALA B 1531 -14.83 -15.10 -60.76
C ALA B 1531 -13.81 -14.27 -59.98
N PHE B 1532 -13.98 -14.23 -58.66
CA PHE B 1532 -13.04 -13.56 -57.78
C PHE B 1532 -13.00 -14.26 -56.43
N VAL B 1533 -11.80 -14.42 -55.86
CA VAL B 1533 -11.67 -15.15 -54.60
C VAL B 1533 -11.84 -14.25 -53.38
N ASN B 1534 -12.81 -14.58 -52.55
CA ASN B 1534 -12.98 -13.88 -51.29
C ASN B 1534 -12.81 -14.82 -50.09
N VAL B 1535 -12.44 -14.22 -48.96
CA VAL B 1535 -12.44 -14.90 -47.67
C VAL B 1535 -13.81 -14.61 -47.06
N LEU B 1536 -14.55 -15.65 -46.68
CA LEU B 1536 -15.95 -15.53 -46.22
C LEU B 1536 -16.15 -15.21 -44.71
N SER B 1537 -15.38 -15.88 -43.87
CA SER B 1537 -15.44 -15.62 -42.44
C SER B 1537 -14.08 -15.09 -42.03
N ARG B 1538 -14.04 -13.86 -41.52
CA ARG B 1538 -12.79 -13.28 -41.06
C ARG B 1538 -12.14 -14.16 -40.00
N GLY B 1539 -10.81 -14.19 -40.00
CA GLY B 1539 -10.08 -14.98 -39.03
C GLY B 1539 -9.57 -16.27 -39.61
N ASP B 1540 -10.46 -17.04 -40.21
CA ASP B 1540 -10.09 -18.39 -40.60
C ASP B 1540 -9.88 -18.57 -42.10
N LEU B 1541 -8.62 -18.83 -42.47
CA LEU B 1541 -8.28 -19.16 -43.84
C LEU B 1541 -8.93 -20.48 -44.23
N SER B 1542 -9.74 -21.01 -43.33
CA SER B 1542 -10.63 -22.11 -43.65
C SER B 1542 -11.61 -21.64 -44.72
N SER B 1543 -12.20 -20.45 -44.51
CA SER B 1543 -13.33 -19.96 -45.29
C SER B 1543 -13.00 -19.40 -46.68
N ILE B 1544 -11.75 -19.54 -47.10
CA ILE B 1544 -11.33 -19.12 -48.44
C ILE B 1544 -12.06 -19.90 -49.55
N ARG B 1545 -12.91 -19.22 -50.32
CA ARG B 1545 -13.51 -19.86 -51.49
C ARG B 1545 -13.68 -18.92 -52.68
N TRP B 1546 -13.82 -19.50 -53.86
CA TRP B 1546 -14.06 -18.75 -55.08
C TRP B 1546 -15.52 -18.28 -55.20
N VAL B 1547 -15.70 -16.98 -55.46
CA VAL B 1547 -17.03 -16.37 -55.52
C VAL B 1547 -17.27 -15.71 -56.90
N CYS B 1548 -18.38 -16.07 -57.55
CA CYS B 1548 -18.73 -15.49 -58.86
C CYS B 1548 -18.71 -13.96 -58.87
N SER B 1549 -17.71 -13.38 -59.55
CA SER B 1549 -17.50 -11.93 -59.54
C SER B 1549 -18.66 -11.17 -60.17
N PRO B 1550 -18.78 -9.87 -59.83
CA PRO B 1550 -19.84 -8.99 -60.35
C PRO B 1550 -19.74 -8.84 -61.86
N LEU B 1551 -18.54 -9.10 -62.39
CA LEU B 1551 -18.22 -8.91 -63.81
C LEU B 1551 -18.91 -9.90 -64.76
N HIS B 1552 -19.43 -11.00 -64.19
CA HIS B 1552 -20.20 -11.99 -64.95
C HIS B 1552 -21.66 -11.60 -65.02
N TYR B 1553 -22.21 -11.25 -63.86
CA TYR B 1553 -23.64 -11.03 -63.70
C TYR B 1553 -24.16 -9.92 -64.62
N ALA B 1554 -23.24 -9.10 -65.14
CA ALA B 1554 -23.51 -8.23 -66.28
C ALA B 1554 -22.23 -7.64 -66.88
N LEU B 1555 -21.94 -8.07 -68.10
CA LEU B 1555 -20.80 -7.55 -68.84
C LEU B 1555 -21.32 -6.59 -69.92
N PRO B 1556 -21.66 -5.35 -69.51
CA PRO B 1556 -22.01 -4.32 -70.51
C PRO B 1556 -20.75 -3.94 -71.31
N ALA B 1557 -20.81 -4.07 -72.63
CA ALA B 1557 -19.65 -3.83 -73.50
C ALA B 1557 -18.94 -2.51 -73.22
N SER B 1558 -19.54 -1.69 -72.36
CA SER B 1558 -18.97 -0.42 -71.94
C SER B 1558 -17.87 -0.61 -70.89
N CYS B 1559 -17.80 -1.81 -70.34
CA CYS B 1559 -16.69 -2.17 -69.46
C CYS B 1559 -15.59 -2.94 -70.19
N GLN B 1560 -15.97 -3.61 -71.30
CA GLN B 1560 -15.07 -4.52 -72.02
C GLN B 1560 -13.94 -3.87 -72.83
N ASP B 1561 -13.93 -2.55 -72.85
CA ASP B 1561 -12.82 -1.85 -73.51
C ASP B 1561 -11.68 -1.79 -72.51
N ARG B 1562 -12.04 -1.57 -71.24
CA ARG B 1562 -11.12 -1.51 -70.10
C ARG B 1562 -10.90 -2.88 -69.42
N LEU B 1563 -11.63 -3.91 -69.85
CA LEU B 1563 -11.55 -5.22 -69.21
C LEU B 1563 -10.17 -5.84 -69.38
N CYS B 1564 -9.90 -6.83 -68.54
CA CYS B 1564 -8.59 -7.46 -68.50
C CYS B 1564 -8.67 -8.85 -67.90
N SER B 1565 -8.17 -9.85 -68.63
CA SER B 1565 -8.27 -11.22 -68.19
C SER B 1565 -6.97 -11.62 -67.55
N VAL B 1566 -7.08 -12.24 -66.39
CA VAL B 1566 -5.96 -12.48 -65.51
C VAL B 1566 -5.38 -13.86 -65.69
N TYR B 1567 -4.08 -13.89 -65.94
CA TYR B 1567 -3.37 -15.15 -65.97
C TYR B 1567 -2.81 -15.46 -64.57
N TYR B 1568 -2.27 -14.43 -63.91
CA TYR B 1568 -1.68 -14.58 -62.57
C TYR B 1568 -2.11 -13.47 -61.61
N THR B 1569 -2.66 -13.84 -60.46
CA THR B 1569 -2.85 -12.86 -59.40
C THR B 1569 -1.96 -13.26 -58.27
N SER B 1570 -1.42 -12.26 -57.58
CA SER B 1570 -0.45 -12.46 -56.52
C SER B 1570 -0.93 -11.90 -55.18
N LEU B 1571 -0.69 -12.64 -54.11
CA LEU B 1571 -1.00 -12.18 -52.77
C LEU B 1571 0.06 -11.19 -52.36
N ASN B 1572 -0.30 -10.26 -51.49
CA ASN B 1572 0.71 -9.52 -50.77
C ASN B 1572 0.38 -9.65 -49.31
N PHE B 1573 1.16 -8.97 -48.49
CA PHE B 1573 1.03 -9.22 -47.07
C PHE B 1573 -0.32 -8.75 -46.57
N ARG B 1574 -0.74 -7.56 -46.98
CA ARG B 1574 -2.03 -7.06 -46.53
C ARG B 1574 -3.13 -8.09 -46.82
N ASP B 1575 -3.05 -8.75 -47.96
CA ASP B 1575 -4.05 -9.77 -48.31
C ASP B 1575 -4.12 -10.80 -47.18
N VAL B 1576 -2.99 -11.06 -46.52
CA VAL B 1576 -2.94 -12.04 -45.42
C VAL B 1576 -3.42 -11.46 -44.08
N MET B 1577 -2.76 -10.42 -43.60
CA MET B 1577 -3.16 -9.81 -42.34
C MET B 1577 -4.67 -9.49 -42.27
N LEU B 1578 -5.33 -9.44 -43.42
CA LEU B 1578 -6.78 -9.23 -43.44
C LEU B 1578 -7.49 -10.57 -43.40
N ALA B 1579 -7.13 -11.48 -44.30
CA ALA B 1579 -7.66 -12.86 -44.28
C ALA B 1579 -7.38 -13.53 -42.94
N THR B 1580 -6.68 -12.81 -42.07
CA THR B 1580 -6.34 -13.26 -40.73
C THR B 1580 -7.12 -12.45 -39.72
N GLY B 1581 -6.86 -11.15 -39.70
CA GLY B 1581 -7.56 -10.25 -38.84
C GLY B 1581 -6.66 -9.54 -37.86
N LYS B 1582 -5.35 -9.58 -38.09
CA LYS B 1582 -4.45 -8.78 -37.26
C LYS B 1582 -4.67 -7.28 -37.54
N LEU B 1583 -5.05 -6.95 -38.78
CA LEU B 1583 -5.23 -5.56 -39.22
C LEU B 1583 -6.70 -5.25 -39.57
N SER B 1584 -7.23 -4.15 -39.02
CA SER B 1584 -8.61 -3.74 -39.25
C SER B 1584 -8.84 -3.13 -40.63
N PRO B 1585 -10.01 -3.42 -41.26
CA PRO B 1585 -10.31 -2.79 -42.56
C PRO B 1585 -10.51 -1.30 -42.39
N ASP B 1586 -10.32 -0.83 -41.14
CA ASP B 1586 -10.25 0.59 -40.82
C ASP B 1586 -9.04 1.23 -41.51
N SER B 1587 -7.84 0.78 -41.15
CA SER B 1587 -6.59 1.37 -41.65
C SER B 1587 -6.33 1.09 -43.14
N ILE B 1588 -7.41 0.87 -43.90
CA ILE B 1588 -7.34 0.83 -45.36
C ILE B 1588 -7.94 2.09 -45.98
N PRO B 1589 -7.08 2.96 -46.52
CA PRO B 1589 -7.50 4.14 -47.27
C PRO B 1589 -8.44 3.86 -48.44
N GLY B 1590 -9.30 4.84 -48.72
CA GLY B 1590 -10.29 4.76 -49.78
C GLY B 1590 -11.70 4.87 -49.23
N LYS B 1591 -12.63 5.40 -50.03
CA LYS B 1591 -14.04 5.36 -49.65
C LYS B 1591 -14.69 4.08 -50.19
N TRP B 1592 -15.23 3.30 -49.25
CA TRP B 1592 -15.62 1.92 -49.50
C TRP B 1592 -17.13 1.73 -49.44
N LEU B 1593 -17.72 1.25 -50.55
CA LEU B 1593 -19.14 0.92 -50.57
C LEU B 1593 -19.39 -0.22 -49.60
N THR B 1594 -18.55 -1.24 -49.76
CA THR B 1594 -18.72 -2.53 -49.11
C THR B 1594 -17.37 -2.99 -48.51
N ARG B 1595 -17.33 -3.23 -47.19
CA ARG B 1595 -16.07 -3.66 -46.53
C ARG B 1595 -15.69 -5.15 -46.79
N ASP B 1596 -16.65 -5.93 -47.31
CA ASP B 1596 -16.48 -7.37 -47.57
C ASP B 1596 -15.28 -7.68 -48.46
N CYS B 1597 -15.62 -7.98 -49.72
CA CYS B 1597 -14.68 -8.24 -50.78
C CYS B 1597 -13.55 -7.23 -50.73
N MET B 1598 -12.35 -7.69 -50.35
CA MET B 1598 -11.24 -6.76 -50.13
C MET B 1598 -9.85 -7.42 -50.24
N LEU B 1599 -9.57 -8.11 -51.36
CA LEU B 1599 -8.36 -8.93 -51.47
C LEU B 1599 -7.74 -9.07 -52.87
N GLY B 1600 -6.41 -8.93 -52.94
CA GLY B 1600 -5.67 -9.10 -54.18
C GLY B 1600 -5.51 -7.75 -54.84
N MET B 1601 -4.29 -7.35 -55.16
CA MET B 1601 -4.09 -5.99 -55.66
C MET B 1601 -3.13 -5.98 -56.83
N GLU B 1602 -2.65 -7.15 -57.20
CA GLU B 1602 -1.61 -7.26 -58.21
C GLU B 1602 -2.03 -8.39 -59.11
N PHE B 1603 -1.81 -8.25 -60.41
CA PHE B 1603 -2.19 -9.27 -61.40
C PHE B 1603 -1.46 -9.10 -62.73
N SER B 1604 -1.50 -10.15 -63.56
CA SER B 1604 -0.77 -10.15 -64.81
C SER B 1604 -1.55 -10.90 -65.89
N GLY B 1605 -1.42 -10.47 -67.15
CA GLY B 1605 -2.14 -11.10 -68.25
C GLY B 1605 -2.45 -10.26 -69.51
N ARG B 1606 -3.66 -10.44 -70.04
CA ARG B 1606 -4.04 -9.80 -71.31
C ARG B 1606 -5.25 -8.88 -71.20
N ASP B 1607 -5.18 -7.75 -71.90
CA ASP B 1607 -6.34 -6.88 -72.10
C ASP B 1607 -7.01 -7.32 -73.39
N ALA B 1608 -8.25 -6.89 -73.61
CA ALA B 1608 -8.97 -7.22 -74.85
C ALA B 1608 -8.04 -7.22 -76.09
N SER B 1609 -7.19 -6.19 -76.19
CA SER B 1609 -6.26 -6.02 -77.30
C SER B 1609 -5.41 -7.25 -77.57
N GLY B 1610 -5.38 -8.19 -76.63
CA GLY B 1610 -4.46 -9.29 -76.69
C GLY B 1610 -3.09 -8.88 -76.17
N ARG B 1611 -2.88 -7.56 -76.12
CA ARG B 1611 -1.65 -7.01 -75.57
C ARG B 1611 -1.33 -7.57 -74.18
N ARG B 1612 -0.07 -7.45 -73.78
CA ARG B 1612 0.41 -8.09 -72.56
C ARG B 1612 0.68 -7.04 -71.48
N VAL B 1613 -0.06 -7.12 -70.38
CA VAL B 1613 0.04 -6.09 -69.33
C VAL B 1613 0.13 -6.63 -67.89
N MET B 1614 0.57 -5.75 -67.00
CA MET B 1614 0.60 -6.03 -65.56
C MET B 1614 0.19 -4.76 -64.80
N GLY B 1615 -0.86 -4.87 -63.98
CA GLY B 1615 -1.40 -3.70 -63.31
C GLY B 1615 -1.63 -3.88 -61.82
N MET B 1616 -2.21 -2.86 -61.21
CA MET B 1616 -2.51 -2.86 -59.80
C MET B 1616 -3.96 -2.48 -59.62
N VAL B 1617 -4.58 -2.95 -58.54
CA VAL B 1617 -5.99 -2.76 -58.34
C VAL B 1617 -6.33 -2.67 -56.86
N PRO B 1618 -7.21 -1.72 -56.50
CA PRO B 1618 -7.66 -1.39 -55.15
C PRO B 1618 -8.07 -2.60 -54.33
N ALA B 1619 -8.86 -3.50 -54.92
CA ALA B 1619 -9.25 -4.77 -54.29
C ALA B 1619 -9.85 -5.74 -55.33
N GLU B 1620 -10.41 -6.84 -54.86
CA GLU B 1620 -11.02 -7.81 -55.76
C GLU B 1620 -10.09 -8.17 -56.92
N GLY B 1621 -8.80 -8.12 -56.66
CA GLY B 1621 -7.79 -8.38 -57.66
C GLY B 1621 -7.44 -9.85 -57.82
N LEU B 1622 -7.70 -10.64 -56.78
CA LEU B 1622 -7.58 -12.07 -56.92
C LEU B 1622 -8.76 -12.59 -57.75
N ALA B 1623 -8.63 -12.48 -59.07
CA ALA B 1623 -9.72 -12.76 -59.99
C ALA B 1623 -9.27 -13.21 -61.40
N THR B 1624 -10.17 -13.83 -62.13
CA THR B 1624 -9.95 -14.08 -63.54
C THR B 1624 -10.02 -12.73 -64.25
N SER B 1625 -10.97 -11.91 -63.82
CA SER B 1625 -11.32 -10.68 -64.55
C SER B 1625 -11.25 -9.41 -63.70
N VAL B 1626 -10.67 -8.36 -64.28
CA VAL B 1626 -10.50 -7.12 -63.55
C VAL B 1626 -10.55 -5.87 -64.44
N LEU B 1627 -11.22 -4.84 -63.93
CA LEU B 1627 -11.22 -3.53 -64.58
C LEU B 1627 -9.93 -2.74 -64.34
N LEU B 1628 -9.12 -2.68 -65.39
CA LEU B 1628 -7.87 -1.91 -65.40
C LEU B 1628 -8.03 -0.49 -64.91
N LEU B 1629 -7.01 0.01 -64.21
CA LEU B 1629 -6.95 1.42 -63.88
C LEU B 1629 -5.92 2.08 -64.81
N GLN B 1630 -6.40 2.93 -65.71
CA GLN B 1630 -5.54 3.59 -66.67
C GLN B 1630 -4.20 3.98 -66.06
N HIS B 1631 -4.27 4.77 -65.00
CA HIS B 1631 -3.07 5.33 -64.37
C HIS B 1631 -2.16 4.30 -63.65
N ALA B 1632 -2.63 3.05 -63.51
CA ALA B 1632 -1.90 2.03 -62.75
C ALA B 1632 -1.96 0.65 -63.40
N THR B 1633 -1.39 0.57 -64.60
CA THR B 1633 -1.45 -0.62 -65.44
C THR B 1633 -0.41 -0.55 -66.53
N TRP B 1634 0.66 -1.35 -66.43
CA TRP B 1634 1.82 -1.23 -67.32
C TRP B 1634 2.01 -2.36 -68.33
N GLU B 1635 2.90 -2.13 -69.30
CA GLU B 1635 3.18 -3.11 -70.32
C GLU B 1635 4.39 -3.99 -69.94
N VAL B 1636 4.17 -5.30 -69.90
CA VAL B 1636 5.21 -6.27 -69.54
C VAL B 1636 6.09 -6.65 -70.74
N PRO B 1637 7.36 -6.21 -70.70
CA PRO B 1637 8.32 -6.41 -71.80
C PRO B 1637 8.26 -7.80 -72.42
N SER B 1638 8.60 -7.89 -73.71
CA SER B 1638 8.61 -9.16 -74.41
C SER B 1638 9.62 -10.07 -73.76
N THR B 1639 10.49 -9.45 -72.96
CA THR B 1639 11.58 -10.15 -72.30
C THR B 1639 11.10 -10.87 -71.07
N TRP B 1640 9.91 -10.49 -70.61
CA TRP B 1640 9.37 -10.97 -69.35
C TRP B 1640 8.28 -12.03 -69.55
N THR B 1641 8.31 -13.05 -68.71
CA THR B 1641 7.30 -14.10 -68.68
C THR B 1641 6.05 -13.54 -67.99
N LEU B 1642 4.90 -14.19 -68.15
CA LEU B 1642 3.71 -13.74 -67.46
C LEU B 1642 3.80 -14.00 -65.94
N GLU B 1643 4.35 -15.16 -65.58
CA GLU B 1643 4.68 -15.45 -64.17
C GLU B 1643 5.53 -14.34 -63.59
N GLU B 1644 6.55 -13.95 -64.34
CA GLU B 1644 7.53 -13.00 -63.83
C GLU B 1644 6.86 -11.68 -63.42
N ALA B 1645 6.03 -11.12 -64.31
CA ALA B 1645 5.44 -9.80 -64.10
C ALA B 1645 4.54 -9.69 -62.86
N ALA B 1646 3.72 -10.70 -62.63
CA ALA B 1646 2.78 -10.68 -61.51
C ALA B 1646 3.43 -10.25 -60.19
N SER B 1647 4.76 -10.34 -60.13
CA SER B 1647 5.50 -10.08 -58.89
C SER B 1647 5.86 -8.60 -58.69
N VAL B 1648 5.81 -7.83 -59.78
CA VAL B 1648 6.54 -6.57 -59.92
C VAL B 1648 5.93 -5.22 -59.47
N PRO B 1649 4.65 -4.97 -59.73
CA PRO B 1649 4.09 -3.65 -59.44
C PRO B 1649 4.16 -3.21 -57.98
N ILE B 1650 3.31 -3.77 -57.12
CA ILE B 1650 3.20 -3.33 -55.72
C ILE B 1650 4.55 -3.12 -55.09
N VAL B 1651 5.31 -4.22 -55.06
CA VAL B 1651 6.64 -4.24 -54.48
C VAL B 1651 7.51 -3.09 -54.99
N TYR B 1652 7.72 -2.99 -56.29
CA TYR B 1652 8.54 -1.89 -56.80
C TYR B 1652 8.04 -0.48 -56.55
N THR B 1653 6.75 -0.23 -56.72
CA THR B 1653 6.28 1.11 -56.42
C THR B 1653 6.44 1.47 -54.93
N THR B 1654 6.01 0.59 -54.03
CA THR B 1654 6.25 0.80 -52.60
C THR B 1654 7.69 1.29 -52.41
N ALA B 1655 8.64 0.47 -52.85
CA ALA B 1655 10.07 0.76 -52.73
C ALA B 1655 10.43 2.11 -53.29
N TYR B 1656 9.95 2.38 -54.50
CA TYR B 1656 10.26 3.62 -55.20
C TYR B 1656 9.61 4.80 -54.52
N TYR B 1657 8.40 4.59 -54.03
CA TYR B 1657 7.72 5.65 -53.31
C TYR B 1657 8.47 5.92 -52.01
N SER B 1658 8.78 4.84 -51.29
CA SER B 1658 9.39 4.91 -49.97
C SER B 1658 10.78 5.51 -49.99
N LEU B 1659 11.65 4.89 -50.79
CA LEU B 1659 13.05 5.29 -50.92
C LEU B 1659 13.21 6.58 -51.72
N VAL B 1660 12.65 6.63 -52.92
CA VAL B 1660 12.91 7.77 -53.78
C VAL B 1660 12.01 9.00 -53.62
N VAL B 1661 10.69 8.83 -53.69
CA VAL B 1661 9.80 9.99 -53.58
C VAL B 1661 9.80 10.59 -52.18
N ARG B 1662 9.59 9.76 -51.17
CA ARG B 1662 9.51 10.30 -49.84
C ARG B 1662 10.88 10.51 -49.17
N GLY B 1663 11.66 9.44 -49.06
CA GLY B 1663 12.98 9.51 -48.45
C GLY B 1663 14.02 10.32 -49.22
N ARG B 1664 13.71 10.60 -50.48
CA ARG B 1664 14.60 11.40 -51.27
C ARG B 1664 16.02 10.88 -51.11
N MET B 1665 16.20 9.62 -51.50
CA MET B 1665 17.46 8.90 -51.40
C MET B 1665 18.44 9.31 -52.49
N GLN B 1666 19.45 10.08 -52.11
CA GLN B 1666 20.47 10.48 -53.04
C GLN B 1666 21.63 9.52 -52.84
N PRO B 1667 22.29 9.11 -53.94
CA PRO B 1667 23.10 7.90 -53.98
C PRO B 1667 24.41 8.09 -53.24
N GLY B 1668 25.02 6.97 -52.88
CA GLY B 1668 26.16 6.96 -52.01
C GLY B 1668 25.61 6.64 -50.64
N GLU B 1669 24.51 7.30 -50.30
CA GLU B 1669 23.93 7.20 -48.96
C GLU B 1669 23.77 5.77 -48.43
N SER B 1670 23.70 5.65 -47.10
CA SER B 1670 23.56 4.35 -46.43
C SER B 1670 22.12 4.10 -46.04
N VAL B 1671 21.65 2.87 -46.22
CA VAL B 1671 20.25 2.54 -45.97
C VAL B 1671 20.10 1.22 -45.19
N LEU B 1672 19.07 1.11 -44.33
CA LEU B 1672 18.77 -0.13 -43.62
C LEU B 1672 17.39 -0.64 -44.07
N ILE B 1673 17.38 -1.72 -44.84
CA ILE B 1673 16.18 -2.31 -45.42
C ILE B 1673 15.81 -3.62 -44.72
N HIS B 1674 14.64 -3.70 -44.09
CA HIS B 1674 14.27 -4.93 -43.36
C HIS B 1674 13.55 -6.00 -44.17
N SER B 1675 13.84 -7.26 -43.84
CA SER B 1675 13.25 -8.42 -44.50
C SER B 1675 13.61 -8.52 -45.98
N GLY B 1676 14.83 -8.16 -46.33
CA GLY B 1676 15.29 -8.25 -47.70
C GLY B 1676 14.76 -9.45 -48.45
N SER B 1677 14.53 -10.55 -47.73
CA SER B 1677 14.14 -11.82 -48.33
C SER B 1677 12.82 -11.74 -49.07
N GLY B 1678 12.04 -10.72 -48.74
CA GLY B 1678 10.65 -10.68 -49.14
C GLY B 1678 10.30 -9.69 -50.24
N GLY B 1679 9.00 -9.55 -50.49
CA GLY B 1679 8.51 -8.71 -51.56
C GLY B 1679 9.21 -7.37 -51.56
N VAL B 1680 8.65 -6.42 -50.82
CA VAL B 1680 9.14 -5.06 -50.85
C VAL B 1680 10.60 -4.96 -50.42
N GLY B 1681 11.05 -5.90 -49.61
CA GLY B 1681 12.47 -5.99 -49.28
C GLY B 1681 13.37 -6.03 -50.51
N GLN B 1682 13.29 -7.11 -51.29
CA GLN B 1682 14.14 -7.29 -52.46
C GLN B 1682 14.11 -6.08 -53.41
N ALA B 1683 12.94 -5.54 -53.74
CA ALA B 1683 12.93 -4.37 -54.63
C ALA B 1683 13.66 -3.20 -53.96
N ALA B 1684 13.52 -3.08 -52.65
CA ALA B 1684 14.15 -1.99 -51.95
C ALA B 1684 15.63 -2.11 -52.13
N ILE B 1685 16.17 -3.30 -51.89
CA ILE B 1685 17.59 -3.56 -52.12
C ILE B 1685 17.93 -3.20 -53.57
N ALA B 1686 17.41 -3.96 -54.53
CA ALA B 1686 17.73 -3.70 -55.93
C ALA B 1686 17.73 -2.18 -56.24
N ILE B 1687 16.71 -1.44 -55.80
CA ILE B 1687 16.67 -0.03 -56.11
C ILE B 1687 17.78 0.73 -55.44
N ALA B 1688 18.00 0.41 -54.17
CA ALA B 1688 18.94 1.14 -53.31
C ALA B 1688 20.35 0.87 -53.77
N LEU B 1689 20.53 -0.31 -54.35
CA LEU B 1689 21.80 -0.69 -54.90
C LEU B 1689 22.03 0.06 -56.20
N SER B 1690 20.98 0.19 -57.03
CA SER B 1690 21.10 0.80 -58.36
C SER B 1690 21.77 2.16 -58.20
N ARG B 1691 21.38 2.84 -57.13
CA ARG B 1691 21.90 4.15 -56.78
C ARG B 1691 23.10 4.05 -55.81
N GLY B 1692 23.85 2.96 -55.98
CA GLY B 1692 25.07 2.69 -55.25
C GLY B 1692 25.13 3.07 -53.78
N CYS B 1693 24.51 2.27 -52.92
CA CYS B 1693 24.44 2.61 -51.50
C CYS B 1693 25.00 1.52 -50.62
N ARG B 1694 25.48 1.88 -49.43
CA ARG B 1694 25.83 0.87 -48.45
C ARG B 1694 24.51 0.34 -47.97
N VAL B 1695 24.31 -0.97 -48.10
CA VAL B 1695 23.07 -1.59 -47.67
C VAL B 1695 23.21 -2.43 -46.40
N PHE B 1696 22.16 -2.44 -45.59
CA PHE B 1696 22.11 -3.29 -44.43
C PHE B 1696 20.74 -3.90 -44.38
N THR B 1697 20.69 -5.22 -44.43
CA THR B 1697 19.39 -5.88 -44.42
C THR B 1697 19.26 -6.81 -43.26
N THR B 1698 18.03 -7.02 -42.81
CA THR B 1698 17.75 -8.04 -41.80
C THR B 1698 16.96 -9.20 -42.42
N VAL B 1699 17.10 -10.37 -41.81
CA VAL B 1699 16.56 -11.60 -42.39
C VAL B 1699 16.55 -12.72 -41.36
N GLY B 1700 15.46 -13.47 -41.29
CA GLY B 1700 15.31 -14.46 -40.25
C GLY B 1700 16.01 -15.79 -40.47
N SER B 1701 16.04 -16.25 -41.71
CA SER B 1701 16.59 -17.57 -42.02
C SER B 1701 18.08 -17.50 -42.27
N ALA B 1702 18.76 -18.60 -41.99
CA ALA B 1702 20.14 -18.75 -42.41
C ALA B 1702 20.10 -18.93 -43.93
N GLU B 1703 18.99 -19.48 -44.42
CA GLU B 1703 18.83 -19.72 -45.85
C GLU B 1703 18.57 -18.45 -46.63
N LYS B 1704 17.86 -17.50 -46.05
CA LYS B 1704 17.62 -16.23 -46.71
C LYS B 1704 18.94 -15.46 -46.91
N ARG B 1705 19.79 -15.46 -45.88
CA ARG B 1705 21.16 -14.99 -46.04
C ARG B 1705 21.67 -15.52 -47.38
N ALA B 1706 21.34 -16.77 -47.66
CA ALA B 1706 21.79 -17.42 -48.88
C ALA B 1706 21.20 -16.76 -50.12
N TYR B 1707 19.89 -16.89 -50.29
CA TYR B 1707 19.24 -16.42 -51.51
C TYR B 1707 19.73 -15.02 -51.85
N LEU B 1708 19.65 -14.13 -50.88
CA LEU B 1708 20.08 -12.75 -51.08
C LEU B 1708 21.56 -12.62 -51.51
N GLN B 1709 22.45 -13.22 -50.73
CA GLN B 1709 23.88 -13.13 -51.01
C GLN B 1709 24.12 -13.49 -52.46
N ALA B 1710 23.38 -14.49 -52.92
CA ALA B 1710 23.43 -14.93 -54.30
C ALA B 1710 22.87 -13.86 -55.22
N ARG B 1711 21.58 -13.60 -55.09
CA ARG B 1711 20.87 -12.69 -55.97
C ARG B 1711 21.53 -11.31 -56.14
N PHE B 1712 22.08 -10.79 -55.05
CA PHE B 1712 22.86 -9.58 -55.14
C PHE B 1712 24.28 -9.91 -54.73
N PRO B 1713 25.20 -9.83 -55.69
CA PRO B 1713 26.60 -10.19 -55.43
C PRO B 1713 27.28 -9.06 -54.66
N GLN B 1714 26.82 -7.84 -54.88
CA GLN B 1714 27.43 -6.66 -54.28
C GLN B 1714 27.25 -6.62 -52.77
N LEU B 1715 26.71 -7.69 -52.19
CA LEU B 1715 26.50 -7.74 -50.73
C LEU B 1715 27.65 -8.46 -49.98
N ASP B 1716 28.16 -7.80 -48.94
CA ASP B 1716 29.18 -8.38 -48.07
C ASP B 1716 28.50 -9.23 -47.02
N GLU B 1717 29.30 -9.91 -46.23
CA GLU B 1717 28.75 -10.55 -45.05
C GLU B 1717 28.48 -9.48 -44.01
N THR B 1718 29.11 -8.31 -44.13
CA THR B 1718 28.81 -7.22 -43.20
C THR B 1718 27.39 -6.71 -43.40
N CYS B 1719 26.79 -7.06 -44.52
CA CYS B 1719 25.50 -6.48 -44.86
C CYS B 1719 24.32 -7.11 -44.11
N PHE B 1720 24.53 -8.26 -43.49
CA PHE B 1720 23.42 -9.02 -42.94
C PHE B 1720 23.32 -9.02 -41.41
N ALA B 1721 22.16 -8.66 -40.87
CA ALA B 1721 21.88 -8.86 -39.45
C ALA B 1721 20.54 -9.56 -39.30
N ASN B 1722 20.21 -9.95 -38.07
CA ASN B 1722 18.98 -10.69 -37.87
C ASN B 1722 17.73 -9.82 -37.91
N SER B 1723 16.57 -10.45 -37.79
CA SER B 1723 15.30 -9.76 -37.97
C SER B 1723 14.23 -10.24 -37.01
N ARG B 1724 14.47 -11.37 -36.36
CA ARG B 1724 13.54 -11.86 -35.35
C ARG B 1724 13.94 -11.28 -33.98
N ASP B 1725 14.78 -10.26 -33.98
CA ASP B 1725 15.47 -9.85 -32.75
C ASP B 1725 16.03 -8.41 -32.80
N THR B 1726 16.37 -7.84 -31.64
CA THR B 1726 16.91 -6.49 -31.60
C THR B 1726 18.41 -6.40 -31.95
N SER B 1727 19.06 -7.54 -32.15
CA SER B 1727 20.50 -7.58 -32.42
C SER B 1727 20.92 -6.73 -33.61
N PHE B 1728 19.98 -6.46 -34.51
CA PHE B 1728 20.32 -5.76 -35.74
C PHE B 1728 20.82 -4.34 -35.46
N GLU B 1729 20.38 -3.76 -34.34
CA GLU B 1729 20.77 -2.41 -33.93
C GLU B 1729 22.25 -2.36 -33.61
N GLN B 1730 22.66 -3.22 -32.68
CA GLN B 1730 24.06 -3.31 -32.30
C GLN B 1730 24.90 -3.50 -33.56
N HIS B 1731 24.43 -4.38 -34.44
CA HIS B 1731 25.16 -4.65 -35.65
C HIS B 1731 25.32 -3.44 -36.55
N VAL B 1732 24.22 -2.74 -36.83
CA VAL B 1732 24.32 -1.53 -37.66
C VAL B 1732 25.20 -0.47 -37.00
N LEU B 1733 25.09 -0.37 -35.68
CA LEU B 1733 25.92 0.58 -34.97
C LEU B 1733 27.42 0.25 -35.02
N ARG B 1734 27.80 -1.03 -35.10
CA ARG B 1734 29.21 -1.35 -35.34
C ARG B 1734 29.66 -0.84 -36.70
N HIS B 1735 29.30 -1.56 -37.76
CA HIS B 1735 29.83 -1.27 -39.09
C HIS B 1735 29.36 0.08 -39.61
N THR B 1736 29.10 1.00 -38.69
CA THR B 1736 28.61 2.31 -39.05
C THR B 1736 29.41 3.28 -38.21
N ALA B 1737 30.26 2.73 -37.37
CA ALA B 1737 31.11 3.53 -36.51
C ALA B 1737 30.27 4.44 -35.62
N GLY B 1738 29.12 3.95 -35.18
CA GLY B 1738 28.26 4.69 -34.26
C GLY B 1738 27.61 5.90 -34.91
N LYS B 1739 27.55 5.91 -36.23
CA LYS B 1739 26.95 7.02 -36.93
C LYS B 1739 25.54 6.65 -37.33
N GLY B 1740 25.32 5.39 -37.67
CA GLY B 1740 24.00 4.96 -38.11
C GLY B 1740 23.71 5.07 -39.62
N VAL B 1741 22.48 4.72 -39.99
CA VAL B 1741 22.11 4.64 -41.39
C VAL B 1741 21.33 5.91 -41.81
N ASP B 1742 21.33 6.21 -43.09
CA ASP B 1742 20.73 7.43 -43.59
C ASP B 1742 19.24 7.29 -43.86
N LEU B 1743 18.82 6.11 -44.33
CA LEU B 1743 17.39 5.82 -44.40
C LEU B 1743 17.11 4.41 -43.86
N VAL B 1744 16.00 4.26 -43.13
CA VAL B 1744 15.54 2.94 -42.68
C VAL B 1744 14.20 2.58 -43.34
N LEU B 1745 14.06 1.35 -43.80
CA LEU B 1745 12.81 0.98 -44.44
C LEU B 1745 12.17 -0.02 -43.53
N ASN B 1746 11.61 0.45 -42.42
CA ASN B 1746 11.13 -0.44 -41.37
C ASN B 1746 9.76 -0.99 -41.67
N SER B 1747 9.62 -2.28 -41.47
CA SER B 1747 8.33 -2.91 -41.62
C SER B 1747 8.13 -3.83 -40.43
N LEU B 1748 8.88 -3.56 -39.37
CA LEU B 1748 8.87 -4.44 -38.22
C LEU B 1748 8.08 -3.84 -37.06
N ALA B 1749 7.94 -4.60 -35.98
CA ALA B 1749 7.03 -4.25 -34.90
C ALA B 1749 7.69 -3.83 -33.57
N GLU B 1750 6.82 -3.50 -32.63
CA GLU B 1750 7.15 -2.89 -31.35
C GLU B 1750 8.62 -2.60 -31.08
N GLU B 1751 9.22 -3.41 -30.22
CA GLU B 1751 10.57 -3.14 -29.75
C GLU B 1751 11.54 -3.02 -30.94
N LYS B 1752 11.22 -3.73 -32.02
CA LYS B 1752 12.07 -3.75 -33.23
C LYS B 1752 11.95 -2.45 -34.00
N LEU B 1753 10.76 -1.86 -33.99
CA LEU B 1753 10.58 -0.55 -34.62
C LEU B 1753 11.38 0.48 -33.85
N GLN B 1754 11.14 0.54 -32.53
CA GLN B 1754 11.91 1.44 -31.67
C GLN B 1754 13.39 1.30 -31.95
N ALA B 1755 13.89 0.06 -31.91
CA ALA B 1755 15.30 -0.19 -32.22
C ALA B 1755 15.69 0.23 -33.63
N SER B 1756 14.77 0.08 -34.59
CA SER B 1756 15.02 0.60 -35.93
C SER B 1756 15.16 2.12 -35.90
N VAL B 1757 14.40 2.80 -35.04
CA VAL B 1757 14.51 4.25 -34.93
C VAL B 1757 15.94 4.64 -34.51
N ARG B 1758 16.53 3.87 -33.60
CA ARG B 1758 17.84 4.23 -33.07
C ARG B 1758 18.97 4.03 -34.07
N CYS B 1759 18.70 3.48 -35.24
CA CYS B 1759 19.77 3.31 -36.20
C CYS B 1759 19.89 4.55 -37.08
N LEU B 1760 18.92 5.44 -36.94
CA LEU B 1760 18.96 6.69 -37.67
C LEU B 1760 20.25 7.49 -37.37
N ALA B 1761 20.98 7.84 -38.43
CA ALA B 1761 22.06 8.82 -38.31
C ALA B 1761 21.51 10.25 -38.43
N GLN B 1762 22.36 11.25 -38.24
CA GLN B 1762 21.91 12.64 -38.40
C GLN B 1762 21.31 12.93 -39.77
N HIS B 1763 20.20 13.62 -39.78
CA HIS B 1763 19.55 14.02 -41.02
C HIS B 1763 18.85 12.83 -41.68
N GLY B 1764 18.97 11.68 -41.04
CA GLY B 1764 18.36 10.45 -41.53
C GLY B 1764 16.87 10.55 -41.71
N ARG B 1765 16.30 9.56 -42.40
CA ARG B 1765 14.88 9.51 -42.69
C ARG B 1765 14.33 8.14 -42.42
N PHE B 1766 13.32 8.08 -41.57
CA PHE B 1766 12.63 6.85 -41.25
C PHE B 1766 11.50 6.66 -42.26
N LEU B 1767 11.48 5.52 -42.95
CA LEU B 1767 10.38 5.20 -43.84
C LEU B 1767 9.52 4.14 -43.16
N GLU B 1768 8.37 4.56 -42.62
CA GLU B 1768 7.48 3.64 -41.91
C GLU B 1768 6.47 3.07 -42.88
N ILE B 1769 6.82 1.90 -43.38
CA ILE B 1769 5.98 1.13 -44.26
C ILE B 1769 4.99 0.32 -43.45
N GLY B 1770 5.45 -0.18 -42.30
CA GLY B 1770 4.62 -0.96 -41.38
C GLY B 1770 3.30 -0.32 -41.03
N LYS B 1771 2.44 -1.05 -40.33
CA LYS B 1771 1.16 -0.46 -39.95
C LYS B 1771 0.69 -0.82 -38.55
N PHE B 1772 1.31 -1.81 -37.92
CA PHE B 1772 0.86 -2.23 -36.59
C PHE B 1772 1.11 -1.18 -35.51
N ASP B 1773 2.37 -0.85 -35.27
CA ASP B 1773 2.69 0.16 -34.29
C ASP B 1773 1.95 1.48 -34.57
N LEU B 1774 1.84 1.82 -35.86
CA LEU B 1774 1.10 2.99 -36.32
C LEU B 1774 -0.34 2.95 -35.88
N SER B 1775 -0.95 1.81 -36.13
CA SER B 1775 -2.37 1.58 -35.93
C SER B 1775 -2.77 1.62 -34.47
N ASN B 1776 -1.87 1.20 -33.59
CA ASN B 1776 -2.16 1.25 -32.16
C ASN B 1776 -1.70 2.54 -31.44
N ASN B 1777 -1.40 3.57 -32.21
CA ASN B 1777 -1.02 4.85 -31.66
C ASN B 1777 0.08 4.72 -30.61
N HIS B 1778 1.04 3.84 -30.89
CA HIS B 1778 2.20 3.68 -30.04
C HIS B 1778 3.02 4.98 -29.93
N ALA B 1779 3.74 5.15 -28.83
CA ALA B 1779 4.47 6.38 -28.56
C ALA B 1779 5.72 6.44 -29.39
N LEU B 1780 6.12 7.63 -29.81
CA LEU B 1780 7.41 7.81 -30.47
C LEU B 1780 8.27 8.80 -29.72
N GLY B 1781 9.49 8.43 -29.39
CA GLY B 1781 10.32 9.28 -28.56
C GLY B 1781 10.71 10.55 -29.29
N MET B 1782 10.01 11.64 -29.03
CA MET B 1782 10.18 12.86 -29.80
C MET B 1782 11.62 13.36 -29.80
N ALA B 1783 12.41 12.93 -28.83
CA ALA B 1783 13.78 13.46 -28.71
C ALA B 1783 14.72 12.98 -29.81
N VAL B 1784 14.22 12.07 -30.64
CA VAL B 1784 14.94 11.56 -31.80
C VAL B 1784 15.02 12.64 -32.86
N PHE B 1785 14.08 13.57 -32.82
CA PHE B 1785 14.03 14.65 -33.80
C PHE B 1785 15.07 15.76 -33.56
N LEU B 1786 15.99 15.57 -32.62
CA LEU B 1786 17.08 16.53 -32.49
C LEU B 1786 18.20 16.18 -33.44
N LYS B 1787 18.19 14.93 -33.89
CA LYS B 1787 19.16 14.50 -34.90
C LYS B 1787 18.73 15.07 -36.27
N ASN B 1788 17.86 16.08 -36.25
CA ASN B 1788 17.35 16.69 -37.47
C ASN B 1788 16.84 15.55 -38.35
N VAL B 1789 16.29 14.54 -37.71
CA VAL B 1789 15.71 13.41 -38.39
C VAL B 1789 14.32 13.79 -38.86
N THR B 1790 13.88 13.18 -39.94
CA THR B 1790 12.53 13.37 -40.42
C THR B 1790 11.87 11.98 -40.53
N PHE B 1791 10.68 11.83 -39.94
CA PHE B 1791 9.99 10.54 -39.85
C PHE B 1791 8.84 10.44 -40.84
N HIS B 1792 8.89 9.46 -41.75
CA HIS B 1792 7.92 9.31 -42.82
C HIS B 1792 6.89 8.19 -42.63
N GLY B 1793 5.64 8.53 -42.30
CA GLY B 1793 4.55 7.58 -42.38
C GLY B 1793 4.25 7.32 -43.84
N ILE B 1794 4.00 6.07 -44.23
CA ILE B 1794 3.91 5.78 -45.65
C ILE B 1794 2.80 4.81 -45.99
N LEU B 1795 1.87 5.22 -46.83
CA LEU B 1795 0.79 4.34 -47.24
C LEU B 1795 0.56 4.40 -48.75
N LEU B 1796 1.04 3.41 -49.50
CA LEU B 1796 0.88 3.46 -50.96
C LEU B 1796 -0.60 3.47 -51.36
N ASP B 1797 -1.44 2.85 -50.54
CA ASP B 1797 -2.87 2.79 -50.77
C ASP B 1797 -3.47 4.18 -50.71
N SER B 1798 -2.71 5.17 -50.29
CA SER B 1798 -3.26 6.51 -50.17
C SER B 1798 -3.13 7.27 -51.48
N LEU B 1799 -2.28 6.78 -52.36
CA LEU B 1799 -2.20 7.32 -53.70
C LEU B 1799 -3.10 6.43 -54.53
N PHE B 1800 -2.65 5.19 -54.61
CA PHE B 1800 -3.22 4.18 -55.48
C PHE B 1800 -4.45 4.48 -56.35
N GLU B 1801 -5.59 4.85 -55.77
CA GLU B 1801 -6.75 5.16 -56.60
C GLU B 1801 -6.96 6.66 -56.62
N GLU B 1802 -6.34 7.32 -55.65
CA GLU B 1802 -6.17 8.77 -55.66
C GLU B 1802 -5.09 9.13 -56.69
N GLY B 1803 -5.01 8.35 -57.76
CA GLY B 1803 -3.98 8.57 -58.78
C GLY B 1803 -3.69 10.02 -59.13
N GLY B 1804 -2.91 10.68 -58.28
CA GLY B 1804 -2.56 12.07 -58.48
C GLY B 1804 -1.21 12.25 -59.14
N ALA B 1805 -0.71 13.47 -59.07
CA ALA B 1805 0.62 13.79 -59.56
C ALA B 1805 1.65 12.87 -58.95
N THR B 1806 1.64 12.81 -57.63
CA THR B 1806 2.60 12.01 -56.92
C THR B 1806 2.57 10.58 -57.42
N TRP B 1807 1.39 9.99 -57.59
CA TRP B 1807 1.35 8.63 -58.11
C TRP B 1807 2.07 8.53 -59.45
N GLN B 1808 1.80 9.46 -60.36
CA GLN B 1808 2.49 9.44 -61.65
C GLN B 1808 4.01 9.41 -61.46
N GLU B 1809 4.50 10.29 -60.59
CA GLU B 1809 5.93 10.33 -60.27
C GLU B 1809 6.46 8.94 -59.88
N VAL B 1810 5.66 8.21 -59.10
CA VAL B 1810 6.00 6.86 -58.66
C VAL B 1810 5.87 5.87 -59.79
N SER B 1811 5.04 6.18 -60.76
CA SER B 1811 4.90 5.23 -61.86
C SER B 1811 6.09 5.34 -62.81
N GLU B 1812 6.53 6.54 -63.12
CA GLU B 1812 7.61 6.67 -64.06
C GLU B 1812 8.95 6.34 -63.45
N LEU B 1813 9.02 6.29 -62.13
CA LEU B 1813 10.18 5.70 -61.48
C LEU B 1813 10.19 4.22 -61.81
N LEU B 1814 8.99 3.63 -61.93
CA LEU B 1814 8.88 2.24 -62.35
C LEU B 1814 9.14 2.11 -63.85
N LYS B 1815 8.44 2.93 -64.63
CA LYS B 1815 8.59 2.90 -66.08
C LYS B 1815 10.07 3.00 -66.46
N ALA B 1816 10.81 3.85 -65.77
CA ALA B 1816 12.23 4.01 -66.05
C ALA B 1816 13.03 2.85 -65.48
N GLY B 1817 12.97 2.66 -64.16
CA GLY B 1817 13.71 1.60 -63.51
C GLY B 1817 13.61 0.31 -64.29
N ILE B 1818 12.50 0.16 -65.01
CA ILE B 1818 12.29 -1.03 -65.85
C ILE B 1818 13.21 -1.04 -67.07
N GLN B 1819 13.15 0.03 -67.85
CA GLN B 1819 14.00 0.16 -69.01
C GLN B 1819 15.50 0.22 -68.70
N GLU B 1820 15.87 0.53 -67.45
CA GLU B 1820 17.28 0.53 -67.00
C GLU B 1820 17.68 -0.76 -66.29
N GLY B 1821 16.81 -1.78 -66.36
CA GLY B 1821 17.09 -3.08 -65.78
C GLY B 1821 17.19 -3.10 -64.26
N VAL B 1822 17.06 -1.94 -63.62
CA VAL B 1822 17.09 -1.88 -62.16
C VAL B 1822 16.05 -2.86 -61.60
N VAL B 1823 14.82 -2.78 -62.12
CA VAL B 1823 13.74 -3.63 -61.61
C VAL B 1823 13.67 -4.98 -62.32
N GLN B 1824 13.68 -6.04 -61.51
CA GLN B 1824 13.66 -7.41 -62.02
C GLN B 1824 12.63 -8.21 -61.24
N PRO B 1825 11.96 -9.17 -61.89
CA PRO B 1825 10.96 -10.09 -61.31
C PRO B 1825 11.51 -10.88 -60.12
N LEU B 1826 10.68 -11.28 -59.16
CA LEU B 1826 11.18 -12.01 -58.00
C LEU B 1826 10.98 -13.51 -58.14
N LYS B 1827 11.49 -14.26 -57.17
CA LYS B 1827 11.23 -15.69 -57.13
C LYS B 1827 9.72 -15.97 -56.93
N CYS B 1828 9.14 -16.71 -57.86
CA CYS B 1828 7.71 -16.95 -57.83
C CYS B 1828 7.33 -18.36 -57.35
N THR B 1829 6.77 -18.44 -56.15
CA THR B 1829 6.27 -19.71 -55.63
C THR B 1829 4.77 -19.81 -55.94
N VAL B 1830 4.48 -20.45 -57.08
CA VAL B 1830 3.18 -20.40 -57.74
C VAL B 1830 2.18 -21.53 -57.39
N PHE B 1831 0.96 -21.14 -57.01
CA PHE B 1831 -0.09 -22.10 -56.70
C PHE B 1831 -1.15 -22.19 -57.78
N PRO B 1832 -1.78 -23.36 -57.92
CA PRO B 1832 -2.93 -23.58 -58.80
C PRO B 1832 -4.19 -22.90 -58.25
N ARG B 1833 -5.13 -22.60 -59.12
CA ARG B 1833 -6.32 -21.86 -58.74
C ARG B 1833 -7.23 -22.62 -57.77
N THR B 1834 -6.82 -23.83 -57.43
CA THR B 1834 -7.56 -24.68 -56.48
C THR B 1834 -7.04 -24.48 -55.07
N LYS B 1835 -5.71 -24.53 -54.95
CA LYS B 1835 -5.01 -24.42 -53.67
C LYS B 1835 -4.85 -22.97 -53.22
N VAL B 1836 -5.80 -22.12 -53.58
CA VAL B 1836 -5.78 -20.72 -53.16
C VAL B 1836 -5.62 -20.61 -51.66
N GLU B 1837 -6.23 -21.55 -50.95
CA GLU B 1837 -6.20 -21.58 -49.50
C GLU B 1837 -4.78 -21.67 -48.99
N ALA B 1838 -4.10 -22.75 -49.35
CA ALA B 1838 -2.73 -23.00 -48.91
C ALA B 1838 -1.80 -21.85 -49.30
N ALA B 1839 -2.04 -21.29 -50.47
CA ALA B 1839 -1.26 -20.15 -50.94
C ALA B 1839 -1.23 -19.08 -49.85
N PHE B 1840 -2.28 -19.06 -49.04
CA PHE B 1840 -2.37 -18.10 -47.96
C PHE B 1840 -1.61 -18.55 -46.71
N ARG B 1841 -1.77 -19.81 -46.34
CA ARG B 1841 -1.13 -20.33 -45.13
C ARG B 1841 0.38 -20.40 -45.35
N TYR B 1842 0.77 -20.77 -46.57
CA TYR B 1842 2.18 -20.80 -46.95
C TYR B 1842 2.78 -19.41 -46.76
N MET B 1843 2.05 -18.39 -47.20
CA MET B 1843 2.49 -17.00 -47.02
C MET B 1843 2.44 -16.60 -45.53
N ALA B 1844 1.48 -17.18 -44.81
CA ALA B 1844 1.31 -16.91 -43.38
C ALA B 1844 2.60 -17.12 -42.63
N GLN B 1845 3.10 -18.35 -42.71
CA GLN B 1845 4.22 -18.83 -41.91
C GLN B 1845 5.58 -18.43 -42.48
N GLY B 1846 5.64 -17.26 -43.12
CA GLY B 1846 6.88 -16.72 -43.65
C GLY B 1846 7.82 -17.73 -44.29
N LYS B 1847 7.23 -18.72 -44.94
CA LYS B 1847 7.97 -19.82 -45.57
C LYS B 1847 8.51 -19.43 -46.95
N HIS B 1848 8.29 -18.18 -47.34
CA HIS B 1848 8.46 -17.81 -48.73
C HIS B 1848 9.61 -16.85 -48.97
N ILE B 1849 10.23 -17.02 -50.13
CA ILE B 1849 11.16 -16.04 -50.65
C ILE B 1849 10.61 -15.61 -51.98
N GLY B 1850 10.57 -14.30 -52.19
CA GLY B 1850 9.95 -13.73 -53.38
C GLY B 1850 8.44 -13.69 -53.24
N LYS B 1851 7.75 -13.72 -54.39
CA LYS B 1851 6.29 -13.60 -54.43
C LYS B 1851 5.55 -14.91 -54.33
N VAL B 1852 4.36 -14.88 -53.73
CA VAL B 1852 3.45 -16.00 -53.86
C VAL B 1852 2.36 -15.65 -54.86
N VAL B 1853 2.27 -16.44 -55.93
CA VAL B 1853 1.40 -16.11 -57.05
C VAL B 1853 0.40 -17.23 -57.38
N ILE B 1854 -0.88 -16.86 -57.45
CA ILE B 1854 -1.95 -17.78 -57.80
C ILE B 1854 -2.27 -17.66 -59.29
N GLN B 1855 -2.06 -18.76 -60.01
CA GLN B 1855 -2.27 -18.82 -61.46
C GLN B 1855 -3.73 -19.14 -61.85
N VAL B 1856 -4.32 -18.30 -62.70
CA VAL B 1856 -5.69 -18.50 -63.16
C VAL B 1856 -5.76 -19.12 -64.56
N ARG B 1857 -4.69 -18.97 -65.32
CA ARG B 1857 -4.59 -19.59 -66.65
C ARG B 1857 -3.17 -19.72 -67.14
N GLU B 1858 -2.81 -20.93 -67.55
CA GLU B 1858 -1.50 -21.22 -68.13
C GLU B 1858 -1.13 -20.18 -69.18
N GLU B 1859 0.15 -20.02 -69.46
CA GLU B 1859 0.55 -19.03 -70.46
C GLU B 1859 0.83 -19.66 -71.83
N GLU B 1860 0.42 -18.96 -72.88
CA GLU B 1860 0.52 -19.47 -74.25
C GLU B 1860 1.96 -19.58 -74.76
N GLN B 1861 2.29 -20.74 -75.32
CA GLN B 1861 3.66 -21.08 -75.68
C GLN B 1861 4.48 -20.02 -76.43
N GLY B 1862 5.79 -20.29 -76.50
CA GLY B 1862 6.80 -19.41 -77.09
C GLY B 1862 6.31 -18.43 -78.14
N PRO B 1863 6.18 -18.91 -79.39
CA PRO B 1863 5.50 -18.12 -80.43
C PRO B 1863 4.23 -17.43 -79.91
N ALA B 1864 4.34 -16.13 -79.60
CA ALA B 1864 3.32 -15.34 -78.92
C ALA B 1864 1.93 -15.32 -79.56
N PRO B 1865 1.11 -16.36 -79.28
CA PRO B 1865 -0.20 -16.50 -79.93
C PRO B 1865 -1.21 -15.51 -79.37
N ARG B 1866 -1.93 -14.84 -80.24
CA ARG B 1866 -3.04 -14.03 -79.79
C ARG B 1866 -4.19 -15.00 -79.50
N GLY B 1867 -4.63 -15.06 -78.26
CA GLY B 1867 -5.68 -16.00 -77.88
C GLY B 1867 -6.83 -15.43 -77.08
N LEU B 1868 -8.05 -15.86 -77.40
CA LEU B 1868 -9.22 -15.72 -76.52
C LEU B 1868 -9.52 -17.10 -75.94
N PRO B 1869 -9.26 -17.27 -74.62
CA PRO B 1869 -9.31 -18.56 -73.93
C PRO B 1869 -10.67 -18.94 -73.32
N PRO B 1870 -10.98 -20.25 -73.29
CA PRO B 1870 -12.14 -20.76 -72.56
C PRO B 1870 -11.81 -20.96 -71.07
N ILE B 1871 -12.63 -20.44 -70.16
CA ILE B 1871 -12.35 -20.58 -68.72
C ILE B 1871 -13.54 -21.12 -67.88
N ALA B 1872 -13.36 -22.27 -67.22
CA ALA B 1872 -14.42 -22.82 -66.37
C ALA B 1872 -14.00 -22.81 -64.91
N LEU B 1873 -14.82 -22.23 -64.03
CA LEU B 1873 -14.47 -22.21 -62.62
C LEU B 1873 -15.65 -22.45 -61.64
N THR B 1874 -15.35 -23.10 -60.52
CA THR B 1874 -16.34 -23.42 -59.49
C THR B 1874 -16.53 -22.25 -58.55
N GLY B 1875 -17.63 -21.51 -58.72
CA GLY B 1875 -17.85 -20.30 -57.97
C GLY B 1875 -19.18 -20.19 -57.26
N LEU B 1876 -19.13 -19.94 -55.95
CA LEU B 1876 -20.34 -19.78 -55.14
C LEU B 1876 -21.15 -18.59 -55.63
N SER B 1877 -22.48 -18.70 -55.58
CA SER B 1877 -23.34 -17.65 -56.09
C SER B 1877 -23.57 -16.56 -55.05
N LYS B 1878 -23.53 -15.32 -55.52
CA LYS B 1878 -23.75 -14.13 -54.69
C LYS B 1878 -24.41 -13.12 -55.61
N THR B 1879 -25.68 -12.78 -55.34
CA THR B 1879 -26.42 -11.90 -56.24
C THR B 1879 -25.80 -10.51 -56.30
N PHE B 1880 -25.56 -10.06 -57.53
CA PHE B 1880 -25.01 -8.73 -57.79
C PHE B 1880 -25.87 -8.02 -58.83
N CYS B 1881 -25.86 -6.71 -58.81
CA CYS B 1881 -26.69 -5.96 -59.73
C CYS B 1881 -25.87 -5.23 -60.80
N PRO B 1882 -26.16 -5.52 -62.07
CA PRO B 1882 -25.56 -4.72 -63.14
C PRO B 1882 -25.95 -3.28 -62.85
N PRO B 1883 -25.05 -2.34 -63.08
CA PRO B 1883 -25.35 -0.96 -62.71
C PRO B 1883 -26.23 -0.24 -63.72
N HIS B 1884 -26.60 -0.91 -64.80
CA HIS B 1884 -27.48 -0.31 -65.80
C HIS B 1884 -28.95 -0.67 -65.63
N LYS B 1885 -29.21 -1.81 -64.97
CA LYS B 1885 -30.60 -2.26 -64.70
C LYS B 1885 -31.20 -1.54 -63.48
N SER B 1886 -32.54 -1.44 -63.49
CA SER B 1886 -33.31 -0.76 -62.45
C SER B 1886 -34.11 -1.79 -61.67
N TYR B 1887 -34.20 -1.61 -60.36
CA TYR B 1887 -34.88 -2.57 -59.53
C TYR B 1887 -36.12 -1.95 -58.88
N VAL B 1888 -37.20 -2.71 -58.79
CA VAL B 1888 -38.44 -2.22 -58.24
C VAL B 1888 -38.89 -3.00 -57.01
N ILE B 1889 -39.00 -2.32 -55.88
CA ILE B 1889 -39.61 -2.91 -54.69
C ILE B 1889 -40.87 -2.12 -54.32
N THR B 1890 -42.02 -2.78 -54.28
CA THR B 1890 -43.24 -2.15 -53.80
C THR B 1890 -43.32 -2.18 -52.28
N GLY B 1891 -43.78 -1.08 -51.70
CA GLY B 1891 -43.78 -0.94 -50.25
C GLY B 1891 -42.35 -0.72 -49.80
N GLY B 1892 -41.59 -0.13 -50.72
CA GLY B 1892 -40.17 0.08 -50.56
C GLY B 1892 -39.85 1.00 -49.41
N LEU B 1893 -40.87 1.61 -48.81
CA LEU B 1893 -40.58 2.45 -47.67
C LEU B 1893 -40.92 1.71 -46.37
N GLY B 1894 -41.42 0.49 -46.54
CA GLY B 1894 -41.80 -0.34 -45.42
C GLY B 1894 -40.63 -1.06 -44.78
N GLY B 1895 -40.43 -0.83 -43.49
CA GLY B 1895 -39.47 -1.54 -42.66
C GLY B 1895 -38.55 -2.46 -43.41
N PHE B 1896 -39.08 -3.56 -43.95
CA PHE B 1896 -38.27 -4.51 -44.70
C PHE B 1896 -37.79 -3.97 -46.06
N GLY B 1897 -38.71 -3.51 -46.90
CA GLY B 1897 -38.33 -2.91 -48.17
C GLY B 1897 -37.13 -1.98 -48.11
N LEU B 1898 -37.17 -1.04 -47.16
CA LEU B 1898 -36.03 -0.16 -46.97
C LEU B 1898 -34.74 -0.94 -46.79
N GLN B 1899 -34.78 -2.05 -46.06
CA GLN B 1899 -33.62 -2.91 -45.94
C GLN B 1899 -33.29 -3.62 -47.25
N LEU B 1900 -34.31 -4.12 -47.94
CA LEU B 1900 -34.08 -4.76 -49.24
C LEU B 1900 -33.47 -3.78 -50.23
N ALA B 1901 -33.96 -2.55 -50.20
CA ALA B 1901 -33.37 -1.50 -51.02
C ALA B 1901 -31.91 -1.34 -50.59
N GLN B 1902 -31.66 -1.05 -49.32
CA GLN B 1902 -30.29 -0.91 -48.86
C GLN B 1902 -29.44 -2.04 -49.42
N TRP B 1903 -29.79 -3.27 -49.03
CA TRP B 1903 -29.07 -4.46 -49.45
C TRP B 1903 -28.91 -4.49 -50.97
N LEU B 1904 -29.93 -4.03 -51.70
CA LEU B 1904 -29.79 -3.99 -53.14
C LEU B 1904 -28.67 -3.03 -53.56
N ARG B 1905 -28.71 -1.78 -53.11
CA ARG B 1905 -27.65 -0.85 -53.47
C ARG B 1905 -26.29 -1.43 -53.17
N LEU B 1906 -26.14 -2.09 -52.02
CA LEU B 1906 -24.87 -2.71 -51.66
C LEU B 1906 -24.41 -3.73 -52.68
N ARG B 1907 -25.29 -4.62 -53.09
CA ARG B 1907 -24.93 -5.60 -54.08
C ARG B 1907 -24.87 -4.98 -55.48
N GLY B 1908 -24.92 -3.66 -55.57
CA GLY B 1908 -24.66 -3.02 -56.84
C GLY B 1908 -25.67 -2.03 -57.40
N ALA B 1909 -26.95 -2.24 -57.10
CA ALA B 1909 -28.03 -1.49 -57.74
C ALA B 1909 -27.77 0.00 -57.78
N GLN B 1910 -28.17 0.62 -58.88
CA GLN B 1910 -27.93 2.03 -59.05
C GLN B 1910 -29.27 2.68 -59.34
N LYS B 1911 -30.24 1.86 -59.71
CA LYS B 1911 -31.51 2.43 -60.10
C LYS B 1911 -32.63 1.74 -59.34
N LEU B 1912 -33.04 2.37 -58.24
CA LEU B 1912 -34.13 1.86 -57.41
C LEU B 1912 -35.44 2.61 -57.66
N VAL B 1913 -36.55 1.86 -57.63
CA VAL B 1913 -37.88 2.43 -57.66
C VAL B 1913 -38.65 1.93 -56.44
N LEU B 1914 -38.86 2.83 -55.49
CA LEU B 1914 -39.56 2.53 -54.25
C LEU B 1914 -41.01 3.02 -54.26
N THR B 1915 -41.94 2.08 -54.13
CA THR B 1915 -43.36 2.35 -54.17
C THR B 1915 -44.02 2.44 -52.79
N SER B 1916 -44.89 3.42 -52.60
CA SER B 1916 -45.73 3.49 -51.40
C SER B 1916 -46.95 4.35 -51.71
N ARG B 1917 -48.07 4.03 -51.06
CA ARG B 1917 -49.32 4.73 -51.36
C ARG B 1917 -49.31 6.21 -50.97
N SER B 1918 -48.65 6.52 -49.85
CA SER B 1918 -48.56 7.90 -49.36
C SER B 1918 -47.32 8.61 -49.87
N GLY B 1919 -46.17 7.98 -49.73
CA GLY B 1919 -44.92 8.61 -50.07
C GLY B 1919 -44.06 8.74 -48.83
N ILE B 1920 -42.96 9.46 -48.92
CA ILE B 1920 -42.02 9.54 -47.81
C ILE B 1920 -42.61 10.27 -46.62
N ARG B 1921 -42.89 9.56 -45.52
CA ARG B 1921 -43.58 10.14 -44.36
C ARG B 1921 -42.83 10.05 -43.01
N THR B 1922 -41.89 9.14 -42.88
CA THR B 1922 -41.08 9.05 -41.68
C THR B 1922 -39.74 9.70 -41.91
N GLY B 1923 -39.16 10.26 -40.86
CA GLY B 1923 -37.78 10.73 -40.92
C GLY B 1923 -36.85 9.59 -41.31
N TYR B 1924 -37.07 8.41 -40.74
CA TYR B 1924 -36.16 7.30 -41.01
C TYR B 1924 -36.21 6.91 -42.48
N GLN B 1925 -37.31 7.20 -43.16
CA GLN B 1925 -37.35 7.02 -44.60
C GLN B 1925 -36.68 8.20 -45.25
N ALA B 1926 -37.14 9.38 -44.90
CA ALA B 1926 -36.57 10.60 -45.43
C ALA B 1926 -35.07 10.51 -45.51
N ARG B 1927 -34.46 9.89 -44.51
CA ARG B 1927 -33.00 9.82 -44.49
C ARG B 1927 -32.38 8.72 -45.33
N GLN B 1928 -32.87 7.50 -45.17
CA GLN B 1928 -32.40 6.44 -46.06
C GLN B 1928 -32.47 6.85 -47.53
N VAL B 1929 -33.58 7.43 -47.96
CA VAL B 1929 -33.67 7.87 -49.33
C VAL B 1929 -32.78 9.08 -49.61
N ARG B 1930 -32.73 10.01 -48.66
CA ARG B 1930 -32.01 11.24 -48.87
C ARG B 1930 -30.55 10.88 -49.04
N GLU B 1931 -30.07 9.97 -48.20
CA GLU B 1931 -28.68 9.52 -48.28
C GLU B 1931 -28.39 8.73 -49.56
N TRP B 1932 -29.16 7.69 -49.88
CA TRP B 1932 -28.95 6.94 -51.12
C TRP B 1932 -28.77 7.85 -52.33
N ARG B 1933 -29.53 8.92 -52.38
CA ARG B 1933 -29.33 9.90 -53.44
C ARG B 1933 -27.94 10.51 -53.36
N ARG B 1934 -27.49 10.88 -52.16
CA ARG B 1934 -26.15 11.45 -52.02
C ARG B 1934 -25.03 10.45 -52.40
N GLN B 1935 -25.25 9.14 -52.27
CA GLN B 1935 -24.20 8.13 -52.57
C GLN B 1935 -24.16 7.94 -54.08
N GLY B 1936 -24.98 8.73 -54.77
CA GLY B 1936 -25.06 8.68 -56.21
C GLY B 1936 -26.16 7.80 -56.74
N VAL B 1937 -26.81 7.01 -55.89
CA VAL B 1937 -27.90 6.17 -56.33
C VAL B 1937 -29.05 6.97 -56.93
N GLN B 1938 -29.58 6.51 -58.05
CA GLN B 1938 -30.73 7.12 -58.64
C GLN B 1938 -31.98 6.53 -58.01
N VAL B 1939 -32.62 7.29 -57.14
CA VAL B 1939 -33.81 6.77 -56.43
C VAL B 1939 -35.06 7.55 -56.67
N LEU B 1940 -36.14 6.81 -56.79
CA LEU B 1940 -37.38 7.35 -57.28
C LEU B 1940 -38.51 6.84 -56.41
N VAL B 1941 -39.06 7.74 -55.57
CA VAL B 1941 -40.23 7.38 -54.78
C VAL B 1941 -41.51 7.54 -55.59
N SER B 1942 -42.27 6.45 -55.73
CA SER B 1942 -43.45 6.46 -56.57
C SER B 1942 -44.69 6.09 -55.80
N THR B 1943 -45.79 6.75 -56.18
CA THR B 1943 -47.09 6.54 -55.56
C THR B 1943 -47.95 5.69 -56.47
N SER B 1944 -47.31 4.97 -57.38
CA SER B 1944 -48.06 4.14 -58.32
C SER B 1944 -48.43 2.82 -57.65
N ASN B 1945 -49.73 2.52 -57.66
CA ASN B 1945 -50.24 1.29 -57.05
C ASN B 1945 -50.43 0.19 -58.10
N ALA B 1946 -49.95 -1.01 -57.78
CA ALA B 1946 -49.83 -2.11 -58.75
C ALA B 1946 -51.02 -3.05 -58.86
N SER B 1947 -52.13 -2.75 -58.18
CA SER B 1947 -53.26 -3.65 -58.15
C SER B 1947 -54.16 -3.37 -59.35
N SER B 1948 -54.05 -2.16 -59.87
CA SER B 1948 -54.73 -1.77 -61.09
C SER B 1948 -53.77 -1.94 -62.26
N LEU B 1949 -54.19 -2.63 -63.31
CA LEU B 1949 -53.30 -2.87 -64.44
C LEU B 1949 -52.70 -1.57 -64.98
N ASP B 1950 -53.54 -0.56 -65.15
CA ASP B 1950 -53.09 0.76 -65.59
C ASP B 1950 -52.05 1.31 -64.61
N GLY B 1951 -52.28 1.09 -63.33
CA GLY B 1951 -51.33 1.47 -62.31
C GLY B 1951 -50.02 0.73 -62.49
N ALA B 1952 -50.08 -0.59 -62.66
CA ALA B 1952 -48.89 -1.40 -62.83
C ALA B 1952 -48.05 -0.86 -63.98
N ARG B 1953 -48.64 -0.78 -65.18
CA ARG B 1953 -47.91 -0.27 -66.34
C ARG B 1953 -47.29 1.10 -66.07
N SER B 1954 -48.05 1.98 -65.43
CA SER B 1954 -47.52 3.25 -64.99
C SER B 1954 -46.21 3.02 -64.27
N LEU B 1955 -46.20 2.04 -63.36
CA LEU B 1955 -45.03 1.73 -62.53
C LEU B 1955 -43.83 1.21 -63.31
N ILE B 1956 -44.00 0.05 -63.94
CA ILE B 1956 -42.97 -0.50 -64.82
C ILE B 1956 -42.42 0.55 -65.78
N THR B 1957 -43.29 1.35 -66.40
CA THR B 1957 -42.83 2.39 -67.32
C THR B 1957 -42.01 3.44 -66.58
N GLU B 1958 -42.44 3.77 -65.37
CA GLU B 1958 -41.66 4.63 -64.50
C GLU B 1958 -40.25 4.09 -64.41
N ALA B 1959 -40.12 2.85 -63.97
CA ALA B 1959 -38.81 2.24 -63.73
C ALA B 1959 -37.96 2.13 -65.00
N THR B 1960 -38.62 1.89 -66.13
CA THR B 1960 -37.94 1.77 -67.43
C THR B 1960 -37.20 3.04 -67.86
N GLN B 1961 -37.73 4.21 -67.50
CA GLN B 1961 -37.05 5.46 -67.77
C GLN B 1961 -35.74 5.51 -67.01
N LEU B 1962 -35.58 4.67 -66.00
CA LEU B 1962 -34.32 4.66 -65.27
C LEU B 1962 -33.32 3.69 -65.91
N GLY B 1963 -33.85 2.68 -66.59
CA GLY B 1963 -33.03 1.65 -67.21
C GLY B 1963 -33.85 0.38 -67.27
N PRO B 1964 -33.49 -0.53 -68.18
CA PRO B 1964 -34.28 -1.76 -68.31
C PRO B 1964 -34.51 -2.35 -66.93
N VAL B 1965 -35.67 -2.96 -66.74
CA VAL B 1965 -36.03 -3.44 -65.43
C VAL B 1965 -35.53 -4.85 -65.24
N GLY B 1966 -34.76 -5.03 -64.17
CA GLY B 1966 -34.14 -6.31 -63.88
C GLY B 1966 -34.65 -6.89 -62.59
N GLY B 1967 -35.40 -6.11 -61.81
CA GLY B 1967 -35.83 -6.57 -60.51
C GLY B 1967 -37.21 -6.12 -60.07
N VAL B 1968 -37.98 -7.08 -59.58
CA VAL B 1968 -39.32 -6.78 -59.11
C VAL B 1968 -39.64 -7.57 -57.86
N PHE B 1969 -39.70 -6.85 -56.75
CA PHE B 1969 -39.92 -7.45 -55.46
C PHE B 1969 -41.21 -6.89 -54.90
N ASN B 1970 -42.16 -7.77 -54.58
CA ASN B 1970 -43.45 -7.32 -54.11
C ASN B 1970 -43.64 -7.39 -52.60
N LEU B 1971 -43.25 -6.31 -51.92
CA LEU B 1971 -43.27 -6.27 -50.46
C LEU B 1971 -44.49 -5.57 -49.89
N ALA B 1972 -45.30 -4.96 -50.74
CA ALA B 1972 -46.50 -4.27 -50.25
C ALA B 1972 -47.40 -5.23 -49.48
N MET B 1973 -48.15 -4.72 -48.50
CA MET B 1973 -49.15 -5.52 -47.78
C MET B 1973 -49.97 -4.72 -46.75
N VAL B 1974 -51.30 -4.84 -46.81
CA VAL B 1974 -52.18 -4.24 -45.81
C VAL B 1974 -52.77 -5.33 -44.94
N LEU B 1975 -52.89 -5.05 -43.65
CA LEU B 1975 -53.49 -6.02 -42.74
C LEU B 1975 -54.82 -5.55 -42.16
N ARG B 1976 -55.92 -6.15 -42.60
CA ARG B 1976 -57.17 -5.98 -41.87
C ARG B 1976 -57.37 -7.29 -41.11
N ASP B 1977 -56.66 -7.44 -40.00
CA ASP B 1977 -56.71 -8.70 -39.28
C ASP B 1977 -57.94 -8.74 -38.39
N ALA B 1978 -58.58 -9.90 -38.35
CA ALA B 1978 -59.77 -10.07 -37.51
C ALA B 1978 -60.24 -11.51 -37.54
N VAL B 1979 -60.83 -11.98 -36.43
CA VAL B 1979 -61.43 -13.30 -36.40
C VAL B 1979 -62.31 -13.49 -37.65
N LEU B 1980 -62.77 -14.72 -37.92
CA LEU B 1980 -63.59 -14.97 -39.10
C LEU B 1980 -64.93 -14.24 -39.04
N GLU B 1981 -65.50 -14.16 -37.84
CA GLU B 1981 -66.80 -13.54 -37.64
C GLU B 1981 -66.79 -12.04 -37.91
N ASN B 1982 -65.79 -11.33 -37.40
CA ASN B 1982 -65.68 -9.89 -37.67
C ASN B 1982 -65.17 -9.59 -39.07
N GLN B 1983 -65.20 -10.60 -39.95
CA GLN B 1983 -64.61 -10.51 -41.29
C GLN B 1983 -65.64 -10.13 -42.37
N THR B 1984 -65.33 -9.08 -43.13
CA THR B 1984 -66.19 -8.61 -44.21
C THR B 1984 -65.56 -8.88 -45.59
N PRO B 1985 -66.40 -9.06 -46.63
CA PRO B 1985 -65.93 -9.29 -48.01
C PRO B 1985 -65.10 -8.11 -48.49
N GLU B 1986 -65.04 -7.07 -47.67
CA GLU B 1986 -64.39 -5.84 -48.06
C GLU B 1986 -63.10 -5.65 -47.30
N PHE B 1987 -62.89 -6.46 -46.26
CA PHE B 1987 -61.58 -6.55 -45.61
C PHE B 1987 -60.77 -7.64 -46.29
N PHE B 1988 -61.44 -8.71 -46.71
CA PHE B 1988 -60.78 -9.75 -47.47
C PHE B 1988 -60.13 -9.18 -48.73
N GLN B 1989 -60.89 -8.39 -49.48
CA GLN B 1989 -60.38 -7.87 -50.74
C GLN B 1989 -59.31 -6.78 -50.56
N ASP B 1990 -59.39 -6.05 -49.45
CA ASP B 1990 -58.37 -5.07 -49.10
C ASP B 1990 -57.01 -5.76 -48.96
N VAL B 1991 -57.02 -6.90 -48.28
CA VAL B 1991 -55.80 -7.65 -48.00
C VAL B 1991 -55.16 -8.27 -49.23
N SER B 1992 -55.96 -8.66 -50.21
CA SER B 1992 -55.42 -9.34 -51.38
C SER B 1992 -55.09 -8.40 -52.54
N LYS B 1993 -55.62 -7.17 -52.52
CA LYS B 1993 -55.32 -6.18 -53.58
C LYS B 1993 -53.82 -5.89 -53.75
N PRO B 1994 -53.10 -5.76 -52.64
CA PRO B 1994 -51.67 -5.52 -52.77
C PRO B 1994 -50.87 -6.78 -53.14
N LYS B 1995 -51.36 -7.94 -52.72
CA LYS B 1995 -50.56 -9.14 -52.87
C LYS B 1995 -50.94 -10.01 -54.07
N TYR B 1996 -52.20 -10.48 -54.12
CA TYR B 1996 -52.64 -11.30 -55.25
C TYR B 1996 -52.84 -10.43 -56.49
N SER B 1997 -53.67 -9.40 -56.39
CA SER B 1997 -53.96 -8.55 -57.56
C SER B 1997 -52.69 -7.82 -58.04
N GLY B 1998 -51.85 -7.41 -57.11
CA GLY B 1998 -50.62 -6.74 -57.47
C GLY B 1998 -49.63 -7.66 -58.16
N THR B 1999 -49.45 -8.85 -57.59
CA THR B 1999 -48.60 -9.87 -58.16
C THR B 1999 -49.04 -10.24 -59.58
N ALA B 2000 -50.34 -10.45 -59.76
CA ALA B 2000 -50.87 -10.89 -61.05
C ALA B 2000 -50.63 -9.85 -62.13
N ASN B 2001 -50.98 -8.60 -61.85
CA ASN B 2001 -50.72 -7.52 -62.78
C ASN B 2001 -49.24 -7.40 -63.14
N LEU B 2002 -48.40 -7.40 -62.11
CA LEU B 2002 -46.95 -7.35 -62.34
C LEU B 2002 -46.43 -8.57 -63.11
N ASP B 2003 -47.13 -9.69 -63.04
CA ASP B 2003 -46.73 -10.85 -63.83
C ASP B 2003 -47.01 -10.55 -65.28
N ARG B 2004 -48.24 -10.12 -65.55
CA ARG B 2004 -48.64 -9.77 -66.90
C ARG B 2004 -47.73 -8.69 -67.44
N VAL B 2005 -47.79 -7.50 -66.85
CA VAL B 2005 -46.97 -6.39 -67.31
C VAL B 2005 -45.49 -6.82 -67.48
N THR B 2006 -44.96 -7.61 -66.55
CA THR B 2006 -43.56 -8.01 -66.63
C THR B 2006 -43.25 -8.80 -67.88
N ARG B 2007 -44.16 -9.71 -68.25
CA ARG B 2007 -44.01 -10.50 -69.47
C ARG B 2007 -44.15 -9.61 -70.69
N GLU B 2008 -45.22 -8.82 -70.73
CA GLU B 2008 -45.51 -8.00 -71.89
C GLU B 2008 -44.31 -7.18 -72.36
N ALA B 2009 -43.45 -6.76 -71.44
CA ALA B 2009 -42.31 -5.93 -71.83
C ALA B 2009 -41.25 -5.69 -70.74
N CYS B 2010 -40.57 -6.74 -70.30
CA CYS B 2010 -39.44 -6.58 -69.38
C CYS B 2010 -38.34 -7.58 -69.72
N PRO B 2011 -37.86 -7.54 -70.98
CA PRO B 2011 -37.07 -8.62 -71.57
C PRO B 2011 -35.73 -8.83 -70.89
N GLU B 2012 -35.42 -8.05 -69.85
CA GLU B 2012 -34.15 -8.19 -69.14
C GLU B 2012 -34.35 -8.47 -67.66
N LEU B 2013 -35.53 -8.96 -67.29
CA LEU B 2013 -35.81 -9.29 -65.89
C LEU B 2013 -35.09 -10.56 -65.42
N ASP B 2014 -34.42 -10.47 -64.27
CA ASP B 2014 -33.68 -11.59 -63.69
C ASP B 2014 -34.32 -12.07 -62.38
N TYR B 2015 -34.97 -11.15 -61.68
CA TYR B 2015 -35.54 -11.42 -60.38
C TYR B 2015 -37.00 -11.01 -60.33
N PHE B 2016 -37.85 -11.97 -59.98
CA PHE B 2016 -39.25 -11.71 -59.69
C PHE B 2016 -39.50 -12.33 -58.33
N VAL B 2017 -39.61 -11.50 -57.29
CA VAL B 2017 -39.71 -12.02 -55.94
C VAL B 2017 -40.92 -11.52 -55.21
N ILE B 2018 -41.42 -12.35 -54.32
CA ILE B 2018 -42.66 -12.06 -53.61
C ILE B 2018 -42.62 -12.62 -52.21
N PHE B 2019 -42.88 -11.75 -51.23
CA PHE B 2019 -42.86 -12.20 -49.86
C PHE B 2019 -44.22 -12.76 -49.45
N SER B 2020 -44.21 -14.04 -49.09
CA SER B 2020 -45.35 -14.68 -48.48
C SER B 2020 -45.06 -14.72 -47.00
N SER B 2021 -45.78 -15.55 -46.27
CA SER B 2021 -45.53 -15.72 -44.84
C SER B 2021 -45.80 -17.15 -44.47
N VAL B 2022 -45.34 -17.54 -43.29
CA VAL B 2022 -45.63 -18.87 -42.78
C VAL B 2022 -47.10 -18.97 -42.40
N SER B 2023 -47.75 -17.82 -42.26
CA SER B 2023 -49.18 -17.80 -42.00
C SER B 2023 -49.95 -18.56 -43.09
N CYS B 2024 -49.37 -18.59 -44.29
CA CYS B 2024 -49.92 -19.37 -45.39
C CYS B 2024 -49.57 -20.85 -45.20
N GLY B 2025 -48.36 -21.08 -44.68
CA GLY B 2025 -47.86 -22.42 -44.42
C GLY B 2025 -48.63 -23.18 -43.36
N ARG B 2026 -48.38 -22.87 -42.09
CA ARG B 2026 -49.03 -23.58 -40.98
C ARG B 2026 -50.32 -22.90 -40.51
N GLY B 2027 -50.54 -21.67 -40.98
CA GLY B 2027 -51.75 -20.94 -40.67
C GLY B 2027 -51.67 -20.05 -39.44
N ASN B 2028 -52.47 -18.99 -39.42
CA ASN B 2028 -52.58 -18.15 -38.24
C ASN B 2028 -54.04 -17.73 -37.97
N ALA B 2029 -54.49 -17.97 -36.74
CA ALA B 2029 -55.86 -17.69 -36.36
C ALA B 2029 -56.15 -16.19 -36.34
N GLY B 2030 -56.95 -15.74 -37.30
CA GLY B 2030 -57.35 -14.34 -37.36
C GLY B 2030 -56.78 -13.67 -38.58
N GLN B 2031 -56.10 -14.46 -39.40
CA GLN B 2031 -55.51 -13.97 -40.64
C GLN B 2031 -55.94 -14.85 -41.82
N ALA B 2032 -57.18 -15.34 -41.77
CA ALA B 2032 -57.71 -16.15 -42.86
C ALA B 2032 -57.58 -15.42 -44.20
N ASN B 2033 -57.58 -14.09 -44.17
CA ASN B 2033 -57.46 -13.29 -45.38
C ASN B 2033 -56.02 -13.15 -45.86
N TYR B 2034 -55.15 -12.71 -44.94
CA TYR B 2034 -53.71 -12.72 -45.15
C TYR B 2034 -53.32 -14.05 -45.80
N GLY B 2035 -53.74 -15.15 -45.17
CA GLY B 2035 -53.43 -16.48 -45.66
C GLY B 2035 -53.73 -16.67 -47.14
N PHE B 2036 -54.99 -16.44 -47.51
CA PHE B 2036 -55.42 -16.59 -48.89
C PHE B 2036 -54.54 -15.77 -49.82
N ALA B 2037 -54.60 -14.45 -49.69
CA ALA B 2037 -53.84 -13.53 -50.51
C ALA B 2037 -52.42 -14.06 -50.78
N ASN B 2038 -51.75 -14.48 -49.72
CA ASN B 2038 -50.38 -15.00 -49.85
C ASN B 2038 -50.27 -16.34 -50.58
N SER B 2039 -51.07 -17.33 -50.20
CA SER B 2039 -51.02 -18.58 -50.92
C SER B 2039 -51.24 -18.31 -52.40
N ALA B 2040 -52.08 -17.32 -52.69
CA ALA B 2040 -52.40 -16.98 -54.08
C ALA B 2040 -51.12 -16.71 -54.86
N MET B 2041 -50.22 -15.90 -54.31
CA MET B 2041 -48.99 -15.52 -55.01
C MET B 2041 -48.12 -16.73 -55.33
N GLU B 2042 -48.05 -17.67 -54.40
CA GLU B 2042 -47.23 -18.86 -54.56
C GLU B 2042 -47.63 -19.69 -55.77
N ARG B 2043 -48.88 -19.52 -56.21
CA ARG B 2043 -49.29 -20.14 -57.46
C ARG B 2043 -48.63 -19.39 -58.61
N ILE B 2044 -48.93 -18.10 -58.71
CA ILE B 2044 -48.42 -17.29 -59.80
C ILE B 2044 -46.91 -17.36 -59.98
N CYS B 2045 -46.17 -17.53 -58.88
CA CYS B 2045 -44.71 -17.71 -58.98
C CYS B 2045 -44.37 -19.08 -59.54
N GLU B 2046 -45.15 -20.09 -59.17
CA GLU B 2046 -44.94 -21.44 -59.67
C GLU B 2046 -45.22 -21.52 -61.17
N LYS B 2047 -46.23 -20.77 -61.63
CA LYS B 2047 -46.54 -20.68 -63.06
C LYS B 2047 -45.30 -20.22 -63.82
N ARG B 2048 -44.75 -19.09 -63.39
CA ARG B 2048 -43.59 -18.51 -64.03
C ARG B 2048 -42.39 -19.47 -64.08
N ARG B 2049 -42.08 -20.11 -62.96
CA ARG B 2049 -40.98 -21.06 -62.93
C ARG B 2049 -41.20 -22.10 -64.01
N HIS B 2050 -42.42 -22.61 -64.05
CA HIS B 2050 -42.77 -23.59 -65.05
C HIS B 2050 -42.61 -23.04 -66.47
N ASP B 2051 -42.68 -21.72 -66.62
CA ASP B 2051 -42.54 -21.14 -67.94
C ASP B 2051 -41.13 -20.67 -68.18
N GLY B 2052 -40.24 -20.96 -67.23
CA GLY B 2052 -38.84 -20.62 -67.39
C GLY B 2052 -38.53 -19.16 -67.13
N LEU B 2053 -39.46 -18.50 -66.46
CA LEU B 2053 -39.26 -17.13 -66.03
C LEU B 2053 -38.87 -17.08 -64.56
N PRO B 2054 -38.09 -16.06 -64.18
CA PRO B 2054 -37.74 -15.88 -62.77
C PRO B 2054 -39.00 -15.77 -61.91
N GLY B 2055 -39.06 -16.58 -60.86
CA GLY B 2055 -40.22 -16.62 -60.01
C GLY B 2055 -39.80 -17.17 -58.67
N LEU B 2056 -40.07 -16.41 -57.61
CA LEU B 2056 -39.67 -16.81 -56.26
C LEU B 2056 -40.60 -16.17 -55.25
N ALA B 2057 -41.29 -17.00 -54.49
CA ALA B 2057 -42.09 -16.54 -53.39
C ALA B 2057 -41.46 -17.11 -52.15
N VAL B 2058 -41.20 -16.26 -51.17
CA VAL B 2058 -40.58 -16.68 -49.93
C VAL B 2058 -41.58 -16.64 -48.77
N GLN B 2059 -41.78 -17.78 -48.11
CA GLN B 2059 -42.64 -17.83 -46.92
C GLN B 2059 -41.83 -17.54 -45.67
N TRP B 2060 -41.67 -16.25 -45.38
CA TRP B 2060 -40.92 -15.82 -44.21
C TRP B 2060 -41.63 -16.19 -42.92
N GLY B 2061 -40.84 -16.42 -41.88
CA GLY B 2061 -41.39 -16.52 -40.54
C GLY B 2061 -41.49 -15.11 -39.99
N ALA B 2062 -41.45 -14.99 -38.67
CA ALA B 2062 -41.39 -13.69 -38.03
C ALA B 2062 -40.15 -13.00 -38.53
N ILE B 2063 -40.28 -11.72 -38.87
CA ILE B 2063 -39.14 -10.96 -39.34
C ILE B 2063 -38.79 -9.89 -38.33
N GLY B 2064 -37.56 -9.93 -37.83
CA GLY B 2064 -37.13 -9.02 -36.80
C GLY B 2064 -36.68 -7.66 -37.27
N ASP B 2065 -35.68 -7.14 -36.56
CA ASP B 2065 -35.12 -5.78 -36.69
C ASP B 2065 -36.00 -4.63 -37.20
N VAL B 2066 -36.97 -4.87 -38.08
CA VAL B 2066 -37.81 -3.77 -38.58
C VAL B 2066 -39.21 -4.11 -39.06
N GLY B 2067 -39.66 -5.37 -38.89
CA GLY B 2067 -40.94 -5.80 -39.43
C GLY B 2067 -42.17 -5.05 -38.93
N VAL B 2068 -43.34 -5.45 -39.42
CA VAL B 2068 -44.60 -4.95 -38.85
C VAL B 2068 -44.58 -5.28 -37.35
N VAL B 2069 -43.78 -6.28 -37.01
CA VAL B 2069 -43.65 -6.79 -35.66
C VAL B 2069 -43.01 -5.80 -34.70
N LEU B 2070 -41.86 -5.27 -35.10
CA LEU B 2070 -41.11 -4.36 -34.23
C LEU B 2070 -41.81 -3.03 -34.06
N GLU B 2071 -42.78 -2.76 -34.93
CA GLU B 2071 -43.51 -1.50 -34.86
C GLU B 2071 -44.81 -1.65 -34.05
N THR B 2072 -45.22 -2.89 -33.84
CA THR B 2072 -46.38 -3.19 -32.99
C THR B 2072 -45.91 -3.72 -31.65
N MET B 2073 -45.61 -5.01 -31.70
CA MET B 2073 -45.51 -5.86 -30.54
C MET B 2073 -44.32 -5.49 -29.63
N GLY B 2074 -43.14 -5.31 -30.20
CA GLY B 2074 -42.00 -4.92 -29.39
C GLY B 2074 -40.62 -5.39 -29.84
N THR B 2075 -40.11 -6.48 -29.27
CA THR B 2075 -38.70 -6.85 -29.46
C THR B 2075 -38.47 -8.18 -30.21
N ASN B 2076 -37.20 -8.40 -30.58
CA ASN B 2076 -36.75 -9.59 -31.29
C ASN B 2076 -36.84 -10.84 -30.42
N ASP B 2077 -37.46 -10.69 -29.25
CA ASP B 2077 -37.62 -11.80 -28.31
C ASP B 2077 -39.06 -12.31 -28.31
N THR B 2078 -39.92 -11.60 -29.04
CA THR B 2078 -41.33 -11.97 -29.18
C THR B 2078 -41.52 -13.31 -29.89
N VAL B 2079 -42.12 -14.28 -29.20
CA VAL B 2079 -42.39 -15.57 -29.82
C VAL B 2079 -43.72 -15.55 -30.61
N ILE B 2080 -43.62 -15.45 -31.94
CA ILE B 2080 -44.81 -15.40 -32.80
C ILE B 2080 -44.97 -16.64 -33.69
N GLY B 2081 -46.19 -17.18 -33.75
CA GLY B 2081 -46.48 -18.35 -34.55
C GLY B 2081 -45.59 -19.53 -34.21
N GLY B 2082 -45.03 -19.51 -33.00
CA GLY B 2082 -44.13 -20.56 -32.54
C GLY B 2082 -42.72 -20.39 -33.08
N THR B 2083 -42.41 -19.19 -33.54
CA THR B 2083 -41.13 -18.89 -34.15
C THR B 2083 -40.48 -17.69 -33.48
N LEU B 2084 -39.36 -17.24 -34.05
CA LEU B 2084 -38.67 -16.05 -33.57
C LEU B 2084 -38.38 -15.08 -34.71
N PRO B 2085 -38.21 -13.79 -34.39
CA PRO B 2085 -37.82 -12.81 -35.40
C PRO B 2085 -36.46 -13.13 -36.05
N GLN B 2086 -36.44 -13.33 -37.36
CA GLN B 2086 -35.20 -13.50 -38.09
C GLN B 2086 -34.56 -12.16 -38.16
N ARG B 2087 -33.42 -12.00 -37.50
CA ARG B 2087 -32.78 -10.71 -37.58
C ARG B 2087 -32.53 -10.44 -39.07
N ILE B 2088 -32.95 -9.27 -39.54
CA ILE B 2088 -32.90 -8.94 -40.95
C ILE B 2088 -31.58 -9.35 -41.60
N ALA B 2089 -30.47 -9.04 -40.93
CA ALA B 2089 -29.17 -9.48 -41.40
C ALA B 2089 -29.25 -10.91 -41.93
N SER B 2090 -29.76 -11.83 -41.11
CA SER B 2090 -29.94 -13.22 -41.55
C SER B 2090 -30.93 -13.40 -42.69
N CYS B 2091 -31.98 -12.57 -42.73
CA CYS B 2091 -32.91 -12.63 -43.84
C CYS B 2091 -32.19 -12.35 -45.13
N LEU B 2092 -31.50 -11.21 -45.17
CA LEU B 2092 -30.81 -10.81 -46.37
C LEU B 2092 -29.89 -11.94 -46.90
N GLU B 2093 -29.05 -12.50 -46.03
CA GLU B 2093 -28.15 -13.59 -46.44
C GLU B 2093 -28.91 -14.88 -46.78
N VAL B 2094 -30.13 -15.02 -46.30
CA VAL B 2094 -30.95 -16.15 -46.70
C VAL B 2094 -31.53 -15.90 -48.10
N LEU B 2095 -32.05 -14.68 -48.29
CA LEU B 2095 -32.66 -14.27 -49.55
C LEU B 2095 -31.62 -14.36 -50.65
N ASP B 2096 -30.38 -14.10 -50.25
CA ASP B 2096 -29.22 -14.19 -51.12
C ASP B 2096 -29.07 -15.61 -51.64
N LEU B 2097 -29.22 -16.57 -50.75
CA LEU B 2097 -29.21 -17.97 -51.12
C LEU B 2097 -30.40 -18.27 -52.03
N PHE B 2098 -31.60 -17.98 -51.55
CA PHE B 2098 -32.82 -18.24 -52.31
C PHE B 2098 -32.80 -17.73 -53.75
N LEU B 2099 -32.39 -16.48 -53.96
CA LEU B 2099 -32.46 -15.86 -55.29
C LEU B 2099 -31.87 -16.71 -56.40
N SER B 2100 -30.76 -17.37 -56.13
CA SER B 2100 -30.13 -18.25 -57.12
C SER B 2100 -30.60 -19.69 -56.95
N GLN B 2101 -31.90 -19.89 -56.98
CA GLN B 2101 -32.47 -21.22 -56.73
C GLN B 2101 -33.38 -21.60 -57.87
N PRO B 2102 -33.65 -22.90 -58.01
CA PRO B 2102 -34.55 -23.33 -59.06
C PRO B 2102 -35.99 -23.19 -58.58
N HIS B 2103 -36.29 -23.85 -57.46
CA HIS B 2103 -37.65 -23.92 -56.90
C HIS B 2103 -38.39 -22.59 -56.83
N PRO B 2104 -39.73 -22.64 -56.72
CA PRO B 2104 -40.57 -21.45 -56.83
C PRO B 2104 -40.98 -20.93 -55.47
N VAL B 2105 -40.96 -21.82 -54.48
CA VAL B 2105 -41.47 -21.46 -53.16
C VAL B 2105 -40.54 -21.98 -52.07
N LEU B 2106 -40.11 -21.08 -51.19
CA LEU B 2106 -39.13 -21.43 -50.17
C LEU B 2106 -39.48 -20.78 -48.84
N SER B 2107 -39.39 -21.56 -47.77
CA SER B 2107 -39.70 -21.07 -46.43
C SER B 2107 -38.44 -20.65 -45.68
N SER B 2108 -38.61 -19.85 -44.63
CA SER B 2108 -37.50 -19.43 -43.79
C SER B 2108 -37.97 -18.76 -42.51
N PHE B 2109 -37.71 -19.43 -41.39
CA PHE B 2109 -38.14 -18.94 -40.09
C PHE B 2109 -37.21 -19.48 -39.02
N VAL B 2110 -37.24 -18.86 -37.85
CA VAL B 2110 -36.40 -19.31 -36.74
C VAL B 2110 -37.26 -20.11 -35.78
N LEU B 2111 -36.65 -21.02 -35.04
CA LEU B 2111 -37.37 -21.81 -34.07
C LEU B 2111 -37.16 -21.32 -32.64
N ALA B 2112 -38.23 -21.30 -31.85
CA ALA B 2112 -38.11 -21.05 -30.42
C ALA B 2112 -38.36 -22.38 -29.73
N GLU B 2113 -38.23 -22.43 -28.40
CA GLU B 2113 -38.21 -23.71 -27.64
C GLU B 2113 -39.44 -23.98 -26.77
N LYS B 2114 -40.55 -24.35 -27.42
CA LYS B 2114 -41.85 -24.63 -26.78
C LYS B 2114 -41.73 -25.45 -25.49
#